data_8H10
#
_entry.id   8H10
#
_cell.length_a   1.00
_cell.length_b   1.00
_cell.length_c   1.00
_cell.angle_alpha   90.00
_cell.angle_beta   90.00
_cell.angle_gamma   90.00
#
_symmetry.space_group_name_H-M   'P 1'
#
loop_
_entity.id
_entity.type
_entity.pdbx_description
1 polymer 'Spike glycoprotein'
2 branched 2-acetamido-2-deoxy-beta-D-glucopyranose-(1-4)-2-acetamido-2-deoxy-beta-D-glucopyranose
3 non-polymer 2-acetamido-2-deoxy-beta-D-glucopyranose
4 non-polymer 'BILIVERDINE IX ALPHA'
5 non-polymer 'LINOLEIC ACID'
#
_entity_poly.entity_id   1
_entity_poly.type   'polypeptide(L)'
_entity_poly.pdbx_seq_one_letter_code
;ETGTDLDRCTTFDDVQAPNYTQHTSSMRGVYYPDEIFRSDTLYLTQDLFLPFYSNVTGFHTINHTFGNPVIPFKDGIYFA
ATEKSNVVRGWVFGSTMNNKSQSVIIINNSTNVVIRACNFELCDNPFFAVSKPMGTQTHTMIFDNAFNCTFEYISDAFSL
DVSEKSGNFKHLREFVFKNKDGFLYVYKGYQPIDVVRDLPSGFNTLKPIFKLPLGINITNFRAILTAFSPAQDIWGTSAA
AYFVGYLKPTTFMLKYDENGTITDAVDCSQNPLAELKCSVKSFEIDKGIYQTSNFRVVPSGDVVRFPNITNLCPFGEVFN
ATKFPSVYAWERKKISNCVADYSVLYNSTFFSTFKCYGVCATKLNDLCFSNVYADSFVVKGDDVRQIAPGQTGVIADYNY
KLPDDFMGCVLAWNTRNIDATSTGNYNYKYRYLRHGKLRPFERDISNVPFSPDGKPCTPPALNCYWPLNDYGFYTTTGIG
YQPYRVVVLSFELLNAPATVCGPKLSTDLIKNQCVNFNFNGLTGTGVLTPSSKRFQPFQQFGRDVSDFTDSVRDPKTSEI
LDISPCSFGGVSVITPGTNASSEVAVLYQDVNCTDVSTAIHADQLTPAWRIYSTGNNVFQTQAGCLIGAEHVDTSYECDI
PIGAGICASYHTVSLLRSTSQKSIVAYTMSLGADSSIAYSNNTIAIPTNFSISITTEVMPVSMAKTSVDCNMYICGDSTE
CANLLLQYGSFCTQLNRALSGIAAEQDRNTREVFAQVKQMYKTPTLKYFGGFNFSQILPDPLKPTKRSFIEDLLFNKVTL
ADAGFMKQYGECLGDINARDLICAQKFNGLTVLPPLLTDDMIAAYTAALVSGTATAGWTFGAGAALQIPFAMQMAYRFNG
IGVTQNVLYENQKQIANQFNKAISQIQESLTTTSTALGKLQDVVNQNAQALNTLVKQLSSNFGAISSVLNDILSRLCKVE
AEVQIDRLITGRLQSLQTYVTQQLIRAAEIRASANLAATKMSECVLGQSKRVDFCGKGYHLMSFPQAAPHGVVFLHVTYV
PSQERNFTTAPAICHEGKAYFPREGVFVFNGTSWFITQRNFFSPQIITTDNTFVSGNCDVVIGIINNTVYDPLQPELDSF
KEELDKYFKNHTSPDVDLGDISGINASVVNIQKEIDRLNEVAKNLNESLIDLQELGKYEQYIKGSGRENLYFQGGGGSGY
IPEAPRDGQAYVRKDGEWVLLSTFLGHHHHHH
;
_entity_poly.pdbx_strand_id   A,B,C
#
# COMPACT_ATOMS: atom_id res chain seq x y z
N THR A 21 -21.41 -54.56 8.35
CA THR A 21 -21.11 -53.74 9.52
C THR A 21 -20.32 -52.50 9.11
N GLN A 22 -20.22 -51.54 10.02
CA GLN A 22 -19.51 -50.29 9.79
C GLN A 22 -18.45 -50.08 10.85
N HIS A 23 -17.29 -49.61 10.42
CA HIS A 23 -16.16 -49.35 11.31
C HIS A 23 -15.81 -47.86 11.24
N THR A 24 -14.69 -47.49 11.86
CA THR A 24 -14.18 -46.12 11.82
C THR A 24 -12.75 -46.12 11.31
N SER A 25 -12.45 -45.19 10.41
CA SER A 25 -11.09 -45.00 9.89
C SER A 25 -10.45 -43.86 10.67
N SER A 26 -9.62 -44.21 11.64
CA SER A 26 -9.03 -43.23 12.56
C SER A 26 -7.68 -42.78 12.01
N MET A 27 -7.65 -41.57 11.45
CA MET A 27 -6.42 -40.91 10.97
C MET A 27 -5.68 -41.74 9.91
N ARG A 28 -6.45 -42.35 9.01
CA ARG A 28 -5.93 -43.22 7.96
C ARG A 28 -6.06 -42.54 6.61
N GLY A 29 -5.38 -43.11 5.62
CA GLY A 29 -5.57 -42.70 4.23
C GLY A 29 -5.00 -41.36 3.87
N VAL A 30 -3.69 -41.18 4.07
CA VAL A 30 -3.00 -39.94 3.72
C VAL A 30 -1.94 -40.29 2.69
N TYR A 31 -1.96 -39.60 1.56
CA TYR A 31 -1.07 -39.88 0.45
C TYR A 31 -0.32 -38.61 0.05
N TYR A 32 0.55 -38.74 -0.95
CA TYR A 32 1.25 -37.61 -1.51
C TYR A 32 0.44 -37.06 -2.68
N PRO A 33 -0.06 -35.83 -2.60
CA PRO A 33 -0.83 -35.28 -3.73
C PRO A 33 0.04 -34.52 -4.73
N ASP A 34 1.37 -34.58 -4.57
CA ASP A 34 2.28 -33.85 -5.43
C ASP A 34 3.68 -34.47 -5.40
N GLU A 35 4.64 -33.88 -6.11
CA GLU A 35 5.99 -34.42 -6.13
C GLU A 35 7.00 -33.29 -6.29
N ILE A 36 7.50 -32.79 -5.15
CA ILE A 36 8.63 -31.87 -5.08
C ILE A 36 9.40 -32.27 -3.82
N PHE A 37 10.73 -32.33 -3.90
CA PHE A 37 11.54 -32.63 -2.71
C PHE A 37 11.46 -31.40 -1.81
N ARG A 38 10.87 -31.61 -0.63
CA ARG A 38 10.54 -30.53 0.29
C ARG A 38 11.17 -30.81 1.64
N SER A 39 11.91 -29.84 2.18
CA SER A 39 12.43 -29.91 3.54
C SER A 39 11.34 -29.51 4.53
N ASP A 40 11.75 -29.12 5.75
CA ASP A 40 10.84 -28.79 6.86
C ASP A 40 9.82 -27.74 6.46
N THR A 41 8.55 -28.14 6.32
CA THR A 41 7.49 -27.27 5.81
C THR A 41 6.13 -27.71 6.34
N LEU A 42 5.15 -26.83 6.17
CA LEU A 42 3.74 -27.10 6.43
C LEU A 42 2.96 -26.58 5.24
N TYR A 43 1.97 -27.33 4.76
CA TYR A 43 1.32 -26.97 3.51
C TYR A 43 -0.16 -27.16 3.80
N LEU A 44 -0.99 -26.16 3.48
CA LEU A 44 -2.42 -26.30 3.65
C LEU A 44 -3.08 -26.39 2.27
N THR A 45 -3.96 -27.39 2.09
CA THR A 45 -4.60 -27.58 0.80
C THR A 45 -6.01 -28.14 0.98
N GLN A 46 -6.82 -28.02 -0.06
CA GLN A 46 -8.08 -28.73 -0.15
C GLN A 46 -8.04 -29.63 -1.38
N ASP A 47 -8.49 -30.86 -1.20
CA ASP A 47 -8.33 -31.91 -2.19
C ASP A 47 -9.23 -33.08 -1.81
N LEU A 48 -9.28 -34.09 -2.65
CA LEU A 48 -9.98 -35.32 -2.34
C LEU A 48 -9.16 -36.12 -1.34
N PHE A 49 -9.60 -36.12 -0.09
CA PHE A 49 -8.94 -36.87 0.97
C PHE A 49 -9.96 -37.73 1.70
N LEU A 50 -9.45 -38.57 2.59
CA LEU A 50 -10.31 -39.37 3.45
C LEU A 50 -10.52 -38.63 4.77
N PRO A 51 -11.76 -38.28 5.13
CA PRO A 51 -11.98 -37.56 6.38
C PRO A 51 -11.65 -38.40 7.60
N PHE A 52 -11.13 -37.73 8.63
CA PHE A 52 -10.72 -38.41 9.84
C PHE A 52 -11.93 -38.88 10.64
N TYR A 53 -11.82 -40.09 11.20
CA TYR A 53 -12.86 -40.71 12.02
C TYR A 53 -14.19 -40.81 11.27
N SER A 54 -14.11 -41.15 9.99
CA SER A 54 -15.28 -41.32 9.14
C SER A 54 -15.61 -42.79 8.98
N ASN A 55 -16.82 -43.04 8.49
CA ASN A 55 -17.29 -44.41 8.36
C ASN A 55 -16.58 -45.11 7.20
N VAL A 56 -16.26 -46.38 7.40
CA VAL A 56 -15.83 -47.27 6.33
C VAL A 56 -16.75 -48.49 6.35
N THR A 57 -16.90 -49.12 5.20
CA THR A 57 -17.73 -50.32 5.11
C THR A 57 -16.83 -51.53 5.04
N GLY A 58 -17.10 -52.52 5.90
CA GLY A 58 -16.26 -53.69 6.03
C GLY A 58 -16.91 -54.93 5.44
N PHE A 59 -16.08 -55.79 4.87
CA PHE A 59 -16.52 -57.08 4.36
C PHE A 59 -15.57 -58.14 4.89
N HIS A 60 -16.11 -59.10 5.63
CA HIS A 60 -15.31 -60.15 6.24
C HIS A 60 -15.49 -61.47 5.50
N ASN A 68 -19.50 -61.26 -3.67
CA ASN A 68 -18.84 -60.00 -3.97
C ASN A 68 -19.80 -59.03 -4.64
N PRO A 69 -20.11 -57.93 -3.97
CA PRO A 69 -20.99 -56.93 -4.57
C PRO A 69 -20.20 -55.95 -5.44
N VAL A 70 -20.94 -55.24 -6.28
CA VAL A 70 -20.35 -54.22 -7.15
C VAL A 70 -20.35 -52.88 -6.39
N ILE A 71 -19.23 -52.60 -5.75
CA ILE A 71 -19.10 -51.39 -4.93
C ILE A 71 -18.94 -50.18 -5.84
N PRO A 72 -19.70 -49.12 -5.63
CA PRO A 72 -19.55 -47.93 -6.48
C PRO A 72 -18.23 -47.21 -6.26
N PHE A 73 -17.77 -46.55 -7.31
CA PHE A 73 -16.53 -45.78 -7.35
C PHE A 73 -16.95 -44.33 -7.59
N LYS A 74 -17.09 -43.55 -6.52
CA LYS A 74 -17.64 -42.20 -6.68
C LYS A 74 -16.58 -41.21 -7.13
N ASP A 75 -15.59 -40.94 -6.27
CA ASP A 75 -14.56 -39.95 -6.57
C ASP A 75 -13.17 -40.47 -6.25
N GLY A 76 -13.00 -41.78 -6.12
CA GLY A 76 -11.75 -42.34 -5.64
C GLY A 76 -12.00 -43.08 -4.36
N ILE A 77 -11.25 -44.15 -4.09
CA ILE A 77 -11.51 -44.98 -2.93
C ILE A 77 -10.22 -45.26 -2.18
N TYR A 78 -10.39 -45.61 -0.91
CA TYR A 78 -9.34 -46.15 -0.06
C TYR A 78 -9.72 -47.59 0.27
N PHE A 79 -8.82 -48.52 -0.03
CA PHE A 79 -9.06 -49.95 0.08
C PHE A 79 -8.05 -50.54 1.06
N ALA A 80 -8.53 -51.21 2.09
CA ALA A 80 -7.66 -51.81 3.09
C ALA A 80 -7.92 -53.30 3.19
N ALA A 81 -6.85 -54.08 3.17
CA ALA A 81 -6.94 -55.53 3.21
C ALA A 81 -6.18 -56.05 4.42
N THR A 82 -6.89 -56.68 5.35
CA THR A 82 -6.30 -57.41 6.46
C THR A 82 -6.27 -58.87 6.06
N GLU A 83 -5.06 -59.40 5.83
CA GLU A 83 -4.95 -60.74 5.29
C GLU A 83 -3.68 -61.41 5.78
N LYS A 84 -3.68 -62.74 5.70
CA LYS A 84 -2.54 -63.56 6.06
C LYS A 84 -2.15 -64.57 4.99
N SER A 85 -3.12 -65.07 4.21
CA SER A 85 -2.86 -66.07 3.18
C SER A 85 -3.00 -65.51 1.77
N ASN A 86 -3.20 -64.20 1.64
CA ASN A 86 -3.31 -63.49 0.36
C ASN A 86 -4.44 -64.05 -0.50
N VAL A 87 -5.67 -63.93 -0.01
CA VAL A 87 -6.81 -64.52 -0.72
C VAL A 87 -7.42 -63.56 -1.72
N VAL A 88 -7.11 -62.27 -1.62
CA VAL A 88 -7.62 -61.28 -2.55
C VAL A 88 -6.56 -61.04 -3.63
N ARG A 89 -7.00 -60.96 -4.88
CA ARG A 89 -6.09 -60.86 -6.01
C ARG A 89 -6.55 -59.73 -6.92
N GLY A 90 -6.07 -58.52 -6.66
CA GLY A 90 -6.33 -57.43 -7.57
C GLY A 90 -7.77 -56.95 -7.58
N TRP A 91 -8.10 -56.22 -8.64
CA TRP A 91 -9.38 -55.54 -8.76
C TRP A 91 -9.80 -55.51 -10.22
N VAL A 92 -11.08 -55.24 -10.44
CA VAL A 92 -11.59 -54.84 -11.74
C VAL A 92 -12.33 -53.52 -11.58
N PHE A 93 -12.01 -52.56 -12.45
CA PHE A 93 -12.68 -51.25 -12.47
C PHE A 93 -13.40 -51.10 -13.79
N GLY A 94 -14.61 -50.55 -13.76
CA GLY A 94 -15.35 -50.38 -14.99
C GLY A 94 -16.57 -49.52 -14.80
N SER A 95 -17.35 -49.42 -15.87
CA SER A 95 -18.58 -48.65 -15.88
C SER A 95 -19.82 -49.52 -15.73
N THR A 96 -20.01 -50.49 -16.63
CA THR A 96 -21.20 -51.32 -16.65
C THR A 96 -20.93 -52.79 -16.39
N MET A 97 -19.66 -53.20 -16.28
CA MET A 97 -19.26 -54.60 -16.05
C MET A 97 -19.79 -55.52 -17.13
N ASN A 98 -19.82 -55.04 -18.37
CA ASN A 98 -20.26 -55.82 -19.51
C ASN A 98 -19.17 -55.84 -20.57
N ASN A 99 -19.46 -56.46 -21.72
CA ASN A 99 -18.55 -56.36 -22.86
C ASN A 99 -18.94 -55.24 -23.81
N LYS A 100 -19.79 -54.33 -23.37
CA LYS A 100 -20.15 -53.14 -24.13
C LYS A 100 -19.34 -51.91 -23.71
N SER A 101 -18.38 -52.06 -22.81
CA SER A 101 -17.60 -50.93 -22.35
C SER A 101 -16.23 -51.41 -21.87
N GLN A 102 -15.25 -50.52 -21.95
CA GLN A 102 -13.90 -50.83 -21.49
C GLN A 102 -13.88 -51.05 -19.98
N SER A 103 -13.05 -51.99 -19.55
CA SER A 103 -12.82 -52.24 -18.13
C SER A 103 -11.35 -52.59 -17.95
N VAL A 104 -10.79 -52.24 -16.80
CA VAL A 104 -9.40 -52.48 -16.50
C VAL A 104 -9.30 -53.50 -15.37
N ILE A 105 -8.38 -54.45 -15.53
CA ILE A 105 -8.11 -55.50 -14.55
C ILE A 105 -6.69 -55.34 -14.06
N ILE A 106 -6.52 -55.25 -12.74
CA ILE A 106 -5.20 -55.12 -12.11
C ILE A 106 -5.07 -56.30 -11.16
N ILE A 107 -4.38 -57.36 -11.56
CA ILE A 107 -4.27 -58.52 -10.69
C ILE A 107 -2.80 -58.91 -10.55
N ASN A 108 -2.54 -59.81 -9.60
CA ASN A 108 -1.21 -60.30 -9.28
C ASN A 108 -1.30 -61.82 -9.21
N ASN A 109 -0.87 -62.50 -10.25
CA ASN A 109 -0.80 -63.95 -10.14
C ASN A 109 0.61 -64.34 -9.73
N SER A 110 0.76 -65.63 -9.37
CA SER A 110 1.87 -66.19 -8.58
C SER A 110 3.25 -65.66 -8.93
N THR A 111 3.49 -65.35 -10.20
CA THR A 111 4.79 -64.84 -10.62
C THR A 111 4.80 -63.31 -10.81
N ASN A 112 3.77 -62.78 -11.49
CA ASN A 112 3.86 -61.41 -12.00
C ASN A 112 2.60 -60.62 -11.67
N VAL A 113 2.71 -59.29 -11.83
CA VAL A 113 1.55 -58.40 -11.68
C VAL A 113 1.20 -57.85 -13.05
N VAL A 114 -0.08 -57.96 -13.42
CA VAL A 114 -0.54 -57.62 -14.77
C VAL A 114 -1.64 -56.58 -14.67
N ILE A 115 -1.63 -55.65 -15.63
CA ILE A 115 -2.68 -54.65 -15.84
C ILE A 115 -3.12 -54.76 -17.29
N ARG A 116 -4.43 -54.87 -17.49
CA ARG A 116 -4.94 -55.11 -18.84
C ARG A 116 -6.27 -54.39 -18.98
N ALA A 117 -6.41 -53.56 -20.01
CA ALA A 117 -7.62 -52.75 -20.18
C ALA A 117 -8.34 -53.18 -21.46
N CYS A 118 -9.41 -53.96 -21.32
CA CYS A 118 -10.09 -54.51 -22.48
C CYS A 118 -11.59 -54.58 -22.26
N ASN A 119 -12.30 -55.10 -23.27
CA ASN A 119 -13.73 -55.38 -23.18
C ASN A 119 -13.90 -56.84 -22.76
N PHE A 120 -13.87 -57.09 -21.47
CA PHE A 120 -13.97 -58.44 -20.94
C PHE A 120 -15.43 -58.84 -20.81
N GLU A 121 -15.72 -60.12 -20.99
CA GLU A 121 -17.00 -60.68 -20.54
C GLU A 121 -16.89 -60.94 -19.05
N LEU A 122 -17.35 -59.97 -18.26
CA LEU A 122 -17.22 -60.08 -16.81
C LEU A 122 -18.17 -61.15 -16.27
N CYS A 123 -17.59 -62.19 -15.68
CA CYS A 123 -18.37 -63.30 -15.15
C CYS A 123 -19.11 -62.89 -13.88
N ASP A 124 -20.07 -63.72 -13.49
CA ASP A 124 -20.85 -63.46 -12.29
C ASP A 124 -20.01 -63.56 -11.03
N ASN A 125 -19.20 -64.62 -10.92
CA ASN A 125 -18.33 -64.82 -9.77
C ASN A 125 -16.91 -65.10 -10.28
N PRO A 126 -15.98 -64.18 -10.10
CA PRO A 126 -14.60 -64.42 -10.55
C PRO A 126 -13.80 -65.25 -9.55
N PHE A 127 -12.67 -65.78 -10.02
CA PHE A 127 -11.77 -66.56 -9.18
C PHE A 127 -10.38 -65.94 -9.24
N PHE A 128 -9.38 -66.63 -8.68
CA PHE A 128 -8.05 -66.06 -8.49
C PHE A 128 -7.35 -65.72 -9.80
N MET A 141 -9.06 -66.72 -16.77
CA MET A 141 -10.26 -67.40 -16.31
C MET A 141 -11.30 -66.39 -15.81
N ILE A 142 -10.85 -65.18 -15.51
CA ILE A 142 -11.77 -64.12 -15.11
C ILE A 142 -12.64 -63.70 -16.29
N PHE A 143 -12.03 -63.59 -17.47
CA PHE A 143 -12.71 -63.16 -18.67
C PHE A 143 -12.91 -64.35 -19.60
N ASP A 144 -14.01 -64.33 -20.35
CA ASP A 144 -14.20 -65.32 -21.41
C ASP A 144 -13.31 -65.00 -22.60
N ASN A 145 -13.53 -63.85 -23.23
CA ASN A 145 -12.71 -63.38 -24.33
C ASN A 145 -12.21 -61.98 -24.01
N ALA A 146 -11.32 -61.48 -24.85
CA ALA A 146 -10.86 -60.10 -24.79
C ALA A 146 -10.67 -59.59 -26.20
N PHE A 147 -11.17 -58.39 -26.47
CA PHE A 147 -11.13 -57.87 -27.83
C PHE A 147 -11.15 -56.35 -27.78
N ASN A 148 -10.75 -55.74 -28.91
CA ASN A 148 -10.88 -54.31 -29.16
C ASN A 148 -10.13 -53.47 -28.13
N CYS A 149 -8.88 -53.78 -27.84
CA CYS A 149 -8.29 -53.16 -26.65
C CYS A 149 -6.83 -52.80 -26.79
N THR A 150 -6.43 -51.89 -25.89
CA THR A 150 -5.22 -51.09 -26.04
C THR A 150 -4.17 -51.36 -24.98
N PHE A 151 -4.49 -51.17 -23.70
CA PHE A 151 -3.46 -51.05 -22.68
C PHE A 151 -3.08 -52.40 -22.10
N GLU A 152 -1.79 -52.70 -22.15
CA GLU A 152 -1.19 -53.93 -21.64
C GLU A 152 0.01 -53.56 -20.78
N TYR A 153 0.18 -54.24 -19.65
CA TYR A 153 1.35 -54.02 -18.81
C TYR A 153 1.65 -55.27 -18.01
N ILE A 154 2.89 -55.75 -18.11
CA ILE A 154 3.36 -56.92 -17.40
C ILE A 154 4.55 -56.48 -16.55
N SER A 155 4.54 -56.82 -15.27
CA SER A 155 5.67 -56.46 -14.41
C SER A 155 6.11 -57.65 -13.60
N ASP A 156 7.41 -57.74 -13.40
CA ASP A 156 8.11 -58.90 -12.86
C ASP A 156 7.70 -59.26 -11.43
N LYS A 170 -0.29 -62.12 10.17
CA LYS A 170 -1.32 -61.19 9.74
C LYS A 170 -0.67 -59.87 9.31
N HIS A 171 -1.19 -59.27 8.25
CA HIS A 171 -0.60 -58.08 7.65
C HIS A 171 -1.64 -57.29 6.86
N LEU A 172 -1.40 -55.99 6.76
CA LEU A 172 -2.35 -55.01 6.23
C LEU A 172 -1.81 -54.34 4.97
N ARG A 173 -2.68 -54.19 3.96
CA ARG A 173 -2.36 -53.47 2.73
C ARG A 173 -3.33 -52.30 2.56
N GLU A 174 -2.81 -51.13 2.23
CA GLU A 174 -3.65 -49.97 2.00
C GLU A 174 -3.39 -49.41 0.60
N PHE A 175 -4.48 -49.08 -0.09
CA PHE A 175 -4.41 -48.58 -1.46
C PHE A 175 -5.31 -47.37 -1.59
N VAL A 176 -4.86 -46.40 -2.37
CA VAL A 176 -5.70 -45.27 -2.77
C VAL A 176 -5.78 -45.25 -4.29
N PHE A 177 -7.00 -45.30 -4.80
CA PHE A 177 -7.26 -45.24 -6.23
C PHE A 177 -7.98 -43.95 -6.56
N LYS A 178 -7.42 -43.18 -7.50
CA LYS A 178 -7.97 -41.87 -7.83
C LYS A 178 -7.92 -41.68 -9.34
N ASN A 179 -9.07 -41.51 -9.96
CA ASN A 179 -9.17 -41.38 -11.41
C ASN A 179 -9.45 -39.93 -11.78
N LYS A 180 -8.52 -39.31 -12.50
CA LYS A 180 -8.70 -37.92 -12.91
C LYS A 180 -7.85 -37.63 -14.13
N ASP A 181 -8.41 -36.80 -15.02
CA ASP A 181 -7.74 -36.28 -16.22
C ASP A 181 -7.25 -37.43 -17.11
N GLY A 182 -8.06 -38.48 -17.20
CA GLY A 182 -7.69 -39.62 -18.02
C GLY A 182 -6.60 -40.49 -17.45
N PHE A 183 -6.21 -40.29 -16.20
CA PHE A 183 -5.15 -41.07 -15.56
C PHE A 183 -5.71 -41.71 -14.31
N LEU A 184 -5.27 -42.94 -14.04
CA LEU A 184 -5.63 -43.65 -12.81
C LEU A 184 -4.40 -43.69 -11.91
N TYR A 185 -4.41 -42.92 -10.83
CA TYR A 185 -3.34 -42.92 -9.85
C TYR A 185 -3.58 -44.01 -8.81
N VAL A 186 -2.56 -44.81 -8.55
CA VAL A 186 -2.58 -45.84 -7.53
C VAL A 186 -1.44 -45.58 -6.55
N TYR A 187 -1.79 -45.46 -5.27
CA TYR A 187 -0.87 -45.28 -4.15
C TYR A 187 -0.98 -46.48 -3.22
N LYS A 188 0.15 -46.92 -2.67
CA LYS A 188 0.21 -48.16 -1.91
C LYS A 188 1.02 -47.99 -0.63
N GLY A 189 0.53 -48.61 0.46
CA GLY A 189 1.29 -48.70 1.69
C GLY A 189 1.07 -50.02 2.38
N TYR A 190 2.02 -50.39 3.25
CA TYR A 190 2.03 -51.68 3.93
C TYR A 190 2.10 -51.52 5.44
N GLN A 191 1.48 -52.45 6.18
CA GLN A 191 1.46 -52.37 7.64
C GLN A 191 1.64 -53.74 8.27
N PRO A 192 2.62 -53.90 9.18
CA PRO A 192 2.77 -55.17 9.94
C PRO A 192 1.86 -55.23 11.17
N ILE A 193 0.62 -55.67 10.94
CA ILE A 193 -0.43 -55.62 11.96
C ILE A 193 -0.36 -56.90 12.81
N ASP A 194 -0.94 -56.86 14.01
CA ASP A 194 -1.15 -58.06 14.81
C ASP A 194 -2.58 -58.54 14.61
N VAL A 195 -3.01 -59.52 15.40
CA VAL A 195 -4.36 -60.05 15.26
C VAL A 195 -5.39 -59.05 15.79
N VAL A 196 -6.41 -58.78 14.96
CA VAL A 196 -7.45 -57.80 15.26
C VAL A 196 -8.61 -58.04 14.30
N ARG A 197 -9.79 -57.54 14.63
CA ARG A 197 -10.94 -57.59 13.74
C ARG A 197 -11.49 -56.19 13.47
N ASP A 198 -10.60 -55.21 13.34
CA ASP A 198 -10.97 -53.83 13.04
C ASP A 198 -9.78 -53.18 12.38
N LEU A 199 -10.05 -52.09 11.65
CA LEU A 199 -8.96 -51.30 11.10
C LEU A 199 -8.25 -50.59 12.24
N PRO A 200 -6.94 -50.77 12.39
CA PRO A 200 -6.25 -50.28 13.59
C PRO A 200 -6.12 -48.75 13.58
N SER A 201 -5.99 -48.19 14.77
CA SER A 201 -5.68 -46.78 14.89
C SER A 201 -4.21 -46.54 14.55
N GLY A 202 -3.94 -45.41 13.92
CA GLY A 202 -2.58 -45.05 13.56
C GLY A 202 -2.58 -44.08 12.41
N PHE A 203 -1.39 -43.82 11.90
CA PHE A 203 -1.20 -42.89 10.79
C PHE A 203 -0.02 -43.39 9.96
N ASN A 204 -0.29 -43.74 8.70
CA ASN A 204 0.74 -44.21 7.78
C ASN A 204 0.53 -43.53 6.43
N THR A 205 1.60 -42.95 5.90
CA THR A 205 1.54 -42.30 4.60
C THR A 205 1.66 -43.33 3.49
N LEU A 206 1.13 -42.99 2.32
CA LEU A 206 1.01 -43.93 1.20
C LEU A 206 1.91 -43.48 0.07
N LYS A 207 2.79 -44.36 -0.38
CA LYS A 207 3.73 -44.04 -1.43
C LYS A 207 3.04 -44.14 -2.79
N PRO A 208 3.25 -43.19 -3.70
CA PRO A 208 2.71 -43.31 -5.06
C PRO A 208 3.46 -44.37 -5.86
N ILE A 209 2.77 -45.47 -6.17
CA ILE A 209 3.41 -46.49 -6.97
C ILE A 209 3.27 -46.22 -8.47
N PHE A 210 2.06 -46.06 -9.01
CA PHE A 210 2.01 -45.79 -10.45
C PHE A 210 0.70 -45.17 -10.92
N LYS A 211 0.81 -44.40 -12.01
CA LYS A 211 -0.33 -43.81 -12.70
C LYS A 211 -0.46 -44.41 -14.08
N LEU A 212 -1.69 -44.71 -14.48
CA LEU A 212 -1.95 -45.38 -15.74
C LEU A 212 -2.65 -44.44 -16.71
N PRO A 213 -2.18 -44.35 -17.95
CA PRO A 213 -2.81 -43.49 -18.98
C PRO A 213 -3.91 -44.19 -19.76
N LEU A 214 -5.04 -44.39 -19.10
CA LEU A 214 -6.19 -45.07 -19.68
C LEU A 214 -7.43 -44.20 -19.50
N GLY A 215 -8.06 -43.86 -20.62
CA GLY A 215 -9.09 -42.82 -20.64
C GLY A 215 -10.52 -43.28 -20.57
N ILE A 216 -10.95 -43.87 -19.45
CA ILE A 216 -12.31 -44.39 -19.31
C ILE A 216 -12.94 -43.85 -18.04
N ASN A 217 -14.27 -43.73 -18.05
CA ASN A 217 -15.00 -43.60 -16.80
C ASN A 217 -14.85 -44.85 -15.92
N ILE A 218 -14.86 -44.63 -14.62
CA ILE A 218 -14.86 -45.69 -13.62
C ILE A 218 -15.96 -45.31 -12.64
N THR A 219 -17.10 -45.96 -12.73
CA THR A 219 -18.19 -45.75 -11.78
C THR A 219 -18.40 -46.92 -10.85
N ASN A 220 -17.88 -48.10 -11.16
CA ASN A 220 -18.01 -49.26 -10.31
C ASN A 220 -16.68 -50.00 -10.26
N PHE A 221 -16.48 -50.76 -9.20
CA PHE A 221 -15.34 -51.65 -9.12
C PHE A 221 -15.74 -52.89 -8.32
N ARG A 222 -14.92 -53.93 -8.44
CA ARG A 222 -15.17 -55.19 -7.77
C ARG A 222 -13.85 -55.85 -7.42
N ALA A 223 -13.71 -56.25 -6.17
CA ALA A 223 -12.54 -57.01 -5.76
C ALA A 223 -12.63 -58.44 -6.26
N ILE A 224 -11.48 -59.08 -6.38
CA ILE A 224 -11.38 -60.44 -6.90
C ILE A 224 -10.80 -61.33 -5.82
N LEU A 225 -11.53 -62.38 -5.46
CA LEU A 225 -11.17 -63.26 -4.36
C LEU A 225 -10.77 -64.64 -4.86
N THR A 226 -10.05 -65.37 -4.03
CA THR A 226 -9.66 -66.75 -4.33
C THR A 226 -10.67 -67.69 -3.68
N ALA A 227 -11.22 -68.60 -4.48
CA ALA A 227 -12.21 -69.55 -3.97
C ALA A 227 -12.05 -70.91 -4.63
N ALA A 239 -11.21 -65.68 6.45
CA ALA A 239 -9.82 -65.64 6.92
C ALA A 239 -9.26 -64.22 6.82
N ALA A 240 -9.72 -63.49 5.80
CA ALA A 240 -9.26 -62.14 5.54
C ALA A 240 -10.45 -61.20 5.36
N ALA A 241 -10.21 -59.91 5.57
CA ALA A 241 -11.27 -58.92 5.46
C ALA A 241 -10.76 -57.73 4.66
N TYR A 242 -11.70 -56.99 4.06
CA TYR A 242 -11.34 -55.76 3.36
C TYR A 242 -12.36 -54.67 3.63
N PHE A 243 -11.86 -53.44 3.74
CA PHE A 243 -12.64 -52.27 4.11
C PHE A 243 -12.51 -51.22 3.01
N VAL A 244 -13.63 -50.56 2.72
CA VAL A 244 -13.69 -49.55 1.67
C VAL A 244 -14.13 -48.22 2.27
N GLY A 245 -13.47 -47.15 1.87
CA GLY A 245 -13.86 -45.82 2.28
C GLY A 245 -13.82 -44.87 1.11
N TYR A 246 -14.71 -43.88 1.12
CA TYR A 246 -14.87 -42.94 0.03
C TYR A 246 -14.12 -41.64 0.31
N LEU A 247 -13.61 -41.02 -0.74
CA LEU A 247 -12.88 -39.77 -0.63
C LEU A 247 -13.83 -38.59 -0.84
N LYS A 248 -13.63 -37.54 -0.05
CA LYS A 248 -14.42 -36.33 -0.11
C LYS A 248 -13.50 -35.12 -0.26
N PRO A 249 -13.96 -34.04 -0.88
CA PRO A 249 -13.13 -32.83 -0.95
C PRO A 249 -13.07 -32.11 0.39
N THR A 250 -11.94 -32.23 1.08
CA THR A 250 -11.77 -31.64 2.40
C THR A 250 -10.46 -30.87 2.44
N THR A 251 -10.28 -30.13 3.53
CA THR A 251 -9.11 -29.31 3.75
C THR A 251 -8.20 -29.99 4.75
N PHE A 252 -6.96 -30.27 4.35
CA PHE A 252 -5.96 -30.87 5.21
C PHE A 252 -4.77 -29.92 5.33
N MET A 253 -3.96 -30.16 6.37
CA MET A 253 -2.67 -29.51 6.51
C MET A 253 -1.63 -30.56 6.84
N LEU A 254 -0.49 -30.51 6.14
CA LEU A 254 0.53 -31.55 6.20
C LEU A 254 1.87 -30.95 6.62
N LYS A 255 2.69 -31.78 7.28
CA LYS A 255 4.02 -31.40 7.72
C LYS A 255 5.07 -32.28 7.05
N TYR A 256 6.08 -31.65 6.46
CA TYR A 256 7.17 -32.34 5.77
C TYR A 256 8.45 -32.16 6.55
N ASP A 257 9.14 -33.27 6.81
CA ASP A 257 10.34 -33.26 7.64
C ASP A 257 11.57 -32.96 6.79
N GLU A 258 12.76 -33.20 7.37
CA GLU A 258 14.04 -32.93 6.72
C GLU A 258 14.51 -34.09 5.84
N ASN A 259 13.63 -34.99 5.46
CA ASN A 259 13.97 -36.06 4.54
C ASN A 259 12.99 -36.16 3.37
N GLY A 260 12.00 -35.27 3.29
CA GLY A 260 11.05 -35.29 2.21
C GLY A 260 9.85 -36.21 2.40
N THR A 261 9.55 -36.60 3.64
CA THR A 261 8.45 -37.49 3.94
C THR A 261 7.38 -36.77 4.76
N ILE A 262 6.18 -37.34 4.76
CA ILE A 262 5.07 -36.81 5.55
C ILE A 262 5.11 -37.46 6.92
N THR A 263 5.16 -36.63 7.96
CA THR A 263 5.23 -37.12 9.33
C THR A 263 4.01 -36.80 10.17
N ASP A 264 3.23 -35.78 9.81
CA ASP A 264 2.04 -35.44 10.57
C ASP A 264 1.07 -34.69 9.68
N ALA A 265 -0.22 -34.81 10.01
CA ALA A 265 -1.28 -34.18 9.24
C ALA A 265 -2.47 -33.90 10.15
N VAL A 266 -3.33 -33.00 9.70
CA VAL A 266 -4.54 -32.68 10.47
C VAL A 266 -5.65 -32.30 9.50
N ASP A 267 -6.89 -32.64 9.88
CA ASP A 267 -8.08 -32.32 9.10
C ASP A 267 -8.78 -31.12 9.73
N CYS A 268 -9.02 -30.09 8.93
CA CYS A 268 -9.49 -28.82 9.45
C CYS A 268 -10.99 -28.79 9.70
N SER A 269 -11.71 -29.85 9.35
CA SER A 269 -13.17 -29.87 9.49
C SER A 269 -13.65 -30.80 10.58
N GLN A 270 -12.74 -31.40 11.34
CA GLN A 270 -13.15 -32.41 12.33
C GLN A 270 -13.52 -31.77 13.66
N ASN A 271 -12.59 -31.03 14.25
CA ASN A 271 -12.74 -30.49 15.59
C ASN A 271 -12.47 -28.99 15.59
N PRO A 272 -13.06 -28.25 16.52
CA PRO A 272 -12.69 -26.84 16.69
C PRO A 272 -11.22 -26.64 17.04
N LEU A 273 -10.62 -27.57 17.79
CA LEU A 273 -9.19 -27.50 18.04
C LEU A 273 -8.39 -27.67 16.76
N ALA A 274 -8.79 -28.61 15.90
CA ALA A 274 -8.10 -28.78 14.64
C ALA A 274 -8.31 -27.60 13.71
N GLU A 275 -9.50 -26.98 13.76
CA GLU A 275 -9.73 -25.76 12.99
C GLU A 275 -8.85 -24.62 13.49
N LEU A 276 -8.63 -24.55 14.81
CA LEU A 276 -7.71 -23.56 15.35
C LEU A 276 -6.28 -23.82 14.89
N LYS A 277 -5.88 -25.09 14.85
CA LYS A 277 -4.55 -25.45 14.36
C LYS A 277 -4.39 -25.06 12.90
N CYS A 278 -5.43 -25.27 12.10
CA CYS A 278 -5.38 -24.91 10.68
C CYS A 278 -5.40 -23.40 10.47
N SER A 279 -6.07 -22.66 11.35
CA SER A 279 -6.11 -21.20 11.24
C SER A 279 -4.78 -20.57 11.65
N VAL A 280 -4.20 -21.03 12.76
CA VAL A 280 -2.89 -20.55 13.20
C VAL A 280 -1.79 -21.07 12.28
N LYS A 281 -2.04 -22.20 11.61
CA LYS A 281 -1.08 -22.89 10.75
C LYS A 281 0.15 -23.33 11.55
N SER A 282 -0.10 -24.04 12.64
CA SER A 282 0.95 -24.62 13.47
C SER A 282 0.34 -25.76 14.27
N PHE A 283 1.20 -26.62 14.78
CA PHE A 283 0.77 -27.72 15.63
C PHE A 283 0.82 -27.39 17.11
N GLU A 284 1.63 -26.42 17.50
CA GLU A 284 1.73 -25.98 18.89
C GLU A 284 1.05 -24.63 19.03
N ILE A 285 0.12 -24.53 19.97
CA ILE A 285 -0.60 -23.31 20.28
C ILE A 285 -0.49 -23.04 21.77
N ASP A 286 -0.61 -21.76 22.14
CA ASP A 286 -0.40 -21.34 23.51
C ASP A 286 -1.72 -21.06 24.21
N LYS A 287 -1.63 -20.67 25.48
CA LYS A 287 -2.80 -20.40 26.29
C LYS A 287 -3.48 -19.11 25.84
N GLY A 288 -4.78 -19.13 25.70
CA GLY A 288 -5.50 -17.91 25.40
C GLY A 288 -6.69 -18.17 24.50
N ILE A 289 -7.19 -17.09 23.92
CA ILE A 289 -8.37 -17.11 23.06
C ILE A 289 -7.97 -16.59 21.68
N TYR A 290 -8.38 -17.32 20.64
CA TYR A 290 -8.04 -16.95 19.28
C TYR A 290 -9.31 -16.95 18.44
N GLN A 291 -9.21 -16.37 17.25
CA GLN A 291 -10.31 -16.34 16.29
C GLN A 291 -9.94 -17.18 15.07
N THR A 292 -10.89 -17.97 14.60
CA THR A 292 -10.64 -18.97 13.57
C THR A 292 -11.42 -18.67 12.30
N SER A 293 -11.05 -19.38 11.24
CA SER A 293 -11.69 -19.25 9.95
C SER A 293 -12.84 -20.24 9.84
N ASN A 294 -13.45 -20.35 8.66
CA ASN A 294 -14.58 -21.26 8.45
C ASN A 294 -14.13 -22.45 7.61
N PHE A 295 -13.66 -23.49 8.30
CA PHE A 295 -13.41 -24.78 7.68
C PHE A 295 -14.44 -25.82 8.11
N ARG A 296 -15.63 -25.36 8.48
CA ARG A 296 -16.61 -26.24 9.11
C ARG A 296 -17.49 -26.94 8.09
N VAL A 297 -18.18 -26.18 7.24
CA VAL A 297 -19.26 -26.75 6.44
C VAL A 297 -18.91 -26.65 4.95
N VAL A 298 -19.25 -27.69 4.22
CA VAL A 298 -19.14 -27.74 2.77
C VAL A 298 -20.55 -27.90 2.22
N PRO A 299 -20.96 -27.15 1.21
CA PRO A 299 -22.33 -27.27 0.68
C PRO A 299 -22.62 -28.65 0.11
N SER A 300 -23.85 -29.12 0.35
CA SER A 300 -24.31 -30.41 -0.14
C SER A 300 -25.71 -30.22 -0.71
N GLY A 301 -25.79 -29.89 -1.99
CA GLY A 301 -27.06 -29.69 -2.65
C GLY A 301 -26.91 -28.87 -3.91
N ASP A 302 -27.99 -28.78 -4.68
CA ASP A 302 -27.99 -28.05 -5.94
C ASP A 302 -29.42 -27.71 -6.32
N VAL A 303 -29.65 -26.46 -6.72
CA VAL A 303 -30.96 -25.99 -7.15
C VAL A 303 -30.80 -25.32 -8.50
N VAL A 304 -31.56 -25.78 -9.50
CA VAL A 304 -31.56 -25.20 -10.83
C VAL A 304 -32.98 -24.80 -11.18
N ARG A 305 -33.18 -23.51 -11.47
CA ARG A 305 -34.49 -23.01 -11.88
C ARG A 305 -34.34 -22.25 -13.19
N PHE A 306 -35.22 -22.56 -14.14
CA PHE A 306 -35.17 -22.03 -15.49
C PHE A 306 -36.58 -21.74 -15.94
N PRO A 307 -36.77 -20.84 -16.91
CA PRO A 307 -38.11 -20.57 -17.44
C PRO A 307 -38.70 -21.78 -18.15
N ASN A 308 -40.03 -21.81 -18.19
CA ASN A 308 -40.76 -22.93 -18.78
C ASN A 308 -40.93 -22.68 -20.27
N ILE A 309 -39.86 -22.97 -21.01
CA ILE A 309 -39.82 -22.80 -22.46
C ILE A 309 -39.54 -24.17 -23.08
N THR A 310 -40.36 -24.54 -24.07
CA THR A 310 -40.25 -25.83 -24.71
C THR A 310 -39.93 -25.79 -26.19
N ASN A 311 -40.10 -24.64 -26.85
CA ASN A 311 -39.86 -24.56 -28.29
C ASN A 311 -38.38 -24.60 -28.61
N LEU A 312 -38.07 -25.07 -29.82
CA LEU A 312 -36.71 -25.07 -30.34
C LEU A 312 -36.51 -23.84 -31.20
N CYS A 313 -35.30 -23.28 -31.15
CA CYS A 313 -35.01 -22.08 -31.90
C CYS A 313 -34.98 -22.39 -33.40
N PRO A 314 -35.38 -21.44 -34.25
CA PRO A 314 -35.44 -21.71 -35.68
C PRO A 314 -34.06 -21.81 -36.33
N PHE A 315 -33.34 -22.89 -36.05
CA PHE A 315 -32.05 -23.12 -36.69
C PHE A 315 -32.21 -23.36 -38.18
N GLY A 316 -33.21 -24.16 -38.56
CA GLY A 316 -33.46 -24.41 -39.97
C GLY A 316 -33.94 -23.19 -40.73
N GLU A 317 -34.70 -22.32 -40.06
CA GLU A 317 -35.23 -21.13 -40.72
C GLU A 317 -34.15 -20.09 -40.96
N VAL A 318 -33.18 -19.99 -40.07
CA VAL A 318 -32.11 -19.00 -40.20
C VAL A 318 -30.95 -19.54 -41.03
N PHE A 319 -30.44 -20.72 -40.69
CA PHE A 319 -29.27 -21.25 -41.35
C PHE A 319 -29.57 -21.83 -42.73
N ASN A 320 -30.78 -22.34 -42.94
CA ASN A 320 -31.15 -22.95 -44.22
C ASN A 320 -32.31 -22.17 -44.82
N ALA A 321 -31.99 -21.07 -45.51
CA ALA A 321 -32.97 -20.26 -46.19
C ALA A 321 -32.76 -20.39 -47.69
N THR A 322 -33.73 -19.87 -48.46
CA THR A 322 -33.62 -19.95 -49.91
C THR A 322 -32.51 -19.03 -50.43
N LYS A 323 -32.49 -17.79 -49.97
CA LYS A 323 -31.46 -16.85 -50.39
C LYS A 323 -31.23 -15.84 -49.28
N PHE A 324 -30.00 -15.35 -49.20
CA PHE A 324 -29.49 -14.41 -48.23
C PHE A 324 -29.28 -13.05 -48.87
N PRO A 325 -29.31 -11.97 -48.09
CA PRO A 325 -29.08 -10.64 -48.67
C PRO A 325 -27.60 -10.41 -48.97
N SER A 326 -27.34 -9.29 -49.64
CA SER A 326 -25.98 -8.84 -49.87
C SER A 326 -25.41 -8.23 -48.59
N VAL A 327 -24.09 -8.02 -48.58
CA VAL A 327 -23.44 -7.55 -47.37
C VAL A 327 -23.74 -6.08 -47.11
N TYR A 328 -23.93 -5.28 -48.16
CA TYR A 328 -24.25 -3.88 -47.95
C TYR A 328 -25.67 -3.66 -47.50
N ALA A 329 -26.55 -4.64 -47.67
CA ALA A 329 -27.95 -4.57 -47.27
C ALA A 329 -28.28 -5.75 -46.37
N TRP A 330 -27.45 -5.95 -45.35
CA TRP A 330 -27.56 -7.08 -44.45
C TRP A 330 -28.87 -7.03 -43.66
N GLU A 331 -29.33 -8.19 -43.20
CA GLU A 331 -30.65 -8.27 -42.60
C GLU A 331 -30.59 -8.66 -41.14
N ARG A 332 -31.42 -8.03 -40.32
CA ARG A 332 -31.45 -8.24 -38.89
C ARG A 332 -32.79 -8.82 -38.48
N LYS A 333 -32.76 -9.85 -37.64
CA LYS A 333 -33.98 -10.55 -37.20
C LYS A 333 -33.91 -10.79 -35.70
N LYS A 334 -34.99 -10.47 -34.99
CA LYS A 334 -35.03 -10.69 -33.55
C LYS A 334 -35.43 -12.12 -33.24
N ILE A 335 -34.77 -12.72 -32.25
CA ILE A 335 -34.99 -14.10 -31.86
C ILE A 335 -35.38 -14.13 -30.39
N SER A 336 -36.51 -14.77 -30.08
CA SER A 336 -37.00 -14.81 -28.72
C SER A 336 -37.80 -16.07 -28.49
N ASN A 337 -37.92 -16.44 -27.21
CA ASN A 337 -38.85 -17.46 -26.71
C ASN A 337 -38.56 -18.83 -27.30
N CYS A 338 -37.33 -19.32 -27.06
CA CYS A 338 -36.94 -20.64 -27.52
C CYS A 338 -35.74 -21.13 -26.71
N VAL A 339 -35.32 -22.36 -27.02
CA VAL A 339 -34.21 -23.03 -26.34
C VAL A 339 -33.10 -23.25 -27.36
N ALA A 340 -31.91 -22.73 -27.08
CA ALA A 340 -30.79 -22.78 -28.01
C ALA A 340 -30.02 -24.06 -27.77
N ASP A 341 -30.48 -25.14 -28.38
CA ASP A 341 -29.86 -26.45 -28.18
C ASP A 341 -28.63 -26.64 -29.06
N TYR A 342 -28.74 -26.30 -30.34
CA TYR A 342 -27.67 -26.37 -31.36
C TYR A 342 -27.01 -27.76 -31.47
N SER A 343 -27.60 -28.78 -30.86
CA SER A 343 -27.11 -30.14 -31.02
C SER A 343 -27.71 -30.83 -32.23
N VAL A 344 -28.79 -30.26 -32.80
CA VAL A 344 -29.37 -30.78 -34.02
C VAL A 344 -28.57 -30.41 -35.25
N LEU A 345 -27.63 -29.48 -35.13
CA LEU A 345 -26.79 -29.03 -36.22
C LEU A 345 -25.57 -29.92 -36.42
N TYR A 346 -25.40 -30.96 -35.60
CA TYR A 346 -24.18 -31.75 -35.65
C TYR A 346 -24.15 -32.73 -36.81
N ASN A 347 -25.29 -33.05 -37.42
CA ASN A 347 -25.33 -33.92 -38.58
C ASN A 347 -25.74 -33.20 -39.85
N SER A 348 -26.03 -31.91 -39.80
CA SER A 348 -26.48 -31.18 -40.97
C SER A 348 -25.51 -30.10 -41.40
N THR A 349 -25.15 -29.16 -40.52
CA THR A 349 -24.41 -27.97 -40.91
C THR A 349 -23.05 -27.97 -40.24
N PHE A 350 -22.01 -27.67 -41.02
CA PHE A 350 -20.65 -27.61 -40.53
C PHE A 350 -20.07 -26.25 -40.85
N PHE A 351 -19.58 -25.56 -39.82
CA PHE A 351 -19.14 -24.18 -39.93
C PHE A 351 -17.63 -24.13 -40.08
N SER A 352 -17.17 -23.44 -41.12
CA SER A 352 -15.75 -23.16 -41.25
C SER A 352 -15.27 -22.23 -40.14
N THR A 353 -16.09 -21.24 -39.78
CA THR A 353 -15.73 -20.24 -38.79
C THR A 353 -16.78 -20.20 -37.70
N PHE A 354 -16.34 -20.25 -36.44
CA PHE A 354 -17.22 -20.06 -35.31
C PHE A 354 -16.40 -19.52 -34.15
N LYS A 355 -16.62 -18.25 -33.80
CA LYS A 355 -15.82 -17.59 -32.78
C LYS A 355 -16.70 -16.66 -31.95
N CYS A 356 -16.50 -16.70 -30.62
CA CYS A 356 -17.38 -16.00 -29.70
C CYS A 356 -16.60 -15.00 -28.86
N TYR A 357 -17.16 -13.81 -28.71
CA TYR A 357 -16.55 -12.71 -27.99
C TYR A 357 -17.41 -12.37 -26.78
N GLY A 358 -16.78 -12.24 -25.63
CA GLY A 358 -17.46 -11.86 -24.40
C GLY A 358 -17.90 -13.02 -23.54
N VAL A 359 -17.99 -14.23 -24.11
CA VAL A 359 -18.35 -15.44 -23.38
C VAL A 359 -17.44 -16.57 -23.84
N CYS A 360 -17.52 -17.68 -23.12
CA CYS A 360 -16.85 -18.90 -23.54
C CYS A 360 -17.82 -19.79 -24.30
N ALA A 361 -17.28 -20.52 -25.28
CA ALA A 361 -18.12 -21.39 -26.09
C ALA A 361 -18.65 -22.58 -25.29
N THR A 362 -17.90 -23.03 -24.28
CA THR A 362 -18.34 -24.16 -23.48
C THR A 362 -19.33 -23.78 -22.39
N LYS A 363 -19.56 -22.48 -22.18
CA LYS A 363 -20.50 -22.00 -21.17
C LYS A 363 -21.86 -21.67 -21.75
N LEU A 364 -22.10 -21.99 -23.01
CA LEU A 364 -23.33 -21.57 -23.69
C LEU A 364 -24.52 -22.44 -23.37
N ASN A 365 -24.33 -23.55 -22.65
CA ASN A 365 -25.43 -24.47 -22.38
C ASN A 365 -26.10 -24.21 -21.04
N ASP A 366 -25.36 -23.71 -20.05
CA ASP A 366 -25.91 -23.38 -18.75
C ASP A 366 -26.22 -21.90 -18.60
N LEU A 367 -26.18 -21.15 -19.69
CA LEU A 367 -26.36 -19.71 -19.67
C LEU A 367 -27.70 -19.36 -20.30
N CYS A 368 -28.24 -18.20 -19.95
CA CYS A 368 -29.61 -17.84 -20.31
C CYS A 368 -29.62 -16.39 -20.76
N PHE A 369 -29.88 -16.15 -22.05
CA PHE A 369 -29.69 -14.86 -22.70
C PHE A 369 -30.97 -14.03 -22.67
N SER A 370 -30.80 -12.72 -22.87
CA SER A 370 -31.88 -11.76 -22.68
C SER A 370 -32.49 -11.26 -23.98
N ASN A 371 -31.67 -10.75 -24.90
CA ASN A 371 -32.18 -10.14 -26.13
C ASN A 371 -31.24 -10.50 -27.27
N VAL A 372 -31.71 -11.32 -28.21
CA VAL A 372 -30.86 -11.90 -29.24
C VAL A 372 -31.29 -11.37 -30.61
N TYR A 373 -30.32 -10.87 -31.37
CA TYR A 373 -30.52 -10.44 -32.75
C TYR A 373 -29.58 -11.23 -33.65
N ALA A 374 -30.07 -11.63 -34.81
CA ALA A 374 -29.28 -12.37 -35.79
C ALA A 374 -29.14 -11.55 -37.06
N ASP A 375 -27.90 -11.34 -37.50
CA ASP A 375 -27.60 -10.55 -38.68
C ASP A 375 -27.05 -11.49 -39.75
N SER A 376 -27.66 -11.48 -40.91
CA SER A 376 -27.31 -12.42 -41.97
C SER A 376 -26.90 -11.68 -43.23
N PHE A 377 -25.84 -12.19 -43.87
CA PHE A 377 -25.38 -11.69 -45.17
C PHE A 377 -24.46 -12.72 -45.81
N VAL A 378 -23.92 -12.37 -46.98
CA VAL A 378 -23.05 -13.24 -47.76
C VAL A 378 -21.83 -12.44 -48.21
N VAL A 379 -20.63 -12.98 -47.95
CA VAL A 379 -19.38 -12.39 -48.40
C VAL A 379 -18.60 -13.45 -49.16
N LYS A 380 -17.40 -13.09 -49.62
CA LYS A 380 -16.54 -14.08 -50.27
C LYS A 380 -15.60 -14.68 -49.22
N GLY A 381 -14.69 -15.53 -49.66
CA GLY A 381 -13.88 -16.30 -48.72
C GLY A 381 -12.89 -15.45 -47.94
N ASP A 382 -12.28 -14.47 -48.60
CA ASP A 382 -11.22 -13.69 -47.98
C ASP A 382 -11.74 -12.53 -47.14
N ASP A 383 -13.04 -12.31 -47.11
CA ASP A 383 -13.60 -11.22 -46.31
C ASP A 383 -14.11 -11.70 -44.95
N VAL A 384 -14.11 -13.00 -44.71
CA VAL A 384 -14.64 -13.55 -43.46
C VAL A 384 -13.79 -13.11 -42.28
N ARG A 385 -12.49 -12.88 -42.51
CA ARG A 385 -11.64 -12.39 -41.44
C ARG A 385 -11.89 -10.93 -41.11
N GLN A 386 -12.66 -10.20 -41.92
CA GLN A 386 -12.99 -8.82 -41.61
C GLN A 386 -14.22 -8.68 -40.74
N ILE A 387 -14.92 -9.77 -40.44
CA ILE A 387 -16.09 -9.73 -39.55
C ILE A 387 -15.57 -10.00 -38.15
N ALA A 388 -15.02 -8.95 -37.53
CA ALA A 388 -14.41 -9.02 -36.21
C ALA A 388 -14.23 -7.61 -35.69
N PRO A 389 -14.21 -7.40 -34.38
CA PRO A 389 -13.94 -6.06 -33.84
C PRO A 389 -12.50 -5.64 -34.12
N GLY A 390 -12.33 -4.35 -34.33
CA GLY A 390 -11.01 -3.79 -34.62
C GLY A 390 -10.41 -4.23 -35.94
N GLN A 391 -11.20 -4.26 -37.00
CA GLN A 391 -10.75 -4.69 -38.31
C GLN A 391 -10.93 -3.55 -39.31
N THR A 392 -10.13 -3.59 -40.37
CA THR A 392 -10.24 -2.65 -41.47
C THR A 392 -10.28 -3.41 -42.78
N GLY A 393 -10.69 -2.72 -43.83
CA GLY A 393 -10.92 -3.35 -45.12
C GLY A 393 -12.14 -2.73 -45.77
N VAL A 394 -12.54 -3.23 -46.94
CA VAL A 394 -13.71 -2.65 -47.59
C VAL A 394 -14.99 -3.01 -46.85
N ILE A 395 -15.08 -4.24 -46.36
CA ILE A 395 -16.29 -4.69 -45.64
C ILE A 395 -16.40 -4.00 -44.29
N ALA A 396 -15.28 -3.90 -43.57
CA ALA A 396 -15.32 -3.29 -42.25
C ALA A 396 -15.48 -1.78 -42.30
N ASP A 397 -15.21 -1.14 -43.44
CA ASP A 397 -15.37 0.29 -43.55
C ASP A 397 -16.71 0.71 -44.13
N TYR A 398 -17.14 0.12 -45.24
CA TYR A 398 -18.27 0.65 -45.97
C TYR A 398 -19.51 -0.23 -45.93
N ASN A 399 -19.43 -1.45 -45.41
CA ASN A 399 -20.56 -2.37 -45.47
C ASN A 399 -21.06 -2.79 -44.11
N TYR A 400 -20.20 -3.31 -43.23
CA TYR A 400 -20.63 -3.86 -41.96
C TYR A 400 -19.57 -3.62 -40.91
N LYS A 401 -19.96 -3.00 -39.79
CA LYS A 401 -19.03 -2.63 -38.74
C LYS A 401 -19.51 -3.22 -37.42
N LEU A 402 -18.58 -3.77 -36.64
CA LEU A 402 -18.88 -4.30 -35.33
C LEU A 402 -18.37 -3.36 -34.24
N PRO A 403 -19.07 -3.28 -33.11
CA PRO A 403 -18.57 -2.48 -31.99
C PRO A 403 -17.32 -3.08 -31.38
N ASP A 404 -16.52 -2.22 -30.76
CA ASP A 404 -15.32 -2.69 -30.07
C ASP A 404 -15.69 -3.52 -28.84
N ASP A 405 -16.72 -3.12 -28.12
CA ASP A 405 -17.21 -3.86 -26.96
C ASP A 405 -18.36 -4.78 -27.35
N PHE A 406 -18.01 -5.80 -28.13
CA PHE A 406 -19.00 -6.68 -28.72
C PHE A 406 -19.13 -7.97 -27.93
N MET A 407 -20.36 -8.28 -27.51
CA MET A 407 -20.68 -9.56 -26.91
C MET A 407 -21.56 -10.33 -27.89
N GLY A 408 -21.13 -11.52 -28.26
CA GLY A 408 -21.89 -12.32 -29.20
C GLY A 408 -21.02 -13.38 -29.83
N CYS A 409 -21.47 -13.88 -30.98
CA CYS A 409 -20.74 -14.89 -31.71
C CYS A 409 -20.84 -14.61 -33.21
N VAL A 410 -19.82 -15.04 -33.94
CA VAL A 410 -19.78 -14.94 -35.39
C VAL A 410 -19.61 -16.35 -35.95
N LEU A 411 -20.49 -16.74 -36.87
CA LEU A 411 -20.37 -18.06 -37.45
C LEU A 411 -20.66 -18.02 -38.95
N ALA A 412 -19.75 -18.59 -39.73
CA ALA A 412 -19.76 -18.52 -41.18
C ALA A 412 -19.45 -19.87 -41.76
N TRP A 413 -20.11 -20.19 -42.88
CA TRP A 413 -19.91 -21.47 -43.53
C TRP A 413 -19.92 -21.31 -45.05
N ASN A 414 -19.29 -22.26 -45.73
CA ASN A 414 -19.10 -22.19 -47.17
C ASN A 414 -20.30 -22.77 -47.91
N THR A 415 -20.78 -22.04 -48.92
CA THR A 415 -21.91 -22.46 -49.75
C THR A 415 -21.53 -22.25 -51.20
N ARG A 416 -20.88 -23.22 -51.81
CA ARG A 416 -20.56 -23.17 -53.23
C ARG A 416 -21.54 -23.96 -54.08
N ASN A 417 -22.22 -24.95 -53.49
CA ASN A 417 -23.15 -25.75 -54.26
C ASN A 417 -24.41 -24.98 -54.62
N ILE A 418 -24.80 -24.00 -53.80
CA ILE A 418 -26.06 -23.31 -53.97
C ILE A 418 -25.90 -21.87 -54.42
N ASP A 419 -24.86 -21.16 -53.97
CA ASP A 419 -24.70 -19.75 -54.27
C ASP A 419 -23.77 -19.49 -55.45
N ALA A 420 -23.26 -20.52 -56.10
CA ALA A 420 -22.35 -20.37 -57.23
C ALA A 420 -22.88 -21.14 -58.42
N THR A 421 -22.76 -20.53 -59.60
CA THR A 421 -23.21 -21.13 -60.84
C THR A 421 -22.03 -21.25 -61.80
N SER A 422 -22.23 -22.07 -62.83
CA SER A 422 -21.18 -22.29 -63.83
C SER A 422 -20.95 -21.06 -64.69
N THR A 423 -22.00 -20.30 -64.98
CA THR A 423 -21.86 -19.13 -65.84
C THR A 423 -21.52 -17.86 -65.07
N GLY A 424 -21.72 -17.86 -63.75
CA GLY A 424 -21.45 -16.67 -62.95
C GLY A 424 -22.67 -16.19 -62.20
N ASN A 425 -22.52 -15.92 -60.91
CA ASN A 425 -23.61 -15.48 -60.05
C ASN A 425 -23.34 -14.02 -59.68
N TYR A 426 -23.80 -13.11 -60.54
CA TYR A 426 -23.60 -11.69 -60.34
C TYR A 426 -24.82 -11.05 -59.67
N ASN A 427 -25.19 -11.61 -58.53
CA ASN A 427 -26.35 -11.13 -57.77
C ASN A 427 -25.97 -10.44 -56.47
N TYR A 428 -24.83 -10.78 -55.88
CA TYR A 428 -24.40 -10.19 -54.62
C TYR A 428 -23.43 -9.04 -54.88
N LYS A 429 -23.70 -7.89 -54.29
CA LYS A 429 -22.89 -6.71 -54.47
C LYS A 429 -22.33 -6.23 -53.14
N TYR A 430 -21.37 -5.32 -53.23
CA TYR A 430 -20.79 -4.67 -52.07
C TYR A 430 -20.39 -3.26 -52.45
N ARG A 431 -20.37 -2.36 -51.47
CA ARG A 431 -20.04 -0.96 -51.70
C ARG A 431 -18.55 -0.75 -51.48
N TYR A 432 -17.90 -0.09 -52.44
CA TYR A 432 -16.47 0.16 -52.35
C TYR A 432 -16.10 1.63 -52.42
N LEU A 433 -17.07 2.54 -52.48
CA LEU A 433 -16.80 3.97 -52.47
C LEU A 433 -17.81 4.65 -51.56
N ARG A 434 -17.31 5.47 -50.64
CA ARG A 434 -18.17 6.14 -49.68
C ARG A 434 -17.40 7.28 -49.03
N HIS A 435 -18.08 8.39 -48.78
CA HIS A 435 -17.50 9.54 -48.07
C HIS A 435 -17.53 9.25 -46.58
N GLY A 436 -16.45 8.65 -46.07
CA GLY A 436 -16.32 8.39 -44.65
C GLY A 436 -16.63 6.95 -44.30
N LYS A 437 -16.36 6.62 -43.03
CA LYS A 437 -16.57 5.28 -42.53
C LYS A 437 -18.01 5.14 -42.01
N LEU A 438 -18.30 4.04 -41.34
CA LEU A 438 -19.62 3.75 -40.81
C LEU A 438 -19.54 3.63 -39.29
N ARG A 439 -20.59 4.07 -38.61
CA ARG A 439 -20.78 3.74 -37.21
C ARG A 439 -21.14 2.27 -37.06
N PRO A 440 -20.93 1.69 -35.87
CA PRO A 440 -21.30 0.28 -35.67
C PRO A 440 -22.79 0.03 -35.85
N PHE A 441 -23.09 -1.13 -36.43
CA PHE A 441 -24.46 -1.64 -36.60
C PHE A 441 -25.34 -0.69 -37.39
N GLU A 442 -24.78 -0.07 -38.42
CA GLU A 442 -25.51 0.82 -39.29
C GLU A 442 -25.30 0.39 -40.74
N ARG A 443 -26.27 0.73 -41.59
CA ARG A 443 -26.24 0.33 -42.99
C ARG A 443 -26.58 1.51 -43.87
N ASP A 444 -26.16 1.42 -45.14
CA ASP A 444 -26.38 2.48 -46.12
C ASP A 444 -26.69 1.80 -47.45
N ILE A 445 -27.98 1.75 -47.80
CA ILE A 445 -28.42 1.05 -48.99
C ILE A 445 -28.73 2.01 -50.14
N SER A 446 -28.24 3.24 -50.07
CA SER A 446 -28.44 4.18 -51.17
C SER A 446 -27.55 3.84 -52.35
N ASN A 447 -27.98 4.25 -53.53
CA ASN A 447 -27.27 3.96 -54.79
C ASN A 447 -27.17 5.21 -55.64
N VAL A 448 -26.76 6.32 -55.03
CA VAL A 448 -26.50 7.56 -55.75
C VAL A 448 -25.14 7.43 -56.43
N PRO A 449 -24.91 8.10 -57.57
CA PRO A 449 -23.58 8.08 -58.16
C PRO A 449 -22.58 8.87 -57.31
N PHE A 450 -21.33 8.43 -57.39
CA PHE A 450 -20.27 8.93 -56.52
C PHE A 450 -19.25 9.73 -57.31
N SER A 451 -18.76 10.81 -56.72
CA SER A 451 -17.73 11.64 -57.33
C SER A 451 -16.83 12.19 -56.23
N PRO A 452 -15.50 12.14 -56.42
CA PRO A 452 -14.58 12.57 -55.36
C PRO A 452 -14.65 14.05 -55.02
N ASP A 453 -15.21 14.89 -55.89
CA ASP A 453 -15.27 16.32 -55.60
C ASP A 453 -16.22 16.63 -54.45
N GLY A 454 -17.29 15.85 -54.33
CA GLY A 454 -18.28 16.08 -53.29
C GLY A 454 -19.54 16.75 -53.80
N LYS A 455 -19.86 16.60 -55.08
CA LYS A 455 -21.02 17.25 -55.68
C LYS A 455 -21.72 16.23 -56.57
N PRO A 456 -23.04 16.36 -56.74
CA PRO A 456 -23.77 15.41 -57.59
C PRO A 456 -23.36 15.53 -59.06
N CYS A 457 -23.46 14.41 -59.77
CA CYS A 457 -23.03 14.35 -61.15
C CYS A 457 -23.72 13.23 -61.92
N THR A 458 -23.89 13.42 -63.23
CA THR A 458 -24.50 12.41 -64.08
C THR A 458 -23.44 11.42 -64.55
N PRO A 459 -23.63 10.14 -64.28
CA PRO A 459 -22.53 9.16 -64.41
C PRO A 459 -22.15 8.77 -65.83
N PRO A 460 -22.67 9.40 -66.89
CA PRO A 460 -21.86 9.45 -68.12
C PRO A 460 -20.73 10.48 -68.11
N ALA A 461 -20.36 11.04 -66.97
CA ALA A 461 -19.25 11.98 -66.89
C ALA A 461 -17.94 11.21 -66.75
N LEU A 462 -16.85 11.93 -66.45
CA LEU A 462 -15.52 11.33 -66.44
C LEU A 462 -15.05 10.93 -65.05
N ASN A 463 -15.43 11.69 -64.02
CA ASN A 463 -15.01 11.41 -62.66
C ASN A 463 -16.19 10.96 -61.79
N CYS A 464 -17.11 10.23 -62.40
CA CYS A 464 -18.30 9.73 -61.71
C CYS A 464 -18.32 8.21 -61.79
N TYR A 465 -18.57 7.57 -60.66
CA TYR A 465 -18.52 6.13 -60.57
C TYR A 465 -19.76 5.60 -59.86
N TRP A 466 -20.19 4.43 -60.27
CA TRP A 466 -21.21 3.71 -59.51
C TRP A 466 -20.58 3.06 -58.29
N PRO A 467 -21.12 3.28 -57.10
CA PRO A 467 -20.42 2.87 -55.87
C PRO A 467 -20.52 1.39 -55.52
N LEU A 468 -21.21 0.58 -56.30
CA LEU A 468 -21.40 -0.82 -55.99
C LEU A 468 -20.67 -1.71 -56.99
N ASN A 469 -20.08 -2.79 -56.49
CA ASN A 469 -19.39 -3.77 -57.31
C ASN A 469 -20.02 -5.14 -57.09
N ASP A 470 -20.04 -5.95 -58.14
CA ASP A 470 -20.67 -7.26 -58.08
C ASP A 470 -19.63 -8.33 -57.78
N TYR A 471 -19.95 -9.21 -56.84
CA TYR A 471 -19.16 -10.41 -56.61
C TYR A 471 -19.34 -11.36 -57.79
N GLY A 472 -18.24 -11.79 -58.39
CA GLY A 472 -18.32 -12.76 -59.45
C GLY A 472 -18.06 -14.16 -58.95
N PHE A 473 -19.11 -14.93 -58.72
CA PHE A 473 -19.00 -16.24 -58.09
C PHE A 473 -19.12 -17.33 -59.13
N TYR A 474 -18.09 -18.17 -59.23
CA TYR A 474 -18.07 -19.31 -60.13
C TYR A 474 -17.82 -20.57 -59.33
N THR A 475 -17.94 -21.72 -60.01
CA THR A 475 -17.59 -23.00 -59.40
C THR A 475 -16.21 -23.47 -59.80
N THR A 476 -15.42 -22.63 -60.46
CA THR A 476 -14.09 -23.01 -60.96
C THR A 476 -13.04 -22.00 -60.55
N THR A 477 -13.11 -21.50 -59.32
CA THR A 477 -12.15 -20.55 -58.80
C THR A 477 -11.51 -21.10 -57.53
N GLY A 478 -10.69 -20.28 -56.87
CA GLY A 478 -10.00 -20.70 -55.68
C GLY A 478 -10.90 -20.66 -54.46
N ILE A 479 -10.30 -20.90 -53.29
CA ILE A 479 -11.08 -20.91 -52.06
C ILE A 479 -11.36 -19.50 -51.56
N GLY A 480 -10.54 -18.54 -51.96
CA GLY A 480 -10.76 -17.15 -51.58
C GLY A 480 -11.75 -16.41 -52.45
N TYR A 481 -12.32 -17.08 -53.44
CA TYR A 481 -13.35 -16.52 -54.32
C TYR A 481 -14.56 -17.42 -54.35
N GLN A 482 -14.95 -17.94 -53.18
CA GLN A 482 -16.12 -18.79 -53.08
C GLN A 482 -17.11 -18.16 -52.10
N PRO A 483 -18.41 -18.36 -52.31
CA PRO A 483 -19.40 -17.71 -51.44
C PRO A 483 -19.38 -18.29 -50.03
N TYR A 484 -19.53 -17.39 -49.06
CA TYR A 484 -19.64 -17.76 -47.66
C TYR A 484 -20.83 -17.04 -47.06
N ARG A 485 -21.64 -17.76 -46.29
CA ARG A 485 -22.79 -17.20 -45.60
C ARG A 485 -22.39 -16.94 -44.16
N VAL A 486 -22.68 -15.73 -43.67
CA VAL A 486 -22.27 -15.28 -42.35
C VAL A 486 -23.49 -14.91 -41.56
N VAL A 487 -23.56 -15.40 -40.31
CA VAL A 487 -24.56 -15.03 -39.33
C VAL A 487 -23.84 -14.53 -38.07
N VAL A 488 -24.22 -13.34 -37.63
CA VAL A 488 -23.68 -12.73 -36.42
C VAL A 488 -24.79 -12.69 -35.39
N LEU A 489 -24.57 -13.36 -34.26
CA LEU A 489 -25.53 -13.36 -33.16
C LEU A 489 -25.07 -12.37 -32.10
N SER A 490 -25.95 -11.43 -31.77
CA SER A 490 -25.66 -10.40 -30.79
C SER A 490 -26.64 -10.53 -29.64
N PHE A 491 -26.11 -10.65 -28.43
CA PHE A 491 -26.96 -10.79 -27.26
C PHE A 491 -26.37 -10.02 -26.08
N GLU A 492 -27.23 -9.72 -25.12
CA GLU A 492 -26.86 -9.07 -23.87
C GLU A 492 -27.25 -10.00 -22.71
N LEU A 493 -26.49 -9.91 -21.62
CA LEU A 493 -26.64 -10.84 -20.51
C LEU A 493 -27.09 -10.13 -19.25
N LEU A 494 -28.06 -10.75 -18.57
CA LEU A 494 -28.39 -10.49 -17.17
C LEU A 494 -28.92 -9.08 -16.96
N ASN A 495 -29.90 -8.68 -17.77
CA ASN A 495 -30.60 -7.42 -17.59
C ASN A 495 -32.08 -7.63 -17.29
N ALA A 496 -32.78 -8.30 -18.17
CA ALA A 496 -34.23 -8.41 -18.22
C ALA A 496 -34.66 -9.84 -17.91
N PRO A 497 -35.96 -10.13 -17.89
CA PRO A 497 -36.38 -11.53 -18.01
C PRO A 497 -35.78 -12.16 -19.25
N ALA A 498 -35.28 -13.38 -19.09
CA ALA A 498 -34.60 -14.08 -20.16
C ALA A 498 -35.59 -14.90 -20.95
N THR A 499 -35.65 -14.67 -22.26
CA THR A 499 -36.65 -15.31 -23.09
C THR A 499 -36.13 -16.44 -23.96
N VAL A 500 -34.89 -16.37 -24.44
CA VAL A 500 -34.24 -17.48 -25.12
C VAL A 500 -33.18 -18.03 -24.17
N CYS A 501 -33.12 -19.35 -24.04
CA CYS A 501 -32.36 -19.87 -22.91
C CYS A 501 -31.74 -21.20 -23.29
N GLY A 502 -31.27 -21.96 -22.30
CA GLY A 502 -30.49 -23.14 -22.54
C GLY A 502 -31.17 -24.44 -22.19
N PRO A 503 -30.64 -25.55 -22.68
CA PRO A 503 -31.28 -26.87 -22.47
C PRO A 503 -30.88 -27.59 -21.19
N LYS A 504 -31.17 -26.99 -20.04
CA LYS A 504 -30.86 -27.61 -18.76
C LYS A 504 -32.15 -27.99 -18.04
N LEU A 505 -32.06 -29.04 -17.23
CA LEU A 505 -33.21 -29.54 -16.49
C LEU A 505 -33.36 -28.77 -15.19
N SER A 506 -34.61 -28.49 -14.82
CA SER A 506 -34.93 -27.80 -13.59
C SER A 506 -34.91 -28.78 -12.42
N THR A 507 -34.87 -28.25 -11.21
CA THR A 507 -34.79 -29.05 -10.00
C THR A 507 -35.70 -28.44 -8.95
N ASP A 508 -36.21 -29.26 -8.03
CA ASP A 508 -37.09 -28.82 -6.96
C ASP A 508 -36.34 -27.93 -5.98
N LEU A 509 -37.07 -27.02 -5.35
CA LEU A 509 -36.46 -26.09 -4.40
C LEU A 509 -36.07 -26.80 -3.11
N ILE A 510 -34.95 -26.36 -2.54
CA ILE A 510 -34.50 -26.80 -1.23
C ILE A 510 -34.40 -25.55 -0.35
N LYS A 511 -35.00 -25.61 0.83
CA LYS A 511 -35.09 -24.46 1.72
C LYS A 511 -34.24 -24.66 2.95
N ASN A 512 -33.62 -23.56 3.41
CA ASN A 512 -32.87 -23.49 4.66
C ASN A 512 -31.69 -24.46 4.68
N GLN A 513 -30.82 -24.35 3.68
CA GLN A 513 -29.63 -25.20 3.58
C GLN A 513 -28.66 -24.54 2.62
N CYS A 514 -27.36 -24.60 2.93
CA CYS A 514 -26.35 -24.01 2.08
C CYS A 514 -26.16 -24.85 0.82
N VAL A 515 -26.83 -24.46 -0.26
CA VAL A 515 -26.82 -25.20 -1.52
C VAL A 515 -26.41 -24.25 -2.65
N ASN A 516 -25.97 -24.85 -3.75
CA ASN A 516 -25.55 -24.09 -4.92
C ASN A 516 -26.75 -23.86 -5.82
N PHE A 517 -27.20 -22.62 -5.89
CA PHE A 517 -28.37 -22.30 -6.70
C PHE A 517 -27.96 -21.91 -8.12
N ASN A 518 -28.96 -21.85 -9.01
CA ASN A 518 -28.75 -21.46 -10.40
C ASN A 518 -30.07 -20.90 -10.91
N PHE A 519 -30.19 -19.58 -10.94
CA PHE A 519 -31.40 -18.89 -11.36
C PHE A 519 -31.09 -18.11 -12.63
N ASN A 520 -31.51 -18.65 -13.78
CA ASN A 520 -31.29 -18.04 -15.10
C ASN A 520 -29.82 -17.79 -15.37
N GLY A 521 -28.97 -18.72 -14.96
CA GLY A 521 -27.54 -18.59 -15.15
C GLY A 521 -26.81 -17.82 -14.07
N LEU A 522 -27.49 -17.43 -13.00
CA LEU A 522 -26.85 -16.71 -11.90
C LEU A 522 -26.47 -17.72 -10.81
N THR A 523 -25.28 -18.27 -10.94
CA THR A 523 -24.80 -19.27 -9.98
C THR A 523 -24.34 -18.60 -8.69
N GLY A 524 -24.41 -19.34 -7.60
CA GLY A 524 -24.02 -18.84 -6.31
C GLY A 524 -24.05 -19.91 -5.26
N THR A 525 -24.00 -19.49 -3.99
CA THR A 525 -24.01 -20.41 -2.86
C THR A 525 -24.50 -19.68 -1.63
N GLY A 526 -25.56 -20.20 -1.02
CA GLY A 526 -26.13 -19.57 0.17
C GLY A 526 -27.30 -20.39 0.67
N VAL A 527 -28.03 -19.81 1.62
CA VAL A 527 -29.24 -20.43 2.14
C VAL A 527 -30.44 -19.64 1.64
N LEU A 528 -31.51 -20.38 1.36
CA LEU A 528 -32.72 -19.83 0.75
C LEU A 528 -33.81 -19.69 1.80
N THR A 529 -34.42 -18.50 1.87
CA THR A 529 -35.49 -18.22 2.81
C THR A 529 -36.64 -17.55 2.08
N PRO A 530 -37.88 -17.68 2.57
CA PRO A 530 -38.98 -16.91 2.00
C PRO A 530 -38.80 -15.42 2.25
N SER A 531 -39.46 -14.61 1.42
CA SER A 531 -39.25 -13.17 1.42
C SER A 531 -40.56 -12.42 1.59
N SER A 532 -40.43 -11.16 2.03
CA SER A 532 -41.54 -10.22 2.08
C SER A 532 -41.26 -8.95 1.30
N LYS A 533 -40.20 -8.93 0.50
CA LYS A 533 -39.85 -7.78 -0.30
C LYS A 533 -40.71 -7.74 -1.57
N ARG A 534 -41.02 -6.54 -2.05
CA ARG A 534 -41.83 -6.40 -3.25
C ARG A 534 -40.93 -5.85 -4.35
N PHE A 535 -41.10 -6.37 -5.57
CA PHE A 535 -40.26 -5.98 -6.70
C PHE A 535 -41.00 -5.07 -7.67
N GLN A 536 -40.27 -4.36 -8.51
CA GLN A 536 -40.86 -3.73 -9.68
C GLN A 536 -41.27 -4.84 -10.62
N PRO A 537 -42.27 -4.62 -11.48
CA PRO A 537 -42.60 -5.64 -12.48
C PRO A 537 -41.45 -5.85 -13.45
N PHE A 538 -41.36 -7.07 -13.99
CA PHE A 538 -40.34 -7.53 -14.93
C PHE A 538 -38.90 -7.22 -14.49
N GLN A 539 -38.65 -7.30 -13.19
CA GLN A 539 -37.29 -7.17 -12.68
C GLN A 539 -36.91 -8.47 -11.97
N GLN A 540 -35.75 -9.01 -12.34
CA GLN A 540 -35.41 -10.37 -11.98
C GLN A 540 -34.83 -10.48 -10.58
N PHE A 541 -33.73 -9.77 -10.31
CA PHE A 541 -33.03 -9.90 -9.05
C PHE A 541 -32.46 -8.56 -8.61
N GLY A 542 -32.20 -8.45 -7.31
CA GLY A 542 -31.71 -7.22 -6.73
C GLY A 542 -30.45 -7.44 -5.93
N ARG A 543 -29.67 -6.37 -5.80
CA ARG A 543 -28.37 -6.38 -5.14
C ARG A 543 -28.34 -5.34 -4.04
N ASP A 544 -27.21 -5.27 -3.35
CA ASP A 544 -26.99 -4.37 -2.24
C ASP A 544 -25.93 -3.33 -2.59
N VAL A 545 -25.52 -2.54 -1.59
CA VAL A 545 -24.47 -1.54 -1.79
C VAL A 545 -23.12 -2.20 -2.03
N SER A 546 -22.93 -3.42 -1.54
CA SER A 546 -21.70 -4.15 -1.75
C SER A 546 -21.72 -4.98 -3.03
N ASP A 547 -22.68 -4.72 -3.93
CA ASP A 547 -22.87 -5.46 -5.18
C ASP A 547 -23.04 -6.95 -4.93
N PHE A 548 -23.79 -7.29 -3.88
CA PHE A 548 -24.09 -8.67 -3.54
C PHE A 548 -25.59 -8.86 -3.68
N THR A 549 -26.00 -9.78 -4.57
CA THR A 549 -27.41 -10.03 -4.80
C THR A 549 -28.03 -10.66 -3.56
N ASP A 550 -29.22 -10.22 -3.20
CA ASP A 550 -29.88 -10.73 -2.01
C ASP A 550 -31.26 -11.31 -2.24
N SER A 551 -31.99 -10.83 -3.24
CA SER A 551 -33.33 -11.31 -3.53
C SER A 551 -33.43 -11.70 -5.00
N VAL A 552 -34.05 -12.84 -5.26
CA VAL A 552 -34.14 -13.40 -6.60
C VAL A 552 -35.56 -13.90 -6.85
N ARG A 553 -36.06 -13.66 -8.06
CA ARG A 553 -37.41 -14.06 -8.43
C ARG A 553 -37.37 -15.40 -9.15
N ASP A 554 -38.23 -16.32 -8.73
CA ASP A 554 -38.31 -17.61 -9.39
C ASP A 554 -38.87 -17.43 -10.80
N PRO A 555 -38.20 -17.95 -11.84
CA PRO A 555 -38.72 -17.82 -13.20
C PRO A 555 -39.98 -18.63 -13.47
N LYS A 556 -40.33 -19.58 -12.61
CA LYS A 556 -41.56 -20.34 -12.79
C LYS A 556 -42.72 -19.76 -12.01
N THR A 557 -42.60 -19.70 -10.68
CA THR A 557 -43.71 -19.35 -9.81
C THR A 557 -43.82 -17.85 -9.54
N SER A 558 -42.83 -17.07 -9.99
CA SER A 558 -42.80 -15.60 -9.83
C SER A 558 -42.81 -15.17 -8.36
N GLU A 559 -42.40 -16.04 -7.46
CA GLU A 559 -42.27 -15.68 -6.06
C GLU A 559 -40.92 -14.99 -5.85
N ILE A 560 -40.67 -14.56 -4.61
CA ILE A 560 -39.42 -13.89 -4.26
C ILE A 560 -38.72 -14.71 -3.20
N LEU A 561 -37.42 -14.96 -3.39
CA LEU A 561 -36.64 -15.75 -2.47
C LEU A 561 -35.45 -14.92 -1.99
N ASP A 562 -35.14 -15.00 -0.71
CA ASP A 562 -33.98 -14.32 -0.16
C ASP A 562 -32.82 -15.30 -0.02
N ILE A 563 -31.69 -14.94 -0.60
CA ILE A 563 -30.45 -15.68 -0.44
C ILE A 563 -29.61 -14.98 0.62
N SER A 564 -29.09 -15.74 1.56
CA SER A 564 -28.19 -15.12 2.52
C SER A 564 -26.98 -16.01 2.71
N PRO A 565 -25.85 -15.45 3.13
CA PRO A 565 -24.65 -16.26 3.36
C PRO A 565 -24.89 -17.36 4.38
N CYS A 566 -24.32 -18.52 4.12
CA CYS A 566 -24.41 -19.65 5.04
C CYS A 566 -23.27 -19.66 6.05
N SER A 567 -22.59 -18.54 6.21
CA SER A 567 -21.56 -18.37 7.23
C SER A 567 -21.92 -17.16 8.08
N PHE A 568 -22.13 -17.38 9.38
CA PHE A 568 -22.45 -16.31 10.31
C PHE A 568 -21.15 -15.63 10.76
N GLY A 569 -21.22 -14.86 11.84
CA GLY A 569 -20.07 -14.10 12.29
C GLY A 569 -18.96 -14.92 12.93
N GLY A 570 -18.31 -14.35 13.94
CA GLY A 570 -17.07 -14.90 14.45
C GLY A 570 -17.25 -16.07 15.39
N VAL A 571 -16.23 -16.93 15.42
CA VAL A 571 -16.13 -18.03 16.35
C VAL A 571 -14.77 -17.93 17.04
N SER A 572 -14.76 -17.94 18.36
CA SER A 572 -13.52 -17.86 19.11
C SER A 572 -13.28 -19.17 19.87
N VAL A 573 -12.02 -19.58 19.91
CA VAL A 573 -11.63 -20.81 20.58
C VAL A 573 -10.74 -20.45 21.76
N ILE A 574 -11.08 -20.95 22.94
CA ILE A 574 -10.35 -20.71 24.17
C ILE A 574 -9.63 -22.00 24.54
N THR A 575 -8.31 -21.93 24.65
CA THR A 575 -7.53 -23.12 24.89
C THR A 575 -6.54 -22.92 26.04
N PRO A 576 -6.38 -23.91 26.92
CA PRO A 576 -5.32 -23.86 27.93
C PRO A 576 -3.94 -23.92 27.30
N GLY A 577 -3.83 -24.51 26.12
CA GLY A 577 -2.55 -24.71 25.47
C GLY A 577 -2.33 -26.18 25.20
N THR A 578 -1.77 -26.53 24.05
CA THR A 578 -1.53 -27.92 23.71
C THR A 578 -0.16 -28.35 24.24
N ASN A 579 0.02 -28.15 25.54
CA ASN A 579 1.19 -28.64 26.26
C ASN A 579 0.68 -29.19 27.58
N ALA A 580 -0.61 -28.98 27.84
CA ALA A 580 -1.24 -29.43 29.06
C ALA A 580 -2.45 -30.31 28.84
N SER A 581 -3.29 -30.01 27.85
CA SER A 581 -4.45 -30.84 27.54
C SER A 581 -4.94 -30.49 26.14
N SER A 582 -6.07 -31.09 25.75
CA SER A 582 -6.56 -30.97 24.39
C SER A 582 -8.04 -30.59 24.29
N GLU A 583 -8.68 -30.22 25.39
CA GLU A 583 -10.06 -29.74 25.27
C GLU A 583 -10.08 -28.22 25.16
N VAL A 584 -11.14 -27.70 24.57
CA VAL A 584 -11.26 -26.28 24.29
C VAL A 584 -12.66 -25.82 24.68
N ALA A 585 -12.83 -24.52 24.80
CA ALA A 585 -14.15 -23.90 24.91
C ALA A 585 -14.40 -23.08 23.66
N VAL A 586 -15.66 -22.95 23.27
CA VAL A 586 -16.04 -22.27 22.04
C VAL A 586 -17.01 -21.15 22.36
N LEU A 587 -16.72 -19.96 21.86
CA LEU A 587 -17.56 -18.79 22.06
C LEU A 587 -18.10 -18.33 20.71
N TYR A 588 -19.43 -18.30 20.60
CA TYR A 588 -20.10 -17.70 19.46
C TYR A 588 -20.61 -16.33 19.89
N GLN A 589 -19.95 -15.28 19.43
CA GLN A 589 -20.29 -13.94 19.87
C GLN A 589 -21.41 -13.37 19.01
N ASP A 590 -22.22 -12.51 19.63
CA ASP A 590 -23.36 -11.85 19.00
C ASP A 590 -24.37 -12.85 18.46
N VAL A 591 -24.50 -14.00 19.12
CA VAL A 591 -25.47 -15.02 18.77
C VAL A 591 -26.22 -15.42 20.03
N ASN A 592 -27.54 -15.39 19.97
CA ASN A 592 -28.38 -15.82 21.09
C ASN A 592 -28.33 -17.33 21.16
N CYS A 593 -28.03 -17.88 22.34
CA CYS A 593 -27.72 -19.30 22.43
C CYS A 593 -28.96 -20.18 22.45
N THR A 594 -30.16 -19.59 22.47
CA THR A 594 -31.37 -20.38 22.29
C THR A 594 -31.42 -21.01 20.90
N ASP A 595 -30.95 -20.26 19.90
CA ASP A 595 -31.02 -20.67 18.50
C ASP A 595 -29.65 -20.79 17.84
N VAL A 596 -28.68 -21.33 18.59
CA VAL A 596 -27.33 -21.48 18.05
C VAL A 596 -27.26 -22.53 16.94
N SER A 597 -28.02 -23.62 17.06
CA SER A 597 -27.93 -24.72 16.09
C SER A 597 -28.43 -24.30 14.72
N THR A 598 -29.36 -23.34 14.66
CA THR A 598 -29.76 -22.78 13.38
C THR A 598 -28.62 -21.99 12.75
N ALA A 599 -27.86 -21.25 13.55
CA ALA A 599 -26.82 -20.40 13.00
C ALA A 599 -25.61 -21.19 12.52
N ILE A 600 -25.38 -22.38 13.09
CA ILE A 600 -24.21 -23.18 12.73
C ILE A 600 -24.55 -24.30 11.76
N HIS A 601 -25.83 -24.67 11.64
CA HIS A 601 -26.29 -25.85 10.91
C HIS A 601 -25.56 -27.11 11.39
N ALA A 602 -25.74 -27.41 12.68
CA ALA A 602 -25.06 -28.54 13.30
C ALA A 602 -25.60 -29.88 12.85
N ASP A 603 -26.74 -29.91 12.14
CA ASP A 603 -27.25 -31.16 11.62
C ASP A 603 -26.35 -31.72 10.53
N GLN A 604 -25.65 -30.86 9.81
CA GLN A 604 -24.82 -31.26 8.69
C GLN A 604 -23.33 -31.24 9.01
N LEU A 605 -22.98 -31.20 10.29
CA LEU A 605 -21.59 -31.22 10.70
C LEU A 605 -21.22 -32.61 11.23
N THR A 606 -19.97 -32.74 11.66
CA THR A 606 -19.51 -33.97 12.26
C THR A 606 -20.15 -34.14 13.64
N PRO A 607 -20.26 -35.37 14.13
CA PRO A 607 -20.73 -35.56 15.52
C PRO A 607 -19.81 -34.95 16.56
N ALA A 608 -18.53 -34.76 16.24
CA ALA A 608 -17.63 -34.06 17.15
C ALA A 608 -17.96 -32.57 17.23
N TRP A 609 -18.60 -32.03 16.20
CA TRP A 609 -19.05 -30.64 16.25
C TRP A 609 -20.42 -30.48 16.90
N ARG A 610 -21.18 -31.56 17.06
CA ARG A 610 -22.50 -31.45 17.67
C ARG A 610 -22.43 -31.38 19.18
N ILE A 611 -21.37 -31.93 19.79
CA ILE A 611 -21.24 -31.87 21.24
C ILE A 611 -20.81 -30.50 21.73
N TYR A 612 -20.42 -29.62 20.82
CA TYR A 612 -20.15 -28.22 21.15
C TYR A 612 -21.30 -27.31 20.75
N SER A 613 -22.44 -27.87 20.38
CA SER A 613 -23.61 -27.09 19.99
C SER A 613 -24.64 -26.97 21.08
N THR A 614 -24.78 -27.98 21.93
CA THR A 614 -25.71 -27.93 23.05
C THR A 614 -25.24 -28.89 24.12
N GLY A 615 -25.78 -28.72 25.32
CA GLY A 615 -25.42 -29.58 26.43
C GLY A 615 -25.75 -28.90 27.75
N ASN A 616 -25.14 -29.42 28.80
CA ASN A 616 -25.29 -28.86 30.14
C ASN A 616 -24.28 -27.77 30.44
N ASN A 617 -23.32 -27.54 29.54
CA ASN A 617 -22.28 -26.53 29.73
C ASN A 617 -22.56 -25.30 28.89
N VAL A 618 -23.81 -24.89 28.78
CA VAL A 618 -24.20 -23.72 28.00
C VAL A 618 -24.26 -22.52 28.94
N PHE A 619 -23.51 -21.46 28.59
CA PHE A 619 -23.52 -20.22 29.33
C PHE A 619 -23.79 -19.08 28.37
N GLN A 620 -24.48 -18.05 28.85
CA GLN A 620 -24.85 -16.90 28.04
C GLN A 620 -24.27 -15.64 28.66
N THR A 621 -23.30 -15.05 27.98
CA THR A 621 -22.69 -13.79 28.39
C THR A 621 -23.08 -12.69 27.42
N GLN A 622 -22.76 -11.45 27.80
CA GLN A 622 -23.09 -10.29 26.98
C GLN A 622 -22.35 -10.34 25.65
N ALA A 623 -21.20 -11.01 25.59
CA ALA A 623 -20.53 -11.24 24.32
C ALA A 623 -21.30 -12.22 23.45
N GLY A 624 -21.85 -13.29 24.03
CA GLY A 624 -22.53 -14.28 23.23
C GLY A 624 -22.84 -15.57 23.97
N CYS A 625 -22.63 -16.71 23.34
CA CYS A 625 -22.87 -18.01 23.95
C CYS A 625 -21.56 -18.77 24.06
N LEU A 626 -21.29 -19.29 25.26
CA LEU A 626 -20.07 -20.01 25.56
C LEU A 626 -20.39 -21.45 25.89
N ILE A 627 -19.75 -22.38 25.19
CA ILE A 627 -20.00 -23.81 25.35
C ILE A 627 -18.68 -24.53 25.56
N GLY A 628 -18.59 -25.32 26.62
CA GLY A 628 -17.38 -26.07 26.91
C GLY A 628 -16.74 -25.70 28.23
N ALA A 629 -17.40 -24.82 29.00
CA ALA A 629 -16.86 -24.36 30.27
C ALA A 629 -17.95 -24.37 31.32
N GLU A 630 -17.54 -24.50 32.58
CA GLU A 630 -18.46 -24.62 33.69
C GLU A 630 -18.53 -23.31 34.46
N HIS A 631 -19.74 -22.81 34.68
CA HIS A 631 -19.93 -21.56 35.39
C HIS A 631 -19.71 -21.75 36.89
N VAL A 632 -18.97 -20.83 37.51
CA VAL A 632 -18.73 -20.85 38.94
C VAL A 632 -19.16 -19.51 39.51
N ASP A 633 -19.43 -19.49 40.82
CA ASP A 633 -19.92 -18.28 41.46
C ASP A 633 -18.83 -17.47 42.16
N THR A 634 -17.70 -18.09 42.47
CA THR A 634 -16.59 -17.33 43.05
C THR A 634 -15.89 -16.51 41.97
N SER A 635 -15.16 -15.49 42.41
CA SER A 635 -14.47 -14.57 41.51
C SER A 635 -12.98 -14.60 41.79
N TYR A 636 -12.18 -14.66 40.73
CA TYR A 636 -10.73 -14.70 40.82
C TYR A 636 -10.14 -13.62 39.93
N GLU A 637 -8.80 -13.57 39.90
CA GLU A 637 -8.11 -12.67 39.01
C GLU A 637 -8.20 -13.17 37.58
N CYS A 638 -8.21 -12.25 36.63
CA CYS A 638 -8.42 -12.62 35.23
C CYS A 638 -7.19 -13.32 34.66
N ASP A 639 -7.43 -14.43 33.96
CA ASP A 639 -6.37 -15.18 33.31
C ASP A 639 -6.48 -15.12 31.80
N ILE A 640 -7.62 -15.52 31.24
CA ILE A 640 -7.87 -15.40 29.81
C ILE A 640 -9.11 -14.53 29.63
N PRO A 641 -8.97 -13.32 29.12
CA PRO A 641 -10.11 -12.39 29.04
C PRO A 641 -11.05 -12.72 27.91
N ILE A 642 -12.24 -13.25 28.26
CA ILE A 642 -13.26 -13.49 27.25
C ILE A 642 -13.91 -12.17 26.84
N GLY A 643 -14.36 -11.39 27.80
CA GLY A 643 -14.96 -10.10 27.51
C GLY A 643 -16.23 -9.89 28.29
N ALA A 644 -16.69 -8.64 28.32
CA ALA A 644 -17.90 -8.21 29.02
C ALA A 644 -17.87 -8.58 30.50
N GLY A 645 -16.70 -8.48 31.11
CA GLY A 645 -16.52 -8.82 32.50
C GLY A 645 -16.32 -10.28 32.78
N ILE A 646 -16.30 -11.13 31.76
CA ILE A 646 -16.16 -12.57 31.93
C ILE A 646 -14.74 -12.99 31.57
N CYS A 647 -14.10 -13.73 32.45
CA CYS A 647 -12.78 -14.30 32.22
C CYS A 647 -12.87 -15.81 32.33
N ALA A 648 -11.85 -16.50 31.81
CA ALA A 648 -11.79 -17.95 31.82
C ALA A 648 -10.42 -18.41 32.26
N SER A 649 -10.37 -19.60 32.87
CA SER A 649 -9.12 -20.17 33.35
C SER A 649 -9.25 -21.69 33.38
N TYR A 650 -8.17 -22.34 33.79
CA TYR A 650 -8.05 -23.80 33.77
C TYR A 650 -7.80 -24.27 35.20
N HIS A 651 -8.86 -24.64 35.90
CA HIS A 651 -8.80 -24.91 37.32
C HIS A 651 -9.03 -26.39 37.60
N THR A 652 -9.14 -26.73 38.88
CA THR A 652 -9.36 -28.09 39.32
C THR A 652 -10.78 -28.27 39.86
N GLN A 661 -7.27 -34.20 37.51
CA GLN A 661 -8.49 -33.79 36.83
C GLN A 661 -8.67 -32.28 36.85
N LYS A 662 -8.53 -31.65 35.70
CA LYS A 662 -8.67 -30.21 35.54
C LYS A 662 -9.69 -29.92 34.46
N SER A 663 -10.35 -28.76 34.58
CA SER A 663 -11.37 -28.36 33.63
C SER A 663 -11.33 -26.86 33.44
N ILE A 664 -11.89 -26.41 32.33
CA ILE A 664 -11.96 -24.99 32.00
C ILE A 664 -13.17 -24.39 32.71
N VAL A 665 -12.95 -23.30 33.43
CA VAL A 665 -14.00 -22.61 34.16
C VAL A 665 -14.08 -21.18 33.66
N ALA A 666 -15.29 -20.62 33.75
CA ALA A 666 -15.56 -19.23 33.39
C ALA A 666 -16.19 -18.53 34.58
N TYR A 667 -15.74 -17.31 34.84
CA TYR A 667 -16.18 -16.59 36.03
C TYR A 667 -16.22 -15.10 35.74
N THR A 668 -16.71 -14.34 36.71
CA THR A 668 -16.66 -12.90 36.67
C THR A 668 -15.39 -12.41 37.33
N MET A 669 -14.68 -11.51 36.66
CA MET A 669 -13.40 -11.04 37.17
C MET A 669 -13.57 -10.24 38.45
N SER A 670 -12.56 -10.29 39.30
CA SER A 670 -12.58 -9.60 40.58
C SER A 670 -11.89 -8.25 40.45
N LEU A 671 -12.56 -7.20 40.90
CA LEU A 671 -12.01 -5.85 40.75
C LEU A 671 -10.88 -5.61 41.74
N GLY A 672 -11.02 -6.07 42.97
CA GLY A 672 -9.97 -5.89 43.96
C GLY A 672 -10.46 -6.29 45.33
N ALA A 673 -9.55 -6.18 46.30
CA ALA A 673 -9.87 -6.50 47.68
C ALA A 673 -10.86 -5.49 48.25
N ASP A 674 -11.73 -5.96 49.13
CA ASP A 674 -12.77 -5.13 49.70
C ASP A 674 -12.31 -4.61 51.06
N SER A 675 -12.43 -3.29 51.24
CA SER A 675 -11.99 -2.64 52.47
C SER A 675 -12.92 -1.49 52.78
N SER A 676 -12.95 -1.10 54.06
CA SER A 676 -13.77 0.01 54.50
C SER A 676 -13.04 0.76 55.60
N ILE A 677 -13.02 2.09 55.50
CA ILE A 677 -12.48 2.97 56.53
C ILE A 677 -13.59 3.89 57.01
N ALA A 678 -13.68 4.08 58.31
CA ALA A 678 -14.74 4.88 58.88
C ALA A 678 -14.38 6.36 58.82
N TYR A 679 -15.36 7.18 58.50
CA TYR A 679 -15.19 8.63 58.49
C TYR A 679 -15.70 9.19 59.80
N SER A 680 -14.84 9.87 60.54
CA SER A 680 -15.22 10.62 61.71
C SER A 680 -14.59 12.01 61.62
N ASN A 681 -15.30 13.00 62.16
CA ASN A 681 -14.90 14.38 62.00
C ASN A 681 -14.00 14.88 63.11
N ASN A 682 -13.59 14.01 64.03
CA ASN A 682 -12.68 14.44 65.08
C ASN A 682 -11.60 13.41 65.41
N THR A 683 -11.13 12.63 64.42
CA THR A 683 -10.05 11.71 64.67
C THR A 683 -9.15 11.64 63.45
N ILE A 684 -7.90 11.26 63.69
CA ILE A 684 -6.87 11.20 62.65
C ILE A 684 -6.05 9.94 62.84
N ALA A 685 -5.39 9.52 61.77
CA ALA A 685 -4.50 8.36 61.80
C ALA A 685 -3.10 8.82 61.42
N ILE A 686 -2.13 8.49 62.26
CA ILE A 686 -0.76 8.97 62.05
C ILE A 686 0.19 7.78 62.06
N PRO A 687 1.09 7.66 61.09
CA PRO A 687 2.06 6.56 61.10
C PRO A 687 3.07 6.72 62.23
N THR A 688 3.53 5.58 62.73
CA THR A 688 4.53 5.55 63.80
C THR A 688 5.83 4.88 63.39
N ASN A 689 5.86 4.13 62.30
CA ASN A 689 7.05 3.48 61.79
C ASN A 689 7.11 3.69 60.29
N PHE A 690 8.16 3.15 59.66
CA PHE A 690 8.31 3.29 58.22
C PHE A 690 9.13 2.12 57.69
N SER A 691 9.28 2.10 56.37
CA SER A 691 10.02 1.05 55.68
C SER A 691 10.67 1.63 54.44
N ILE A 692 11.73 0.98 53.99
CA ILE A 692 12.44 1.37 52.78
C ILE A 692 12.19 0.28 51.74
N SER A 693 11.66 0.68 50.58
CA SER A 693 11.32 -0.29 49.55
C SER A 693 12.01 0.09 48.24
N ILE A 694 12.62 -0.89 47.58
CA ILE A 694 13.26 -0.68 46.29
C ILE A 694 12.44 -1.41 45.24
N THR A 695 11.98 -0.67 44.24
CA THR A 695 11.18 -1.25 43.16
C THR A 695 11.83 -0.97 41.81
N THR A 696 11.61 -1.89 40.88
CA THR A 696 12.26 -1.86 39.58
C THR A 696 11.28 -1.50 38.47
N GLU A 697 11.80 -0.83 37.44
CA GLU A 697 10.99 -0.39 36.31
C GLU A 697 11.81 -0.56 35.03
N VAL A 698 11.29 -1.33 34.07
CA VAL A 698 12.01 -1.68 32.86
C VAL A 698 11.44 -0.89 31.69
N MET A 699 12.30 -0.22 30.93
CA MET A 699 11.85 0.59 29.81
C MET A 699 12.69 0.33 28.57
N PRO A 700 12.07 0.04 27.43
CA PRO A 700 12.82 -0.09 26.18
C PRO A 700 13.34 1.25 25.70
N VAL A 701 14.44 1.19 24.96
CA VAL A 701 15.13 2.38 24.47
C VAL A 701 15.30 2.35 22.96
N SER A 702 15.83 1.26 22.42
CA SER A 702 16.10 1.16 21.00
C SER A 702 15.67 -0.21 20.49
N MET A 703 15.66 -0.35 19.16
CA MET A 703 15.43 -1.63 18.52
C MET A 703 16.52 -1.85 17.46
N ALA A 704 16.40 -2.96 16.73
CA ALA A 704 17.43 -3.33 15.77
C ALA A 704 17.38 -2.45 14.53
N LYS A 705 18.55 -2.12 14.00
CA LYS A 705 18.67 -1.34 12.78
C LYS A 705 18.85 -2.29 11.60
N THR A 706 18.00 -2.14 10.59
CA THR A 706 17.98 -3.05 9.46
C THR A 706 18.05 -2.27 8.16
N SER A 707 18.60 -2.92 7.15
CA SER A 707 18.69 -2.36 5.81
C SER A 707 18.33 -3.45 4.81
N VAL A 708 17.75 -3.03 3.69
CA VAL A 708 17.27 -3.93 2.65
C VAL A 708 17.85 -3.51 1.32
N ASP A 709 18.45 -4.48 0.61
CA ASP A 709 18.90 -4.27 -0.77
C ASP A 709 17.74 -4.61 -1.70
N CYS A 710 17.18 -3.58 -2.33
CA CYS A 710 15.95 -3.74 -3.11
C CYS A 710 16.18 -4.60 -4.35
N ASN A 711 17.28 -4.34 -5.06
CA ASN A 711 17.54 -5.02 -6.32
C ASN A 711 17.82 -6.51 -6.14
N MET A 712 18.38 -6.92 -5.02
CA MET A 712 18.67 -8.33 -4.81
C MET A 712 17.55 -9.04 -4.07
N TYR A 713 16.68 -8.29 -3.39
CA TYR A 713 15.45 -8.89 -2.89
C TYR A 713 14.46 -9.17 -4.01
N ILE A 714 14.28 -8.24 -4.95
CA ILE A 714 13.23 -8.41 -5.95
C ILE A 714 13.71 -9.29 -7.10
N CYS A 715 14.85 -8.94 -7.70
CA CYS A 715 15.38 -9.66 -8.85
C CYS A 715 16.74 -10.22 -8.49
N GLY A 716 16.77 -11.43 -7.94
CA GLY A 716 18.03 -11.99 -7.51
C GLY A 716 18.87 -12.53 -8.64
N ASP A 717 19.95 -11.81 -8.97
CA ASP A 717 20.93 -12.19 -10.00
C ASP A 717 20.29 -12.42 -11.37
N SER A 718 19.34 -11.56 -11.74
CA SER A 718 18.67 -11.64 -13.04
C SER A 718 18.84 -10.30 -13.74
N THR A 719 19.42 -10.35 -14.94
CA THR A 719 19.63 -9.14 -15.72
C THR A 719 18.35 -8.60 -16.34
N GLU A 720 17.51 -9.50 -16.87
CA GLU A 720 16.25 -9.10 -17.46
C GLU A 720 15.32 -8.47 -16.43
N CYS A 721 15.24 -9.07 -15.24
CA CYS A 721 14.43 -8.49 -14.19
C CYS A 721 15.00 -7.16 -13.71
N ALA A 722 16.32 -7.01 -13.78
CA ALA A 722 16.92 -5.72 -13.46
C ALA A 722 16.48 -4.64 -14.45
N ASN A 723 16.47 -4.98 -15.75
CA ASN A 723 15.99 -4.03 -16.76
C ASN A 723 14.52 -3.68 -16.55
N LEU A 724 13.69 -4.67 -16.24
CA LEU A 724 12.29 -4.34 -15.97
C LEU A 724 12.11 -3.57 -14.67
N LEU A 725 13.06 -3.68 -13.74
CA LEU A 725 12.92 -2.96 -12.47
C LEU A 725 13.26 -1.48 -12.61
N LEU A 726 14.15 -1.12 -13.53
CA LEU A 726 14.42 0.30 -13.72
C LEU A 726 13.22 1.08 -14.24
N GLN A 727 12.24 0.41 -14.84
CA GLN A 727 11.04 1.11 -15.29
C GLN A 727 10.22 1.63 -14.13
N TYR A 728 10.27 0.94 -12.99
CA TYR A 728 9.68 1.41 -11.75
C TYR A 728 10.68 2.36 -11.11
N GLY A 729 10.64 3.63 -11.48
CA GLY A 729 11.68 4.56 -11.11
C GLY A 729 11.49 5.14 -9.72
N SER A 730 12.58 5.21 -8.96
CA SER A 730 12.66 5.92 -7.68
C SER A 730 11.68 5.38 -6.64
N PHE A 731 11.50 4.06 -6.62
CA PHE A 731 10.75 3.40 -5.56
C PHE A 731 11.65 2.66 -4.59
N CYS A 732 12.73 2.07 -5.07
CA CYS A 732 13.68 1.42 -4.18
C CYS A 732 14.54 2.41 -3.42
N THR A 733 14.72 3.61 -3.98
CA THR A 733 15.46 4.64 -3.27
C THR A 733 14.62 5.36 -2.22
N GLN A 734 13.33 5.09 -2.16
CA GLN A 734 12.45 5.70 -1.17
C GLN A 734 12.33 4.88 0.10
N LEU A 735 12.70 3.60 0.07
CA LEU A 735 12.68 2.76 1.25
C LEU A 735 14.00 2.83 2.02
N ASN A 736 15.10 2.96 1.29
CA ASN A 736 16.40 3.07 1.95
C ASN A 736 16.50 4.35 2.75
N ARG A 737 15.89 5.44 2.28
CA ARG A 737 15.87 6.69 3.04
C ARG A 737 15.13 6.52 4.36
N ALA A 738 13.98 5.85 4.33
CA ALA A 738 13.21 5.61 5.54
C ALA A 738 13.96 4.73 6.52
N LEU A 739 14.60 3.67 6.04
CA LEU A 739 15.33 2.78 6.94
C LEU A 739 16.57 3.46 7.52
N SER A 740 17.23 4.31 6.73
CA SER A 740 18.36 5.08 7.25
C SER A 740 17.90 6.05 8.33
N GLY A 741 16.74 6.69 8.13
CA GLY A 741 16.19 7.53 9.17
C GLY A 741 15.90 6.78 10.46
N ILE A 742 15.36 5.57 10.33
CA ILE A 742 15.07 4.75 11.51
C ILE A 742 16.36 4.39 12.25
N ALA A 743 17.41 4.02 11.52
CA ALA A 743 18.67 3.65 12.16
C ALA A 743 19.32 4.83 12.88
N ALA A 744 19.32 6.00 12.24
CA ALA A 744 19.86 7.18 12.89
C ALA A 744 19.05 7.55 14.13
N GLU A 745 17.74 7.35 14.07
CA GLU A 745 16.89 7.62 15.23
C GLU A 745 17.21 6.68 16.38
N GLN A 746 17.52 5.40 16.08
CA GLN A 746 17.88 4.46 17.14
C GLN A 746 19.17 4.87 17.84
N ASP A 747 20.17 5.28 17.06
CA ASP A 747 21.43 5.74 17.66
C ASP A 747 21.21 6.99 18.50
N ARG A 748 20.38 7.92 18.03
CA ARG A 748 20.06 9.12 18.79
C ARG A 748 19.35 8.78 20.09
N ASN A 749 18.42 7.82 20.06
CA ASN A 749 17.71 7.40 21.26
C ASN A 749 18.66 6.90 22.32
N THR A 750 19.53 5.95 21.95
CA THR A 750 20.46 5.40 22.94
C THR A 750 21.40 6.45 23.49
N ARG A 751 21.95 7.30 22.61
CA ARG A 751 22.92 8.30 23.04
C ARG A 751 22.30 9.33 23.96
N GLU A 752 21.14 9.85 23.57
CA GLU A 752 20.57 10.99 24.28
C GLU A 752 19.72 10.53 25.45
N VAL A 753 19.58 9.22 25.65
CA VAL A 753 19.16 8.71 26.96
C VAL A 753 20.35 8.54 27.90
N PHE A 754 21.40 7.84 27.44
CA PHE A 754 22.44 7.45 28.38
C PHE A 754 23.53 8.48 28.61
N ALA A 755 23.86 9.31 27.61
CA ALA A 755 24.93 10.30 27.76
C ALA A 755 24.34 11.58 28.32
N GLN A 756 24.38 11.71 29.65
CA GLN A 756 23.84 12.88 30.32
C GLN A 756 24.82 13.55 31.28
N VAL A 757 26.02 12.98 31.45
CA VAL A 757 27.06 13.58 32.27
C VAL A 757 28.21 14.01 31.37
N LYS A 758 28.81 15.16 31.67
CA LYS A 758 29.87 15.68 30.83
C LYS A 758 31.26 15.27 31.29
N GLN A 759 31.40 14.60 32.44
CA GLN A 759 32.64 13.92 32.76
C GLN A 759 32.34 12.54 33.32
N MET A 760 33.32 11.65 33.20
CA MET A 760 33.21 10.28 33.65
C MET A 760 33.89 10.13 35.01
N TYR A 761 33.16 9.56 35.97
CA TYR A 761 33.62 9.46 37.34
C TYR A 761 34.15 8.06 37.61
N LYS A 762 35.33 7.98 38.22
CA LYS A 762 35.91 6.69 38.57
C LYS A 762 35.16 6.10 39.75
N THR A 763 34.95 4.79 39.71
CA THR A 763 34.29 4.11 40.82
C THR A 763 35.20 4.10 42.03
N PRO A 764 34.68 4.40 43.22
CA PRO A 764 35.54 4.44 44.41
C PRO A 764 36.02 3.05 44.81
N THR A 765 37.16 3.03 45.51
CA THR A 765 37.73 1.78 45.97
C THR A 765 36.94 1.16 47.12
N LEU A 766 36.14 1.96 47.82
CA LEU A 766 35.36 1.49 48.95
C LEU A 766 33.87 1.57 48.61
N LYS A 767 33.19 0.43 48.73
CA LYS A 767 31.77 0.34 48.37
C LYS A 767 30.86 0.40 49.60
N TYR A 768 31.32 1.00 50.69
CA TYR A 768 30.58 1.05 51.94
C TYR A 768 30.55 2.49 52.42
N PHE A 769 29.42 3.16 52.24
CA PHE A 769 29.26 4.58 52.58
C PHE A 769 28.31 4.69 53.76
N GLY A 770 28.85 4.60 54.97
CA GLY A 770 28.06 4.76 56.17
C GLY A 770 27.04 3.67 56.42
N GLY A 771 27.38 2.42 56.16
CA GLY A 771 26.48 1.31 56.36
C GLY A 771 25.69 0.90 55.14
N PHE A 772 25.72 1.71 54.08
CA PHE A 772 24.99 1.39 52.85
C PHE A 772 25.92 0.64 51.91
N ASN A 773 25.53 -0.56 51.51
CA ASN A 773 26.37 -1.44 50.70
C ASN A 773 26.03 -1.22 49.24
N PHE A 774 26.98 -0.65 48.49
CA PHE A 774 26.81 -0.31 47.09
C PHE A 774 27.51 -1.31 46.16
N SER A 775 27.91 -2.47 46.68
CA SER A 775 28.77 -3.36 45.90
C SER A 775 28.02 -4.08 44.81
N GLN A 776 26.71 -4.25 44.94
CA GLN A 776 25.94 -5.01 43.97
C GLN A 776 25.58 -4.21 42.73
N ILE A 777 25.71 -2.89 42.76
CA ILE A 777 25.33 -2.05 41.64
C ILE A 777 26.51 -1.28 41.06
N LEU A 778 27.73 -1.68 41.42
CA LEU A 778 28.96 -1.07 40.94
C LEU A 778 29.87 -2.17 40.39
N PRO A 779 30.73 -1.86 39.44
CA PRO A 779 31.61 -2.89 38.87
C PRO A 779 32.61 -3.42 39.88
N ASP A 780 32.93 -4.71 39.73
CA ASP A 780 33.81 -5.43 40.64
C ASP A 780 35.22 -5.45 40.06
N PRO A 781 36.22 -4.87 40.75
CA PRO A 781 37.58 -4.81 40.20
C PRO A 781 38.24 -6.17 39.96
N LEU A 782 38.04 -7.12 40.87
CA LEU A 782 38.73 -8.39 40.80
C LEU A 782 38.17 -9.27 39.67
N LYS A 783 36.87 -9.27 39.49
CA LYS A 783 36.25 -10.02 38.40
C LYS A 783 36.52 -9.25 37.11
N PRO A 784 36.99 -9.92 36.04
CA PRO A 784 37.39 -9.18 34.84
C PRO A 784 36.25 -8.73 33.94
N THR A 785 35.01 -8.82 34.39
CA THR A 785 33.89 -8.26 33.65
C THR A 785 33.73 -6.79 34.00
N LYS A 786 33.31 -6.00 33.01
CA LYS A 786 33.14 -4.56 33.17
C LYS A 786 31.71 -4.17 33.48
N ARG A 787 30.98 -5.04 34.18
CA ARG A 787 29.58 -4.81 34.50
C ARG A 787 29.34 -5.13 35.97
N SER A 788 28.27 -4.60 36.51
CA SER A 788 27.89 -4.92 37.88
C SER A 788 27.25 -6.30 37.93
N PHE A 789 26.94 -6.74 39.15
CA PHE A 789 26.35 -8.06 39.32
C PHE A 789 24.91 -8.09 38.83
N ILE A 790 24.13 -7.07 39.19
CA ILE A 790 22.74 -6.98 38.75
C ILE A 790 22.64 -6.82 37.24
N GLU A 791 23.60 -6.10 36.64
CA GLU A 791 23.63 -6.00 35.18
C GLU A 791 23.95 -7.34 34.55
N ASP A 792 24.80 -8.14 35.19
CA ASP A 792 25.09 -9.48 34.69
C ASP A 792 23.86 -10.38 34.75
N LEU A 793 23.07 -10.25 35.81
CA LEU A 793 21.78 -10.97 35.85
C LEU A 793 20.83 -10.47 34.77
N LEU A 794 20.81 -9.16 34.53
CA LEU A 794 19.89 -8.60 33.55
C LEU A 794 20.24 -9.04 32.13
N PHE A 795 21.53 -9.18 31.84
CA PHE A 795 21.94 -9.52 30.47
C PHE A 795 21.73 -10.99 30.14
N ASN A 796 21.35 -11.82 31.10
CA ASN A 796 21.13 -13.24 30.85
C ASN A 796 19.66 -13.60 30.71
N LYS A 797 18.74 -12.73 31.11
CA LYS A 797 17.32 -13.05 31.09
C LYS A 797 16.65 -12.64 29.79
N VAL A 798 17.39 -12.11 28.83
CA VAL A 798 16.87 -11.77 27.51
C VAL A 798 17.74 -12.52 26.50
N THR A 799 17.11 -13.39 25.71
CA THR A 799 17.83 -14.19 24.72
C THR A 799 17.73 -13.49 23.37
N LEU A 800 18.85 -12.92 22.91
CA LEU A 800 18.88 -12.17 21.66
C LEU A 800 18.75 -13.07 20.43
N ALA A 801 19.12 -14.34 20.53
CA ALA A 801 18.98 -15.27 19.42
C ALA A 801 18.40 -16.59 19.89
N ASP A 820 19.59 -21.64 9.32
CA ASP A 820 19.05 -21.51 7.97
C ASP A 820 18.07 -20.35 7.88
N LEU A 821 17.92 -19.62 8.99
CA LEU A 821 17.06 -18.45 9.03
C LEU A 821 17.82 -17.16 8.76
N ILE A 822 18.95 -16.95 9.44
CA ILE A 822 19.77 -15.77 9.19
C ILE A 822 20.45 -15.83 7.83
N CYS A 823 20.84 -17.02 7.38
CA CYS A 823 21.50 -17.17 6.09
C CYS A 823 20.57 -16.83 4.94
N ALA A 824 19.30 -17.20 5.03
CA ALA A 824 18.33 -16.86 3.99
C ALA A 824 18.05 -15.36 3.97
N GLN A 825 18.07 -14.72 5.13
CA GLN A 825 17.96 -13.26 5.18
C GLN A 825 19.17 -12.61 4.51
N LYS A 826 20.36 -13.13 4.81
CA LYS A 826 21.60 -12.58 4.26
C LYS A 826 21.68 -12.76 2.75
N PHE A 827 21.16 -13.87 2.24
CA PHE A 827 21.21 -14.13 0.81
C PHE A 827 20.20 -13.30 0.02
N ASN A 828 19.19 -12.73 0.67
CA ASN A 828 18.15 -11.97 -0.01
C ASN A 828 18.21 -10.48 0.23
N GLY A 829 19.33 -9.98 0.77
CA GLY A 829 19.51 -8.55 0.90
C GLY A 829 19.05 -7.93 2.20
N LEU A 830 18.73 -8.73 3.20
CA LEU A 830 18.27 -8.21 4.49
C LEU A 830 19.44 -8.27 5.48
N THR A 831 19.85 -7.11 5.97
CA THR A 831 21.05 -7.02 6.80
C THR A 831 20.69 -6.26 8.08
N VAL A 832 21.27 -6.68 9.20
CA VAL A 832 21.11 -6.00 10.47
C VAL A 832 22.44 -5.37 10.85
N LEU A 833 22.44 -4.07 11.07
CA LEU A 833 23.63 -3.31 11.38
C LEU A 833 23.87 -3.24 12.88
N PRO A 834 25.13 -3.22 13.33
CA PRO A 834 25.40 -3.21 14.77
C PRO A 834 25.16 -1.83 15.36
N PRO A 835 24.86 -1.76 16.66
CA PRO A 835 24.69 -0.45 17.29
C PRO A 835 26.01 0.30 17.42
N LEU A 836 25.91 1.62 17.48
CA LEU A 836 27.10 2.46 17.57
C LEU A 836 27.77 2.34 18.93
N LEU A 837 26.99 2.31 20.00
CA LEU A 837 27.51 2.20 21.35
C LEU A 837 27.48 0.74 21.78
N THR A 838 28.63 0.20 22.15
CA THR A 838 28.70 -1.17 22.61
C THR A 838 28.19 -1.27 24.04
N ASP A 839 28.08 -2.50 24.53
CA ASP A 839 27.53 -2.71 25.87
C ASP A 839 28.49 -2.25 26.96
N ASP A 840 29.80 -2.33 26.72
CA ASP A 840 30.77 -1.86 27.70
C ASP A 840 30.71 -0.35 27.86
N MET A 841 30.42 0.38 26.80
CA MET A 841 30.30 1.83 26.89
C MET A 841 29.08 2.24 27.70
N ILE A 842 27.96 1.53 27.51
CA ILE A 842 26.76 1.80 28.29
C ILE A 842 26.97 1.42 29.75
N ALA A 843 27.71 0.33 29.99
CA ALA A 843 28.06 -0.03 31.37
C ALA A 843 28.94 1.03 32.01
N ALA A 844 29.85 1.62 31.24
CA ALA A 844 30.68 2.72 31.76
C ALA A 844 29.84 3.94 32.11
N TYR A 845 28.85 4.26 31.28
CA TYR A 845 27.96 5.38 31.57
C TYR A 845 27.16 5.15 32.84
N THR A 846 26.60 3.96 33.02
CA THR A 846 25.79 3.70 34.20
C THR A 846 26.65 3.65 35.46
N ALA A 847 27.87 3.13 35.36
CA ALA A 847 28.78 3.14 36.50
C ALA A 847 29.16 4.57 36.88
N ALA A 848 29.38 5.43 35.89
CA ALA A 848 29.67 6.83 36.17
C ALA A 848 28.49 7.51 36.87
N LEU A 849 27.27 7.22 36.42
CA LEU A 849 26.09 7.82 37.05
C LEU A 849 25.92 7.36 38.50
N VAL A 850 26.12 6.06 38.76
CA VAL A 850 25.98 5.56 40.12
C VAL A 850 27.08 6.11 41.03
N SER A 851 28.31 6.19 40.52
CA SER A 851 29.41 6.74 41.31
C SER A 851 29.18 8.22 41.63
N GLY A 852 28.69 8.99 40.65
CA GLY A 852 28.40 10.38 40.90
C GLY A 852 27.26 10.57 41.88
N THR A 853 26.27 9.69 41.85
CA THR A 853 25.19 9.78 42.82
C THR A 853 25.67 9.42 44.22
N ALA A 854 26.57 8.46 44.33
CA ALA A 854 27.03 8.04 45.65
C ALA A 854 28.01 9.04 46.26
N THR A 855 28.77 9.74 45.44
CA THR A 855 29.84 10.57 45.96
C THR A 855 29.51 12.06 45.96
N ALA A 856 28.60 12.49 45.08
CA ALA A 856 28.33 13.93 44.97
C ALA A 856 26.89 14.26 45.31
N GLY A 857 25.94 13.48 44.83
CA GLY A 857 24.55 13.69 45.19
C GLY A 857 23.69 14.25 44.09
N TRP A 858 23.03 15.38 44.37
CA TRP A 858 22.06 15.99 43.46
C TRP A 858 22.67 17.14 42.68
N THR A 859 23.93 17.46 42.90
CA THR A 859 24.52 18.70 42.43
C THR A 859 25.18 18.56 41.07
N PHE A 860 25.60 17.36 40.68
CA PHE A 860 26.33 17.19 39.44
C PHE A 860 25.44 17.23 38.22
N GLY A 861 24.13 17.06 38.40
CA GLY A 861 23.20 17.24 37.29
C GLY A 861 23.09 18.69 36.85
N ALA A 862 23.08 19.61 37.82
CA ALA A 862 22.92 21.03 37.55
C ALA A 862 24.25 21.76 37.35
N GLY A 863 25.38 21.06 37.37
CA GLY A 863 26.66 21.69 37.14
C GLY A 863 27.84 20.80 37.48
N ALA A 864 28.85 21.36 38.13
CA ALA A 864 29.98 20.57 38.59
C ALA A 864 29.59 19.80 39.86
N ALA A 865 30.30 18.71 40.11
CA ALA A 865 30.00 17.86 41.24
C ALA A 865 30.48 18.51 42.55
N LEU A 866 29.63 18.45 43.56
CA LEU A 866 29.95 18.96 44.89
C LEU A 866 29.94 17.78 45.86
N GLN A 867 31.03 17.57 46.58
CA GLN A 867 31.13 16.41 47.47
C GLN A 867 30.30 16.60 48.72
N ILE A 868 29.71 15.50 49.19
CA ILE A 868 28.94 15.50 50.44
C ILE A 868 28.99 14.08 50.99
N PRO A 869 29.00 13.88 52.31
CA PRO A 869 28.85 12.52 52.84
C PRO A 869 27.46 11.97 52.55
N PHE A 870 27.38 10.63 52.55
CA PHE A 870 26.14 9.98 52.14
C PHE A 870 25.04 10.15 53.17
N ALA A 871 25.40 10.16 54.46
CA ALA A 871 24.41 10.33 55.50
C ALA A 871 23.75 11.70 55.43
N MET A 872 24.51 12.74 55.13
CA MET A 872 23.94 14.08 55.01
C MET A 872 23.07 14.19 53.77
N GLN A 873 23.42 13.47 52.71
CA GLN A 873 22.58 13.41 51.52
C GLN A 873 21.23 12.76 51.84
N MET A 874 21.26 11.66 52.59
CA MET A 874 20.00 11.04 53.01
C MET A 874 19.21 11.93 53.96
N ALA A 875 19.89 12.74 54.77
CA ALA A 875 19.18 13.70 55.62
C ALA A 875 18.44 14.75 54.79
N TYR A 876 19.09 15.28 53.75
CA TYR A 876 18.41 16.22 52.87
C TYR A 876 17.25 15.54 52.14
N ARG A 877 17.43 14.29 51.73
CA ARG A 877 16.36 13.61 51.02
C ARG A 877 15.19 13.27 51.95
N PHE A 878 15.42 13.11 53.25
CA PHE A 878 14.29 13.02 54.16
C PHE A 878 13.63 14.38 54.39
N ASN A 879 14.41 15.46 54.40
CA ASN A 879 13.80 16.80 54.46
C ASN A 879 12.89 17.03 53.27
N GLY A 880 13.27 16.52 52.10
CA GLY A 880 12.49 16.76 50.89
C GLY A 880 11.12 16.13 50.88
N ILE A 881 10.86 15.14 51.73
CA ILE A 881 9.56 14.48 51.76
C ILE A 881 8.76 14.86 53.01
N GLY A 882 9.24 15.80 53.80
CA GLY A 882 8.49 16.28 54.94
C GLY A 882 8.82 15.63 56.27
N VAL A 883 9.99 15.01 56.40
CA VAL A 883 10.43 14.38 57.65
C VAL A 883 11.72 15.06 58.08
N THR A 884 11.85 15.38 59.37
CA THR A 884 12.97 16.18 59.83
C THR A 884 14.27 15.38 59.78
N GLN A 885 15.38 16.10 59.94
CA GLN A 885 16.71 15.50 59.81
C GLN A 885 17.01 14.49 60.91
N ASN A 886 16.46 14.71 62.11
CA ASN A 886 16.82 13.88 63.25
C ASN A 886 16.32 12.45 63.10
N VAL A 887 15.24 12.25 62.35
CA VAL A 887 14.65 10.92 62.21
C VAL A 887 15.62 9.97 61.52
N LEU A 888 16.41 10.49 60.57
CA LEU A 888 17.44 9.67 59.95
C LEU A 888 18.56 9.34 60.94
N TYR A 889 19.04 10.34 61.68
CA TYR A 889 20.21 10.13 62.52
C TYR A 889 19.91 9.30 63.76
N GLU A 890 18.67 9.29 64.25
CA GLU A 890 18.33 8.48 65.40
C GLU A 890 18.45 6.99 65.10
N ASN A 891 17.99 6.57 63.92
CA ASN A 891 17.93 5.16 63.57
C ASN A 891 18.53 4.93 62.20
N GLN A 892 19.76 5.43 62.00
CA GLN A 892 20.45 5.28 60.73
C GLN A 892 20.74 3.82 60.38
N LYS A 893 21.12 3.02 61.38
CA LYS A 893 21.52 1.64 61.10
C LYS A 893 20.33 0.77 60.73
N GLN A 894 19.14 1.06 61.26
CA GLN A 894 17.95 0.35 60.82
C GLN A 894 17.65 0.63 59.35
N ILE A 895 17.80 1.88 58.92
CA ILE A 895 17.59 2.24 57.53
C ILE A 895 18.63 1.59 56.63
N ALA A 896 19.87 1.52 57.09
CA ALA A 896 20.92 0.86 56.32
C ALA A 896 20.64 -0.63 56.17
N ASN A 897 20.16 -1.27 57.23
CA ASN A 897 19.82 -2.69 57.16
C ASN A 897 18.65 -2.93 56.21
N GLN A 898 17.65 -2.05 56.23
CA GLN A 898 16.52 -2.18 55.32
C GLN A 898 16.95 -1.99 53.86
N PHE A 899 17.87 -1.05 53.62
CA PHE A 899 18.40 -0.84 52.27
C PHE A 899 19.12 -2.08 51.77
N ASN A 900 20.00 -2.65 52.60
CA ASN A 900 20.74 -3.86 52.19
C ASN A 900 19.80 -5.04 51.98
N LYS A 901 18.80 -5.18 52.84
CA LYS A 901 17.80 -6.24 52.70
C LYS A 901 17.01 -6.11 51.40
N ALA A 902 16.62 -4.89 51.04
CA ALA A 902 15.85 -4.71 49.81
C ALA A 902 16.71 -4.95 48.57
N ILE A 903 17.99 -4.58 48.62
CA ILE A 903 18.90 -4.91 47.51
C ILE A 903 19.04 -6.42 47.36
N SER A 904 19.17 -7.14 48.47
CA SER A 904 19.25 -8.60 48.43
C SER A 904 17.97 -9.22 47.89
N GLN A 905 16.80 -8.68 48.25
CA GLN A 905 15.55 -9.20 47.70
C GLN A 905 15.44 -8.96 46.20
N ILE A 906 15.89 -7.80 45.72
CA ILE A 906 15.88 -7.53 44.28
C ILE A 906 16.79 -8.51 43.55
N GLN A 907 17.98 -8.76 44.11
CA GLN A 907 18.89 -9.76 43.56
C GLN A 907 18.27 -11.14 43.50
N GLU A 908 17.61 -11.56 44.59
CA GLU A 908 17.00 -12.88 44.65
C GLU A 908 15.86 -13.01 43.64
N SER A 909 15.06 -11.95 43.49
CA SER A 909 13.95 -11.99 42.54
C SER A 909 14.46 -12.03 41.10
N LEU A 910 15.55 -11.32 40.81
CA LEU A 910 16.08 -11.34 39.45
C LEU A 910 16.76 -12.67 39.13
N THR A 911 17.30 -13.33 40.15
CA THR A 911 18.01 -14.59 39.96
C THR A 911 17.09 -15.69 39.45
N THR A 912 15.93 -15.85 40.09
CA THR A 912 14.99 -16.90 39.70
C THR A 912 14.35 -16.60 38.35
N THR A 913 13.86 -17.63 37.68
CA THR A 913 13.26 -17.47 36.37
C THR A 913 11.89 -16.80 36.48
N SER A 914 11.72 -15.71 35.75
CA SER A 914 10.49 -14.95 35.78
C SER A 914 10.32 -14.24 34.44
N THR A 915 9.29 -13.40 34.35
CA THR A 915 8.98 -12.65 33.14
C THR A 915 8.93 -11.16 33.45
N ALA A 916 9.79 -10.73 34.38
CA ALA A 916 9.86 -9.32 34.75
C ALA A 916 10.43 -8.46 33.62
N LEU A 917 11.26 -9.04 32.76
CA LEU A 917 11.82 -8.34 31.61
C LEU A 917 11.08 -8.68 30.32
N GLY A 918 9.76 -8.88 30.41
CA GLY A 918 9.00 -9.31 29.25
C GLY A 918 8.84 -8.23 28.20
N LYS A 919 8.91 -6.97 28.60
CA LYS A 919 8.78 -5.88 27.64
C LYS A 919 9.98 -5.76 26.72
N LEU A 920 11.12 -6.31 27.13
CA LEU A 920 12.32 -6.26 26.30
C LEU A 920 12.42 -7.44 25.35
N GLN A 921 11.84 -8.58 25.68
CA GLN A 921 11.84 -9.72 24.79
C GLN A 921 10.86 -9.53 23.64
N ASP A 922 9.79 -8.77 23.88
CA ASP A 922 8.76 -8.57 22.88
C ASP A 922 9.21 -7.68 21.74
N VAL A 923 10.18 -6.80 21.97
CA VAL A 923 10.79 -6.04 20.89
C VAL A 923 11.59 -6.95 19.97
N VAL A 924 12.42 -7.83 20.56
CA VAL A 924 13.24 -8.76 19.80
C VAL A 924 12.38 -9.72 19.00
N ASN A 925 11.34 -10.26 19.61
CA ASN A 925 10.47 -11.22 18.93
C ASN A 925 9.75 -10.61 17.73
N GLN A 926 9.25 -9.38 17.88
CA GLN A 926 8.50 -8.75 16.79
C GLN A 926 9.37 -8.45 15.59
N ASN A 927 10.60 -7.98 15.81
CA ASN A 927 11.50 -7.73 14.68
C ASN A 927 11.87 -9.02 13.96
N ALA A 928 12.11 -10.10 14.72
CA ALA A 928 12.42 -11.39 14.11
C ALA A 928 11.26 -11.92 13.29
N GLN A 929 10.03 -11.78 13.80
CA GLN A 929 8.86 -12.23 13.05
C GLN A 929 8.68 -11.45 11.76
N ALA A 930 8.90 -10.13 11.81
CA ALA A 930 8.75 -9.33 10.59
C ALA A 930 9.77 -9.73 9.52
N LEU A 931 11.01 -9.95 9.93
CA LEU A 931 12.03 -10.30 8.93
C LEU A 931 11.81 -11.71 8.38
N ASN A 932 11.36 -12.64 9.22
CA ASN A 932 11.03 -13.98 8.73
C ASN A 932 9.82 -13.95 7.80
N THR A 933 8.87 -13.05 8.05
CA THR A 933 7.72 -12.93 7.16
C THR A 933 8.13 -12.40 5.78
N LEU A 934 9.07 -11.45 5.75
CA LEU A 934 9.62 -11.03 4.44
C LEU A 934 10.29 -12.18 3.71
N VAL A 935 11.07 -13.00 4.44
CA VAL A 935 11.73 -14.11 3.77
C VAL A 935 10.71 -15.12 3.25
N LYS A 936 9.67 -15.40 4.05
CA LYS A 936 8.68 -16.40 3.68
C LYS A 936 7.80 -15.94 2.52
N GLN A 937 7.56 -14.64 2.38
CA GLN A 937 6.66 -14.15 1.33
C GLN A 937 7.24 -14.25 -0.08
N LEU A 938 8.49 -14.66 -0.25
CA LEU A 938 9.07 -14.75 -1.58
C LEU A 938 8.59 -15.96 -2.36
N SER A 939 7.86 -16.87 -1.74
CA SER A 939 7.40 -18.09 -2.40
C SER A 939 6.01 -17.94 -3.00
N SER A 940 5.39 -16.78 -2.90
CA SER A 940 4.09 -16.55 -3.52
C SER A 940 4.28 -16.24 -4.99
N ASN A 941 3.37 -16.76 -5.83
CA ASN A 941 3.45 -16.47 -7.25
C ASN A 941 2.61 -15.27 -7.66
N PHE A 942 1.76 -14.75 -6.76
CA PHE A 942 0.98 -13.53 -6.96
C PHE A 942 0.10 -13.59 -8.21
N GLY A 943 -0.40 -14.77 -8.54
CA GLY A 943 -1.22 -14.94 -9.71
C GLY A 943 -0.48 -15.26 -10.99
N ALA A 944 0.85 -15.27 -10.97
CA ALA A 944 1.61 -15.65 -12.14
C ALA A 944 1.68 -17.17 -12.25
N ILE A 945 2.40 -17.66 -13.26
CA ILE A 945 2.44 -19.10 -13.51
C ILE A 945 3.34 -19.80 -12.50
N SER A 946 4.34 -19.10 -11.97
CA SER A 946 5.24 -19.68 -10.99
C SER A 946 5.87 -18.57 -10.17
N SER A 947 6.39 -18.94 -9.01
CA SER A 947 7.09 -18.00 -8.15
C SER A 947 8.58 -17.94 -8.43
N VAL A 948 9.10 -18.84 -9.25
CA VAL A 948 10.51 -18.84 -9.60
C VAL A 948 10.70 -17.98 -10.83
N LEU A 949 11.56 -16.98 -10.72
CA LEU A 949 11.75 -16.02 -11.78
C LEU A 949 12.51 -16.60 -12.97
N ASN A 950 13.29 -17.66 -12.75
CA ASN A 950 14.08 -18.28 -13.80
C ASN A 950 13.34 -19.35 -14.57
N ASP A 951 12.14 -19.74 -14.13
CA ASP A 951 11.33 -20.67 -14.90
C ASP A 951 10.35 -19.97 -15.84
N ILE A 952 10.04 -18.70 -15.58
CA ILE A 952 9.22 -17.93 -16.49
C ILE A 952 10.04 -17.49 -17.69
N LEU A 953 11.35 -17.32 -17.49
CA LEU A 953 12.23 -16.91 -18.57
C LEU A 953 12.79 -18.07 -19.36
N SER A 954 12.50 -19.31 -18.97
CA SER A 954 13.01 -20.48 -19.67
C SER A 954 12.00 -21.07 -20.64
N ARG A 955 10.72 -20.69 -20.56
CA ARG A 955 9.73 -21.28 -21.42
C ARG A 955 8.68 -20.26 -21.89
N LEU A 956 9.08 -19.01 -22.05
CA LEU A 956 8.15 -17.98 -22.51
C LEU A 956 8.93 -16.98 -23.36
N CYS A 957 8.19 -16.27 -24.20
CA CYS A 957 8.74 -15.23 -25.07
C CYS A 957 8.60 -13.88 -24.39
N LYS A 958 9.37 -12.91 -24.87
CA LYS A 958 9.56 -11.60 -24.23
C LYS A 958 8.27 -10.87 -23.89
N VAL A 959 7.37 -10.77 -24.86
CA VAL A 959 6.10 -10.07 -24.66
C VAL A 959 5.28 -10.80 -23.59
N GLU A 960 5.24 -12.12 -23.66
CA GLU A 960 4.49 -12.91 -22.70
C GLU A 960 5.24 -13.17 -21.40
N ALA A 961 6.54 -12.91 -21.35
CA ALA A 961 7.30 -13.10 -20.12
C ALA A 961 7.31 -11.84 -19.27
N GLU A 962 7.32 -10.66 -19.91
CA GLU A 962 7.29 -9.42 -19.17
C GLU A 962 5.98 -9.24 -18.41
N VAL A 963 4.87 -9.71 -19.00
CA VAL A 963 3.57 -9.63 -18.35
C VAL A 963 3.56 -10.48 -17.07
N GLN A 964 4.20 -11.65 -17.11
CA GLN A 964 4.25 -12.48 -15.92
C GLN A 964 5.24 -11.96 -14.90
N ILE A 965 6.34 -11.35 -15.34
CA ILE A 965 7.35 -10.86 -14.41
C ILE A 965 6.85 -9.63 -13.68
N ASP A 966 6.06 -8.78 -14.35
CA ASP A 966 5.58 -7.55 -13.73
C ASP A 966 4.66 -7.81 -12.55
N ARG A 967 3.91 -8.90 -12.57
CA ARG A 967 3.08 -9.25 -11.42
C ARG A 967 3.93 -9.58 -10.20
N LEU A 968 5.02 -10.34 -10.39
CA LEU A 968 5.92 -10.64 -9.30
C LEU A 968 6.61 -9.38 -8.78
N ILE A 969 6.99 -8.48 -9.69
CA ILE A 969 7.64 -7.24 -9.30
C ILE A 969 6.71 -6.38 -8.45
N THR A 970 5.45 -6.27 -8.87
CA THR A 970 4.48 -5.49 -8.11
C THR A 970 4.20 -6.12 -6.75
N GLY A 971 4.06 -7.44 -6.69
CA GLY A 971 3.80 -8.11 -5.43
C GLY A 971 4.93 -7.95 -4.43
N ARG A 972 6.17 -8.11 -4.89
CA ARG A 972 7.30 -7.96 -3.99
C ARG A 972 7.51 -6.51 -3.57
N LEU A 973 7.24 -5.56 -4.47
CA LEU A 973 7.33 -4.14 -4.11
C LEU A 973 6.33 -3.79 -3.02
N GLN A 974 5.09 -4.27 -3.14
CA GLN A 974 4.11 -3.91 -2.13
C GLN A 974 4.32 -4.67 -0.82
N SER A 975 4.89 -5.88 -0.87
CA SER A 975 5.29 -6.55 0.36
C SER A 975 6.37 -5.78 1.10
N LEU A 976 7.37 -5.29 0.37
CA LEU A 976 8.46 -4.55 1.01
C LEU A 976 7.97 -3.19 1.54
N GLN A 977 7.00 -2.59 0.86
CA GLN A 977 6.36 -1.37 1.34
C GLN A 977 5.59 -1.61 2.64
N THR A 978 4.89 -2.73 2.74
CA THR A 978 4.21 -3.07 4.00
C THR A 978 5.21 -3.20 5.14
N TYR A 979 6.34 -3.85 4.87
CA TYR A 979 7.37 -3.98 5.90
C TYR A 979 7.89 -2.63 6.38
N VAL A 980 8.19 -1.72 5.44
CA VAL A 980 8.78 -0.46 5.88
C VAL A 980 7.75 0.42 6.61
N THR A 981 6.46 0.32 6.25
CA THR A 981 5.45 1.09 6.98
C THR A 981 5.30 0.59 8.42
N GLN A 982 5.27 -0.73 8.60
CA GLN A 982 5.18 -1.28 9.96
C GLN A 982 6.40 -0.89 10.79
N GLN A 983 7.58 -0.88 10.16
CA GLN A 983 8.78 -0.48 10.88
C GLN A 983 8.73 0.97 11.31
N LEU A 984 8.18 1.85 10.46
CA LEU A 984 8.07 3.26 10.84
C LEU A 984 7.15 3.46 12.04
N ILE A 985 6.02 2.75 12.07
CA ILE A 985 5.10 2.90 13.20
C ILE A 985 5.74 2.38 14.49
N ARG A 986 6.39 1.21 14.42
CA ARG A 986 7.06 0.66 15.60
C ARG A 986 8.19 1.56 16.09
N ALA A 987 8.91 2.19 15.16
CA ALA A 987 9.97 3.13 15.54
C ALA A 987 9.41 4.34 16.26
N ALA A 988 8.24 4.83 15.84
CA ALA A 988 7.62 5.94 16.57
C ALA A 988 7.27 5.57 18.00
N GLU A 989 6.74 4.35 18.20
CA GLU A 989 6.43 3.92 19.56
C GLU A 989 7.69 3.79 20.43
N ILE A 990 8.77 3.24 19.85
CA ILE A 990 10.03 3.11 20.57
C ILE A 990 10.59 4.48 20.94
N ARG A 991 10.44 5.46 20.04
CA ARG A 991 10.92 6.81 20.32
C ARG A 991 10.17 7.44 21.48
N ALA A 992 8.86 7.24 21.54
CA ALA A 992 8.10 7.76 22.69
C ALA A 992 8.56 7.14 24.00
N SER A 993 8.79 5.82 24.00
CA SER A 993 9.30 5.16 25.21
C SER A 993 10.67 5.69 25.61
N ALA A 994 11.55 5.93 24.63
CA ALA A 994 12.88 6.44 24.93
C ALA A 994 12.85 7.86 25.46
N ASN A 995 11.91 8.68 24.98
CA ASN A 995 11.75 10.03 25.52
C ASN A 995 11.31 9.99 26.97
N LEU A 996 10.39 9.09 27.31
CA LEU A 996 10.01 8.95 28.71
C LEU A 996 11.17 8.46 29.57
N ALA A 997 11.99 7.55 29.04
CA ALA A 997 13.15 7.07 29.79
C ALA A 997 14.16 8.17 30.03
N ALA A 998 14.38 9.02 29.03
CA ALA A 998 15.30 10.14 29.18
C ALA A 998 14.81 11.14 30.23
N THR A 999 13.52 11.47 30.21
CA THR A 999 13.05 12.42 31.22
C THR A 999 13.03 11.80 32.61
N LYS A 1000 12.83 10.47 32.70
CA LYS A 1000 12.87 9.82 34.00
C LYS A 1000 14.28 9.79 34.56
N MET A 1001 15.28 9.54 33.70
CA MET A 1001 16.67 9.60 34.13
C MET A 1001 17.04 11.01 34.57
N SER A 1002 16.56 12.02 33.85
CA SER A 1002 16.89 13.39 34.20
C SER A 1002 16.26 13.80 35.52
N GLU A 1003 14.99 13.43 35.76
CA GLU A 1003 14.27 13.96 36.91
C GLU A 1003 14.31 13.06 38.14
N CYS A 1004 14.79 11.82 38.04
CA CYS A 1004 14.81 10.95 39.19
C CYS A 1004 16.17 10.42 39.58
N VAL A 1005 17.16 10.48 38.71
CA VAL A 1005 18.52 10.08 39.04
C VAL A 1005 19.39 11.29 39.36
N LEU A 1006 19.24 12.37 38.62
CA LEU A 1006 19.98 13.60 38.88
C LEU A 1006 19.29 14.51 39.88
N GLY A 1007 18.17 14.09 40.45
CA GLY A 1007 17.48 14.92 41.41
C GLY A 1007 16.46 14.13 42.18
N GLN A 1008 15.59 14.86 42.87
CA GLN A 1008 14.48 14.27 43.61
C GLN A 1008 13.18 14.87 43.07
N SER A 1009 12.18 14.02 42.85
CA SER A 1009 10.93 14.44 42.23
C SER A 1009 9.79 14.40 43.22
N LYS A 1010 8.92 15.40 43.15
CA LYS A 1010 7.73 15.46 43.99
C LYS A 1010 6.46 15.07 43.25
N ARG A 1011 6.59 14.63 42.00
CA ARG A 1011 5.44 14.14 41.27
C ARG A 1011 5.01 12.77 41.80
N VAL A 1012 3.71 12.57 41.91
CA VAL A 1012 3.18 11.37 42.56
C VAL A 1012 3.23 10.21 41.59
N ASP A 1013 3.81 9.10 42.03
CA ASP A 1013 3.94 7.84 41.29
C ASP A 1013 4.69 7.98 39.98
N PHE A 1014 5.52 9.02 39.85
CA PHE A 1014 6.35 9.14 38.66
C PHE A 1014 7.55 8.21 38.73
N CYS A 1015 8.04 7.94 39.94
CA CYS A 1015 9.23 7.14 40.13
C CYS A 1015 9.02 6.14 41.27
N GLY A 1016 7.92 5.41 41.23
CA GLY A 1016 7.68 4.34 42.17
C GLY A 1016 6.50 4.62 43.08
N LYS A 1017 6.26 3.67 43.97
CA LYS A 1017 5.15 3.74 44.93
C LYS A 1017 5.70 4.16 46.28
N GLY A 1018 5.30 5.33 46.73
CA GLY A 1018 5.78 5.90 47.97
C GLY A 1018 6.36 7.27 47.71
N TYR A 1019 7.04 7.80 48.73
CA TYR A 1019 7.73 9.07 48.60
C TYR A 1019 9.15 8.81 48.09
N HIS A 1020 9.48 9.42 46.95
CA HIS A 1020 10.75 9.15 46.29
C HIS A 1020 11.90 9.70 47.09
N LEU A 1021 12.96 8.90 47.24
CA LEU A 1021 14.20 9.37 47.84
C LEU A 1021 15.32 9.49 46.82
N MET A 1022 15.67 8.39 46.14
CA MET A 1022 16.73 8.42 45.15
C MET A 1022 16.60 7.18 44.27
N SER A 1023 17.39 7.13 43.21
CA SER A 1023 17.16 6.15 42.16
C SER A 1023 18.48 5.83 41.46
N PHE A 1024 18.56 4.62 40.89
CA PHE A 1024 19.77 4.11 40.27
C PHE A 1024 19.47 3.53 38.89
N PRO A 1025 20.27 3.83 37.88
CA PRO A 1025 20.08 3.20 36.56
C PRO A 1025 20.93 1.97 36.33
N GLN A 1026 20.41 1.00 35.58
CA GLN A 1026 21.15 -0.19 35.17
C GLN A 1026 20.85 -0.46 33.70
N ALA A 1027 21.86 -0.98 33.00
CA ALA A 1027 21.71 -1.24 31.58
C ALA A 1027 21.10 -2.62 31.35
N ALA A 1028 20.34 -2.74 30.28
CA ALA A 1028 19.69 -3.99 29.90
C ALA A 1028 19.74 -4.07 28.38
N PRO A 1029 19.62 -5.28 27.82
CA PRO A 1029 19.62 -5.41 26.35
C PRO A 1029 18.53 -4.60 25.66
N HIS A 1030 18.96 -3.58 24.92
CA HIS A 1030 18.10 -2.59 24.27
C HIS A 1030 17.19 -1.87 25.26
N GLY A 1031 17.69 -1.58 26.45
CA GLY A 1031 16.82 -0.89 27.39
C GLY A 1031 17.52 -0.49 28.67
N VAL A 1032 16.73 0.10 29.56
CA VAL A 1032 17.22 0.57 30.85
C VAL A 1032 16.31 0.04 31.95
N VAL A 1033 16.87 -0.10 33.15
CA VAL A 1033 16.15 -0.57 34.33
C VAL A 1033 16.42 0.41 35.46
N PHE A 1034 15.37 0.97 36.03
CA PHE A 1034 15.50 1.93 37.12
C PHE A 1034 15.16 1.24 38.43
N LEU A 1035 16.00 1.44 39.44
CA LEU A 1035 15.72 0.99 40.81
C LEU A 1035 15.43 2.23 41.63
N HIS A 1036 14.18 2.38 42.06
CA HIS A 1036 13.77 3.51 42.89
C HIS A 1036 13.69 3.07 44.34
N VAL A 1037 14.28 3.86 45.25
CA VAL A 1037 14.10 3.62 46.68
C VAL A 1037 13.00 4.57 47.14
N THR A 1038 12.16 4.10 48.06
CA THR A 1038 11.01 4.87 48.49
C THR A 1038 10.79 4.66 49.98
N TYR A 1039 10.21 5.69 50.59
CA TYR A 1039 9.85 5.71 52.00
C TYR A 1039 8.38 5.34 52.11
N VAL A 1040 8.06 4.28 52.84
CA VAL A 1040 6.69 3.80 52.97
C VAL A 1040 6.27 3.94 54.44
N PRO A 1041 5.26 4.76 54.75
CA PRO A 1041 4.79 4.84 56.14
C PRO A 1041 4.08 3.57 56.57
N SER A 1042 4.15 3.27 57.87
CA SER A 1042 3.59 2.04 58.40
C SER A 1042 3.19 2.20 59.86
N GLN A 1043 2.44 1.22 60.37
CA GLN A 1043 1.99 1.14 61.75
C GLN A 1043 1.23 2.37 62.21
N GLU A 1044 0.09 2.62 61.58
CA GLU A 1044 -0.78 3.76 61.86
C GLU A 1044 -1.41 3.64 63.25
N ARG A 1045 -1.70 4.80 63.84
CA ARG A 1045 -2.35 4.88 65.14
C ARG A 1045 -3.47 5.91 65.09
N ASN A 1046 -4.46 5.70 65.96
CA ASN A 1046 -5.62 6.58 66.07
C ASN A 1046 -5.35 7.67 67.10
N PHE A 1047 -5.75 8.90 66.77
CA PHE A 1047 -5.64 10.02 67.68
C PHE A 1047 -6.88 10.90 67.55
N THR A 1048 -7.16 11.66 68.61
CA THR A 1048 -8.19 12.67 68.60
C THR A 1048 -7.55 14.03 68.33
N THR A 1049 -8.10 14.77 67.37
CA THR A 1049 -7.46 15.98 66.89
C THR A 1049 -8.44 17.15 66.95
N ALA A 1050 -7.87 18.35 66.86
CA ALA A 1050 -8.63 19.59 66.85
C ALA A 1050 -8.01 20.54 65.84
N PRO A 1051 -8.82 21.41 65.23
CA PRO A 1051 -8.24 22.37 64.27
C PRO A 1051 -7.39 23.45 64.93
N ALA A 1052 -7.77 23.92 66.12
CA ALA A 1052 -7.03 24.99 66.78
C ALA A 1052 -7.31 24.91 68.27
N ILE A 1053 -6.51 25.65 69.05
CA ILE A 1053 -6.74 25.85 70.47
C ILE A 1053 -6.68 27.35 70.74
N CYS A 1054 -7.35 27.79 71.81
CA CYS A 1054 -7.23 29.17 72.25
C CYS A 1054 -6.96 29.22 73.74
N HIS A 1055 -6.06 30.11 74.13
CA HIS A 1055 -5.59 30.19 75.51
C HIS A 1055 -6.35 31.24 76.31
N GLU A 1056 -6.30 32.49 75.88
CA GLU A 1056 -6.92 33.61 76.59
C GLU A 1056 -7.72 34.46 75.62
N GLY A 1057 -8.56 33.80 74.82
CA GLY A 1057 -9.34 34.50 73.83
C GLY A 1057 -8.61 34.78 72.55
N LYS A 1058 -7.47 34.12 72.34
CA LYS A 1058 -6.70 34.24 71.10
C LYS A 1058 -6.47 32.84 70.55
N ALA A 1059 -6.91 32.61 69.32
CA ALA A 1059 -6.79 31.30 68.69
C ALA A 1059 -5.36 31.04 68.24
N TYR A 1060 -4.88 29.83 68.49
CA TYR A 1060 -3.54 29.42 68.08
C TYR A 1060 -3.64 28.32 67.04
N PHE A 1061 -3.01 28.53 65.89
CA PHE A 1061 -2.94 27.54 64.84
C PHE A 1061 -1.53 26.97 64.74
N PRO A 1062 -1.39 25.69 64.40
CA PRO A 1062 -0.04 25.13 64.24
C PRO A 1062 0.62 25.65 62.97
N ARG A 1063 1.95 25.68 63.00
CA ARG A 1063 2.70 26.12 61.83
C ARG A 1063 2.87 24.97 60.83
N GLU A 1064 3.68 23.97 61.17
CA GLU A 1064 3.69 22.69 60.47
C GLU A 1064 3.26 21.62 61.47
N GLY A 1065 2.25 20.84 61.10
CA GLY A 1065 1.83 19.71 61.89
C GLY A 1065 0.37 19.77 62.25
N VAL A 1066 -0.04 18.87 63.13
CA VAL A 1066 -1.40 18.79 63.63
C VAL A 1066 -1.36 18.64 65.14
N PHE A 1067 -2.43 19.09 65.80
CA PHE A 1067 -2.63 18.85 67.22
C PHE A 1067 -3.21 17.45 67.43
N VAL A 1068 -2.64 16.70 68.38
CA VAL A 1068 -3.11 15.36 68.68
C VAL A 1068 -3.25 15.18 70.17
N PHE A 1069 -4.06 14.19 70.54
CA PHE A 1069 -4.37 13.84 71.93
C PHE A 1069 -3.91 12.40 72.17
N ASN A 1070 -2.80 12.24 72.89
CA ASN A 1070 -2.31 10.89 73.21
C ASN A 1070 -3.21 10.19 74.21
N GLY A 1071 -4.01 10.95 74.96
CA GLY A 1071 -4.85 10.38 75.99
C GLY A 1071 -4.75 11.18 77.28
N THR A 1072 -3.65 11.92 77.44
CA THR A 1072 -3.44 12.74 78.62
C THR A 1072 -3.44 14.23 78.29
N SER A 1073 -2.60 14.66 77.36
CA SER A 1073 -2.46 16.06 77.02
C SER A 1073 -2.43 16.22 75.52
N TRP A 1074 -2.23 17.45 75.06
CA TRP A 1074 -2.25 17.76 73.63
C TRP A 1074 -0.86 18.12 73.14
N PHE A 1075 -0.43 17.45 72.07
CA PHE A 1075 0.87 17.66 71.48
C PHE A 1075 0.70 18.11 70.04
N ILE A 1076 1.83 18.43 69.40
CA ILE A 1076 1.84 18.78 67.98
C ILE A 1076 2.82 17.85 67.27
N THR A 1077 2.37 17.25 66.18
CA THR A 1077 3.19 16.29 65.44
C THR A 1077 3.25 16.66 63.96
N GLN A 1078 4.29 16.16 63.31
CA GLN A 1078 4.31 16.16 61.85
C GLN A 1078 3.37 15.07 61.32
N ARG A 1079 2.97 15.21 60.07
CA ARG A 1079 1.97 14.31 59.52
C ARG A 1079 2.54 12.92 59.26
N ASN A 1080 3.73 12.83 58.67
CA ASN A 1080 4.23 11.56 58.18
C ASN A 1080 4.77 10.67 59.28
N PHE A 1081 5.35 11.24 60.33
CA PHE A 1081 5.94 10.48 61.40
C PHE A 1081 5.37 10.94 62.73
N PHE A 1082 5.38 10.06 63.71
CA PHE A 1082 4.84 10.37 65.04
C PHE A 1082 5.99 10.76 65.96
N SER A 1083 6.14 12.06 66.20
CA SER A 1083 7.10 12.58 67.17
C SER A 1083 6.45 13.74 67.90
N PRO A 1084 5.86 13.48 69.07
CA PRO A 1084 5.10 14.53 69.75
C PRO A 1084 5.99 15.58 70.38
N GLN A 1085 5.54 16.83 70.29
CA GLN A 1085 6.24 17.97 70.86
C GLN A 1085 5.28 18.78 71.71
N ILE A 1086 5.83 19.52 72.66
CA ILE A 1086 5.04 20.34 73.56
C ILE A 1086 4.54 21.57 72.80
N ILE A 1087 3.28 21.95 73.03
CA ILE A 1087 2.73 23.14 72.41
C ILE A 1087 3.45 24.36 72.97
N THR A 1088 4.01 25.17 72.08
CA THR A 1088 4.87 26.27 72.48
C THR A 1088 4.50 27.46 71.59
N THR A 1089 5.00 28.65 71.91
CA THR A 1089 4.66 29.84 71.15
C THR A 1089 5.36 29.88 69.79
N ASP A 1090 6.51 29.21 69.66
CA ASP A 1090 7.28 29.35 68.42
C ASP A 1090 6.68 28.54 67.28
N ASN A 1091 6.10 27.37 67.57
CA ASN A 1091 5.55 26.52 66.53
C ASN A 1091 4.06 26.73 66.30
N THR A 1092 3.48 27.78 66.88
CA THR A 1092 2.10 28.17 66.64
C THR A 1092 2.06 29.64 66.28
N PHE A 1093 0.99 30.06 65.63
CA PHE A 1093 0.78 31.47 65.35
C PHE A 1093 -0.65 31.86 65.68
N VAL A 1094 -0.84 33.14 65.98
CA VAL A 1094 -2.08 33.67 66.53
C VAL A 1094 -2.89 34.34 65.42
N SER A 1095 -4.21 34.13 65.44
CA SER A 1095 -5.08 34.80 64.49
C SER A 1095 -6.47 34.95 65.12
N GLY A 1096 -6.77 36.14 65.60
CA GLY A 1096 -8.13 36.49 66.01
C GLY A 1096 -8.57 35.83 67.30
N ASN A 1097 -9.87 35.94 67.56
CA ASN A 1097 -10.51 35.40 68.74
C ASN A 1097 -11.08 34.01 68.43
N CYS A 1098 -11.31 33.24 69.50
CA CYS A 1098 -11.81 31.87 69.33
C CYS A 1098 -13.33 31.85 69.49
N ASP A 1099 -13.99 32.51 68.56
CA ASP A 1099 -15.44 32.44 68.48
C ASP A 1099 -15.95 32.22 67.07
N VAL A 1100 -15.08 32.00 66.09
CA VAL A 1100 -15.50 31.79 64.72
C VAL A 1100 -15.04 30.43 64.19
N VAL A 1101 -13.97 29.88 64.77
CA VAL A 1101 -13.49 28.57 64.35
C VAL A 1101 -14.42 27.49 64.88
N ILE A 1102 -14.77 26.54 64.02
CA ILE A 1102 -15.71 25.49 64.34
C ILE A 1102 -14.92 24.30 64.87
N GLY A 1103 -15.10 23.98 66.14
CA GLY A 1103 -14.45 22.83 66.73
C GLY A 1103 -13.18 23.14 67.51
N ILE A 1104 -13.06 24.35 68.03
CA ILE A 1104 -11.86 24.75 68.76
C ILE A 1104 -12.00 24.33 70.22
N ILE A 1105 -10.89 23.88 70.80
CA ILE A 1105 -10.85 23.40 72.17
C ILE A 1105 -9.99 24.35 72.98
N ASN A 1106 -10.11 24.26 74.30
CA ASN A 1106 -9.39 25.15 75.18
C ASN A 1106 -8.21 24.43 75.84
N ASN A 1107 -7.10 25.14 76.01
CA ASN A 1107 -5.85 24.54 76.48
C ASN A 1107 -4.89 25.64 76.91
N THR A 1108 -3.66 25.23 77.23
CA THR A 1108 -2.61 26.14 77.67
C THR A 1108 -1.45 26.07 76.70
N VAL A 1109 -0.78 27.21 76.50
CA VAL A 1109 0.35 27.31 75.59
C VAL A 1109 1.59 27.69 76.39
N TYR A 1110 2.62 26.86 76.30
CA TYR A 1110 3.90 27.16 76.94
C TYR A 1110 4.58 28.30 76.19
N ASP A 1111 5.21 29.19 76.95
CA ASP A 1111 6.05 30.24 76.39
C ASP A 1111 7.48 30.08 76.89
N PRO A 1112 8.50 30.27 76.03
CA PRO A 1112 9.89 30.01 76.45
C PRO A 1112 10.45 30.98 77.48
N LEU A 1113 9.62 31.94 77.91
CA LEU A 1113 9.95 32.95 78.91
C LEU A 1113 9.78 32.35 80.30
N GLN A 1114 9.55 33.20 81.31
CA GLN A 1114 9.55 32.94 82.76
C GLN A 1114 10.85 32.28 83.24
N PRO A 1115 11.94 33.06 83.33
CA PRO A 1115 13.21 32.56 83.85
C PRO A 1115 13.23 32.48 85.37
N THR B 21 -38.91 32.49 -30.69
CA THR B 21 -38.53 32.93 -29.35
C THR B 21 -37.74 31.84 -28.64
N GLN B 22 -37.11 32.20 -27.52
CA GLN B 22 -36.31 31.28 -26.74
C GLN B 22 -36.81 31.26 -25.29
N HIS B 23 -36.86 30.08 -24.70
CA HIS B 23 -37.31 29.87 -23.34
C HIS B 23 -36.16 29.26 -22.53
N THR B 24 -36.47 28.87 -21.30
CA THR B 24 -35.50 28.19 -20.43
C THR B 24 -36.08 26.87 -19.94
N SER B 25 -35.27 25.82 -19.99
CA SER B 25 -35.64 24.50 -19.48
C SER B 25 -35.08 24.37 -18.08
N SER B 26 -35.93 24.57 -17.08
CA SER B 26 -35.50 24.61 -15.68
C SER B 26 -35.65 23.21 -15.09
N MET B 27 -34.52 22.52 -14.92
CA MET B 27 -34.44 21.21 -14.25
C MET B 27 -35.32 20.15 -14.92
N ARG B 28 -35.33 20.16 -16.25
CA ARG B 28 -36.15 19.27 -17.06
C ARG B 28 -35.27 18.25 -17.76
N GLY B 29 -35.92 17.22 -18.31
CA GLY B 29 -35.24 16.28 -19.19
C GLY B 29 -34.28 15.34 -18.52
N VAL B 30 -34.75 14.57 -17.55
CA VAL B 30 -33.95 13.58 -16.85
C VAL B 30 -34.56 12.21 -17.11
N TYR B 31 -33.76 11.28 -17.59
CA TYR B 31 -34.23 9.95 -17.96
C TYR B 31 -33.41 8.89 -17.25
N TYR B 32 -33.75 7.63 -17.50
CA TYR B 32 -33.00 6.50 -16.99
C TYR B 32 -31.95 6.11 -18.02
N PRO B 33 -30.66 6.23 -17.70
CA PRO B 33 -29.64 5.83 -18.68
C PRO B 33 -29.21 4.37 -18.54
N ASP B 34 -29.91 3.61 -17.69
CA ASP B 34 -29.55 2.22 -17.43
C ASP B 34 -30.75 1.44 -16.88
N GLU B 35 -30.55 0.16 -16.56
CA GLU B 35 -31.64 -0.64 -16.04
C GLU B 35 -31.09 -1.69 -15.08
N ILE B 36 -31.10 -1.34 -13.79
CA ILE B 36 -30.83 -2.25 -12.67
C ILE B 36 -31.75 -1.80 -11.54
N PHE B 37 -32.41 -2.74 -10.85
CA PHE B 37 -33.25 -2.38 -9.70
C PHE B 37 -32.30 -1.96 -8.58
N ARG B 38 -32.40 -0.69 -8.20
CA ARG B 38 -31.45 -0.06 -7.28
C ARG B 38 -32.23 0.53 -6.11
N SER B 39 -31.81 0.20 -4.89
CA SER B 39 -32.35 0.83 -3.68
C SER B 39 -31.66 2.17 -3.44
N ASP B 40 -31.73 2.66 -2.20
CA ASP B 40 -31.20 3.98 -1.82
C ASP B 40 -29.74 4.16 -2.21
N THR B 41 -29.49 5.01 -3.21
CA THR B 41 -28.15 5.16 -3.80
C THR B 41 -27.99 6.55 -4.41
N LEU B 42 -26.74 6.90 -4.70
CA LEU B 42 -26.36 8.09 -5.45
C LEU B 42 -25.34 7.66 -6.48
N TYR B 43 -25.47 8.16 -7.71
CA TYR B 43 -24.64 7.64 -8.79
C TYR B 43 -24.16 8.88 -9.53
N LEU B 44 -22.86 8.99 -9.77
CA LEU B 44 -22.33 10.11 -10.56
C LEU B 44 -21.88 9.60 -11.92
N THR B 45 -22.31 10.29 -12.99
CA THR B 45 -21.95 9.85 -14.34
C THR B 45 -21.82 11.05 -15.26
N GLN B 46 -21.17 10.84 -16.39
CA GLN B 46 -21.18 11.77 -17.50
C GLN B 46 -21.78 11.09 -18.72
N ASP B 47 -22.67 11.80 -19.40
CA ASP B 47 -23.49 11.22 -20.46
C ASP B 47 -24.15 12.36 -21.21
N LEU B 48 -24.87 12.01 -22.28
CA LEU B 48 -25.67 12.99 -23.02
C LEU B 48 -26.90 13.31 -22.20
N PHE B 49 -26.92 14.49 -21.59
CA PHE B 49 -28.05 14.96 -20.81
C PHE B 49 -28.45 16.35 -21.27
N LEU B 50 -29.57 16.83 -20.73
CA LEU B 50 -30.01 18.19 -20.99
C LEU B 50 -29.50 19.09 -19.88
N PRO B 51 -28.68 20.10 -20.18
CA PRO B 51 -28.15 20.97 -19.13
C PRO B 51 -29.25 21.80 -18.48
N PHE B 52 -29.08 22.03 -17.18
CA PHE B 52 -30.08 22.75 -16.40
C PHE B 52 -30.05 24.24 -16.75
N TYR B 53 -31.25 24.82 -16.83
CA TYR B 53 -31.46 26.25 -17.14
C TYR B 53 -30.80 26.63 -18.46
N SER B 54 -30.91 25.74 -19.45
CA SER B 54 -30.36 25.97 -20.78
C SER B 54 -31.46 26.41 -21.74
N ASN B 55 -31.05 26.95 -22.88
CA ASN B 55 -31.99 27.47 -23.85
C ASN B 55 -32.74 26.33 -24.55
N VAL B 56 -34.02 26.53 -24.78
CA VAL B 56 -34.80 25.70 -25.67
C VAL B 56 -35.44 26.60 -26.72
N THR B 57 -35.73 26.03 -27.88
CA THR B 57 -36.38 26.79 -28.94
C THR B 57 -37.84 26.41 -29.01
N GLY B 58 -38.71 27.41 -29.01
CA GLY B 58 -40.14 27.20 -28.94
C GLY B 58 -40.81 27.49 -30.27
N PHE B 59 -41.86 26.72 -30.58
CA PHE B 59 -42.69 26.95 -31.75
C PHE B 59 -44.14 26.91 -31.30
N HIS B 60 -44.85 28.02 -31.52
CA HIS B 60 -46.23 28.14 -31.11
C HIS B 60 -47.18 28.04 -32.30
N ASN B 68 -43.59 24.22 -40.83
CA ASN B 68 -42.74 23.29 -40.10
C ASN B 68 -41.33 23.24 -40.70
N PRO B 69 -40.35 23.69 -39.92
CA PRO B 69 -38.97 23.63 -40.40
C PRO B 69 -38.33 22.28 -40.12
N VAL B 70 -37.23 22.02 -40.81
CA VAL B 70 -36.47 20.79 -40.61
C VAL B 70 -35.44 21.03 -39.51
N ILE B 71 -35.81 20.65 -38.30
CA ILE B 71 -34.97 20.88 -37.12
C ILE B 71 -33.83 19.86 -37.12
N PRO B 72 -32.58 20.28 -36.95
CA PRO B 72 -31.48 19.32 -36.93
C PRO B 72 -31.51 18.43 -35.70
N PHE B 73 -30.97 17.23 -35.87
CA PHE B 73 -30.86 16.20 -34.83
C PHE B 73 -29.38 15.98 -34.60
N LYS B 74 -28.81 16.66 -33.61
CA LYS B 74 -27.36 16.62 -33.43
C LYS B 74 -26.90 15.37 -32.70
N ASP B 75 -27.28 15.25 -31.42
CA ASP B 75 -26.85 14.13 -30.60
C ASP B 75 -28.00 13.53 -29.80
N GLY B 76 -29.24 13.80 -30.19
CA GLY B 76 -30.38 13.41 -29.39
C GLY B 76 -31.13 14.66 -28.98
N ILE B 77 -32.45 14.57 -28.83
CA ILE B 77 -33.25 15.75 -28.56
C ILE B 77 -34.23 15.47 -27.42
N TYR B 78 -34.66 16.56 -26.79
CA TYR B 78 -35.77 16.57 -25.85
C TYR B 78 -36.90 17.38 -26.47
N PHE B 79 -38.07 16.76 -26.58
CA PHE B 79 -39.23 17.32 -27.26
C PHE B 79 -40.37 17.45 -26.27
N ALA B 80 -40.91 18.66 -26.13
CA ALA B 80 -42.00 18.92 -25.20
C ALA B 80 -43.18 19.49 -25.95
N ALA B 81 -44.36 18.93 -25.69
CA ALA B 81 -45.59 19.34 -26.35
C ALA B 81 -46.60 19.78 -25.31
N THR B 82 -46.97 21.07 -25.35
CA THR B 82 -48.06 21.62 -24.56
C THR B 82 -49.29 21.62 -25.46
N GLU B 83 -50.27 20.77 -25.17
CA GLU B 83 -51.39 20.62 -26.07
C GLU B 83 -52.65 20.25 -25.29
N LYS B 84 -53.79 20.49 -25.93
CA LYS B 84 -55.10 20.16 -25.39
C LYS B 84 -55.97 19.38 -26.36
N SER B 85 -55.83 19.58 -27.66
CA SER B 85 -56.64 18.90 -28.67
C SER B 85 -55.85 17.88 -29.48
N ASN B 86 -54.59 17.63 -29.11
CA ASN B 86 -53.72 16.65 -29.73
C ASN B 86 -53.53 16.93 -31.22
N VAL B 87 -52.94 18.08 -31.54
CA VAL B 87 -52.81 18.48 -32.94
C VAL B 87 -51.51 17.97 -33.56
N VAL B 88 -50.56 17.54 -32.75
CA VAL B 88 -49.30 17.02 -33.25
C VAL B 88 -49.39 15.49 -33.26
N ARG B 89 -48.91 14.88 -34.34
CA ARG B 89 -49.05 13.45 -34.57
C ARG B 89 -47.71 12.87 -34.96
N GLY B 90 -46.92 12.46 -33.96
CA GLY B 90 -45.70 11.74 -34.26
C GLY B 90 -44.61 12.61 -34.88
N TRP B 91 -43.64 11.92 -35.48
CA TRP B 91 -42.43 12.55 -36.00
C TRP B 91 -41.98 11.81 -37.24
N VAL B 92 -41.10 12.45 -38.00
CA VAL B 92 -40.30 11.78 -39.02
C VAL B 92 -38.83 12.10 -38.75
N PHE B 93 -37.99 11.07 -38.74
CA PHE B 93 -36.56 11.21 -38.56
C PHE B 93 -35.86 10.73 -39.82
N GLY B 94 -34.82 11.45 -40.24
CA GLY B 94 -34.13 11.04 -41.45
C GLY B 94 -32.84 11.80 -41.64
N SER B 95 -32.21 11.55 -42.78
CA SER B 95 -30.96 12.21 -43.16
C SER B 95 -31.18 13.34 -44.15
N THR B 96 -31.78 13.04 -45.31
CA THR B 96 -31.95 14.02 -46.38
C THR B 96 -33.39 14.35 -46.69
N MET B 97 -34.36 13.66 -46.06
CA MET B 97 -35.79 13.86 -46.29
C MET B 97 -36.17 13.66 -47.75
N ASN B 98 -35.52 12.70 -48.40
CA ASN B 98 -35.81 12.37 -49.80
C ASN B 98 -36.16 10.90 -49.91
N ASN B 99 -36.35 10.41 -51.13
CA ASN B 99 -36.50 8.98 -51.35
C ASN B 99 -35.19 8.33 -51.74
N LYS B 100 -34.07 9.01 -51.53
CA LYS B 100 -32.74 8.44 -51.73
C LYS B 100 -32.12 7.93 -50.43
N SER B 101 -32.85 7.94 -49.33
CA SER B 101 -32.30 7.49 -48.06
C SER B 101 -33.44 7.02 -47.16
N GLN B 102 -33.11 6.11 -46.25
CA GLN B 102 -34.08 5.59 -45.30
C GLN B 102 -34.54 6.68 -44.34
N SER B 103 -35.82 6.64 -43.98
CA SER B 103 -36.38 7.52 -42.98
C SER B 103 -37.40 6.75 -42.16
N VAL B 104 -37.53 7.11 -40.90
CA VAL B 104 -38.45 6.43 -40.00
C VAL B 104 -39.58 7.38 -39.61
N ILE B 105 -40.81 6.86 -39.61
CA ILE B 105 -42.00 7.60 -39.25
C ILE B 105 -42.60 6.96 -38.01
N ILE B 106 -42.83 7.76 -36.97
CA ILE B 106 -43.44 7.28 -35.73
C ILE B 106 -44.68 8.13 -35.50
N ILE B 107 -45.86 7.61 -35.86
CA ILE B 107 -47.08 8.40 -35.70
C ILE B 107 -48.12 7.60 -34.94
N ASN B 108 -49.17 8.30 -34.54
CA ASN B 108 -50.27 7.74 -33.76
C ASN B 108 -51.56 8.18 -34.43
N ASN B 109 -52.18 7.31 -35.21
CA ASN B 109 -53.49 7.66 -35.73
C ASN B 109 -54.56 7.09 -34.81
N SER B 110 -55.81 7.53 -35.04
CA SER B 110 -56.93 7.46 -34.12
C SER B 110 -57.07 6.16 -33.32
N THR B 111 -56.69 5.03 -33.92
CA THR B 111 -56.77 3.75 -33.24
C THR B 111 -55.42 3.28 -32.70
N ASN B 112 -54.37 3.37 -33.50
CA ASN B 112 -53.13 2.65 -33.22
C ASN B 112 -51.91 3.55 -33.36
N VAL B 113 -50.79 3.08 -32.82
CA VAL B 113 -49.50 3.76 -32.99
C VAL B 113 -48.61 2.90 -33.89
N VAL B 114 -48.06 3.53 -34.93
CA VAL B 114 -47.33 2.82 -35.97
C VAL B 114 -45.92 3.39 -36.09
N ILE B 115 -44.96 2.50 -36.33
CA ILE B 115 -43.58 2.85 -36.63
C ILE B 115 -43.21 2.16 -37.93
N ARG B 116 -42.67 2.91 -38.88
CA ARG B 116 -42.41 2.37 -40.20
C ARG B 116 -41.14 3.00 -40.75
N ALA B 117 -40.18 2.19 -41.17
CA ALA B 117 -38.89 2.69 -41.63
C ALA B 117 -38.71 2.37 -43.11
N CYS B 118 -38.92 3.37 -43.98
CA CYS B 118 -38.88 3.13 -45.41
C CYS B 118 -38.29 4.32 -46.15
N ASN B 119 -38.24 4.19 -47.48
CA ASN B 119 -37.84 5.29 -48.37
C ASN B 119 -39.09 6.02 -48.82
N PHE B 120 -39.54 6.97 -48.03
CA PHE B 120 -40.76 7.70 -48.31
C PHE B 120 -40.45 8.87 -49.23
N GLU B 121 -41.41 9.23 -50.10
CA GLU B 121 -41.37 10.52 -50.76
C GLU B 121 -41.91 11.57 -49.79
N LEU B 122 -40.99 12.21 -49.08
CA LEU B 122 -41.38 13.17 -48.06
C LEU B 122 -41.96 14.43 -48.70
N CYS B 123 -43.23 14.69 -48.42
CA CYS B 123 -43.92 15.82 -48.99
C CYS B 123 -43.45 17.13 -48.37
N ASP B 124 -43.79 18.24 -49.02
CA ASP B 124 -43.39 19.56 -48.52
C ASP B 124 -44.09 19.90 -47.21
N ASN B 125 -45.40 19.67 -47.15
CA ASN B 125 -46.19 19.92 -45.93
C ASN B 125 -47.00 18.68 -45.60
N PRO B 126 -46.66 17.97 -44.53
CA PRO B 126 -47.43 16.79 -44.15
C PRO B 126 -48.70 17.13 -43.37
N PHE B 127 -49.60 16.16 -43.28
CA PHE B 127 -50.84 16.31 -42.53
C PHE B 127 -50.94 15.19 -41.50
N PHE B 128 -52.09 15.07 -40.84
CA PHE B 128 -52.24 14.18 -39.69
C PHE B 128 -52.05 12.71 -40.04
N MET B 141 -50.93 9.17 -46.26
CA MET B 141 -51.06 10.45 -46.95
C MET B 141 -49.79 11.29 -46.76
N ILE B 142 -48.99 10.92 -45.75
CA ILE B 142 -47.71 11.59 -45.53
C ILE B 142 -46.74 11.26 -46.66
N PHE B 143 -46.73 9.99 -47.07
CA PHE B 143 -45.84 9.50 -48.11
C PHE B 143 -46.61 9.24 -49.39
N ASP B 144 -45.96 9.46 -50.53
CA ASP B 144 -46.56 9.06 -51.80
C ASP B 144 -46.50 7.55 -51.98
N ASN B 145 -45.29 7.01 -52.02
CA ASN B 145 -45.07 5.57 -52.10
C ASN B 145 -44.14 5.15 -50.98
N ALA B 146 -43.98 3.83 -50.83
CA ALA B 146 -43.00 3.28 -49.91
C ALA B 146 -42.40 2.03 -50.55
N PHE B 147 -41.08 1.91 -50.49
CA PHE B 147 -40.41 0.82 -51.18
C PHE B 147 -39.09 0.51 -50.48
N ASN B 148 -38.56 -0.68 -50.76
CA ASN B 148 -37.21 -1.09 -50.38
C ASN B 148 -37.00 -1.05 -48.87
N CYS B 149 -37.90 -1.62 -48.08
CA CYS B 149 -37.84 -1.32 -46.67
C CYS B 149 -38.18 -2.48 -45.75
N THR B 150 -37.72 -2.31 -44.50
CA THR B 150 -37.56 -3.42 -43.56
C THR B 150 -38.47 -3.32 -42.35
N PHE B 151 -38.38 -2.24 -41.57
CA PHE B 151 -38.91 -2.24 -40.22
C PHE B 151 -40.37 -1.78 -40.19
N GLU B 152 -41.22 -2.63 -39.60
CA GLU B 152 -42.64 -2.40 -39.46
C GLU B 152 -43.03 -2.69 -38.02
N TYR B 153 -43.89 -1.84 -37.45
CA TYR B 153 -44.38 -2.10 -36.09
C TYR B 153 -45.75 -1.46 -35.92
N ILE B 154 -46.72 -2.25 -35.48
CA ILE B 154 -48.08 -1.81 -35.24
C ILE B 154 -48.40 -2.13 -33.79
N SER B 155 -48.90 -1.13 -33.04
CA SER B 155 -49.25 -1.37 -31.66
C SER B 155 -50.63 -0.82 -31.36
N ASP B 156 -51.35 -1.55 -30.51
CA ASP B 156 -52.77 -1.37 -30.25
C ASP B 156 -53.13 -0.02 -29.66
N LYS B 170 -55.58 21.21 -20.64
CA LYS B 170 -54.21 21.39 -21.12
C LYS B 170 -53.30 20.38 -20.45
N HIS B 171 -52.35 19.84 -21.22
CA HIS B 171 -51.48 18.76 -20.76
C HIS B 171 -50.19 18.72 -21.56
N LEU B 172 -49.15 18.20 -20.92
CA LEU B 172 -47.78 18.25 -21.40
C LEU B 172 -47.22 16.86 -21.65
N ARG B 173 -46.53 16.69 -22.78
CA ARG B 173 -45.84 15.45 -23.13
C ARG B 173 -44.35 15.73 -23.30
N GLU B 174 -43.51 14.89 -22.70
CA GLU B 174 -42.07 15.03 -22.85
C GLU B 174 -41.47 13.75 -23.41
N PHE B 175 -40.56 13.91 -24.35
CA PHE B 175 -39.93 12.80 -25.04
C PHE B 175 -38.44 13.04 -25.11
N VAL B 176 -37.66 11.97 -24.97
CA VAL B 176 -36.22 12.01 -25.22
C VAL B 176 -35.91 10.99 -26.31
N PHE B 177 -35.30 11.46 -27.40
CA PHE B 177 -34.89 10.61 -28.50
C PHE B 177 -33.38 10.58 -28.57
N LYS B 178 -32.81 9.37 -28.55
CA LYS B 178 -31.36 9.22 -28.53
C LYS B 178 -30.96 8.08 -29.45
N ASN B 179 -30.17 8.38 -30.47
CA ASN B 179 -29.77 7.40 -31.47
C ASN B 179 -28.32 7.01 -31.24
N LYS B 180 -28.08 5.73 -30.93
CA LYS B 180 -26.73 5.26 -30.69
C LYS B 180 -26.65 3.76 -30.92
N ASP B 181 -25.52 3.32 -31.50
CA ASP B 181 -25.18 1.90 -31.71
C ASP B 181 -26.26 1.20 -32.54
N GLY B 182 -26.78 1.93 -33.53
CA GLY B 182 -27.80 1.36 -34.39
C GLY B 182 -29.16 1.20 -33.75
N PHE B 183 -29.38 1.78 -32.58
CA PHE B 183 -30.65 1.69 -31.87
C PHE B 183 -31.18 3.10 -31.62
N LEU B 184 -32.48 3.26 -31.72
CA LEU B 184 -33.15 4.52 -31.38
C LEU B 184 -33.91 4.34 -30.08
N TYR B 185 -33.42 4.94 -29.01
CA TYR B 185 -34.08 4.91 -27.71
C TYR B 185 -35.09 6.04 -27.63
N VAL B 186 -36.30 5.72 -27.19
CA VAL B 186 -37.36 6.68 -26.97
C VAL B 186 -37.83 6.53 -25.53
N TYR B 187 -37.77 7.66 -24.79
CA TYR B 187 -38.24 7.79 -23.41
C TYR B 187 -39.40 8.78 -23.37
N LYS B 188 -40.39 8.50 -22.53
CA LYS B 188 -41.63 9.28 -22.52
C LYS B 188 -42.07 9.60 -21.09
N GLY B 189 -42.57 10.81 -20.89
CA GLY B 189 -43.21 11.20 -19.64
C GLY B 189 -44.38 12.13 -19.88
N TYR B 190 -45.28 12.19 -18.89
CA TYR B 190 -46.53 12.94 -19.00
C TYR B 190 -46.66 13.92 -17.84
N GLN B 191 -47.31 15.06 -18.10
CA GLN B 191 -47.48 16.09 -17.07
C GLN B 191 -48.87 16.72 -17.14
N PRO B 192 -49.62 16.73 -16.02
CA PRO B 192 -50.92 17.45 -15.96
C PRO B 192 -50.76 18.94 -15.66
N ILE B 193 -50.52 19.72 -16.73
CA ILE B 193 -50.17 21.13 -16.60
C ILE B 193 -51.45 21.97 -16.55
N ASP B 194 -51.36 23.19 -16.04
CA ASP B 194 -52.44 24.17 -16.14
C ASP B 194 -52.16 25.09 -17.31
N VAL B 195 -52.95 26.16 -17.44
CA VAL B 195 -52.75 27.09 -18.55
C VAL B 195 -51.49 27.93 -18.33
N VAL B 196 -50.65 27.98 -19.37
CA VAL B 196 -49.37 28.67 -19.33
C VAL B 196 -48.88 28.83 -20.77
N ARG B 197 -47.94 29.75 -21.00
CA ARG B 197 -47.30 29.91 -22.30
C ARG B 197 -45.79 29.78 -22.19
N ASP B 198 -45.33 28.87 -21.33
CA ASP B 198 -43.91 28.61 -21.14
C ASP B 198 -43.77 27.18 -20.62
N LEU B 199 -42.59 26.62 -20.80
CA LEU B 199 -42.31 25.32 -20.21
C LEU B 199 -42.22 25.48 -18.69
N PRO B 200 -43.00 24.74 -17.92
CA PRO B 200 -43.10 25.01 -16.48
C PRO B 200 -41.84 24.59 -15.75
N SER B 201 -41.61 25.21 -14.59
CA SER B 201 -40.54 24.77 -13.71
C SER B 201 -40.96 23.49 -13.01
N GLY B 202 -39.99 22.61 -12.77
CA GLY B 202 -40.25 21.37 -12.08
C GLY B 202 -39.21 20.34 -12.46
N PHE B 203 -39.45 19.10 -12.00
CA PHE B 203 -38.54 18.00 -12.24
C PHE B 203 -39.38 16.73 -12.36
N ASN B 204 -39.35 16.10 -13.54
CA ASN B 204 -40.08 14.86 -13.79
C ASN B 204 -39.17 13.90 -14.54
N THR B 205 -39.06 12.68 -14.04
CA THR B 205 -38.25 11.66 -14.67
C THR B 205 -39.01 11.02 -15.83
N LEU B 206 -38.27 10.49 -16.79
CA LEU B 206 -38.85 9.99 -18.03
C LEU B 206 -38.67 8.48 -18.10
N LYS B 207 -39.78 7.77 -18.30
CA LYS B 207 -39.76 6.32 -18.34
C LYS B 207 -39.30 5.85 -19.72
N PRO B 208 -38.41 4.86 -19.80
CA PRO B 208 -38.03 4.29 -21.11
C PRO B 208 -39.16 3.46 -21.70
N ILE B 209 -39.75 3.94 -22.78
CA ILE B 209 -40.81 3.17 -23.42
C ILE B 209 -40.26 2.16 -24.42
N PHE B 210 -39.45 2.56 -25.41
CA PHE B 210 -38.95 1.51 -26.32
C PHE B 210 -37.72 1.93 -27.12
N LYS B 211 -36.92 0.93 -27.47
CA LYS B 211 -35.76 1.06 -28.33
C LYS B 211 -36.00 0.31 -29.64
N LEU B 212 -35.61 0.93 -30.74
CA LEU B 212 -35.86 0.37 -32.06
C LEU B 212 -34.55 -0.05 -32.71
N PRO B 213 -34.48 -1.27 -33.27
CA PRO B 213 -33.27 -1.76 -33.95
C PRO B 213 -33.24 -1.41 -35.44
N LEU B 214 -32.99 -0.14 -35.71
CA LEU B 214 -32.96 0.38 -37.07
C LEU B 214 -31.65 1.15 -37.28
N GLY B 215 -30.87 0.72 -38.26
CA GLY B 215 -29.50 1.16 -38.40
C GLY B 215 -29.25 2.28 -39.39
N ILE B 216 -29.74 3.48 -39.12
CA ILE B 216 -29.58 4.61 -40.04
C ILE B 216 -29.05 5.82 -39.29
N ASN B 217 -28.33 6.68 -40.01
CA ASN B 217 -28.09 8.03 -39.51
C ASN B 217 -29.39 8.81 -39.36
N ILE B 218 -29.41 9.69 -38.36
CA ILE B 218 -30.50 10.63 -38.15
C ILE B 218 -29.83 11.98 -37.94
N THR B 219 -29.85 12.83 -38.95
CA THR B 219 -29.32 14.18 -38.83
C THR B 219 -30.40 15.25 -38.82
N ASN B 220 -31.61 14.92 -39.26
CA ASN B 220 -32.71 15.88 -39.27
C ASN B 220 -33.98 15.18 -38.79
N PHE B 221 -34.91 15.97 -38.27
CA PHE B 221 -36.23 15.45 -37.96
C PHE B 221 -37.26 16.55 -38.19
N ARG B 222 -38.51 16.14 -38.26
CA ARG B 222 -39.61 17.08 -38.50
C ARG B 222 -40.85 16.57 -37.78
N ALA B 223 -41.49 17.45 -37.02
CA ALA B 223 -42.76 17.12 -36.40
C ALA B 223 -43.87 17.15 -37.42
N ILE B 224 -44.94 16.43 -37.13
CA ILE B 224 -46.08 16.29 -38.03
C ILE B 224 -47.32 16.86 -37.34
N LEU B 225 -47.94 17.84 -37.98
CA LEU B 225 -49.06 18.57 -37.40
C LEU B 225 -50.36 18.24 -38.13
N THR B 226 -51.47 18.51 -37.46
CA THR B 226 -52.79 18.35 -38.06
C THR B 226 -53.26 19.70 -38.61
N ALA B 227 -53.66 19.71 -39.87
CA ALA B 227 -54.11 20.94 -40.51
C ALA B 227 -55.27 20.67 -41.47
N ALA B 239 -52.98 26.75 -31.04
CA ALA B 239 -53.67 26.14 -29.90
C ALA B 239 -52.68 25.38 -29.03
N ALA B 240 -51.66 24.81 -29.67
CA ALA B 240 -50.64 24.01 -28.99
C ALA B 240 -49.26 24.49 -29.39
N ALA B 241 -48.28 24.17 -28.54
CA ALA B 241 -46.91 24.59 -28.77
C ALA B 241 -45.97 23.43 -28.51
N TYR B 242 -44.78 23.47 -29.14
CA TYR B 242 -43.77 22.46 -28.87
C TYR B 242 -42.39 23.09 -28.79
N PHE B 243 -41.58 22.56 -27.89
CA PHE B 243 -40.27 23.08 -27.57
C PHE B 243 -39.22 22.00 -27.78
N VAL B 244 -38.08 22.39 -28.34
CA VAL B 244 -36.99 21.47 -28.65
C VAL B 244 -35.73 21.90 -27.91
N GLY B 245 -35.05 20.93 -27.33
CA GLY B 245 -33.77 21.19 -26.68
C GLY B 245 -32.77 20.12 -27.05
N TYR B 246 -31.50 20.52 -27.11
CA TYR B 246 -30.43 19.63 -27.54
C TYR B 246 -29.69 19.05 -26.34
N LEU B 247 -29.20 17.82 -26.51
CA LEU B 247 -28.47 17.14 -25.45
C LEU B 247 -26.97 17.35 -25.63
N LYS B 248 -26.28 17.55 -24.51
CA LYS B 248 -24.84 17.77 -24.47
C LYS B 248 -24.21 16.78 -23.50
N PRO B 249 -22.95 16.42 -23.72
CA PRO B 249 -22.26 15.54 -22.76
C PRO B 249 -21.90 16.28 -21.49
N THR B 250 -22.65 16.04 -20.41
CA THR B 250 -22.44 16.71 -19.14
C THR B 250 -22.38 15.69 -18.02
N THR B 251 -22.00 16.17 -16.84
CA THR B 251 -21.87 15.35 -15.65
C THR B 251 -23.06 15.60 -14.74
N PHE B 252 -23.80 14.54 -14.44
CA PHE B 252 -24.93 14.61 -13.52
C PHE B 252 -24.69 13.69 -12.33
N MET B 253 -25.45 13.92 -11.27
CA MET B 253 -25.50 13.00 -10.13
C MET B 253 -26.96 12.76 -9.78
N LEU B 254 -27.32 11.50 -9.58
CA LEU B 254 -28.71 11.08 -9.41
C LEU B 254 -28.88 10.34 -8.09
N LYS B 255 -30.09 10.44 -7.54
CA LYS B 255 -30.45 9.77 -6.29
C LYS B 255 -31.59 8.78 -6.54
N TYR B 256 -31.42 7.55 -6.10
CA TYR B 256 -32.40 6.49 -6.25
C TYR B 256 -32.97 6.13 -4.88
N ASP B 257 -34.30 6.09 -4.79
CA ASP B 257 -34.99 5.86 -3.54
C ASP B 257 -35.16 4.36 -3.28
N GLU B 258 -36.02 4.02 -2.31
CA GLU B 258 -36.26 2.66 -1.90
C GLU B 258 -37.33 1.96 -2.74
N ASN B 259 -37.65 2.50 -3.91
CA ASN B 259 -38.58 1.86 -4.83
C ASN B 259 -38.02 1.72 -6.23
N GLY B 260 -36.77 2.13 -6.47
CA GLY B 260 -36.17 2.02 -7.77
C GLY B 260 -36.44 3.16 -8.73
N THR B 261 -36.84 4.32 -8.22
CA THR B 261 -37.16 5.48 -9.04
C THR B 261 -36.18 6.61 -8.77
N ILE B 262 -36.12 7.54 -9.71
CA ILE B 262 -35.27 8.72 -9.58
C ILE B 262 -36.09 9.81 -8.88
N THR B 263 -35.57 10.33 -7.77
CA THR B 263 -36.26 11.35 -7.00
C THR B 263 -35.56 12.70 -7.00
N ASP B 264 -34.25 12.74 -7.24
CA ASP B 264 -33.52 14.00 -7.24
C ASP B 264 -32.26 13.87 -8.09
N ALA B 265 -31.84 14.99 -8.65
CA ALA B 265 -30.67 15.03 -9.52
C ALA B 265 -30.03 16.40 -9.45
N VAL B 266 -28.77 16.47 -9.87
CA VAL B 266 -28.06 17.75 -9.88
C VAL B 266 -27.05 17.74 -11.03
N ASP B 267 -26.83 18.92 -11.61
CA ASP B 267 -25.87 19.11 -12.70
C ASP B 267 -24.62 19.75 -12.13
N CYS B 268 -23.47 19.12 -12.39
CA CYS B 268 -22.24 19.52 -11.73
C CYS B 268 -21.56 20.71 -12.41
N SER B 269 -22.08 21.17 -13.54
CA SER B 269 -21.45 22.25 -14.28
C SER B 269 -22.22 23.56 -14.22
N GLN B 270 -23.29 23.62 -13.43
CA GLN B 270 -24.14 24.80 -13.44
C GLN B 270 -23.64 25.86 -12.45
N ASN B 271 -23.53 25.48 -11.19
CA ASN B 271 -23.23 26.40 -10.10
C ASN B 271 -22.04 25.89 -9.29
N PRO B 272 -21.29 26.78 -8.66
CA PRO B 272 -20.26 26.33 -7.71
C PRO B 272 -20.83 25.54 -6.54
N LEU B 273 -22.03 25.88 -6.09
CA LEU B 273 -22.69 25.08 -5.05
C LEU B 273 -22.99 23.67 -5.54
N ALA B 274 -23.47 23.54 -6.78
CA ALA B 274 -23.73 22.23 -7.35
C ALA B 274 -22.44 21.46 -7.58
N GLU B 275 -21.36 22.15 -7.96
CA GLU B 275 -20.06 21.50 -8.08
C GLU B 275 -19.56 21.00 -6.73
N LEU B 276 -19.82 21.76 -5.67
CA LEU B 276 -19.49 21.31 -4.32
C LEU B 276 -20.30 20.08 -3.93
N LYS B 277 -21.58 20.07 -4.28
CA LYS B 277 -22.42 18.90 -4.01
C LYS B 277 -21.92 17.67 -4.77
N CYS B 278 -21.48 17.86 -6.01
CA CYS B 278 -20.95 16.74 -6.79
C CYS B 278 -19.59 16.28 -6.28
N SER B 279 -18.78 17.20 -5.74
CA SER B 279 -17.49 16.82 -5.19
C SER B 279 -17.62 16.06 -3.87
N VAL B 280 -18.48 16.56 -2.98
CA VAL B 280 -18.73 15.87 -1.71
C VAL B 280 -19.55 14.59 -1.93
N LYS B 281 -20.30 14.55 -3.04
CA LYS B 281 -21.20 13.44 -3.39
C LYS B 281 -22.28 13.27 -2.32
N SER B 282 -22.97 14.37 -2.03
CA SER B 282 -24.10 14.38 -1.11
C SER B 282 -24.94 15.61 -1.41
N PHE B 283 -26.19 15.59 -0.94
CA PHE B 283 -27.09 16.72 -1.10
C PHE B 283 -27.08 17.65 0.10
N GLU B 284 -26.68 17.17 1.27
CA GLU B 284 -26.56 17.97 2.48
C GLU B 284 -25.10 18.24 2.79
N ILE B 285 -24.75 19.51 2.93
CA ILE B 285 -23.39 19.94 3.27
C ILE B 285 -23.47 20.85 4.48
N ASP B 286 -22.37 20.90 5.23
CA ASP B 286 -22.33 21.64 6.49
C ASP B 286 -21.59 22.97 6.33
N LYS B 287 -21.51 23.70 7.43
CA LYS B 287 -20.86 25.01 7.43
C LYS B 287 -19.35 24.85 7.31
N GLY B 288 -18.75 25.64 6.44
CA GLY B 288 -17.31 25.65 6.37
C GLY B 288 -16.83 25.86 4.95
N ILE B 289 -15.55 25.56 4.74
CA ILE B 289 -14.88 25.74 3.46
C ILE B 289 -14.38 24.39 2.97
N TYR B 290 -14.65 24.10 1.70
CA TYR B 290 -14.26 22.83 1.10
C TYR B 290 -13.52 23.10 -0.20
N GLN B 291 -12.85 22.06 -0.71
CA GLN B 291 -12.17 22.12 -1.98
C GLN B 291 -12.85 21.20 -2.97
N THR B 292 -13.02 21.68 -4.20
CA THR B 292 -13.83 21.01 -5.21
C THR B 292 -12.99 20.57 -6.39
N SER B 293 -13.60 19.74 -7.23
CA SER B 293 -12.98 19.22 -8.44
C SER B 293 -13.29 20.15 -9.61
N ASN B 294 -12.90 19.76 -10.81
CA ASN B 294 -13.12 20.56 -12.00
C ASN B 294 -14.23 19.95 -12.85
N PHE B 295 -15.47 20.33 -12.57
CA PHE B 295 -16.61 20.01 -13.42
C PHE B 295 -17.10 21.24 -14.18
N ARG B 296 -16.21 22.20 -14.40
CA ARG B 296 -16.62 23.50 -14.92
C ARG B 296 -16.66 23.54 -16.44
N VAL B 297 -15.54 23.24 -17.09
CA VAL B 297 -15.39 23.51 -18.51
C VAL B 297 -15.21 22.21 -19.28
N VAL B 298 -15.84 22.16 -20.45
CA VAL B 298 -15.69 21.07 -21.40
C VAL B 298 -15.09 21.68 -22.67
N PRO B 299 -14.06 21.07 -23.27
CA PRO B 299 -13.44 21.65 -24.47
C PRO B 299 -14.41 21.75 -25.64
N SER B 300 -14.30 22.85 -26.38
CA SER B 300 -15.12 23.10 -27.57
C SER B 300 -14.21 23.61 -28.68
N GLY B 301 -13.66 22.68 -29.46
CA GLY B 301 -12.78 23.04 -30.55
C GLY B 301 -11.94 21.86 -30.97
N ASP B 302 -11.22 22.03 -32.09
CA ASP B 302 -10.37 20.97 -32.63
C ASP B 302 -9.36 21.59 -33.57
N VAL B 303 -8.09 21.19 -33.42
CA VAL B 303 -7.00 21.67 -34.27
C VAL B 303 -6.27 20.45 -34.81
N VAL B 304 -6.15 20.37 -36.13
CA VAL B 304 -5.41 19.29 -36.81
C VAL B 304 -4.34 19.93 -37.68
N ARG B 305 -3.08 19.56 -37.44
CA ARG B 305 -1.96 20.05 -38.23
C ARG B 305 -1.15 18.86 -38.73
N PHE B 306 -0.87 18.85 -40.02
CA PHE B 306 -0.18 17.74 -40.68
C PHE B 306 0.80 18.32 -41.69
N PRO B 307 1.83 17.55 -42.06
CA PRO B 307 2.77 18.04 -43.07
C PRO B 307 2.11 18.20 -44.44
N ASN B 308 2.71 19.07 -45.24
CA ASN B 308 2.17 19.41 -46.56
C ASN B 308 2.72 18.40 -47.59
N ILE B 309 2.10 17.23 -47.60
CA ILE B 309 2.47 16.13 -48.49
C ILE B 309 1.27 15.83 -49.38
N THR B 310 1.49 15.75 -50.69
CA THR B 310 0.42 15.52 -51.64
C THR B 310 0.56 14.24 -52.46
N ASN B 311 1.75 13.64 -52.51
CA ASN B 311 1.96 12.46 -53.33
C ASN B 311 1.29 11.24 -52.71
N LEU B 312 0.94 10.29 -53.57
CA LEU B 312 0.39 9.00 -53.15
C LEU B 312 1.52 7.98 -53.08
N CYS B 313 1.44 7.08 -52.11
CA CYS B 313 2.48 6.08 -51.93
C CYS B 313 2.45 5.07 -53.08
N PRO B 314 3.60 4.54 -53.47
CA PRO B 314 3.63 3.63 -54.61
C PRO B 314 3.02 2.27 -54.31
N PHE B 315 1.69 2.23 -54.19
CA PHE B 315 1.01 0.95 -53.98
C PHE B 315 1.13 0.07 -55.21
N GLY B 316 0.96 0.64 -56.40
CA GLY B 316 1.10 -0.13 -57.63
C GLY B 316 2.50 -0.60 -57.89
N GLU B 317 3.50 0.19 -57.48
CA GLU B 317 4.89 -0.19 -57.72
C GLU B 317 5.34 -1.32 -56.80
N VAL B 318 4.82 -1.36 -55.58
CA VAL B 318 5.21 -2.39 -54.62
C VAL B 318 4.35 -3.65 -54.77
N PHE B 319 3.03 -3.49 -54.75
CA PHE B 319 2.14 -4.63 -54.77
C PHE B 319 2.01 -5.26 -56.15
N ASN B 320 2.16 -4.48 -57.21
CA ASN B 320 2.01 -4.99 -58.58
C ASN B 320 3.34 -4.81 -59.31
N ALA B 321 4.25 -5.76 -59.12
CA ALA B 321 5.54 -5.76 -59.79
C ALA B 321 5.58 -6.93 -60.78
N THR B 322 6.60 -6.94 -61.62
CA THR B 322 6.73 -8.01 -62.60
C THR B 322 7.10 -9.32 -61.91
N LYS B 323 8.09 -9.30 -61.04
CA LYS B 323 8.50 -10.49 -60.32
C LYS B 323 9.09 -10.09 -58.97
N PHE B 324 8.93 -10.97 -58.00
CA PHE B 324 9.35 -10.84 -56.62
C PHE B 324 10.55 -11.73 -56.34
N PRO B 325 11.37 -11.41 -55.35
CA PRO B 325 12.51 -12.27 -55.03
C PRO B 325 12.08 -13.52 -54.28
N SER B 326 13.04 -14.41 -54.09
CA SER B 326 12.84 -15.60 -53.27
C SER B 326 12.89 -15.22 -51.80
N VAL B 327 12.45 -16.15 -50.94
CA VAL B 327 12.35 -15.84 -49.53
C VAL B 327 13.74 -15.78 -48.88
N TYR B 328 14.70 -16.57 -49.35
CA TYR B 328 16.03 -16.52 -48.77
C TYR B 328 16.81 -15.28 -49.19
N ALA B 329 16.39 -14.60 -50.24
CA ALA B 329 17.03 -13.39 -50.75
C ALA B 329 16.01 -12.27 -50.83
N TRP B 330 15.27 -12.07 -49.73
CA TRP B 330 14.18 -11.11 -49.67
C TRP B 330 14.70 -9.68 -49.86
N GLU B 331 13.83 -8.79 -50.32
CA GLU B 331 14.28 -7.46 -50.71
C GLU B 331 13.65 -6.39 -49.83
N ARG B 332 14.46 -5.39 -49.47
CA ARG B 332 14.04 -4.30 -48.58
C ARG B 332 14.09 -2.99 -49.34
N LYS B 333 13.03 -2.18 -49.20
CA LYS B 333 12.92 -0.90 -49.90
C LYS B 333 12.42 0.16 -48.93
N LYS B 334 13.08 1.31 -48.93
CA LYS B 334 12.67 2.42 -48.06
C LYS B 334 11.55 3.22 -48.71
N ILE B 335 10.56 3.61 -47.89
CA ILE B 335 9.39 4.33 -48.37
C ILE B 335 9.30 5.64 -47.59
N SER B 336 9.21 6.75 -48.32
CA SER B 336 9.19 8.05 -47.67
C SER B 336 8.42 9.04 -48.53
N ASN B 337 7.94 10.10 -47.88
CA ASN B 337 7.39 11.30 -48.51
C ASN B 337 6.16 11.00 -49.37
N CYS B 338 5.13 10.44 -48.71
CA CYS B 338 3.87 10.16 -49.38
C CYS B 338 2.75 10.03 -48.35
N VAL B 339 1.55 9.79 -48.86
CA VAL B 339 0.33 9.68 -48.06
C VAL B 339 -0.19 8.27 -48.22
N ALA B 340 -0.35 7.55 -47.11
CA ALA B 340 -0.76 6.14 -47.12
C ALA B 340 -2.27 6.07 -47.08
N ASP B 341 -2.89 6.20 -48.25
CA ASP B 341 -4.34 6.20 -48.33
C ASP B 341 -4.94 4.80 -48.31
N TYR B 342 -4.38 3.89 -49.10
CA TYR B 342 -4.76 2.47 -49.23
C TYR B 342 -6.25 2.26 -49.53
N SER B 343 -6.96 3.32 -49.90
CA SER B 343 -8.35 3.18 -50.33
C SER B 343 -8.46 2.88 -51.81
N VAL B 344 -7.38 3.09 -52.57
CA VAL B 344 -7.35 2.73 -53.98
C VAL B 344 -7.19 1.23 -54.20
N LEU B 345 -6.83 0.49 -53.16
CA LEU B 345 -6.65 -0.95 -53.25
C LEU B 345 -7.96 -1.72 -53.07
N TYR B 346 -9.07 -1.02 -52.87
CA TYR B 346 -10.32 -1.70 -52.56
C TYR B 346 -10.99 -2.33 -53.77
N ASN B 347 -10.64 -1.91 -54.98
CA ASN B 347 -11.19 -2.51 -56.18
C ASN B 347 -10.15 -3.29 -56.98
N SER B 348 -8.90 -3.34 -56.53
CA SER B 348 -7.86 -4.03 -57.29
C SER B 348 -7.29 -5.23 -56.55
N THR B 349 -6.79 -5.05 -55.33
CA THR B 349 -6.03 -6.09 -54.63
C THR B 349 -6.79 -6.54 -53.40
N PHE B 350 -6.87 -7.85 -53.21
CA PHE B 350 -7.54 -8.45 -52.06
C PHE B 350 -6.56 -9.36 -51.35
N PHE B 351 -6.37 -9.11 -50.05
CA PHE B 351 -5.36 -9.80 -49.27
C PHE B 351 -5.98 -10.93 -48.47
N SER B 352 -5.42 -12.13 -48.62
CA SER B 352 -5.82 -13.24 -47.77
C SER B 352 -5.41 -12.99 -46.32
N THR B 353 -4.23 -12.41 -46.11
CA THR B 353 -3.71 -12.18 -44.78
C THR B 353 -3.37 -10.70 -44.61
N PHE B 354 -3.83 -10.11 -43.51
CA PHE B 354 -3.44 -8.74 -43.16
C PHE B 354 -3.54 -8.61 -41.64
N LYS B 355 -2.40 -8.49 -40.98
CA LYS B 355 -2.37 -8.46 -39.52
C LYS B 355 -1.30 -7.49 -39.04
N CYS B 356 -1.65 -6.68 -38.03
CA CYS B 356 -0.79 -5.59 -37.59
C CYS B 356 -0.43 -5.76 -36.13
N TYR B 357 0.85 -5.54 -35.82
CA TYR B 357 1.39 -5.68 -34.49
C TYR B 357 1.89 -4.33 -34.00
N GLY B 358 1.51 -3.97 -32.78
CA GLY B 358 1.94 -2.73 -32.16
C GLY B 358 0.99 -1.57 -32.33
N VAL B 359 0.09 -1.63 -33.32
CA VAL B 359 -0.93 -0.61 -33.54
C VAL B 359 -2.25 -1.30 -33.84
N CYS B 360 -3.30 -0.50 -33.88
CA CYS B 360 -4.60 -0.97 -34.33
C CYS B 360 -4.79 -0.66 -35.79
N ALA B 361 -5.52 -1.55 -36.49
CA ALA B 361 -5.75 -1.35 -37.91
C ALA B 361 -6.67 -0.17 -38.18
N THR B 362 -7.58 0.14 -37.26
CA THR B 362 -8.50 1.25 -37.45
C THR B 362 -7.88 2.60 -37.11
N LYS B 363 -6.69 2.61 -36.53
CA LYS B 363 -6.01 3.84 -36.15
C LYS B 363 -4.99 4.28 -37.19
N LEU B 364 -4.94 3.63 -38.34
CA LEU B 364 -3.90 3.89 -39.32
C LEU B 364 -4.16 5.11 -40.18
N ASN B 365 -5.33 5.74 -40.07
CA ASN B 365 -5.66 6.87 -40.92
C ASN B 365 -5.35 8.20 -40.25
N ASP B 366 -5.43 8.29 -38.93
CA ASP B 366 -5.11 9.51 -38.20
C ASP B 366 -3.70 9.50 -37.63
N LEU B 367 -2.88 8.53 -38.03
CA LEU B 367 -1.55 8.35 -37.48
C LEU B 367 -0.52 8.73 -38.53
N CYS B 368 0.68 9.08 -38.09
CA CYS B 368 1.69 9.67 -38.96
C CYS B 368 3.04 9.04 -38.64
N PHE B 369 3.57 8.26 -39.57
CA PHE B 369 4.72 7.38 -39.35
C PHE B 369 6.03 8.08 -39.69
N SER B 370 7.13 7.53 -39.16
CA SER B 370 8.43 8.19 -39.22
C SER B 370 9.37 7.57 -40.25
N ASN B 371 9.59 6.25 -40.19
CA ASN B 371 10.56 5.60 -41.06
C ASN B 371 10.00 4.24 -41.46
N VAL B 372 9.67 4.07 -42.74
CA VAL B 372 8.95 2.89 -43.22
C VAL B 372 9.83 2.11 -44.17
N TYR B 373 9.96 0.81 -43.91
CA TYR B 373 10.65 -0.13 -44.79
C TYR B 373 9.68 -1.22 -45.22
N ALA B 374 9.76 -1.62 -46.48
CA ALA B 374 8.92 -2.67 -47.04
C ALA B 374 9.78 -3.84 -47.47
N ASP B 375 9.46 -5.03 -46.96
CA ASP B 375 10.21 -6.25 -47.25
C ASP B 375 9.32 -7.16 -48.08
N SER B 376 9.81 -7.56 -49.24
CA SER B 376 9.01 -8.34 -50.18
C SER B 376 9.67 -9.67 -50.48
N PHE B 377 8.85 -10.72 -50.54
CA PHE B 377 9.29 -12.06 -50.95
C PHE B 377 8.07 -12.90 -51.31
N VAL B 378 8.33 -14.17 -51.65
CA VAL B 378 7.30 -15.11 -52.08
C VAL B 378 7.50 -16.43 -51.33
N VAL B 379 6.43 -16.93 -50.70
CA VAL B 379 6.45 -18.23 -50.04
C VAL B 379 5.29 -19.05 -50.57
N LYS B 380 5.13 -20.27 -50.05
CA LYS B 380 3.98 -21.07 -50.43
C LYS B 380 2.85 -20.84 -49.44
N GLY B 381 1.76 -21.58 -49.59
CA GLY B 381 0.56 -21.29 -48.82
C GLY B 381 0.70 -21.59 -47.34
N ASP B 382 1.37 -22.68 -47.01
CA ASP B 382 1.46 -23.14 -45.63
C ASP B 382 2.56 -22.46 -44.84
N ASP B 383 3.36 -21.61 -45.46
CA ASP B 383 4.42 -20.90 -44.76
C ASP B 383 4.02 -19.51 -44.32
N VAL B 384 2.84 -19.04 -44.74
CA VAL B 384 2.41 -17.68 -44.42
C VAL B 384 2.19 -17.52 -42.92
N ARG B 385 1.82 -18.60 -42.23
CA ARG B 385 1.67 -18.54 -40.79
C ARG B 385 3.01 -18.46 -40.06
N GLN B 386 4.13 -18.67 -40.74
CA GLN B 386 5.44 -18.54 -40.11
C GLN B 386 5.98 -17.12 -40.16
N ILE B 387 5.30 -16.20 -40.83
CA ILE B 387 5.74 -14.80 -40.87
C ILE B 387 5.01 -14.11 -39.72
N ALA B 388 5.57 -14.27 -38.53
CA ALA B 388 5.00 -13.73 -37.30
C ALA B 388 6.06 -13.81 -36.21
N PRO B 389 6.01 -12.93 -35.21
CA PRO B 389 6.96 -13.04 -34.09
C PRO B 389 6.70 -14.30 -33.26
N GLY B 390 7.79 -14.85 -32.73
CA GLY B 390 7.71 -16.06 -31.94
C GLY B 390 7.27 -17.30 -32.70
N GLN B 391 7.79 -17.52 -33.89
CA GLN B 391 7.44 -18.65 -34.73
C GLN B 391 8.67 -19.49 -35.01
N THR B 392 8.44 -20.76 -35.30
CA THR B 392 9.50 -21.66 -35.70
C THR B 392 9.07 -22.40 -36.97
N GLY B 393 10.05 -23.01 -37.63
CA GLY B 393 9.83 -23.63 -38.92
C GLY B 393 11.04 -23.40 -39.80
N VAL B 394 10.99 -23.84 -41.06
CA VAL B 394 12.14 -23.65 -41.93
C VAL B 394 12.31 -22.18 -42.30
N ILE B 395 11.19 -21.49 -42.57
CA ILE B 395 11.24 -20.09 -42.96
C ILE B 395 11.66 -19.21 -41.79
N ALA B 396 11.11 -19.47 -40.61
CA ALA B 396 11.43 -18.65 -39.45
C ALA B 396 12.84 -18.91 -38.92
N ASP B 397 13.46 -20.03 -39.27
CA ASP B 397 14.80 -20.33 -38.79
C ASP B 397 15.88 -19.93 -39.78
N TYR B 398 15.74 -20.29 -41.05
CA TYR B 398 16.86 -20.15 -41.97
C TYR B 398 16.67 -19.10 -43.04
N ASN B 399 15.48 -18.52 -43.17
CA ASN B 399 15.21 -17.60 -44.27
C ASN B 399 14.85 -16.19 -43.82
N TYR B 400 13.85 -16.05 -42.94
CA TYR B 400 13.36 -14.73 -42.56
C TYR B 400 12.89 -14.76 -41.12
N LYS B 401 13.41 -13.86 -40.30
CA LYS B 401 13.13 -13.81 -38.88
C LYS B 401 12.61 -12.44 -38.49
N LEU B 402 11.58 -12.39 -37.67
CA LEU B 402 11.03 -11.15 -37.17
C LEU B 402 11.43 -10.93 -35.72
N PRO B 403 11.64 -9.68 -35.30
CA PRO B 403 11.91 -9.42 -33.89
C PRO B 403 10.70 -9.68 -33.02
N ASP B 404 10.97 -9.98 -31.75
CA ASP B 404 9.89 -10.19 -30.79
C ASP B 404 9.14 -8.90 -30.52
N ASP B 405 9.84 -7.78 -30.45
CA ASP B 405 9.22 -6.48 -30.24
C ASP B 405 9.02 -5.77 -31.59
N PHE B 406 8.10 -6.33 -32.37
CA PHE B 406 7.90 -5.88 -33.75
C PHE B 406 6.71 -4.94 -33.83
N MET B 407 6.93 -3.76 -34.39
CA MET B 407 5.87 -2.83 -34.74
C MET B 407 5.77 -2.76 -36.25
N GLY B 408 4.60 -3.05 -36.78
CA GLY B 408 4.42 -3.02 -38.22
C GLY B 408 3.20 -3.82 -38.62
N CYS B 409 3.16 -4.20 -39.89
CA CYS B 409 2.07 -5.00 -40.42
C CYS B 409 2.62 -6.04 -41.39
N VAL B 410 1.90 -7.15 -41.50
CA VAL B 410 2.22 -8.23 -42.43
C VAL B 410 1.01 -8.42 -43.33
N LEU B 411 1.22 -8.39 -44.64
CA LEU B 411 0.12 -8.58 -45.56
C LEU B 411 0.54 -9.45 -46.73
N ALA B 412 -0.25 -10.49 -47.00
CA ALA B 412 0.08 -11.51 -47.97
C ALA B 412 -1.15 -11.85 -48.80
N TRP B 413 -0.93 -12.11 -50.09
CA TRP B 413 -2.03 -12.43 -50.99
C TRP B 413 -1.62 -13.52 -51.97
N ASN B 414 -2.63 -14.21 -52.50
CA ASN B 414 -2.42 -15.36 -53.35
C ASN B 414 -2.23 -14.95 -54.80
N THR B 415 -1.21 -15.50 -55.46
CA THR B 415 -0.91 -15.23 -56.86
C THR B 415 -0.65 -16.56 -57.56
N ARG B 416 -1.71 -17.21 -58.03
CA ARG B 416 -1.56 -18.44 -58.80
C ARG B 416 -1.66 -18.20 -60.30
N ASN B 417 -2.30 -17.11 -60.72
CA ASN B 417 -2.44 -16.83 -62.14
C ASN B 417 -1.12 -16.41 -62.77
N ILE B 418 -0.23 -15.80 -61.99
CA ILE B 418 0.99 -15.22 -62.53
C ILE B 418 2.25 -15.96 -62.11
N ASP B 419 2.30 -16.51 -60.89
CA ASP B 419 3.51 -17.15 -60.39
C ASP B 419 3.50 -18.65 -60.55
N ALA B 420 2.47 -19.23 -61.17
CA ALA B 420 2.38 -20.66 -61.34
C ALA B 420 2.16 -20.98 -62.81
N THR B 421 2.84 -22.02 -63.28
CA THR B 421 2.73 -22.47 -64.67
C THR B 421 2.25 -23.91 -64.71
N SER B 422 1.80 -24.32 -65.89
CA SER B 422 1.29 -25.68 -66.07
C SER B 422 2.39 -26.72 -65.98
N THR B 423 3.59 -26.38 -66.46
CA THR B 423 4.70 -27.34 -66.46
C THR B 423 5.50 -27.31 -65.17
N GLY B 424 5.38 -26.25 -64.38
CA GLY B 424 6.14 -26.13 -63.15
C GLY B 424 7.00 -24.88 -63.12
N ASN B 425 6.95 -24.14 -62.02
CA ASN B 425 7.70 -22.90 -61.86
C ASN B 425 8.77 -23.14 -60.80
N TYR B 426 9.92 -23.64 -61.26
CA TYR B 426 11.04 -23.95 -60.38
C TYR B 426 12.04 -22.80 -60.34
N ASN B 427 11.54 -21.61 -60.02
CA ASN B 427 12.36 -20.41 -59.94
C ASN B 427 12.56 -19.90 -58.52
N TYR B 428 11.64 -20.18 -57.61
CA TYR B 428 11.75 -19.71 -56.24
C TYR B 428 12.33 -20.80 -55.35
N LYS B 429 13.36 -20.45 -54.60
CA LYS B 429 14.04 -21.39 -53.73
C LYS B 429 13.98 -20.94 -52.29
N TYR B 430 14.34 -21.86 -51.39
CA TYR B 430 14.44 -21.56 -49.98
C TYR B 430 15.54 -22.43 -49.38
N ARG B 431 16.15 -21.94 -48.30
CA ARG B 431 17.24 -22.64 -47.64
C ARG B 431 16.70 -23.53 -46.55
N TYR B 432 17.14 -24.80 -46.54
CA TYR B 432 16.68 -25.76 -45.55
C TYR B 432 17.80 -26.38 -44.73
N LEU B 433 19.05 -25.97 -44.93
CA LEU B 433 20.17 -26.46 -44.15
C LEU B 433 21.07 -25.30 -43.79
N ARG B 434 21.39 -25.16 -42.51
CA ARG B 434 22.21 -24.05 -42.05
C ARG B 434 22.74 -24.37 -40.66
N HIS B 435 23.98 -23.98 -40.39
CA HIS B 435 24.59 -24.13 -39.06
C HIS B 435 24.09 -22.99 -38.18
N GLY B 436 22.99 -23.23 -37.47
CA GLY B 436 22.46 -22.26 -36.53
C GLY B 436 21.29 -21.48 -37.10
N LYS B 437 20.67 -20.70 -36.22
CA LYS B 437 19.51 -19.90 -36.58
C LYS B 437 19.98 -18.54 -37.11
N LEU B 438 19.03 -17.63 -37.30
CA LEU B 438 19.31 -16.31 -37.82
C LEU B 438 18.90 -15.25 -36.79
N ARG B 439 19.66 -14.17 -36.73
CA ARG B 439 19.23 -12.98 -36.02
C ARG B 439 18.09 -12.29 -36.77
N PRO B 440 17.28 -11.48 -36.08
CA PRO B 440 16.20 -10.77 -36.78
C PRO B 440 16.70 -9.84 -37.87
N PHE B 441 15.93 -9.79 -38.96
CA PHE B 441 16.14 -8.87 -40.09
C PHE B 441 17.51 -9.05 -40.72
N GLU B 442 17.97 -10.29 -40.82
CA GLU B 442 19.23 -10.61 -41.46
C GLU B 442 19.00 -11.68 -42.53
N ARG B 443 19.89 -11.69 -43.52
CA ARG B 443 19.76 -12.61 -44.63
C ARG B 443 21.11 -13.26 -44.92
N ASP B 444 21.04 -14.41 -45.59
CA ASP B 444 22.23 -15.20 -45.93
C ASP B 444 22.02 -15.77 -47.33
N ILE B 445 22.63 -15.15 -48.33
CA ILE B 445 22.43 -15.53 -49.71
C ILE B 445 23.59 -16.35 -50.26
N SER B 446 24.43 -16.91 -49.39
CA SER B 446 25.53 -17.74 -49.84
C SER B 446 25.02 -19.11 -50.30
N ASN B 447 25.77 -19.74 -51.18
CA ASN B 447 25.41 -21.04 -51.76
C ASN B 447 26.60 -21.99 -51.74
N VAL B 448 27.26 -22.08 -50.60
CA VAL B 448 28.34 -23.04 -50.40
C VAL B 448 27.72 -24.40 -50.14
N PRO B 449 28.38 -25.50 -50.50
CA PRO B 449 27.85 -26.82 -50.14
C PRO B 449 27.92 -27.07 -48.64
N PHE B 450 26.98 -27.87 -48.16
CA PHE B 450 26.77 -28.08 -46.73
C PHE B 450 27.14 -29.51 -46.35
N SER B 451 27.74 -29.65 -45.17
CA SER B 451 28.09 -30.96 -44.65
C SER B 451 27.97 -30.92 -43.13
N PRO B 452 27.35 -31.93 -42.52
CA PRO B 452 27.11 -31.90 -41.07
C PRO B 452 28.37 -31.94 -40.22
N ASP B 453 29.51 -32.37 -40.77
CA ASP B 453 30.72 -32.44 -39.97
C ASP B 453 31.24 -31.06 -39.60
N GLY B 454 31.04 -30.08 -40.47
CA GLY B 454 31.53 -28.74 -40.23
C GLY B 454 32.78 -28.39 -40.99
N LYS B 455 33.01 -29.05 -42.13
CA LYS B 455 34.21 -28.84 -42.92
C LYS B 455 33.80 -28.75 -44.39
N PRO B 456 34.56 -28.02 -45.21
CA PRO B 456 34.22 -27.92 -46.64
C PRO B 456 34.38 -29.25 -47.36
N CYS B 457 33.57 -29.44 -48.40
CA CYS B 457 33.56 -30.69 -49.13
C CYS B 457 33.04 -30.52 -50.55
N THR B 458 33.49 -31.36 -51.47
CA THR B 458 33.05 -31.32 -52.85
C THR B 458 31.77 -32.15 -52.99
N PRO B 459 30.69 -31.55 -53.50
CA PRO B 459 29.35 -32.16 -53.38
C PRO B 459 29.08 -33.34 -54.31
N PRO B 460 30.05 -33.88 -55.07
CA PRO B 460 29.93 -35.30 -55.42
C PRO B 460 30.30 -36.29 -54.31
N ALA B 461 30.42 -35.84 -53.06
CA ALA B 461 30.71 -36.76 -51.96
C ALA B 461 29.41 -37.37 -51.44
N LEU B 462 29.47 -38.05 -50.29
CA LEU B 462 28.34 -38.82 -49.79
C LEU B 462 27.54 -38.05 -48.74
N ASN B 463 28.20 -37.25 -47.91
CA ASN B 463 27.54 -36.49 -46.85
C ASN B 463 27.55 -35.00 -47.13
N CYS B 464 27.44 -34.64 -48.41
CA CYS B 464 27.44 -33.25 -48.83
C CYS B 464 26.14 -32.95 -49.56
N TYR B 465 25.51 -31.84 -49.22
CA TYR B 465 24.22 -31.49 -49.76
C TYR B 465 24.21 -30.05 -50.22
N TRP B 466 23.45 -29.77 -51.26
CA TRP B 466 23.18 -28.40 -51.65
C TRP B 466 22.12 -27.82 -50.74
N PRO B 467 22.36 -26.66 -50.11
CA PRO B 467 21.47 -26.18 -49.05
C PRO B 467 20.17 -25.54 -49.52
N LEU B 468 19.92 -25.44 -50.82
CA LEU B 468 18.72 -24.78 -51.33
C LEU B 468 17.79 -25.78 -51.99
N ASN B 469 16.49 -25.59 -51.78
CA ASN B 469 15.46 -26.41 -52.38
C ASN B 469 14.51 -25.53 -53.20
N ASP B 470 14.00 -26.07 -54.29
CA ASP B 470 13.14 -25.32 -55.20
C ASP B 470 11.68 -25.57 -54.86
N TYR B 471 10.92 -24.49 -54.78
CA TYR B 471 9.47 -24.60 -54.70
C TYR B 471 8.92 -25.09 -56.03
N GLY B 472 8.14 -26.16 -55.99
CA GLY B 472 7.51 -26.64 -57.21
C GLY B 472 6.08 -26.15 -57.33
N PHE B 473 5.86 -25.11 -58.12
CA PHE B 473 4.57 -24.44 -58.19
C PHE B 473 3.84 -24.86 -59.47
N TYR B 474 2.66 -25.43 -59.31
CA TYR B 474 1.81 -25.84 -60.42
C TYR B 474 0.47 -25.16 -60.28
N THR B 475 -0.36 -25.30 -61.32
CA THR B 475 -1.73 -24.82 -61.27
C THR B 475 -2.73 -25.93 -60.96
N THR B 476 -2.25 -27.12 -60.58
CA THR B 476 -3.10 -28.28 -60.35
C THR B 476 -2.79 -28.93 -59.00
N THR B 477 -2.53 -28.12 -57.97
CA THR B 477 -2.24 -28.61 -56.64
C THR B 477 -3.23 -28.03 -55.65
N GLY B 478 -3.01 -28.31 -54.36
CA GLY B 478 -3.89 -27.82 -53.32
C GLY B 478 -3.65 -26.37 -52.99
N ILE B 479 -4.33 -25.90 -51.94
CA ILE B 479 -4.20 -24.51 -51.54
C ILE B 479 -2.92 -24.28 -50.74
N GLY B 480 -2.39 -25.33 -50.11
CA GLY B 480 -1.15 -25.22 -49.37
C GLY B 480 0.10 -25.32 -50.21
N TYR B 481 -0.05 -25.49 -51.52
CA TYR B 481 1.06 -25.54 -52.47
C TYR B 481 0.85 -24.54 -53.58
N GLN B 482 0.37 -23.35 -53.23
CA GLN B 482 0.17 -22.30 -54.20
C GLN B 482 1.00 -21.08 -53.83
N PRO B 483 1.46 -20.30 -54.80
CA PRO B 483 2.34 -19.17 -54.48
C PRO B 483 1.60 -18.06 -53.77
N TYR B 484 2.28 -17.47 -52.79
CA TYR B 484 1.77 -16.33 -52.05
C TYR B 484 2.86 -15.26 -52.01
N ARG B 485 2.46 -14.02 -52.26
CA ARG B 485 3.37 -12.89 -52.19
C ARG B 485 3.17 -12.19 -50.85
N VAL B 486 4.27 -11.93 -50.15
CA VAL B 486 4.23 -11.38 -48.81
C VAL B 486 5.00 -10.06 -48.80
N VAL B 487 4.39 -9.04 -48.18
CA VAL B 487 5.01 -7.75 -47.93
C VAL B 487 4.90 -7.47 -46.44
N VAL B 488 6.03 -7.16 -45.81
CA VAL B 488 6.11 -6.81 -44.40
C VAL B 488 6.49 -5.35 -44.30
N LEU B 489 5.62 -4.55 -43.71
CA LEU B 489 5.87 -3.13 -43.50
C LEU B 489 6.34 -2.91 -42.07
N SER B 490 7.51 -2.30 -41.93
CA SER B 490 8.12 -2.03 -40.63
C SER B 490 8.24 -0.53 -40.46
N PHE B 491 7.69 -0.01 -39.37
CA PHE B 491 7.77 1.43 -39.12
C PHE B 491 7.95 1.69 -37.63
N GLU B 492 8.46 2.88 -37.33
CA GLU B 492 8.63 3.36 -35.96
C GLU B 492 7.82 4.65 -35.80
N LEU B 493 7.37 4.88 -34.58
CA LEU B 493 6.43 5.97 -34.31
C LEU B 493 7.04 7.01 -33.38
N LEU B 494 6.83 8.28 -33.75
CA LEU B 494 6.98 9.43 -32.86
C LEU B 494 8.43 9.62 -32.39
N ASN B 495 9.36 9.62 -33.34
CA ASN B 495 10.75 9.95 -33.05
C ASN B 495 11.20 11.20 -33.79
N ALA B 496 11.10 11.21 -35.11
CA ALA B 496 11.68 12.16 -36.02
C ALA B 496 10.58 12.99 -36.68
N PRO B 497 10.93 13.94 -37.55
CA PRO B 497 9.93 14.45 -38.49
C PRO B 497 9.31 13.32 -39.28
N ALA B 498 7.99 13.36 -39.42
CA ALA B 498 7.24 12.30 -40.07
C ALA B 498 7.13 12.60 -41.56
N THR B 499 7.57 11.67 -42.38
CA THR B 499 7.63 11.90 -43.82
C THR B 499 6.54 11.18 -44.61
N VAL B 500 6.11 9.99 -44.20
CA VAL B 500 4.96 9.32 -44.78
C VAL B 500 3.83 9.40 -43.76
N CYS B 501 2.63 9.75 -44.22
CA CYS B 501 1.64 10.15 -43.23
C CYS B 501 0.26 9.75 -43.73
N GLY B 502 -0.78 10.31 -43.11
CA GLY B 502 -2.13 9.86 -43.35
C GLY B 502 -3.00 10.87 -44.06
N PRO B 503 -4.15 10.41 -44.59
CA PRO B 503 -5.02 11.28 -45.39
C PRO B 503 -6.05 12.08 -44.60
N LYS B 504 -5.59 12.95 -43.70
CA LYS B 504 -6.48 13.78 -42.93
C LYS B 504 -6.34 15.24 -43.33
N LEU B 505 -7.43 15.98 -43.19
CA LEU B 505 -7.46 17.39 -43.56
C LEU B 505 -6.94 18.24 -42.42
N SER B 506 -6.19 19.28 -42.77
CA SER B 506 -5.65 20.20 -41.79
C SER B 506 -6.70 21.23 -41.41
N THR B 507 -6.47 21.95 -40.31
CA THR B 507 -7.41 22.92 -39.78
C THR B 507 -6.62 24.13 -39.30
N ASP B 508 -7.26 25.31 -39.33
CA ASP B 508 -6.65 26.55 -38.92
C ASP B 508 -6.39 26.54 -37.41
N LEU B 509 -5.36 27.27 -36.99
CA LEU B 509 -5.00 27.33 -35.59
C LEU B 509 -6.02 28.13 -34.78
N ILE B 510 -6.25 27.69 -33.55
CA ILE B 510 -7.06 28.40 -32.57
C ILE B 510 -6.18 28.67 -31.37
N LYS B 511 -6.15 29.93 -30.93
CA LYS B 511 -5.25 30.35 -29.87
C LYS B 511 -6.03 30.70 -28.61
N ASN B 512 -5.45 30.36 -27.46
CA ASN B 512 -5.95 30.72 -26.13
C ASN B 512 -7.34 30.16 -25.86
N GLN B 513 -7.48 28.83 -26.00
CA GLN B 513 -8.74 28.15 -25.76
C GLN B 513 -8.47 26.67 -25.57
N CYS B 514 -9.18 26.03 -24.64
CA CYS B 514 -8.98 24.62 -24.38
C CYS B 514 -9.59 23.79 -25.51
N VAL B 515 -8.75 23.38 -26.47
CA VAL B 515 -9.19 22.66 -27.65
C VAL B 515 -8.37 21.39 -27.78
N ASN B 516 -8.90 20.45 -28.55
CA ASN B 516 -8.24 19.16 -28.78
C ASN B 516 -7.32 19.29 -30.00
N PHE B 517 -6.02 19.27 -29.76
CA PHE B 517 -5.07 19.42 -30.85
C PHE B 517 -4.67 18.05 -31.40
N ASN B 518 -4.01 18.08 -32.56
CA ASN B 518 -3.54 16.88 -33.23
C ASN B 518 -2.35 17.28 -34.10
N PHE B 519 -1.14 17.05 -33.60
CA PHE B 519 0.09 17.42 -34.29
C PHE B 519 0.84 16.14 -34.64
N ASN B 520 0.76 15.73 -35.91
CA ASN B 520 1.41 14.52 -36.43
C ASN B 520 0.99 13.28 -35.65
N GLY B 521 -0.29 13.20 -35.30
CA GLY B 521 -0.80 12.08 -34.55
C GLY B 521 -0.65 12.18 -33.04
N LEU B 522 -0.18 13.30 -32.52
CA LEU B 522 -0.03 13.49 -31.08
C LEU B 522 -1.27 14.22 -30.56
N THR B 523 -2.29 13.45 -30.21
CA THR B 523 -3.53 14.02 -29.71
C THR B 523 -3.38 14.48 -28.26
N GLY B 524 -4.18 15.47 -27.88
CA GLY B 524 -4.14 15.99 -26.53
C GLY B 524 -5.24 16.99 -26.31
N THR B 525 -5.11 17.75 -25.22
CA THR B 525 -6.10 18.76 -24.86
C THR B 525 -5.44 19.80 -23.97
N GLY B 526 -5.52 21.07 -24.38
CA GLY B 526 -4.91 22.14 -23.62
C GLY B 526 -5.15 23.46 -24.30
N VAL B 527 -4.48 24.50 -23.82
CA VAL B 527 -4.55 25.81 -24.43
C VAL B 527 -3.22 26.10 -25.11
N LEU B 528 -3.31 26.79 -26.26
CA LEU B 528 -2.17 27.06 -27.12
C LEU B 528 -1.72 28.50 -26.96
N THR B 529 -0.42 28.69 -26.74
CA THR B 529 0.16 30.02 -26.58
C THR B 529 1.40 30.12 -27.45
N PRO B 530 1.78 31.32 -27.88
CA PRO B 530 3.06 31.50 -28.57
C PRO B 530 4.23 31.22 -27.64
N SER B 531 5.39 30.91 -28.23
CA SER B 531 6.54 30.44 -27.48
C SER B 531 7.77 31.28 -27.78
N SER B 532 8.73 31.22 -26.85
CA SER B 532 10.05 31.80 -27.03
C SER B 532 11.16 30.78 -26.85
N LYS B 533 10.82 29.50 -26.78
CA LYS B 533 11.80 28.42 -26.63
C LYS B 533 12.44 28.11 -27.98
N ARG B 534 13.71 27.72 -27.96
CA ARG B 534 14.42 27.39 -29.19
C ARG B 534 14.67 25.88 -29.19
N PHE B 535 14.50 25.25 -30.35
CA PHE B 535 14.64 23.81 -30.48
C PHE B 535 15.93 23.42 -31.17
N GLN B 536 16.35 22.18 -31.02
CA GLN B 536 17.38 21.62 -31.89
C GLN B 536 16.75 21.47 -33.26
N PRO B 537 17.57 21.49 -34.33
CA PRO B 537 16.99 21.23 -35.66
C PRO B 537 16.45 19.82 -35.76
N PHE B 538 15.44 19.66 -36.62
CA PHE B 538 14.72 18.40 -36.88
C PHE B 538 14.25 17.68 -35.62
N GLN B 539 13.84 18.44 -34.60
CA GLN B 539 13.23 17.86 -33.41
C GLN B 539 11.81 18.39 -33.29
N GLN B 540 10.87 17.46 -33.10
CA GLN B 540 9.46 17.79 -33.27
C GLN B 540 8.86 18.41 -32.01
N PHE B 541 8.93 17.70 -30.89
CA PHE B 541 8.26 18.16 -29.67
C PHE B 541 9.10 17.78 -28.45
N GLY B 542 8.85 18.49 -27.36
CA GLY B 542 9.59 18.30 -26.13
C GLY B 542 8.68 18.06 -24.95
N ARG B 543 9.24 17.40 -23.94
CA ARG B 543 8.51 16.98 -22.75
C ARG B 543 9.21 17.50 -21.51
N ASP B 544 8.63 17.20 -20.35
CA ASP B 544 9.13 17.64 -19.07
C ASP B 544 9.59 16.45 -18.23
N VAL B 545 9.92 16.71 -16.96
CA VAL B 545 10.35 15.63 -16.06
C VAL B 545 9.18 14.70 -15.73
N SER B 546 7.95 15.19 -15.83
CA SER B 546 6.77 14.37 -15.59
C SER B 546 6.28 13.67 -16.84
N ASP B 547 7.11 13.63 -17.90
CA ASP B 547 6.77 13.04 -19.20
C ASP B 547 5.51 13.66 -19.78
N PHE B 548 5.38 14.98 -19.64
CA PHE B 548 4.26 15.73 -20.19
C PHE B 548 4.82 16.69 -21.24
N THR B 549 4.35 16.54 -22.48
CA THR B 549 4.82 17.39 -23.56
C THR B 549 4.36 18.81 -23.34
N ASP B 550 5.24 19.77 -23.58
CA ASP B 550 4.89 21.17 -23.37
C ASP B 550 5.08 22.06 -24.58
N SER B 551 6.00 21.75 -25.47
CA SER B 551 6.24 22.56 -26.66
C SER B 551 6.20 21.67 -27.90
N VAL B 552 5.54 22.16 -28.94
CA VAL B 552 5.32 21.39 -30.16
C VAL B 552 5.58 22.29 -31.37
N ARG B 553 6.23 21.73 -32.38
CA ARG B 553 6.59 22.46 -33.59
C ARG B 553 5.52 22.21 -34.66
N ASP B 554 5.04 23.29 -35.27
CA ASP B 554 4.08 23.18 -36.35
C ASP B 554 4.73 22.52 -37.56
N PRO B 555 4.14 21.45 -38.10
CA PRO B 555 4.74 20.82 -39.29
C PRO B 555 4.66 21.65 -40.56
N LYS B 556 3.84 22.71 -40.59
CA LYS B 556 3.77 23.58 -41.76
C LYS B 556 4.70 24.79 -41.62
N THR B 557 4.46 25.63 -40.62
CA THR B 557 5.14 26.91 -40.50
C THR B 557 6.44 26.83 -39.72
N SER B 558 6.75 25.69 -39.12
CA SER B 558 7.98 25.45 -38.34
C SER B 558 8.11 26.40 -37.16
N GLU B 559 7.00 26.94 -36.67
CA GLU B 559 7.02 27.76 -35.46
C GLU B 559 6.97 26.86 -34.24
N ILE B 560 7.01 27.45 -33.06
CA ILE B 560 6.95 26.71 -31.81
C ILE B 560 5.73 27.17 -31.02
N LEU B 561 4.95 26.23 -30.53
CA LEU B 561 3.74 26.52 -29.78
C LEU B 561 3.83 25.86 -28.41
N ASP B 562 3.41 26.58 -27.39
CA ASP B 562 3.36 26.03 -26.03
C ASP B 562 1.95 25.57 -25.70
N ILE B 563 1.84 24.32 -25.29
CA ILE B 563 0.59 23.76 -24.80
C ILE B 563 0.64 23.78 -23.28
N SER B 564 -0.43 24.27 -22.67
CA SER B 564 -0.48 24.20 -21.22
C SER B 564 -1.85 23.71 -20.78
N PRO B 565 -1.95 23.12 -19.59
CA PRO B 565 -3.25 22.65 -19.10
C PRO B 565 -4.26 23.79 -19.02
N CYS B 566 -5.51 23.47 -19.39
CA CYS B 566 -6.59 24.44 -19.30
C CYS B 566 -7.30 24.37 -17.96
N SER B 567 -6.67 23.77 -16.96
CA SER B 567 -7.17 23.77 -15.59
C SER B 567 -6.10 24.34 -14.68
N PHE B 568 -6.41 25.45 -14.00
CA PHE B 568 -5.50 26.08 -13.07
C PHE B 568 -5.58 25.37 -11.72
N GLY B 569 -5.06 26.00 -10.67
CA GLY B 569 -5.01 25.38 -9.37
C GLY B 569 -6.35 25.28 -8.65
N GLY B 570 -6.33 25.42 -7.33
CA GLY B 570 -7.46 25.06 -6.50
C GLY B 570 -8.56 26.09 -6.46
N VAL B 571 -9.77 25.62 -6.25
CA VAL B 571 -10.95 26.46 -6.03
C VAL B 571 -11.60 26.00 -4.74
N SER B 572 -11.85 26.93 -3.82
CA SER B 572 -12.48 26.61 -2.55
C SER B 572 -13.85 27.27 -2.47
N VAL B 573 -14.80 26.55 -1.91
CA VAL B 573 -16.17 27.02 -1.75
C VAL B 573 -16.47 27.17 -0.27
N ILE B 574 -16.94 28.35 0.12
CA ILE B 574 -17.28 28.67 1.49
C ILE B 574 -18.79 28.73 1.60
N THR B 575 -19.37 27.90 2.46
CA THR B 575 -20.81 27.81 2.55
C THR B 575 -21.28 27.91 4.00
N PRO B 576 -22.36 28.64 4.25
CA PRO B 576 -22.99 28.61 5.59
C PRO B 576 -23.57 27.26 5.93
N GLY B 577 -23.94 26.49 4.91
CA GLY B 577 -24.60 25.22 5.11
C GLY B 577 -25.94 25.20 4.41
N THR B 578 -26.30 24.08 3.78
CA THR B 578 -27.57 24.01 3.07
C THR B 578 -28.66 23.54 4.04
N ASN B 579 -28.80 24.30 5.13
CA ASN B 579 -29.89 24.12 6.07
C ASN B 579 -30.34 25.52 6.45
N ALA B 580 -29.61 26.52 5.97
CA ALA B 580 -29.92 27.91 6.26
C ALA B 580 -30.08 28.77 5.02
N SER B 581 -29.27 28.57 3.99
CA SER B 581 -29.40 29.31 2.74
C SER B 581 -28.62 28.58 1.66
N SER B 582 -28.56 29.21 0.47
CA SER B 582 -27.99 28.54 -0.70
C SER B 582 -26.96 29.39 -1.45
N GLU B 583 -26.52 30.52 -0.90
CA GLU B 583 -25.46 31.25 -1.56
C GLU B 583 -24.12 30.85 -0.97
N VAL B 584 -23.06 31.03 -1.77
CA VAL B 584 -21.72 30.61 -1.40
C VAL B 584 -20.74 31.72 -1.74
N ALA B 585 -19.55 31.63 -1.17
CA ALA B 585 -18.42 32.45 -1.59
C ALA B 585 -17.37 31.56 -2.22
N VAL B 586 -16.61 32.11 -3.17
CA VAL B 586 -15.64 31.34 -3.93
C VAL B 586 -14.27 31.98 -3.77
N LEU B 587 -13.28 31.16 -3.42
CA LEU B 587 -11.90 31.61 -3.25
C LEU B 587 -11.03 30.93 -4.29
N TYR B 588 -10.36 31.74 -5.12
CA TYR B 588 -9.34 31.26 -6.04
C TYR B 588 -8.00 31.60 -5.42
N GLN B 589 -7.31 30.59 -4.89
CA GLN B 589 -6.06 30.84 -4.20
C GLN B 589 -4.89 30.86 -5.19
N ASP B 590 -3.88 31.64 -4.84
CA ASP B 590 -2.66 31.82 -5.63
C ASP B 590 -2.97 32.36 -7.04
N VAL B 591 -4.03 33.15 -7.15
CA VAL B 591 -4.41 33.80 -8.42
C VAL B 591 -4.62 35.27 -8.15
N ASN B 592 -3.97 36.12 -8.93
CA ASN B 592 -4.14 37.56 -8.83
C ASN B 592 -5.50 37.92 -9.43
N CYS B 593 -6.30 38.66 -8.69
CA CYS B 593 -7.69 38.83 -9.06
C CYS B 593 -7.90 39.88 -10.15
N THR B 594 -6.83 40.57 -10.57
CA THR B 594 -6.93 41.43 -11.74
C THR B 594 -7.21 40.62 -12.99
N ASP B 595 -6.61 39.44 -13.10
CA ASP B 595 -6.69 38.59 -14.28
C ASP B 595 -7.32 37.24 -13.99
N VAL B 596 -8.37 37.23 -13.17
CA VAL B 596 -9.03 35.97 -12.82
C VAL B 596 -9.79 35.38 -14.01
N SER B 597 -10.42 36.21 -14.85
CA SER B 597 -11.24 35.71 -15.95
C SER B 597 -10.42 34.99 -17.00
N THR B 598 -9.15 35.36 -17.13
CA THR B 598 -8.25 34.61 -18.01
C THR B 598 -7.97 33.22 -17.45
N ALA B 599 -7.83 33.11 -16.13
CA ALA B 599 -7.48 31.83 -15.54
C ALA B 599 -8.65 30.85 -15.52
N ILE B 600 -9.88 31.36 -15.52
CA ILE B 600 -11.05 30.50 -15.44
C ILE B 600 -11.71 30.29 -16.81
N HIS B 601 -11.42 31.15 -17.78
CA HIS B 601 -12.11 31.22 -19.08
C HIS B 601 -13.63 31.34 -18.88
N ALA B 602 -14.02 32.44 -18.23
CA ALA B 602 -15.43 32.66 -17.90
C ALA B 602 -16.27 33.01 -19.13
N ASP B 603 -15.64 33.28 -20.26
CA ASP B 603 -16.40 33.54 -21.48
C ASP B 603 -17.12 32.29 -21.96
N GLN B 604 -16.58 31.12 -21.67
CA GLN B 604 -17.12 29.86 -22.15
C GLN B 604 -17.84 29.08 -21.06
N LEU B 605 -18.19 29.72 -19.96
CA LEU B 605 -18.92 29.09 -18.87
C LEU B 605 -20.38 29.52 -18.91
N THR B 606 -21.16 29.01 -17.96
CA THR B 606 -22.54 29.40 -17.83
C THR B 606 -22.62 30.83 -17.32
N PRO B 607 -23.73 31.54 -17.59
CA PRO B 607 -23.91 32.86 -16.99
C PRO B 607 -23.99 32.84 -15.47
N ALA B 608 -24.36 31.71 -14.87
CA ALA B 608 -24.32 31.60 -13.42
C ALA B 608 -22.89 31.55 -12.90
N TRP B 609 -21.94 31.13 -13.73
CA TRP B 609 -20.53 31.16 -13.35
C TRP B 609 -19.87 32.50 -13.62
N ARG B 610 -20.49 33.37 -14.42
CA ARG B 610 -19.88 34.65 -14.71
C ARG B 610 -20.11 35.66 -13.59
N ILE B 611 -21.18 35.51 -12.81
CA ILE B 611 -21.44 36.42 -11.71
C ILE B 611 -20.53 36.17 -10.52
N TYR B 612 -19.78 35.07 -10.53
CA TYR B 612 -18.76 34.81 -9.54
C TYR B 612 -17.36 35.11 -10.07
N SER B 613 -17.26 35.74 -11.23
CA SER B 613 -15.97 36.06 -11.82
C SER B 613 -15.57 37.51 -11.60
N THR B 614 -16.53 38.43 -11.54
CA THR B 614 -16.24 39.83 -11.29
C THR B 614 -17.48 40.49 -10.71
N GLY B 615 -17.28 41.66 -10.12
CA GLY B 615 -18.39 42.39 -9.53
C GLY B 615 -17.87 43.39 -8.50
N ASN B 616 -18.79 43.84 -7.65
CA ASN B 616 -18.45 44.75 -6.58
C ASN B 616 -18.03 44.03 -5.31
N ASN B 617 -18.12 42.71 -5.27
CA ASN B 617 -17.75 41.91 -4.11
C ASN B 617 -16.40 41.22 -4.30
N VAL B 618 -15.46 41.92 -4.92
CA VAL B 618 -14.12 41.38 -5.15
C VAL B 618 -13.20 41.80 -4.01
N PHE B 619 -12.58 40.82 -3.36
CA PHE B 619 -11.62 41.07 -2.30
C PHE B 619 -10.34 40.32 -2.62
N GLN B 620 -9.21 40.90 -2.23
CA GLN B 620 -7.90 40.32 -2.50
C GLN B 620 -7.18 40.08 -1.18
N THR B 621 -6.99 38.81 -0.82
CA THR B 621 -6.26 38.42 0.36
C THR B 621 -4.95 37.75 -0.04
N GLN B 622 -4.09 37.54 0.96
CA GLN B 622 -2.80 36.91 0.70
C GLN B 622 -2.94 35.49 0.19
N ALA B 623 -4.05 34.83 0.53
CA ALA B 623 -4.35 33.53 -0.08
C ALA B 623 -4.70 33.65 -1.55
N GLY B 624 -5.48 34.67 -1.94
CA GLY B 624 -5.89 34.79 -3.32
C GLY B 624 -6.98 35.81 -3.56
N CYS B 625 -7.97 35.47 -4.37
CA CYS B 625 -9.08 36.35 -4.66
C CYS B 625 -10.38 35.73 -4.17
N LEU B 626 -11.15 36.49 -3.42
CA LEU B 626 -12.40 36.04 -2.82
C LEU B 626 -13.56 36.81 -3.42
N ILE B 627 -14.55 36.09 -3.95
CA ILE B 627 -15.70 36.69 -4.60
C ILE B 627 -16.97 36.10 -4.02
N GLY B 628 -17.87 36.97 -3.58
CA GLY B 628 -19.13 36.52 -3.02
C GLY B 628 -19.34 36.94 -1.58
N ALA B 629 -18.40 37.72 -1.04
CA ALA B 629 -18.47 38.15 0.35
C ALA B 629 -18.15 39.64 0.43
N GLU B 630 -18.66 40.28 1.48
CA GLU B 630 -18.52 41.72 1.67
C GLU B 630 -17.49 42.00 2.74
N HIS B 631 -16.53 42.86 2.42
CA HIS B 631 -15.47 43.22 3.34
C HIS B 631 -16.00 44.17 4.42
N VAL B 632 -15.65 43.90 5.67
CA VAL B 632 -16.02 44.75 6.80
C VAL B 632 -14.75 45.15 7.53
N ASP B 633 -14.83 46.24 8.29
CA ASP B 633 -13.66 46.76 8.98
C ASP B 633 -13.58 46.33 10.44
N THR B 634 -14.69 45.92 11.05
CA THR B 634 -14.65 45.42 12.41
C THR B 634 -14.07 44.01 12.44
N SER B 635 -13.60 43.60 13.61
CA SER B 635 -12.97 42.31 13.79
C SER B 635 -13.74 41.49 14.82
N TYR B 636 -13.98 40.22 14.52
CA TYR B 636 -14.70 39.32 15.39
C TYR B 636 -13.89 38.05 15.61
N GLU B 637 -14.46 37.13 16.38
CA GLU B 637 -13.84 35.82 16.56
C GLU B 637 -14.00 34.99 15.29
N CYS B 638 -13.03 34.12 15.04
CA CYS B 638 -13.02 33.36 13.80
C CYS B 638 -14.09 32.29 13.80
N ASP B 639 -14.84 32.20 12.69
CA ASP B 639 -15.87 31.19 12.53
C ASP B 639 -15.51 30.19 11.44
N ILE B 640 -15.24 30.65 10.23
CA ILE B 640 -14.77 29.80 9.15
C ILE B 640 -13.40 30.30 8.70
N PRO B 641 -12.33 29.58 8.96
CA PRO B 641 -10.98 30.09 8.66
C PRO B 641 -10.64 30.00 7.19
N ILE B 642 -10.61 31.16 6.52
CA ILE B 642 -10.17 31.20 5.13
C ILE B 642 -8.65 31.05 5.06
N GLY B 643 -7.93 31.86 5.80
CA GLY B 643 -6.48 31.77 5.83
C GLY B 643 -5.85 33.14 5.73
N ALA B 644 -4.54 33.18 6.03
CA ALA B 644 -3.73 34.40 6.00
C ALA B 644 -4.33 35.50 6.88
N GLY B 645 -4.88 35.11 8.03
CA GLY B 645 -5.49 36.04 8.93
C GLY B 645 -6.91 36.45 8.59
N ILE B 646 -7.48 35.89 7.53
CA ILE B 646 -8.83 36.24 7.09
C ILE B 646 -9.78 35.12 7.48
N CYS B 647 -10.88 35.48 8.13
CA CYS B 647 -11.95 34.55 8.47
C CYS B 647 -13.24 35.02 7.83
N ALA B 648 -14.22 34.12 7.76
CA ALA B 648 -15.50 34.41 7.16
C ALA B 648 -16.63 33.90 8.05
N SER B 649 -17.78 34.57 7.97
CA SER B 649 -18.93 34.19 8.77
C SER B 649 -20.20 34.63 8.05
N TYR B 650 -21.34 34.33 8.66
CA TYR B 650 -22.66 34.57 8.07
C TYR B 650 -23.43 35.51 9.00
N HIS B 651 -23.37 36.80 8.70
CA HIS B 651 -23.88 37.82 9.60
C HIS B 651 -25.11 38.50 9.01
N THR B 652 -25.57 39.56 9.68
CA THR B 652 -26.73 40.32 9.24
C THR B 652 -26.32 41.69 8.72
N GLN B 661 -32.70 38.99 6.50
CA GLN B 661 -31.66 39.23 5.52
C GLN B 661 -30.27 39.04 6.11
N LYS B 662 -29.60 37.98 5.66
CA LYS B 662 -28.25 37.66 6.11
C LYS B 662 -27.33 37.52 4.91
N SER B 663 -26.05 37.79 5.12
CA SER B 663 -25.07 37.72 4.06
C SER B 663 -23.74 37.23 4.62
N ILE B 664 -22.91 36.72 3.72
CA ILE B 664 -21.58 36.23 4.08
C ILE B 664 -20.62 37.40 4.13
N VAL B 665 -19.89 37.52 5.24
CA VAL B 665 -18.93 38.59 5.44
C VAL B 665 -17.56 37.97 5.68
N ALA B 666 -16.53 38.72 5.30
CA ALA B 666 -15.14 38.34 5.51
C ALA B 666 -14.44 39.45 6.28
N TYR B 667 -13.63 39.06 7.26
CA TYR B 667 -13.00 40.03 8.13
C TYR B 667 -11.63 39.52 8.56
N THR B 668 -10.92 40.37 9.29
CA THR B 668 -9.67 39.99 9.92
C THR B 668 -9.96 39.49 11.33
N MET B 669 -9.39 38.34 11.67
CA MET B 669 -9.66 37.74 12.97
C MET B 669 -9.09 38.58 14.11
N SER B 670 -9.76 38.50 15.25
CA SER B 670 -9.37 39.26 16.43
C SER B 670 -8.49 38.41 17.33
N LEU B 671 -7.34 38.95 17.72
CA LEU B 671 -6.41 38.17 18.53
C LEU B 671 -6.88 38.04 19.96
N GLY B 672 -7.43 39.11 20.53
CA GLY B 672 -7.92 39.06 21.89
C GLY B 672 -8.28 40.45 22.38
N ALA B 673 -8.77 40.49 23.61
CA ALA B 673 -9.14 41.75 24.23
C ALA B 673 -7.89 42.58 24.50
N ASP B 674 -8.05 43.91 24.41
CA ASP B 674 -6.94 44.82 24.58
C ASP B 674 -6.92 45.35 26.00
N SER B 675 -5.76 45.27 26.64
CA SER B 675 -5.61 45.71 28.02
C SER B 675 -4.23 46.28 28.22
N SER B 676 -4.09 47.12 29.24
CA SER B 676 -2.82 47.74 29.57
C SER B 676 -2.69 47.85 31.08
N ILE B 677 -1.52 47.47 31.61
CA ILE B 677 -1.19 47.64 33.01
C ILE B 677 0.05 48.51 33.10
N ALA B 678 0.03 49.46 34.04
CA ALA B 678 1.13 50.40 34.18
C ALA B 678 2.25 49.78 34.99
N TYR B 679 3.48 50.03 34.57
CA TYR B 679 4.65 49.59 35.30
C TYR B 679 5.16 50.74 36.16
N SER B 680 5.23 50.52 37.46
CA SER B 680 5.86 51.43 38.39
C SER B 680 6.79 50.65 39.29
N ASN B 681 7.88 51.28 39.70
CA ASN B 681 8.94 50.58 40.42
C ASN B 681 8.76 50.66 41.93
N ASN B 682 7.65 51.21 42.42
CA ASN B 682 7.42 51.25 43.86
C ASN B 682 5.98 50.98 44.24
N THR B 683 5.26 50.15 43.49
CA THR B 683 3.90 49.79 43.88
C THR B 683 3.64 48.34 43.53
N ILE B 684 2.68 47.75 44.24
CA ILE B 684 2.34 46.35 44.09
C ILE B 684 0.82 46.21 44.14
N ALA B 685 0.32 45.10 43.59
CA ALA B 685 -1.09 44.78 43.60
C ALA B 685 -1.28 43.46 44.35
N ILE B 686 -2.15 43.48 45.35
CA ILE B 686 -2.34 42.31 46.20
C ILE B 686 -3.82 41.93 46.23
N PRO B 687 -4.17 40.66 46.03
CA PRO B 687 -5.58 40.26 46.11
C PRO B 687 -6.10 40.34 47.54
N THR B 688 -7.40 40.65 47.64
CA THR B 688 -8.06 40.72 48.94
C THR B 688 -9.18 39.71 49.12
N ASN B 689 -9.65 39.08 48.04
CA ASN B 689 -10.69 38.07 48.09
C ASN B 689 -10.28 36.93 47.19
N PHE B 690 -11.13 35.89 47.11
CA PHE B 690 -10.84 34.75 46.27
C PHE B 690 -12.14 34.08 45.86
N SER B 691 -12.01 33.05 45.03
CA SER B 691 -13.15 32.31 44.52
C SER B 691 -12.74 30.86 44.29
N ILE B 692 -13.72 29.97 44.30
CA ILE B 692 -13.51 28.55 44.05
C ILE B 692 -14.15 28.23 42.71
N SER B 693 -13.37 27.69 41.78
CA SER B 693 -13.88 27.40 40.45
C SER B 693 -13.64 25.94 40.11
N ILE B 694 -14.67 25.28 39.57
CA ILE B 694 -14.57 23.89 39.15
C ILE B 694 -14.63 23.87 37.63
N THR B 695 -13.61 23.29 37.00
CA THR B 695 -13.56 23.21 35.55
C THR B 695 -13.40 21.76 35.11
N THR B 696 -13.93 21.45 33.93
CA THR B 696 -13.99 20.09 33.43
C THR B 696 -13.03 19.89 32.26
N GLU B 697 -12.51 18.67 32.15
CA GLU B 697 -11.57 18.32 31.09
C GLU B 697 -11.88 16.91 30.62
N VAL B 698 -12.14 16.75 29.32
CA VAL B 698 -12.58 15.49 28.74
C VAL B 698 -11.43 14.88 27.95
N MET B 699 -11.11 13.61 28.22
CA MET B 699 -10.01 12.95 27.55
C MET B 699 -10.42 11.56 27.05
N PRO B 700 -10.19 11.25 25.78
CA PRO B 700 -10.44 9.89 25.29
C PRO B 700 -9.43 8.90 25.85
N VAL B 701 -9.86 7.64 25.96
CA VAL B 701 -9.07 6.57 26.54
C VAL B 701 -8.91 5.40 25.59
N SER B 702 -10.02 4.91 25.03
CA SER B 702 -9.99 3.75 24.16
C SER B 702 -10.90 3.98 22.96
N MET B 703 -10.80 3.09 21.98
CA MET B 703 -11.69 3.07 20.84
C MET B 703 -12.20 1.65 20.63
N ALA B 704 -12.98 1.45 19.58
CA ALA B 704 -13.62 0.17 19.34
C ALA B 704 -12.62 -0.87 18.85
N LYS B 705 -12.79 -2.11 19.30
CA LYS B 705 -11.97 -3.22 18.86
C LYS B 705 -12.67 -3.96 17.75
N THR B 706 -11.98 -4.13 16.63
CA THR B 706 -12.58 -4.71 15.44
C THR B 706 -11.71 -5.84 14.93
N SER B 707 -12.36 -6.80 14.26
CA SER B 707 -11.68 -7.92 13.63
C SER B 707 -12.29 -8.15 12.26
N VAL B 708 -11.47 -8.64 11.34
CA VAL B 708 -11.85 -8.82 9.94
C VAL B 708 -11.53 -10.26 9.54
N ASP B 709 -12.52 -10.94 8.98
CA ASP B 709 -12.32 -12.26 8.38
C ASP B 709 -11.92 -12.06 6.92
N CYS B 710 -10.66 -12.37 6.62
CA CYS B 710 -10.10 -12.06 5.30
C CYS B 710 -10.74 -12.89 4.20
N ASN B 711 -10.91 -14.18 4.46
CA ASN B 711 -11.41 -15.10 3.44
C ASN B 711 -12.86 -14.83 3.07
N MET B 712 -13.67 -14.33 3.99
CA MET B 712 -15.06 -14.07 3.67
C MET B 712 -15.28 -12.62 3.23
N TYR B 713 -14.34 -11.73 3.52
CA TYR B 713 -14.38 -10.41 2.89
C TYR B 713 -13.98 -10.47 1.43
N ILE B 714 -12.92 -11.22 1.09
CA ILE B 714 -12.42 -11.18 -0.28
C ILE B 714 -13.21 -12.12 -1.18
N CYS B 715 -13.33 -13.38 -0.78
CA CYS B 715 -14.01 -14.39 -1.60
C CYS B 715 -15.20 -14.93 -0.80
N GLY B 716 -16.35 -14.30 -0.95
CA GLY B 716 -17.49 -14.71 -0.17
C GLY B 716 -18.17 -15.97 -0.71
N ASP B 717 -17.98 -17.09 0.01
CA ASP B 717 -18.59 -18.38 -0.31
C ASP B 717 -18.25 -18.86 -1.72
N SER B 718 -17.01 -18.68 -2.14
CA SER B 718 -16.55 -19.12 -3.45
C SER B 718 -15.35 -20.03 -3.26
N THR B 719 -15.44 -21.25 -3.77
CA THR B 719 -14.36 -22.22 -3.65
C THR B 719 -13.20 -21.92 -4.59
N GLU B 720 -13.50 -21.51 -5.82
CA GLU B 720 -12.46 -21.17 -6.78
C GLU B 720 -11.66 -19.95 -6.33
N CYS B 721 -12.34 -18.94 -5.82
CA CYS B 721 -11.64 -17.77 -5.30
C CYS B 721 -10.84 -18.12 -4.06
N ALA B 722 -11.30 -19.09 -3.27
CA ALA B 722 -10.51 -19.56 -2.14
C ALA B 722 -9.20 -20.19 -2.61
N ASN B 723 -9.27 -21.03 -3.65
CA ASN B 723 -8.05 -21.63 -4.22
C ASN B 723 -7.10 -20.57 -4.75
N LEU B 724 -7.62 -19.57 -5.46
CA LEU B 724 -6.74 -18.51 -5.93
C LEU B 724 -6.21 -17.63 -4.79
N LEU B 725 -6.90 -17.60 -3.65
CA LEU B 725 -6.43 -16.78 -2.54
C LEU B 725 -5.28 -17.43 -1.79
N LEU B 726 -5.22 -18.76 -1.76
CA LEU B 726 -4.08 -19.40 -1.09
C LEU B 726 -2.75 -19.12 -1.80
N GLN B 727 -2.77 -18.73 -3.08
CA GLN B 727 -1.53 -18.40 -3.79
C GLN B 727 -0.90 -17.14 -3.21
N TYR B 728 -1.72 -16.22 -2.71
CA TYR B 728 -1.23 -15.05 -1.98
C TYR B 728 -0.99 -15.48 -0.55
N GLY B 729 0.20 -16.01 -0.26
CA GLY B 729 0.45 -16.66 1.01
C GLY B 729 0.82 -15.67 2.10
N SER B 730 0.23 -15.89 3.28
CA SER B 730 0.61 -15.20 4.52
C SER B 730 0.41 -13.68 4.43
N PHE B 731 -0.66 -13.26 3.77
CA PHE B 731 -1.06 -11.86 3.77
C PHE B 731 -2.29 -11.61 4.64
N CYS B 732 -3.23 -12.55 4.67
CA CYS B 732 -4.38 -12.41 5.53
C CYS B 732 -4.03 -12.70 6.99
N THR B 733 -2.98 -13.47 7.25
CA THR B 733 -2.55 -13.70 8.61
C THR B 733 -1.71 -12.56 9.16
N GLN B 734 -1.37 -11.57 8.34
CA GLN B 734 -0.60 -10.43 8.80
C GLN B 734 -1.47 -9.26 9.24
N LEU B 735 -2.74 -9.25 8.86
CA LEU B 735 -3.66 -8.22 9.29
C LEU B 735 -4.35 -8.58 10.61
N ASN B 736 -4.62 -9.87 10.80
CA ASN B 736 -5.24 -10.31 12.05
C ASN B 736 -4.30 -10.09 13.24
N ARG B 737 -3.00 -10.25 13.03
CA ARG B 737 -2.04 -9.98 14.10
C ARG B 737 -2.05 -8.51 14.50
N ALA B 738 -2.11 -7.61 13.52
CA ALA B 738 -2.16 -6.18 13.81
C ALA B 738 -3.44 -5.80 14.54
N LEU B 739 -4.58 -6.34 14.09
CA LEU B 739 -5.84 -6.01 14.74
C LEU B 739 -5.93 -6.58 16.16
N SER B 740 -5.36 -7.76 16.37
CA SER B 740 -5.30 -8.32 17.71
C SER B 740 -4.43 -7.48 18.63
N GLY B 741 -3.31 -6.97 18.10
CA GLY B 741 -2.48 -6.06 18.88
C GLY B 741 -3.23 -4.79 19.26
N ILE B 742 -4.01 -4.25 18.33
CA ILE B 742 -4.79 -3.04 18.62
C ILE B 742 -5.82 -3.31 19.72
N ALA B 743 -6.51 -4.45 19.65
CA ALA B 743 -7.53 -4.77 20.65
C ALA B 743 -6.92 -4.96 22.04
N ALA B 744 -5.80 -5.67 22.11
CA ALA B 744 -5.12 -5.84 23.40
C ALA B 744 -4.64 -4.50 23.95
N GLU B 745 -4.19 -3.61 23.06
CA GLU B 745 -3.77 -2.28 23.49
C GLU B 745 -4.93 -1.48 24.05
N GLN B 746 -6.13 -1.62 23.47
CA GLN B 746 -7.29 -0.91 23.99
C GLN B 746 -7.66 -1.38 25.39
N ASP B 747 -7.63 -2.69 25.61
CA ASP B 747 -7.92 -3.21 26.95
C ASP B 747 -6.87 -2.76 27.96
N ARG B 748 -5.59 -2.73 27.56
CA ARG B 748 -4.54 -2.25 28.43
C ARG B 748 -4.73 -0.77 28.77
N ASN B 749 -5.12 0.04 27.79
CA ASN B 749 -5.35 1.46 28.02
C ASN B 749 -6.41 1.67 29.08
N THR B 750 -7.58 1.04 28.91
CA THR B 750 -8.66 1.24 29.87
C THR B 750 -8.27 0.75 31.27
N ARG B 751 -7.65 -0.43 31.35
CA ARG B 751 -7.29 -1.01 32.64
C ARG B 751 -6.27 -0.16 33.37
N GLU B 752 -5.20 0.22 32.67
CA GLU B 752 -4.08 0.86 33.33
C GLU B 752 -4.28 2.36 33.45
N VAL B 753 -5.39 2.89 32.93
CA VAL B 753 -5.85 4.21 33.37
C VAL B 753 -6.73 4.10 34.62
N PHE B 754 -7.74 3.22 34.60
CA PHE B 754 -8.73 3.28 35.68
C PHE B 754 -8.36 2.47 36.91
N ALA B 755 -7.63 1.36 36.78
CA ALA B 755 -7.29 0.52 37.93
C ALA B 755 -5.99 1.04 38.55
N GLN B 756 -6.13 1.91 39.54
CA GLN B 756 -4.97 2.49 40.21
C GLN B 756 -5.01 2.36 41.73
N VAL B 757 -6.08 1.79 42.29
CA VAL B 757 -6.18 1.54 43.72
C VAL B 757 -6.19 0.04 43.94
N LYS B 758 -5.52 -0.41 44.99
CA LYS B 758 -5.42 -1.83 45.26
C LYS B 758 -6.50 -2.35 46.20
N GLN B 759 -7.34 -1.49 46.77
CA GLN B 759 -8.57 -1.96 47.41
C GLN B 759 -9.72 -1.05 47.02
N MET B 760 -10.92 -1.59 47.10
CA MET B 760 -12.14 -0.90 46.74
C MET B 760 -12.83 -0.37 48.00
N TYR B 761 -13.14 0.92 47.99
CA TYR B 761 -13.67 1.61 49.16
C TYR B 761 -15.18 1.76 49.03
N LYS B 762 -15.90 1.40 50.09
CA LYS B 762 -17.35 1.55 50.11
C LYS B 762 -17.73 3.02 50.23
N THR B 763 -18.75 3.42 49.50
CA THR B 763 -19.22 4.79 49.58
C THR B 763 -19.86 5.04 50.95
N PRO B 764 -19.57 6.16 51.59
CA PRO B 764 -20.13 6.41 52.92
C PRO B 764 -21.62 6.67 52.86
N THR B 765 -22.29 6.41 53.99
CA THR B 765 -23.72 6.62 54.08
C THR B 765 -24.09 8.10 54.15
N LEU B 766 -23.14 8.95 54.52
CA LEU B 766 -23.37 10.39 54.65
C LEU B 766 -22.56 11.13 53.59
N LYS B 767 -23.24 11.93 52.78
CA LYS B 767 -22.63 12.66 51.67
C LYS B 767 -22.34 14.11 52.01
N TYR B 768 -22.23 14.44 53.30
CA TYR B 768 -22.05 15.82 53.76
C TYR B 768 -20.86 15.85 54.72
N PHE B 769 -19.73 16.34 54.23
CA PHE B 769 -18.48 16.37 55.00
C PHE B 769 -18.14 17.82 55.31
N GLY B 770 -18.68 18.32 56.42
CA GLY B 770 -18.38 19.68 56.87
C GLY B 770 -18.88 20.78 55.97
N GLY B 771 -20.09 20.63 55.44
CA GLY B 771 -20.67 21.63 54.57
C GLY B 771 -20.45 21.40 53.10
N PHE B 772 -19.59 20.45 52.73
CA PHE B 772 -19.32 20.14 51.33
C PHE B 772 -20.24 19.01 50.88
N ASN B 773 -21.04 19.27 49.85
CA ASN B 773 -22.05 18.33 49.39
C ASN B 773 -21.45 17.48 48.28
N PHE B 774 -21.27 16.18 48.56
CA PHE B 774 -20.67 15.24 47.64
C PHE B 774 -21.69 14.33 46.98
N SER B 775 -22.98 14.68 47.05
CA SER B 775 -24.02 13.76 46.62
C SER B 775 -24.11 13.65 45.10
N GLN B 776 -23.67 14.67 44.38
CA GLN B 776 -23.81 14.67 42.93
C GLN B 776 -22.74 13.86 42.22
N ILE B 777 -21.66 13.51 42.90
CA ILE B 777 -20.56 12.78 42.27
C ILE B 777 -20.35 11.41 42.91
N LEU B 778 -21.32 10.93 43.67
CA LEU B 778 -21.28 9.63 44.31
C LEU B 778 -22.56 8.87 43.97
N PRO B 779 -22.53 7.54 43.96
CA PRO B 779 -23.73 6.78 43.61
C PRO B 779 -24.84 6.94 44.64
N ASP B 780 -26.08 6.91 44.16
CA ASP B 780 -27.27 7.11 44.97
C ASP B 780 -27.84 5.75 45.37
N PRO B 781 -27.92 5.45 46.68
CA PRO B 781 -28.41 4.13 47.11
C PRO B 781 -29.84 3.81 46.73
N LEU B 782 -30.73 4.81 46.82
CA LEU B 782 -32.15 4.56 46.60
C LEU B 782 -32.47 4.34 45.13
N LYS B 783 -31.84 5.10 44.24
CA LYS B 783 -32.01 4.91 42.81
C LYS B 783 -31.25 3.65 42.41
N PRO B 784 -31.87 2.74 41.65
CA PRO B 784 -31.21 1.45 41.38
C PRO B 784 -30.14 1.47 40.30
N THR B 785 -29.71 2.65 39.87
CA THR B 785 -28.57 2.76 38.96
C THR B 785 -27.28 2.79 39.75
N LYS B 786 -26.24 2.20 39.18
CA LYS B 786 -24.94 2.11 39.83
C LYS B 786 -23.98 3.21 39.39
N ARG B 787 -24.52 4.38 39.07
CA ARG B 787 -23.72 5.50 38.59
C ARG B 787 -24.15 6.76 39.31
N SER B 788 -23.27 7.76 39.31
CA SER B 788 -23.61 9.04 39.90
C SER B 788 -24.52 9.81 38.96
N PHE B 789 -24.96 10.99 39.42
CA PHE B 789 -25.87 11.80 38.61
C PHE B 789 -25.14 12.43 37.43
N ILE B 790 -23.95 12.97 37.68
CA ILE B 790 -23.16 13.59 36.62
C ILE B 790 -22.72 12.55 35.60
N GLU B 791 -22.43 11.33 36.05
CA GLU B 791 -22.12 10.26 35.12
C GLU B 791 -23.32 9.89 34.27
N ASP B 792 -24.53 9.95 34.85
CA ASP B 792 -25.74 9.70 34.08
C ASP B 792 -25.96 10.76 33.02
N LEU B 793 -25.66 12.03 33.34
CA LEU B 793 -25.69 13.07 32.32
C LEU B 793 -24.63 12.84 31.25
N LEU B 794 -23.44 12.40 31.65
CA LEU B 794 -22.36 12.20 30.68
C LEU B 794 -22.66 11.07 29.72
N PHE B 795 -23.34 10.01 30.20
CA PHE B 795 -23.60 8.86 29.35
C PHE B 795 -24.72 9.09 28.34
N ASN B 796 -25.43 10.21 28.42
CA ASN B 796 -26.52 10.49 27.49
C ASN B 796 -26.13 11.47 26.39
N LYS B 797 -25.02 12.17 26.52
CA LYS B 797 -24.62 13.18 25.55
C LYS B 797 -23.75 12.63 24.44
N VAL B 798 -23.46 11.34 24.45
CA VAL B 798 -22.71 10.68 23.39
C VAL B 798 -23.58 9.56 22.86
N THR B 799 -23.91 9.62 21.58
CA THR B 799 -24.77 8.61 20.95
C THR B 799 -23.89 7.57 20.27
N LEU B 800 -23.84 6.37 20.85
CA LEU B 800 -22.98 5.30 20.34
C LEU B 800 -23.49 4.72 19.02
N ALA B 801 -24.79 4.82 18.75
CA ALA B 801 -25.35 4.34 17.49
C ALA B 801 -26.31 5.36 16.90
N ASP B 820 -29.46 -1.78 8.06
CA ASP B 820 -28.87 -2.38 6.88
C ASP B 820 -27.39 -2.05 6.77
N LEU B 821 -26.86 -1.32 7.76
CA LEU B 821 -25.46 -0.98 7.81
C LEU B 821 -24.64 -1.97 8.64
N ILE B 822 -25.10 -2.30 9.85
CA ILE B 822 -24.41 -3.29 10.67
C ILE B 822 -24.55 -4.68 10.10
N CYS B 823 -25.70 -5.00 9.49
CA CYS B 823 -25.91 -6.32 8.91
C CYS B 823 -24.98 -6.59 7.73
N ALA B 824 -24.74 -5.58 6.90
CA ALA B 824 -23.81 -5.75 5.79
C ALA B 824 -22.38 -5.90 6.26
N GLN B 825 -22.01 -5.23 7.35
CA GLN B 825 -20.72 -5.46 7.97
C GLN B 825 -20.60 -6.88 8.50
N LYS B 826 -21.65 -7.35 9.16
CA LYS B 826 -21.65 -8.69 9.73
C LYS B 826 -21.59 -9.77 8.66
N PHE B 827 -22.22 -9.54 7.51
CA PHE B 827 -22.23 -10.52 6.44
C PHE B 827 -20.91 -10.59 5.68
N ASN B 828 -20.05 -9.58 5.81
CA ASN B 828 -18.81 -9.51 5.06
C ASN B 828 -17.57 -9.72 5.94
N GLY B 829 -17.75 -10.21 7.16
CA GLY B 829 -16.61 -10.56 7.99
C GLY B 829 -16.08 -9.47 8.89
N LEU B 830 -16.80 -8.36 9.05
CA LEU B 830 -16.35 -7.27 9.91
C LEU B 830 -17.11 -7.35 11.22
N THR B 831 -16.38 -7.53 12.32
CA THR B 831 -16.99 -7.78 13.62
C THR B 831 -16.39 -6.81 14.62
N VAL B 832 -17.21 -6.31 15.54
CA VAL B 832 -16.76 -5.45 16.64
C VAL B 832 -16.90 -6.23 17.93
N LEU B 833 -15.80 -6.36 18.65
CA LEU B 833 -15.74 -7.11 19.89
C LEU B 833 -16.05 -6.23 21.09
N PRO B 834 -16.69 -6.76 22.13
CA PRO B 834 -17.05 -5.95 23.30
C PRO B 834 -15.84 -5.67 24.17
N PRO B 835 -15.85 -4.57 24.92
CA PRO B 835 -14.76 -4.29 25.85
C PRO B 835 -14.73 -5.26 27.02
N LEU B 836 -13.54 -5.44 27.59
CA LEU B 836 -13.38 -6.38 28.69
C LEU B 836 -14.03 -5.85 29.96
N LEU B 837 -13.87 -4.56 30.24
CA LEU B 837 -14.44 -3.93 31.42
C LEU B 837 -15.76 -3.28 31.05
N THR B 838 -16.83 -3.68 31.74
CA THR B 838 -18.13 -3.09 31.48
C THR B 838 -18.23 -1.72 32.14
N ASP B 839 -19.34 -1.02 31.87
CA ASP B 839 -19.49 0.33 32.39
C ASP B 839 -19.72 0.35 33.89
N ASP B 840 -20.35 -0.69 34.45
CA ASP B 840 -20.56 -0.75 35.88
C ASP B 840 -19.25 -0.93 36.63
N MET B 841 -18.30 -1.65 36.05
CA MET B 841 -17.00 -1.83 36.69
C MET B 841 -16.21 -0.52 36.72
N ILE B 842 -16.27 0.25 35.64
CA ILE B 842 -15.62 1.56 35.60
C ILE B 842 -16.29 2.52 36.56
N ALA B 843 -17.62 2.44 36.68
CA ALA B 843 -18.34 3.25 37.66
C ALA B 843 -17.93 2.88 39.08
N ALA B 844 -17.70 1.59 39.33
CA ALA B 844 -17.23 1.16 40.65
C ALA B 844 -15.84 1.70 40.94
N TYR B 845 -14.96 1.71 39.94
CA TYR B 845 -13.62 2.26 40.13
C TYR B 845 -13.66 3.75 40.45
N THR B 846 -14.47 4.52 39.71
CA THR B 846 -14.52 5.96 39.96
C THR B 846 -15.18 6.27 41.29
N ALA B 847 -16.18 5.49 41.69
CA ALA B 847 -16.78 5.68 43.01
C ALA B 847 -15.79 5.37 44.12
N ALA B 848 -14.96 4.34 43.94
CA ALA B 848 -13.93 4.04 44.92
C ALA B 848 -12.91 5.16 45.02
N LEU B 849 -12.52 5.75 43.89
CA LEU B 849 -11.56 6.84 43.91
C LEU B 849 -12.12 8.08 44.60
N VAL B 850 -13.39 8.42 44.33
CA VAL B 850 -14.00 9.59 44.97
C VAL B 850 -14.19 9.36 46.46
N SER B 851 -14.59 8.15 46.86
CA SER B 851 -14.75 7.85 48.27
C SER B 851 -13.42 7.89 49.01
N GLY B 852 -12.36 7.37 48.40
CA GLY B 852 -11.05 7.42 49.02
C GLY B 852 -10.52 8.84 49.13
N THR B 853 -10.83 9.69 48.14
CA THR B 853 -10.41 11.08 48.22
C THR B 853 -11.18 11.82 49.31
N ALA B 854 -12.46 11.51 49.48
CA ALA B 854 -13.26 12.22 50.47
C ALA B 854 -12.95 11.76 51.89
N THR B 855 -12.55 10.51 52.07
CA THR B 855 -12.42 9.98 53.43
C THR B 855 -10.96 9.87 53.89
N ALA B 856 -10.02 9.78 52.95
CA ALA B 856 -8.63 9.55 53.34
C ALA B 856 -7.72 10.69 52.90
N GLY B 857 -7.88 11.17 51.67
CA GLY B 857 -7.12 12.32 51.22
C GLY B 857 -6.04 12.00 50.21
N TRP B 858 -4.80 12.39 50.53
CA TRP B 858 -3.68 12.26 49.61
C TRP B 858 -2.81 11.05 49.92
N THR B 859 -3.17 10.28 50.95
CA THR B 859 -2.29 9.27 51.51
C THR B 859 -2.48 7.90 50.88
N PHE B 860 -3.65 7.61 50.33
CA PHE B 860 -3.93 6.28 49.83
C PHE B 860 -3.27 6.01 48.49
N GLY B 861 -2.84 7.06 47.78
CA GLY B 861 -2.06 6.86 46.57
C GLY B 861 -0.69 6.31 46.84
N ALA B 862 -0.04 6.79 47.91
CA ALA B 862 1.32 6.39 48.26
C ALA B 862 1.37 5.20 49.20
N GLY B 863 0.23 4.61 49.55
CA GLY B 863 0.23 3.44 50.42
C GLY B 863 -1.16 3.09 50.93
N ALA B 864 -1.25 2.73 52.21
CA ALA B 864 -2.53 2.48 52.83
C ALA B 864 -3.23 3.80 53.14
N ALA B 865 -4.56 3.74 53.23
CA ALA B 865 -5.34 4.94 53.47
C ALA B 865 -5.23 5.37 54.93
N LEU B 866 -5.06 6.68 55.12
CA LEU B 866 -4.99 7.30 56.44
C LEU B 866 -6.17 8.24 56.58
N GLN B 867 -6.99 8.06 57.62
CA GLN B 867 -8.19 8.87 57.77
C GLN B 867 -7.86 10.28 58.25
N ILE B 868 -8.62 11.25 57.75
CA ILE B 868 -8.47 12.64 58.16
C ILE B 868 -9.83 13.32 57.94
N PRO B 869 -10.22 14.28 58.76
CA PRO B 869 -11.42 15.07 58.46
C PRO B 869 -11.22 15.92 57.21
N PHE B 870 -12.34 16.26 56.57
CA PHE B 870 -12.26 16.96 55.28
C PHE B 870 -11.77 18.39 55.44
N ALA B 871 -12.15 19.04 56.54
CA ALA B 871 -11.73 20.43 56.77
C ALA B 871 -10.21 20.51 56.94
N MET B 872 -9.62 19.55 57.64
CA MET B 872 -8.17 19.55 57.81
C MET B 872 -7.46 19.24 56.50
N GLN B 873 -8.06 18.42 55.66
CA GLN B 873 -7.52 18.16 54.33
C GLN B 873 -7.52 19.43 53.48
N MET B 874 -8.61 20.20 53.53
CA MET B 874 -8.64 21.47 52.82
C MET B 874 -7.66 22.48 53.42
N ALA B 875 -7.40 22.41 54.72
CA ALA B 875 -6.38 23.27 55.32
C ALA B 875 -4.99 22.96 54.80
N TYR B 876 -4.66 21.66 54.68
CA TYR B 876 -3.37 21.30 54.09
C TYR B 876 -3.30 21.72 52.62
N ARG B 877 -4.41 21.59 51.90
CA ARG B 877 -4.38 21.96 50.50
C ARG B 877 -4.28 23.47 50.30
N PHE B 878 -4.76 24.26 51.27
CA PHE B 878 -4.46 25.70 51.22
C PHE B 878 -3.02 26.00 51.59
N ASN B 879 -2.44 25.24 52.53
CA ASN B 879 -1.00 25.40 52.79
C ASN B 879 -0.16 25.12 51.55
N GLY B 880 -0.59 24.15 50.74
CA GLY B 880 0.17 23.77 49.57
C GLY B 880 0.27 24.83 48.49
N ILE B 881 -0.62 25.82 48.49
CA ILE B 881 -0.59 26.87 47.48
C ILE B 881 -0.11 28.20 48.05
N GLY B 882 0.36 28.22 49.28
CA GLY B 882 0.92 29.43 49.85
C GLY B 882 -0.02 30.29 50.67
N VAL B 883 -1.13 29.73 51.16
CA VAL B 883 -2.08 30.45 52.00
C VAL B 883 -2.15 29.73 53.33
N THR B 884 -2.16 30.48 54.42
CA THR B 884 -2.06 29.87 55.74
C THR B 884 -3.36 29.15 56.11
N GLN B 885 -3.27 28.34 57.17
CA GLN B 885 -4.39 27.49 57.59
C GLN B 885 -5.58 28.29 58.08
N ASN B 886 -5.34 29.45 58.68
CA ASN B 886 -6.43 30.20 59.30
C ASN B 886 -7.41 30.74 58.29
N VAL B 887 -6.96 30.99 57.05
CA VAL B 887 -7.82 31.59 56.04
C VAL B 887 -8.97 30.65 55.70
N LEU B 888 -8.73 29.34 55.73
CA LEU B 888 -9.82 28.39 55.53
C LEU B 888 -10.79 28.42 56.71
N TYR B 889 -10.28 28.37 57.93
CA TYR B 889 -11.14 28.24 59.10
C TYR B 889 -11.94 29.49 59.42
N GLU B 890 -11.44 30.68 59.03
CA GLU B 890 -12.19 31.90 59.28
C GLU B 890 -13.48 31.94 58.48
N ASN B 891 -13.45 31.51 57.22
CA ASN B 891 -14.59 31.61 56.32
C ASN B 891 -14.84 30.30 55.62
N GLN B 892 -14.94 29.22 56.40
CA GLN B 892 -15.16 27.89 55.87
C GLN B 892 -16.51 27.78 55.15
N LYS B 893 -17.55 28.39 55.71
CA LYS B 893 -18.89 28.24 55.12
C LYS B 893 -19.03 28.97 53.80
N GLN B 894 -18.32 30.08 53.62
CA GLN B 894 -18.30 30.74 52.31
C GLN B 894 -17.67 29.84 51.25
N ILE B 895 -16.58 29.16 51.60
CA ILE B 895 -15.93 28.24 50.67
C ILE B 895 -16.84 27.05 50.36
N ALA B 896 -17.54 26.55 51.37
CA ALA B 896 -18.48 25.46 51.15
C ALA B 896 -19.62 25.87 50.21
N ASN B 897 -20.14 27.08 50.40
CA ASN B 897 -21.20 27.58 49.52
C ASN B 897 -20.71 27.74 48.09
N GLN B 898 -19.47 28.23 47.92
CA GLN B 898 -18.92 28.38 46.58
C GLN B 898 -18.69 27.03 45.91
N PHE B 899 -18.27 26.02 46.68
CA PHE B 899 -18.10 24.68 46.16
C PHE B 899 -19.43 24.10 45.68
N ASN B 900 -20.48 24.22 46.50
CA ASN B 900 -21.79 23.71 46.11
C ASN B 900 -22.35 24.45 44.90
N LYS B 901 -22.16 25.77 44.86
CA LYS B 901 -22.59 26.58 43.73
C LYS B 901 -21.89 26.17 42.44
N ALA B 902 -20.59 25.90 42.49
CA ALA B 902 -19.87 25.51 41.29
C ALA B 902 -20.26 24.12 40.81
N ILE B 903 -20.55 23.20 41.75
CA ILE B 903 -21.07 21.89 41.37
C ILE B 903 -22.42 22.02 40.67
N SER B 904 -23.30 22.88 41.21
CA SER B 904 -24.59 23.12 40.57
C SER B 904 -24.45 23.73 39.18
N GLN B 905 -23.49 24.65 39.01
CA GLN B 905 -23.26 25.24 37.68
C GLN B 905 -22.77 24.19 36.69
N ILE B 906 -21.88 23.29 37.13
CA ILE B 906 -21.40 22.23 36.25
C ILE B 906 -22.55 21.32 35.83
N GLN B 907 -23.41 20.98 36.79
CA GLN B 907 -24.60 20.18 36.50
C GLN B 907 -25.51 20.87 35.49
N GLU B 908 -25.76 22.17 35.68
CA GLU B 908 -26.63 22.92 34.78
C GLU B 908 -26.05 23.00 33.37
N SER B 909 -24.72 23.20 33.28
CA SER B 909 -24.08 23.29 31.98
C SER B 909 -24.10 21.94 31.25
N LEU B 910 -23.95 20.84 31.99
CA LEU B 910 -23.98 19.53 31.35
C LEU B 910 -25.40 19.15 30.94
N THR B 911 -26.40 19.65 31.66
CA THR B 911 -27.79 19.32 31.38
C THR B 911 -28.24 19.82 30.01
N THR B 912 -27.94 21.09 29.71
CA THR B 912 -28.36 21.68 28.44
C THR B 912 -27.56 21.09 27.29
N THR B 913 -28.13 21.19 26.08
CA THR B 913 -27.48 20.63 24.90
C THR B 913 -26.29 21.49 24.50
N SER B 914 -25.13 20.84 24.37
CA SER B 914 -23.89 21.53 24.02
C SER B 914 -22.98 20.54 23.31
N THR B 915 -21.76 20.97 23.02
CA THR B 915 -20.77 20.17 22.35
C THR B 915 -19.50 20.09 23.19
N ALA B 916 -19.67 20.07 24.51
CA ALA B 916 -18.54 19.97 25.43
C ALA B 916 -17.87 18.61 25.35
N LEU B 917 -18.62 17.57 24.98
CA LEU B 917 -18.06 16.22 24.82
C LEU B 917 -17.80 15.89 23.36
N GLY B 918 -17.38 16.88 22.58
CA GLY B 918 -17.21 16.67 21.15
C GLY B 918 -16.01 15.80 20.81
N LYS B 919 -15.02 15.75 21.68
CA LYS B 919 -13.85 14.93 21.43
C LYS B 919 -14.15 13.44 21.53
N LEU B 920 -15.22 13.08 22.23
CA LEU B 920 -15.59 11.67 22.38
C LEU B 920 -16.50 11.20 21.26
N GLN B 921 -17.28 12.09 20.65
CA GLN B 921 -18.12 11.70 19.53
C GLN B 921 -17.29 11.51 18.25
N ASP B 922 -16.19 12.23 18.14
CA ASP B 922 -15.36 12.18 16.95
C ASP B 922 -14.62 10.86 16.81
N VAL B 923 -14.33 10.19 17.92
CA VAL B 923 -13.78 8.84 17.86
C VAL B 923 -14.79 7.86 17.28
N VAL B 924 -16.02 7.92 17.78
CA VAL B 924 -17.09 7.03 17.32
C VAL B 924 -17.39 7.26 15.85
N ASN B 925 -17.48 8.52 15.43
CA ASN B 925 -17.80 8.84 14.03
C ASN B 925 -16.73 8.34 13.07
N GLN B 926 -15.45 8.50 13.42
CA GLN B 926 -14.37 8.11 12.53
C GLN B 926 -14.31 6.60 12.33
N ASN B 927 -14.51 5.82 13.40
CA ASN B 927 -14.52 4.37 13.25
C ASN B 927 -15.69 3.90 12.38
N ALA B 928 -16.86 4.51 12.58
CA ALA B 928 -18.03 4.16 11.77
C ALA B 928 -17.80 4.48 10.29
N GLN B 929 -17.21 5.64 10.00
CA GLN B 929 -16.94 6.00 8.62
C GLN B 929 -15.95 5.04 7.98
N ALA B 930 -14.91 4.62 8.71
CA ALA B 930 -13.94 3.69 8.14
C ALA B 930 -14.58 2.35 7.80
N LEU B 931 -15.42 1.85 8.71
CA LEU B 931 -16.02 0.53 8.46
C LEU B 931 -17.05 0.60 7.33
N ASN B 932 -17.80 1.71 7.24
CA ASN B 932 -18.73 1.88 6.12
C ASN B 932 -17.98 2.04 4.79
N THR B 933 -16.80 2.65 4.81
CA THR B 933 -16.01 2.77 3.59
C THR B 933 -15.52 1.41 3.12
N LEU B 934 -15.11 0.54 4.05
CA LEU B 934 -14.78 -0.84 3.65
C LEU B 934 -15.97 -1.55 3.03
N VAL B 935 -17.16 -1.39 3.61
CA VAL B 935 -18.33 -2.05 3.04
C VAL B 935 -18.64 -1.50 1.65
N LYS B 936 -18.54 -0.18 1.48
CA LYS B 936 -18.89 0.44 0.22
C LYS B 936 -17.88 0.12 -0.89
N GLN B 937 -16.61 -0.11 -0.55
CA GLN B 937 -15.60 -0.35 -1.57
C GLN B 937 -15.71 -1.70 -2.26
N LEU B 938 -16.61 -2.58 -1.83
CA LEU B 938 -16.74 -3.89 -2.45
C LEU B 938 -17.44 -3.85 -3.80
N SER B 939 -18.00 -2.71 -4.20
CA SER B 939 -18.72 -2.60 -5.46
C SER B 939 -17.86 -2.11 -6.60
N SER B 940 -16.56 -1.88 -6.37
CA SER B 940 -15.67 -1.50 -7.45
C SER B 940 -15.23 -2.73 -8.22
N ASN B 941 -15.13 -2.60 -9.54
CA ASN B 941 -14.66 -3.71 -10.35
C ASN B 941 -13.16 -3.70 -10.58
N PHE B 942 -12.48 -2.61 -10.24
CA PHE B 942 -11.01 -2.51 -10.28
C PHE B 942 -10.45 -2.77 -11.67
N GLY B 943 -11.19 -2.40 -12.70
CA GLY B 943 -10.75 -2.64 -14.06
C GLY B 943 -11.16 -3.97 -14.66
N ALA B 944 -11.79 -4.85 -13.88
CA ALA B 944 -12.27 -6.11 -14.41
C ALA B 944 -13.61 -5.88 -15.13
N ILE B 945 -14.19 -6.99 -15.63
CA ILE B 945 -15.42 -6.86 -16.40
C ILE B 945 -16.62 -6.59 -15.50
N SER B 946 -16.56 -7.05 -14.25
CA SER B 946 -17.66 -6.84 -13.32
C SER B 946 -17.12 -6.94 -11.90
N SER B 947 -17.88 -6.39 -10.96
CA SER B 947 -17.53 -6.46 -9.55
C SER B 947 -18.12 -7.68 -8.86
N VAL B 948 -19.01 -8.41 -9.52
CA VAL B 948 -19.61 -9.60 -8.96
C VAL B 948 -18.74 -10.79 -9.32
N LEU B 949 -18.29 -11.52 -8.31
CA LEU B 949 -17.35 -12.62 -8.51
C LEU B 949 -18.02 -13.82 -9.14
N ASN B 950 -19.33 -13.96 -9.01
CA ASN B 950 -20.05 -15.10 -9.56
C ASN B 950 -20.52 -14.90 -10.99
N ASP B 951 -20.38 -13.70 -11.54
CA ASP B 951 -20.68 -13.47 -12.95
C ASP B 951 -19.46 -13.64 -13.84
N ILE B 952 -18.26 -13.53 -13.28
CA ILE B 952 -17.04 -13.79 -14.05
C ILE B 952 -16.84 -15.29 -14.20
N LEU B 953 -17.33 -16.06 -13.24
CA LEU B 953 -17.21 -17.51 -13.30
C LEU B 953 -18.34 -18.18 -14.05
N SER B 954 -19.35 -17.44 -14.48
CA SER B 954 -20.48 -18.02 -15.18
C SER B 954 -20.37 -17.89 -16.69
N ARG B 955 -19.46 -17.06 -17.19
CA ARG B 955 -19.36 -16.86 -18.63
C ARG B 955 -17.91 -16.72 -19.10
N LEU B 956 -16.97 -17.36 -18.43
CA LEU B 956 -15.58 -17.30 -18.83
C LEU B 956 -14.92 -18.64 -18.53
N CYS B 957 -13.82 -18.90 -19.23
CA CYS B 957 -13.03 -20.11 -19.05
C CYS B 957 -11.90 -19.83 -18.07
N LYS B 958 -11.33 -20.92 -17.51
CA LYS B 958 -10.39 -20.87 -16.39
C LYS B 958 -9.22 -19.93 -16.57
N VAL B 959 -8.54 -20.03 -17.72
CA VAL B 959 -7.39 -19.18 -18.00
C VAL B 959 -7.81 -17.72 -18.06
N GLU B 960 -8.94 -17.44 -18.71
CA GLU B 960 -9.43 -16.08 -18.83
C GLU B 960 -10.22 -15.61 -17.62
N ALA B 961 -10.62 -16.53 -16.73
CA ALA B 961 -11.34 -16.12 -15.53
C ALA B 961 -10.39 -15.81 -14.37
N GLU B 962 -9.27 -16.53 -14.30
CA GLU B 962 -8.29 -16.27 -13.24
C GLU B 962 -7.66 -14.88 -13.40
N VAL B 963 -7.45 -14.45 -14.65
CA VAL B 963 -6.90 -13.13 -14.92
C VAL B 963 -7.84 -12.04 -14.41
N GLN B 964 -9.14 -12.23 -14.59
CA GLN B 964 -10.11 -11.25 -14.11
C GLN B 964 -10.28 -11.31 -12.60
N ILE B 965 -10.19 -12.50 -12.01
CA ILE B 965 -10.39 -12.64 -10.58
C ILE B 965 -9.20 -12.06 -9.80
N ASP B 966 -7.99 -12.18 -10.35
CA ASP B 966 -6.80 -11.70 -9.66
C ASP B 966 -6.81 -10.19 -9.49
N ARG B 967 -7.40 -9.45 -10.42
CA ARG B 967 -7.51 -8.00 -10.26
C ARG B 967 -8.40 -7.65 -9.07
N LEU B 968 -9.52 -8.35 -8.92
CA LEU B 968 -10.40 -8.12 -7.77
C LEU B 968 -9.71 -8.49 -6.47
N ILE B 969 -8.95 -9.59 -6.47
CA ILE B 969 -8.24 -10.03 -5.28
C ILE B 969 -7.21 -8.99 -4.86
N THR B 970 -6.44 -8.47 -5.82
CA THR B 970 -5.45 -7.45 -5.51
C THR B 970 -6.10 -6.16 -5.01
N GLY B 971 -7.19 -5.75 -5.64
CA GLY B 971 -7.86 -4.52 -5.21
C GLY B 971 -8.43 -4.62 -3.81
N ARG B 972 -9.06 -5.74 -3.48
CA ARG B 972 -9.60 -5.90 -2.14
C ARG B 972 -8.51 -6.07 -1.09
N LEU B 973 -7.40 -6.74 -1.44
CA LEU B 973 -6.28 -6.85 -0.52
C LEU B 973 -5.69 -5.49 -0.19
N GLN B 974 -5.51 -4.64 -1.19
CA GLN B 974 -4.91 -3.33 -0.91
C GLN B 974 -5.89 -2.39 -0.23
N SER B 975 -7.20 -2.55 -0.45
CA SER B 975 -8.19 -1.80 0.32
C SER B 975 -8.14 -2.17 1.81
N LEU B 976 -8.05 -3.46 2.09
CA LEU B 976 -8.02 -3.92 3.47
C LEU B 976 -6.71 -3.52 4.16
N GLN B 977 -5.61 -3.47 3.38
CA GLN B 977 -4.34 -2.97 3.90
C GLN B 977 -4.42 -1.50 4.26
N THR B 978 -5.08 -0.69 3.42
CA THR B 978 -5.28 0.73 3.75
C THR B 978 -6.04 0.89 5.05
N TYR B 979 -7.08 0.08 5.24
CA TYR B 979 -7.87 0.14 6.48
C TYR B 979 -7.00 -0.18 7.69
N VAL B 980 -6.19 -1.24 7.62
CA VAL B 980 -5.44 -1.61 8.81
C VAL B 980 -4.33 -0.60 9.11
N THR B 981 -3.76 0.04 8.09
CA THR B 981 -2.74 1.06 8.34
C THR B 981 -3.34 2.29 9.03
N GLN B 982 -4.51 2.74 8.56
CA GLN B 982 -5.18 3.86 9.20
C GLN B 982 -5.54 3.55 10.65
N GLN B 983 -5.98 2.31 10.89
CA GLN B 983 -6.31 1.91 12.26
C GLN B 983 -5.10 1.93 13.17
N LEU B 984 -3.93 1.51 12.66
CA LEU B 984 -2.72 1.53 13.47
C LEU B 984 -2.32 2.96 13.86
N ILE B 985 -2.41 3.90 12.92
CA ILE B 985 -2.06 5.28 13.24
C ILE B 985 -3.03 5.88 14.26
N ARG B 986 -4.33 5.65 14.07
CA ARG B 986 -5.32 6.16 15.02
C ARG B 986 -5.14 5.53 16.41
N ALA B 987 -4.77 4.25 16.46
CA ALA B 987 -4.51 3.59 17.74
C ALA B 987 -3.33 4.22 18.46
N ALA B 988 -2.29 4.60 17.72
CA ALA B 988 -1.15 5.28 18.34
C ALA B 988 -1.56 6.61 18.97
N GLU B 989 -2.40 7.37 18.26
CA GLU B 989 -2.86 8.64 18.83
C GLU B 989 -3.70 8.43 20.09
N ILE B 990 -4.58 7.42 20.07
CA ILE B 990 -5.40 7.10 21.23
C ILE B 990 -4.54 6.67 22.41
N ARG B 991 -3.47 5.93 22.14
CA ARG B 991 -2.56 5.50 23.20
C ARG B 991 -1.86 6.68 23.86
N ALA B 992 -1.44 7.66 23.06
CA ALA B 992 -0.83 8.86 23.63
C ALA B 992 -1.80 9.62 24.53
N SER B 993 -3.06 9.75 24.08
CA SER B 993 -4.07 10.41 24.91
C SER B 993 -4.32 9.65 26.22
N ALA B 994 -4.35 8.32 26.15
CA ALA B 994 -4.57 7.51 27.35
C ALA B 994 -3.41 7.59 28.32
N ASN B 995 -2.18 7.70 27.82
CA ASN B 995 -1.03 7.89 28.69
C ASN B 995 -1.11 9.22 29.43
N LEU B 996 -1.51 10.28 28.73
CA LEU B 996 -1.70 11.56 29.41
C LEU B 996 -2.82 11.48 30.46
N ALA B 997 -3.89 10.76 30.15
CA ALA B 997 -4.97 10.62 31.12
C ALA B 997 -4.53 9.85 32.36
N ALA B 998 -3.72 8.82 32.17
CA ALA B 998 -3.20 8.05 33.30
C ALA B 998 -2.30 8.89 34.18
N THR B 999 -1.40 9.68 33.58
CA THR B 999 -0.52 10.49 34.42
C THR B 999 -1.29 11.64 35.09
N LYS B 1000 -2.36 12.13 34.46
CA LYS B 1000 -3.18 13.17 35.08
C LYS B 1000 -3.95 12.61 36.26
N MET B 1001 -4.48 11.39 36.15
CA MET B 1001 -5.14 10.74 37.26
C MET B 1001 -4.17 10.48 38.40
N SER B 1002 -2.95 10.07 38.07
CA SER B 1002 -1.96 9.80 39.11
C SER B 1002 -1.53 11.07 39.84
N GLU B 1003 -1.32 12.16 39.12
CA GLU B 1003 -0.72 13.34 39.72
C GLU B 1003 -1.72 14.38 40.20
N CYS B 1004 -3.01 14.27 39.85
CA CYS B 1004 -3.97 15.26 40.28
C CYS B 1004 -5.13 14.73 41.10
N VAL B 1005 -5.38 13.43 41.09
CA VAL B 1005 -6.41 12.85 41.93
C VAL B 1005 -5.83 12.21 43.18
N LEU B 1006 -4.69 11.56 43.06
CA LEU B 1006 -4.01 10.97 44.21
C LEU B 1006 -3.07 11.93 44.90
N GLY B 1007 -3.01 13.18 44.46
CA GLY B 1007 -2.13 14.14 45.10
C GLY B 1007 -2.48 15.55 44.69
N GLN B 1008 -1.55 16.45 44.98
CA GLN B 1008 -1.66 17.85 44.59
C GLN B 1008 -0.47 18.22 43.74
N SER B 1009 -0.69 18.93 42.64
CA SER B 1009 0.36 19.23 41.68
C SER B 1009 0.68 20.72 41.69
N LYS B 1010 1.97 21.03 41.58
CA LYS B 1010 2.42 22.40 41.50
C LYS B 1010 2.80 22.83 40.09
N ARG B 1011 2.57 21.97 39.11
CA ARG B 1011 2.80 22.33 37.72
C ARG B 1011 1.72 23.29 37.24
N VAL B 1012 2.13 24.29 36.49
CA VAL B 1012 1.23 25.37 36.10
C VAL B 1012 0.35 24.91 34.94
N ASP B 1013 -0.96 25.07 35.10
CA ASP B 1013 -1.99 24.76 34.10
C ASP B 1013 -1.99 23.29 33.70
N PHE B 1014 -1.44 22.41 34.54
CA PHE B 1014 -1.52 20.98 34.25
C PHE B 1014 -2.90 20.44 34.57
N CYS B 1015 -3.57 21.01 35.56
CA CYS B 1015 -4.86 20.53 36.03
C CYS B 1015 -5.82 21.70 36.27
N GLY B 1016 -5.94 22.58 35.28
CA GLY B 1016 -6.91 23.63 35.31
C GLY B 1016 -6.27 25.01 35.38
N LYS B 1017 -7.13 26.01 35.45
CA LYS B 1017 -6.73 27.41 35.49
C LYS B 1017 -6.85 27.90 36.93
N GLY B 1018 -5.71 28.22 37.53
CA GLY B 1018 -5.65 28.66 38.91
C GLY B 1018 -4.69 27.78 39.67
N TYR B 1019 -4.72 27.92 40.99
CA TYR B 1019 -3.92 27.07 41.86
C TYR B 1019 -4.71 25.82 42.20
N HIS B 1020 -4.15 24.66 41.89
CA HIS B 1020 -4.85 23.40 42.03
C HIS B 1020 -5.04 23.06 43.50
N LEU B 1021 -6.26 22.62 43.85
CA LEU B 1021 -6.53 22.12 45.19
C LEU B 1021 -6.77 20.61 45.18
N MET B 1022 -7.77 20.15 44.43
CA MET B 1022 -8.08 18.72 44.37
C MET B 1022 -8.94 18.48 43.14
N SER B 1023 -9.17 17.19 42.85
CA SER B 1023 -9.74 16.82 41.56
C SER B 1023 -10.51 15.52 41.69
N PHE B 1024 -11.50 15.34 40.81
CA PHE B 1024 -12.40 14.20 40.86
C PHE B 1024 -12.53 13.56 39.48
N PRO B 1025 -12.47 12.23 39.37
CA PRO B 1025 -12.70 11.58 38.08
C PRO B 1025 -14.14 11.12 37.86
N GLN B 1026 -14.61 11.16 36.62
CA GLN B 1026 -15.91 10.63 36.24
C GLN B 1026 -15.75 9.84 34.95
N ALA B 1027 -16.56 8.79 34.79
CA ALA B 1027 -16.48 7.95 33.62
C ALA B 1027 -17.35 8.50 32.51
N ALA B 1028 -16.92 8.30 31.28
CA ALA B 1028 -17.64 8.75 30.09
C ALA B 1028 -17.48 7.67 29.03
N PRO B 1029 -18.39 7.61 28.04
CA PRO B 1029 -18.25 6.60 26.99
C PRO B 1029 -16.92 6.68 26.24
N HIS B 1030 -16.10 5.63 26.41
CA HIS B 1030 -14.74 5.54 25.90
C HIS B 1030 -13.85 6.69 26.38
N GLY B 1031 -14.04 7.13 27.63
CA GLY B 1031 -13.19 8.22 28.08
C GLY B 1031 -13.39 8.56 29.53
N VAL B 1032 -12.66 9.60 29.96
CA VAL B 1032 -12.70 10.07 31.34
C VAL B 1032 -12.92 11.57 31.34
N VAL B 1033 -13.51 12.07 32.42
CA VAL B 1033 -13.78 13.49 32.62
C VAL B 1033 -13.25 13.88 33.99
N PHE B 1034 -12.36 14.87 34.02
CA PHE B 1034 -11.77 15.34 35.27
C PHE B 1034 -12.44 16.65 35.67
N LEU B 1035 -12.84 16.75 36.94
CA LEU B 1035 -13.32 17.99 37.51
C LEU B 1035 -12.24 18.50 38.46
N HIS B 1036 -11.61 19.61 38.12
CA HIS B 1036 -10.58 20.21 38.95
C HIS B 1036 -11.17 21.39 39.70
N VAL B 1037 -10.92 21.45 41.02
CA VAL B 1037 -11.27 22.64 41.79
C VAL B 1037 -10.02 23.49 41.90
N THR B 1038 -10.19 24.81 41.84
CA THR B 1038 -9.06 25.72 41.81
C THR B 1038 -9.40 26.97 42.62
N TYR B 1039 -8.34 27.56 43.16
CA TYR B 1039 -8.39 28.80 43.95
C TYR B 1039 -8.04 29.94 43.01
N VAL B 1040 -8.94 30.91 42.87
CA VAL B 1040 -8.75 32.03 41.95
C VAL B 1040 -8.69 33.31 42.78
N PRO B 1041 -7.56 34.04 42.78
CA PRO B 1041 -7.51 35.31 43.50
C PRO B 1041 -8.35 36.37 42.83
N SER B 1042 -8.86 37.31 43.63
CA SER B 1042 -9.77 38.33 43.14
C SER B 1042 -9.69 39.59 43.97
N GLN B 1043 -10.28 40.67 43.46
CA GLN B 1043 -10.38 41.98 44.13
C GLN B 1043 -9.03 42.53 44.55
N GLU B 1044 -8.18 42.81 43.57
CA GLU B 1044 -6.84 43.33 43.77
C GLU B 1044 -6.88 44.76 44.31
N ARG B 1045 -5.83 45.12 45.06
CA ARG B 1045 -5.68 46.45 45.62
C ARG B 1045 -4.26 46.95 45.39
N ASN B 1046 -4.13 48.27 45.33
CA ASN B 1046 -2.85 48.94 45.13
C ASN B 1046 -2.20 49.24 46.47
N PHE B 1047 -0.89 49.00 46.55
CA PHE B 1047 -0.12 49.33 47.74
C PHE B 1047 1.24 49.87 47.33
N THR B 1048 1.85 50.62 48.23
CA THR B 1048 3.22 51.10 48.07
C THR B 1048 4.14 50.18 48.85
N THR B 1049 5.20 49.70 48.21
CA THR B 1049 6.04 48.67 48.77
C THR B 1049 7.50 49.11 48.77
N ALA B 1050 8.31 48.40 49.56
CA ALA B 1050 9.73 48.62 49.67
C ALA B 1050 10.44 47.29 49.74
N PRO B 1051 11.69 47.21 49.25
CA PRO B 1051 12.41 45.93 49.35
C PRO B 1051 12.83 45.58 50.76
N ALA B 1052 13.22 46.56 51.57
CA ALA B 1052 13.69 46.30 52.92
C ALA B 1052 13.52 47.56 53.76
N ILE B 1053 13.64 47.40 55.07
CA ILE B 1053 13.69 48.51 56.01
C ILE B 1053 14.92 48.33 56.89
N CYS B 1054 15.42 49.43 57.44
CA CYS B 1054 16.49 49.35 58.42
C CYS B 1054 16.16 50.21 59.62
N HIS B 1055 16.44 49.69 60.81
CA HIS B 1055 16.06 50.32 62.07
C HIS B 1055 17.19 51.17 62.64
N GLU B 1056 18.34 50.54 62.92
CA GLU B 1056 19.47 51.22 63.55
C GLU B 1056 20.76 50.88 62.79
N GLY B 1057 20.70 51.03 61.47
CA GLY B 1057 21.85 50.71 60.65
C GLY B 1057 21.96 49.24 60.31
N LYS B 1058 20.90 48.48 60.53
CA LYS B 1058 20.84 47.07 60.18
C LYS B 1058 19.63 46.84 59.31
N ALA B 1059 19.83 46.30 58.10
CA ALA B 1059 18.74 46.09 57.17
C ALA B 1059 17.94 44.85 57.55
N TYR B 1060 16.62 44.98 57.47
CA TYR B 1060 15.71 43.88 57.79
C TYR B 1060 14.99 43.46 56.52
N PHE B 1061 15.05 42.17 56.19
CA PHE B 1061 14.34 41.61 55.06
C PHE B 1061 13.21 40.72 55.55
N PRO B 1062 12.08 40.67 54.83
CA PRO B 1062 11.01 39.77 55.25
C PRO B 1062 11.36 38.31 54.99
N ARG B 1063 10.77 37.43 55.79
CA ARG B 1063 11.01 36.00 55.61
C ARG B 1063 10.10 35.44 54.51
N GLU B 1064 8.80 35.35 54.77
CA GLU B 1064 7.80 35.14 53.73
C GLU B 1064 6.89 36.36 53.69
N GLY B 1065 6.74 36.97 52.52
CA GLY B 1065 5.82 38.05 52.33
C GLY B 1065 6.49 39.27 51.76
N VAL B 1066 5.75 40.38 51.73
CA VAL B 1066 6.22 41.66 51.26
C VAL B 1066 5.82 42.73 52.26
N PHE B 1067 6.59 43.82 52.29
CA PHE B 1067 6.24 45.01 53.06
C PHE B 1067 5.26 45.85 52.26
N VAL B 1068 4.19 46.30 52.90
CA VAL B 1068 3.18 47.12 52.23
C VAL B 1068 2.84 48.32 53.11
N PHE B 1069 2.28 49.35 52.46
CA PHE B 1069 1.89 50.61 53.09
C PHE B 1069 0.39 50.78 52.88
N ASN B 1070 -0.39 50.59 53.95
CA ASN B 1070 -1.83 50.77 53.85
C ASN B 1070 -2.21 52.25 53.72
N GLY B 1071 -1.30 53.14 54.11
CA GLY B 1071 -1.58 54.56 54.09
C GLY B 1071 -1.15 55.22 55.38
N THR B 1072 -1.04 54.43 56.44
CA THR B 1072 -0.63 54.95 57.74
C THR B 1072 0.72 54.38 58.16
N SER B 1073 0.86 53.06 58.22
CA SER B 1073 2.08 52.42 58.67
C SER B 1073 2.46 51.29 57.72
N TRP B 1074 3.51 50.56 58.06
CA TRP B 1074 4.03 49.51 57.21
C TRP B 1074 3.78 48.15 57.83
N PHE B 1075 3.19 47.26 57.04
CA PHE B 1075 2.85 45.91 57.47
C PHE B 1075 3.56 44.90 56.59
N ILE B 1076 3.44 43.63 56.92
CA ILE B 1076 3.98 42.54 56.12
C ILE B 1076 2.84 41.59 55.78
N THR B 1077 2.70 41.25 54.50
CA THR B 1077 1.61 40.39 54.04
C THR B 1077 2.16 39.24 53.22
N GLN B 1078 1.36 38.18 53.14
CA GLN B 1078 1.59 37.15 52.15
C GLN B 1078 1.17 37.65 50.77
N ARG B 1079 1.69 37.00 49.73
CA ARG B 1079 1.46 37.49 48.38
C ARG B 1079 0.04 37.23 47.91
N ASN B 1080 -0.49 36.03 48.16
CA ASN B 1080 -1.74 35.63 47.54
C ASN B 1080 -2.96 36.24 48.22
N PHE B 1081 -2.91 36.46 49.53
CA PHE B 1081 -4.03 36.98 50.28
C PHE B 1081 -3.59 38.20 51.07
N PHE B 1082 -4.53 39.09 51.36
CA PHE B 1082 -4.23 40.31 52.10
C PHE B 1082 -4.58 40.10 53.57
N SER B 1083 -3.56 39.90 54.39
CA SER B 1083 -3.72 39.79 55.84
C SER B 1083 -2.54 40.49 56.49
N PRO B 1084 -2.68 41.77 56.84
CA PRO B 1084 -1.53 42.54 57.33
C PRO B 1084 -1.13 42.14 58.74
N GLN B 1085 0.17 42.11 58.97
CA GLN B 1085 0.74 41.79 60.27
C GLN B 1085 1.75 42.85 60.66
N ILE B 1086 1.97 42.99 61.96
CA ILE B 1086 2.91 43.97 62.48
C ILE B 1086 4.33 43.49 62.22
N ILE B 1087 5.20 44.42 61.82
CA ILE B 1087 6.60 44.10 61.60
C ILE B 1087 7.24 43.74 62.93
N THR B 1088 7.83 42.54 63.00
CA THR B 1088 8.32 42.01 64.26
C THR B 1088 9.68 41.37 63.95
N THR B 1089 10.42 40.99 64.99
CA THR B 1089 11.74 40.42 64.79
C THR B 1089 11.68 38.98 64.29
N ASP B 1090 10.59 38.26 64.55
CA ASP B 1090 10.56 36.84 64.21
C ASP B 1090 10.33 36.63 62.71
N ASN B 1091 9.54 37.48 62.08
CA ASN B 1091 9.23 37.29 60.66
C ASN B 1091 10.15 38.10 59.74
N THR B 1092 11.23 38.66 60.27
CA THR B 1092 12.25 39.33 59.48
C THR B 1092 13.60 38.78 59.86
N PHE B 1093 14.58 38.95 58.98
CA PHE B 1093 15.95 38.58 59.29
C PHE B 1093 16.90 39.69 58.86
N VAL B 1094 18.05 39.74 59.53
CA VAL B 1094 18.99 40.86 59.42
C VAL B 1094 20.13 40.47 58.50
N SER B 1095 20.55 41.42 57.66
CA SER B 1095 21.72 41.20 56.79
C SER B 1095 22.38 42.53 56.49
N GLY B 1096 23.48 42.82 57.18
CA GLY B 1096 24.33 43.93 56.83
C GLY B 1096 23.75 45.29 57.18
N ASN B 1097 24.41 46.32 56.66
CA ASN B 1097 24.03 47.70 56.86
C ASN B 1097 23.14 48.19 55.72
N CYS B 1098 22.40 49.26 55.98
CA CYS B 1098 21.47 49.79 54.97
C CYS B 1098 22.12 50.93 54.20
N ASP B 1099 23.17 50.57 53.46
CA ASP B 1099 23.79 51.51 52.55
C ASP B 1099 24.07 50.91 51.18
N VAL B 1100 23.64 49.68 50.91
CA VAL B 1100 23.89 49.04 49.63
C VAL B 1100 22.58 48.67 48.93
N VAL B 1101 21.51 48.47 49.71
CA VAL B 1101 20.21 48.14 49.11
C VAL B 1101 19.61 49.39 48.47
N ILE B 1102 19.10 49.22 47.26
CA ILE B 1102 18.57 50.33 46.47
C ILE B 1102 17.08 50.42 46.76
N GLY B 1103 16.66 51.51 47.40
CA GLY B 1103 15.26 51.74 47.68
C GLY B 1103 14.82 51.36 49.07
N ILE B 1104 15.72 51.39 50.04
CA ILE B 1104 15.39 51.00 51.41
C ILE B 1104 14.84 52.21 52.14
N ILE B 1105 13.83 51.98 52.98
CA ILE B 1105 13.16 53.02 53.74
C ILE B 1105 13.46 52.80 55.21
N ASN B 1106 13.22 53.83 56.02
CA ASN B 1106 13.51 53.77 57.44
C ASN B 1106 12.22 53.60 58.24
N ASN B 1107 12.29 52.80 59.31
CA ASN B 1107 11.11 52.44 60.08
C ASN B 1107 11.55 51.84 61.42
N THR B 1108 10.58 51.34 62.18
CA THR B 1108 10.80 50.74 63.47
C THR B 1108 10.37 49.28 63.45
N VAL B 1109 11.08 48.44 64.20
CA VAL B 1109 10.80 47.01 64.26
C VAL B 1109 10.42 46.66 65.69
N TYR B 1110 9.22 46.09 65.86
CA TYR B 1110 8.78 45.60 67.16
C TYR B 1110 9.59 44.37 67.54
N ASP B 1111 9.95 44.27 68.82
CA ASP B 1111 10.56 43.08 69.38
C ASP B 1111 9.68 42.51 70.48
N PRO B 1112 9.50 41.18 70.55
CA PRO B 1112 8.57 40.59 71.53
C PRO B 1112 8.99 40.73 72.99
N LEU B 1113 10.12 41.37 73.23
CA LEU B 1113 10.69 41.63 74.55
C LEU B 1113 10.00 42.86 75.16
N GLN B 1114 10.68 43.53 76.09
CA GLN B 1114 10.21 44.61 76.97
C GLN B 1114 8.96 44.22 77.77
N PRO B 1115 9.12 43.38 78.79
CA PRO B 1115 8.00 42.99 79.67
C PRO B 1115 7.66 44.07 80.68
N THR C 21 51.47 -2.89 -29.08
CA THR C 21 51.45 -2.30 -27.75
C THR C 21 50.02 -2.09 -27.28
N GLN C 22 49.84 -1.80 -26.00
CA GLN C 22 48.53 -1.57 -25.40
C GLN C 22 48.52 -0.22 -24.70
N HIS C 23 47.42 0.50 -24.85
CA HIS C 23 47.22 1.81 -24.26
C HIS C 23 46.03 1.75 -23.31
N THR C 24 45.61 2.93 -22.82
CA THR C 24 44.43 3.04 -21.97
C THR C 24 43.47 4.07 -22.55
N SER C 25 42.19 3.73 -22.58
CA SER C 25 41.14 4.64 -23.03
C SER C 25 40.53 5.28 -21.79
N SER C 26 40.93 6.51 -21.51
CA SER C 26 40.53 7.21 -20.29
C SER C 26 39.29 8.04 -20.58
N MET C 27 38.13 7.56 -20.12
CA MET C 27 36.85 8.28 -20.19
C MET C 27 36.45 8.63 -21.63
N ARG C 28 36.70 7.70 -22.55
CA ARG C 28 36.43 7.88 -23.97
C ARG C 28 35.25 7.03 -24.41
N GLY C 29 34.75 7.31 -25.60
CA GLY C 29 33.78 6.44 -26.24
C GLY C 29 32.39 6.48 -25.64
N VAL C 30 31.79 7.67 -25.59
CA VAL C 30 30.43 7.84 -25.09
C VAL C 30 29.58 8.38 -26.22
N TYR C 31 28.48 7.71 -26.51
CA TYR C 31 27.61 8.07 -27.62
C TYR C 31 26.18 8.26 -27.13
N TYR C 32 25.30 8.60 -28.05
CA TYR C 32 23.88 8.71 -27.78
C TYR C 32 23.21 7.37 -28.05
N PRO C 33 22.65 6.70 -27.04
CA PRO C 33 21.99 5.41 -27.30
C PRO C 33 20.51 5.57 -27.60
N ASP C 34 20.03 6.80 -27.75
CA ASP C 34 18.61 7.06 -27.99
C ASP C 34 18.40 8.42 -28.64
N GLU C 35 17.16 8.81 -28.88
CA GLU C 35 16.88 10.10 -29.50
C GLU C 35 15.55 10.65 -28.98
N ILE C 36 15.65 11.48 -27.95
CA ILE C 36 14.55 12.30 -27.43
C ILE C 36 15.18 13.60 -26.98
N PHE C 37 14.55 14.74 -27.30
CA PHE C 37 15.07 16.03 -26.83
C PHE C 37 14.80 16.11 -25.33
N ARG C 38 15.89 16.14 -24.57
CA ARG C 38 15.84 16.02 -23.12
C ARG C 38 16.52 17.23 -22.48
N SER C 39 15.84 17.89 -21.56
CA SER C 39 16.42 18.97 -20.75
C SER C 39 17.22 18.37 -19.60
N ASP C 40 17.47 19.17 -18.56
CA ASP C 40 18.31 18.80 -17.42
C ASP C 40 17.85 17.49 -16.77
N THR C 41 18.63 16.42 -16.94
CA THR C 41 18.24 15.09 -16.50
C THR C 41 19.47 14.22 -16.22
N LEU C 42 19.22 13.10 -15.54
CA LEU C 42 20.21 12.05 -15.31
C LEU C 42 19.53 10.73 -15.62
N TYR C 43 20.23 9.84 -16.33
CA TYR C 43 19.57 8.64 -16.83
C TYR C 43 20.55 7.51 -16.51
N LEU C 44 20.08 6.44 -15.87
CA LEU C 44 20.92 5.28 -15.62
C LEU C 44 20.51 4.13 -16.52
N THR C 45 21.48 3.51 -17.19
CA THR C 45 21.16 2.42 -18.12
C THR C 45 22.29 1.41 -18.14
N GLN C 46 21.98 0.21 -18.64
CA GLN C 46 22.99 -0.77 -18.99
C GLN C 46 22.87 -1.08 -20.48
N ASP C 47 24.02 -1.12 -21.14
CA ASP C 47 24.08 -1.18 -22.60
C ASP C 47 25.51 -1.54 -22.99
N LEU C 48 25.72 -1.73 -24.29
CA LEU C 48 27.06 -1.94 -24.82
C LEU C 48 27.79 -0.60 -24.83
N PHE C 49 28.72 -0.42 -23.89
CA PHE C 49 29.53 0.78 -23.80
C PHE C 49 31.00 0.41 -23.73
N LEU C 50 31.85 1.42 -23.80
CA LEU C 50 33.27 1.24 -23.62
C LEU C 50 33.63 1.47 -22.17
N PRO C 51 34.17 0.48 -21.47
CA PRO C 51 34.51 0.67 -20.05
C PRO C 51 35.63 1.68 -19.86
N PHE C 52 35.54 2.43 -18.77
CA PHE C 52 36.50 3.49 -18.49
C PHE C 52 37.83 2.88 -18.06
N TYR C 53 38.92 3.50 -18.54
CA TYR C 53 40.30 3.08 -18.24
C TYR C 53 40.54 1.62 -18.60
N SER C 54 39.99 1.20 -19.73
CA SER C 54 40.16 -0.15 -20.23
C SER C 54 41.21 -0.19 -21.33
N ASN C 55 41.67 -1.40 -21.63
CA ASN C 55 42.73 -1.56 -22.62
C ASN C 55 42.21 -1.30 -24.03
N VAL C 56 43.03 -0.65 -24.84
CA VAL C 56 42.82 -0.56 -26.28
C VAL C 56 44.07 -1.08 -26.96
N THR C 57 43.91 -1.57 -28.18
CA THR C 57 45.04 -2.07 -28.94
C THR C 57 45.41 -1.05 -30.00
N GLY C 58 46.69 -0.69 -30.05
CA GLY C 58 47.17 0.36 -30.93
C GLY C 58 47.96 -0.19 -32.10
N PHE C 59 47.84 0.47 -33.25
CA PHE C 59 48.62 0.15 -34.43
C PHE C 59 49.19 1.45 -34.98
N HIS C 60 50.52 1.52 -35.04
CA HIS C 60 51.20 2.71 -35.50
C HIS C 60 51.75 2.53 -36.91
N ASN C 68 48.19 -5.05 -42.41
CA ASN C 68 46.86 -4.89 -41.83
C ASN C 68 46.26 -6.24 -41.45
N PRO C 69 46.06 -6.45 -40.17
CA PRO C 69 45.44 -7.70 -39.71
C PRO C 69 43.91 -7.62 -39.75
N VAL C 70 43.28 -8.79 -39.72
CA VAL C 70 41.83 -8.89 -39.69
C VAL C 70 41.37 -8.85 -38.23
N ILE C 71 41.02 -7.66 -37.78
CA ILE C 71 40.62 -7.45 -36.39
C ILE C 71 39.21 -7.98 -36.18
N PRO C 72 38.96 -8.79 -35.16
CA PRO C 72 37.61 -9.29 -34.93
C PRO C 72 36.63 -8.20 -34.50
N PHE C 73 35.37 -8.41 -34.84
CA PHE C 73 34.26 -7.52 -34.52
C PHE C 73 33.33 -8.31 -33.61
N LYS C 74 33.49 -8.14 -32.29
CA LYS C 74 32.75 -8.98 -31.37
C LYS C 74 31.33 -8.48 -31.14
N ASP C 75 31.19 -7.30 -30.54
CA ASP C 75 29.87 -6.75 -30.23
C ASP C 75 29.76 -5.28 -30.59
N GLY C 76 30.64 -4.79 -31.46
CA GLY C 76 30.71 -3.37 -31.73
C GLY C 76 32.07 -2.86 -31.33
N ILE C 77 32.59 -1.85 -32.02
CA ILE C 77 33.94 -1.38 -31.78
C ILE C 77 33.96 0.14 -31.68
N TYR C 78 35.02 0.62 -31.01
CA TYR C 78 35.38 2.02 -30.99
C TYR C 78 36.71 2.17 -31.71
N PHE C 79 36.75 3.01 -32.73
CA PHE C 79 37.89 3.18 -33.62
C PHE C 79 38.38 4.61 -33.54
N ALA C 80 39.65 4.79 -33.21
CA ALA C 80 40.22 6.13 -33.09
C ALA C 80 41.41 6.28 -34.03
N ALA C 81 41.43 7.37 -34.77
CA ALA C 81 42.48 7.63 -35.75
C ALA C 81 43.16 8.94 -35.42
N THR C 82 44.45 8.88 -35.09
CA THR C 82 45.31 10.04 -34.94
C THR C 82 46.05 10.22 -36.26
N GLU C 83 45.72 11.28 -36.99
CA GLU C 83 46.26 11.43 -38.33
C GLU C 83 46.40 12.90 -38.69
N LYS C 84 47.25 13.16 -39.68
CA LYS C 84 47.48 14.50 -40.21
C LYS C 84 47.37 14.58 -41.72
N SER C 85 47.70 13.51 -42.44
CA SER C 85 47.66 13.50 -43.90
C SER C 85 46.54 12.63 -44.46
N ASN C 86 45.67 12.11 -43.58
CA ASN C 86 44.51 11.30 -43.95
C ASN C 86 44.91 10.06 -44.74
N VAL C 87 45.69 9.18 -44.12
CA VAL C 87 46.21 8.02 -44.82
C VAL C 87 45.27 6.82 -44.73
N VAL C 88 44.31 6.86 -43.81
CA VAL C 88 43.34 5.77 -43.66
C VAL C 88 42.07 6.17 -44.40
N ARG C 89 41.50 5.22 -45.14
CA ARG C 89 40.36 5.48 -46.01
C ARG C 89 39.29 4.44 -45.75
N GLY C 90 38.40 4.71 -44.81
CA GLY C 90 37.25 3.84 -44.63
C GLY C 90 37.60 2.47 -44.05
N TRP C 91 36.64 1.56 -44.20
CA TRP C 91 36.72 0.24 -43.59
C TRP C 91 36.05 -0.77 -44.51
N VAL C 92 36.33 -2.04 -44.24
CA VAL C 92 35.55 -3.15 -44.78
C VAL C 92 35.10 -4.02 -43.61
N PHE C 93 33.80 -4.33 -43.58
CA PHE C 93 33.22 -5.21 -42.57
C PHE C 93 32.69 -6.46 -43.24
N GLY C 94 32.90 -7.61 -42.62
CA GLY C 94 32.41 -8.84 -43.24
C GLY C 94 32.50 -10.00 -42.29
N SER C 95 32.19 -11.18 -42.83
CA SER C 95 32.23 -12.43 -42.08
C SER C 95 33.48 -13.24 -42.39
N THR C 96 33.69 -13.58 -43.65
CA THR C 96 34.79 -14.45 -44.05
C THR C 96 35.82 -13.78 -44.95
N MET C 97 35.57 -12.53 -45.38
CA MET C 97 36.46 -11.78 -46.27
C MET C 97 36.71 -12.50 -47.59
N ASN C 98 35.68 -13.19 -48.09
CA ASN C 98 35.76 -13.91 -49.35
C ASN C 98 34.65 -13.42 -50.29
N ASN C 99 34.54 -14.04 -51.46
CA ASN C 99 33.40 -13.76 -52.32
C ASN C 99 32.28 -14.78 -52.12
N LYS C 100 32.30 -15.53 -51.04
CA LYS C 100 31.23 -16.43 -50.66
C LYS C 100 30.27 -15.83 -49.64
N SER C 101 30.45 -14.55 -49.29
CA SER C 101 29.59 -13.91 -48.31
C SER C 101 29.56 -12.42 -48.55
N GLN C 102 28.46 -11.79 -48.15
CA GLN C 102 28.31 -10.35 -48.28
C GLN C 102 29.30 -9.61 -47.39
N SER C 103 29.82 -8.50 -47.90
CA SER C 103 30.68 -7.61 -47.14
C SER C 103 30.34 -6.17 -47.51
N VAL C 104 30.51 -5.27 -46.56
CA VAL C 104 30.21 -3.86 -46.76
C VAL C 104 31.50 -3.05 -46.73
N ILE C 105 31.62 -2.11 -47.65
CA ILE C 105 32.77 -1.21 -47.76
C ILE C 105 32.28 0.21 -47.56
N ILE C 106 32.90 0.91 -46.61
CA ILE C 106 32.57 2.30 -46.31
C ILE C 106 33.85 3.10 -46.50
N ILE C 107 34.02 3.76 -47.66
CA ILE C 107 35.24 4.50 -47.89
C ILE C 107 34.91 5.92 -48.33
N ASN C 108 35.94 6.76 -48.34
CA ASN C 108 35.84 8.17 -48.69
C ASN C 108 36.94 8.46 -49.70
N ASN C 109 36.60 8.53 -50.97
CA ASN C 109 37.62 8.96 -51.93
C ASN C 109 37.48 10.46 -52.15
N SER C 110 38.47 11.02 -52.84
CA SER C 110 38.78 12.45 -52.88
C SER C 110 37.59 13.40 -52.99
N THR C 111 36.53 12.97 -53.68
CA THR C 111 35.34 13.80 -53.83
C THR C 111 34.21 13.39 -52.89
N ASN C 112 33.93 12.09 -52.80
CA ASN C 112 32.68 11.62 -52.21
C ASN C 112 32.91 10.51 -51.21
N VAL C 113 31.89 10.23 -50.40
CA VAL C 113 31.90 9.10 -49.48
C VAL C 113 30.89 8.06 -49.97
N VAL C 114 31.36 6.81 -50.09
CA VAL C 114 30.56 5.76 -50.69
C VAL C 114 30.42 4.60 -49.72
N ILE C 115 29.24 3.98 -49.72
CA ILE C 115 28.94 2.77 -48.98
C ILE C 115 28.39 1.76 -49.97
N ARG C 116 28.94 0.56 -49.97
CA ARG C 116 28.57 -0.44 -50.98
C ARG C 116 28.62 -1.81 -50.35
N ALA C 117 27.53 -2.57 -50.45
CA ALA C 117 27.44 -3.88 -49.79
C ALA C 117 27.33 -4.96 -50.85
N CYS C 118 28.44 -5.67 -51.12
CA CYS C 118 28.45 -6.65 -52.20
C CYS C 118 29.33 -7.84 -51.84
N ASN C 119 29.42 -8.78 -52.78
CA ASN C 119 30.33 -9.93 -52.68
C ASN C 119 31.62 -9.57 -53.39
N PHE C 120 32.53 -8.93 -52.67
CA PHE C 120 33.78 -8.48 -53.25
C PHE C 120 34.80 -9.60 -53.19
N GLU C 121 35.71 -9.65 -54.18
CA GLU C 121 36.92 -10.44 -54.04
C GLU C 121 37.92 -9.63 -53.21
N LEU C 122 37.93 -9.89 -51.91
CA LEU C 122 38.77 -9.12 -51.01
C LEU C 122 40.24 -9.47 -51.23
N CYS C 123 41.02 -8.48 -51.65
CA CYS C 123 42.42 -8.68 -51.94
C CYS C 123 43.22 -8.85 -50.66
N ASP C 124 44.46 -9.34 -50.80
CA ASP C 124 45.33 -9.55 -49.65
C ASP C 124 45.74 -8.22 -49.01
N ASN C 125 46.14 -7.25 -49.81
CA ASN C 125 46.53 -5.93 -49.32
C ASN C 125 45.77 -4.87 -50.10
N PRO C 126 44.82 -4.18 -49.49
CA PRO C 126 44.10 -3.12 -50.20
C PRO C 126 44.86 -1.80 -50.24
N PHE C 127 44.42 -0.91 -51.12
CA PHE C 127 45.01 0.42 -51.24
C PHE C 127 43.91 1.46 -51.09
N PHE C 128 44.23 2.72 -51.35
CA PHE C 128 43.35 3.85 -51.04
C PHE C 128 42.03 3.80 -51.83
N MET C 141 39.49 -0.53 -57.04
CA MET C 141 40.77 -1.23 -57.00
C MET C 141 40.86 -2.13 -55.78
N ILE C 142 40.01 -1.87 -54.79
CA ILE C 142 39.95 -2.74 -53.61
C ILE C 142 39.39 -4.10 -53.98
N PHE C 143 38.36 -4.12 -54.81
CA PHE C 143 37.69 -5.34 -55.22
C PHE C 143 38.05 -5.66 -56.67
N ASP C 144 38.10 -6.96 -56.98
CA ASP C 144 38.26 -7.36 -58.38
C ASP C 144 36.95 -7.19 -59.14
N ASN C 145 35.91 -7.90 -58.71
CA ASN C 145 34.58 -7.77 -59.28
C ASN C 145 33.59 -7.52 -58.15
N ALA C 146 32.35 -7.23 -58.54
CA ALA C 146 31.26 -7.10 -57.60
C ALA C 146 30.01 -7.67 -58.24
N PHE C 147 29.27 -8.49 -57.50
CA PHE C 147 28.12 -9.17 -58.07
C PHE C 147 27.13 -9.50 -56.97
N ASN C 148 25.89 -9.79 -57.38
CA ASN C 148 24.84 -10.32 -56.53
C ASN C 148 24.52 -9.41 -55.35
N CYS C 149 24.31 -8.12 -55.58
CA CYS C 149 24.32 -7.23 -54.44
C CYS C 149 23.31 -6.10 -54.51
N THR C 150 23.03 -5.55 -53.32
CA THR C 150 21.84 -4.74 -53.06
C THR C 150 22.15 -3.30 -52.71
N PHE C 151 22.90 -3.05 -51.65
CA PHE C 151 22.94 -1.73 -51.02
C PHE C 151 24.00 -0.85 -51.64
N GLU C 152 23.58 0.32 -52.10
CA GLU C 152 24.43 1.33 -52.71
C GLU C 152 24.12 2.67 -52.08
N TYR C 153 25.15 3.47 -51.80
CA TYR C 153 24.94 4.80 -51.26
C TYR C 153 26.11 5.69 -51.65
N ILE C 154 25.79 6.83 -52.26
CA ILE C 154 26.78 7.83 -52.67
C ILE C 154 26.41 9.14 -51.99
N SER C 155 27.39 9.76 -51.33
CA SER C 155 27.11 11.04 -50.69
C SER C 155 28.19 12.05 -51.04
N ASP C 156 27.75 13.30 -51.19
CA ASP C 156 28.52 14.40 -51.75
C ASP C 156 29.77 14.74 -50.95
N LYS C 170 47.83 17.94 -36.73
CA LYS C 170 47.43 16.65 -36.20
C LYS C 170 46.00 16.74 -35.66
N HIS C 171 45.22 15.69 -35.88
CA HIS C 171 43.81 15.67 -35.55
C HIS C 171 43.30 14.25 -35.38
N LEU C 172 42.26 14.12 -34.56
CA LEU C 172 41.73 12.84 -34.09
C LEU C 172 40.30 12.61 -34.57
N ARG C 173 40.03 11.38 -35.02
CA ARG C 173 38.68 10.95 -35.41
C ARG C 173 38.25 9.78 -34.55
N GLU C 174 37.03 9.83 -34.02
CA GLU C 174 36.50 8.73 -33.22
C GLU C 174 35.20 8.23 -33.84
N PHE C 175 35.08 6.90 -33.90
CA PHE C 175 33.93 6.25 -34.50
C PHE C 175 33.44 5.14 -33.59
N VAL C 176 32.13 4.96 -33.51
CA VAL C 176 31.54 3.81 -32.85
C VAL C 176 30.69 3.07 -33.87
N PHE C 177 30.99 1.78 -34.05
CA PHE C 177 30.24 0.92 -34.95
C PHE C 177 29.51 -0.13 -34.14
N LYS C 178 28.21 -0.24 -34.34
CA LYS C 178 27.38 -1.15 -33.56
C LYS C 178 26.37 -1.80 -34.48
N ASN C 179 26.42 -3.12 -34.59
CA ASN C 179 25.55 -3.88 -35.48
C ASN C 179 24.49 -4.61 -34.67
N LYS C 180 23.23 -4.25 -34.88
CA LYS C 180 22.14 -4.89 -34.15
C LYS C 180 20.84 -4.77 -34.93
N ASP C 181 20.03 -5.82 -34.87
CA ASP C 181 18.68 -5.88 -35.44
C ASP C 181 18.72 -5.60 -36.94
N GLY C 182 19.74 -6.10 -37.62
CA GLY C 182 19.88 -5.90 -39.04
C GLY C 182 20.28 -4.50 -39.45
N PHE C 183 20.68 -3.65 -38.51
CA PHE C 183 21.09 -2.28 -38.79
C PHE C 183 22.50 -2.07 -38.29
N LEU C 184 23.28 -1.30 -39.04
CA LEU C 184 24.62 -0.92 -38.64
C LEU C 184 24.61 0.57 -38.26
N TYR C 185 24.72 0.86 -36.97
CA TYR C 185 24.79 2.22 -36.47
C TYR C 185 26.23 2.71 -36.48
N VAL C 186 26.45 3.90 -37.04
CA VAL C 186 27.74 4.55 -37.07
C VAL C 186 27.60 5.92 -36.41
N TYR C 187 28.41 6.14 -35.37
CA TYR C 187 28.52 7.40 -34.63
C TYR C 187 29.91 7.99 -34.82
N LYS C 188 30.00 9.31 -34.94
CA LYS C 188 31.25 9.96 -35.30
C LYS C 188 31.49 11.19 -34.43
N GLY C 189 32.75 11.40 -34.05
CA GLY C 189 33.18 12.62 -33.39
C GLY C 189 34.57 13.02 -33.80
N TYR C 190 34.88 14.31 -33.62
CA TYR C 190 36.13 14.91 -34.07
C TYR C 190 36.86 15.60 -32.93
N GLN C 191 38.19 15.59 -32.97
CA GLN C 191 39.00 16.19 -31.90
C GLN C 191 40.20 16.93 -32.46
N PRO C 192 40.38 18.23 -32.12
CA PRO C 192 41.60 18.97 -32.50
C PRO C 192 42.78 18.73 -31.55
N ILE C 193 43.52 17.65 -31.80
CA ILE C 193 44.55 17.18 -30.89
C ILE C 193 45.86 17.88 -31.22
N ASP C 194 46.80 17.91 -30.27
CA ASP C 194 48.17 18.35 -30.53
C ASP C 194 49.04 17.11 -30.77
N VAL C 195 50.36 17.31 -30.84
CA VAL C 195 51.25 16.18 -31.08
C VAL C 195 51.36 15.30 -29.83
N VAL C 196 51.18 14.00 -30.03
CA VAL C 196 51.17 13.00 -28.97
C VAL C 196 51.32 11.63 -29.60
N ARG C 197 51.71 10.63 -28.81
CA ARG C 197 51.78 9.25 -29.27
C ARG C 197 50.93 8.34 -28.38
N ASP C 198 49.79 8.85 -27.93
CA ASP C 198 48.85 8.09 -27.10
C ASP C 198 47.47 8.69 -27.30
N LEU C 199 46.46 7.90 -26.99
CA LEU C 199 45.10 8.41 -27.00
C LEU C 199 44.94 9.39 -25.83
N PRO C 200 44.54 10.63 -26.08
CA PRO C 200 44.57 11.65 -25.03
C PRO C 200 43.49 11.41 -23.98
N SER C 201 43.74 11.93 -22.78
CA SER C 201 42.71 11.94 -21.75
C SER C 201 41.67 13.01 -22.08
N GLY C 202 40.42 12.72 -21.75
CA GLY C 202 39.35 13.67 -21.98
C GLY C 202 38.02 12.94 -22.09
N PHE C 203 36.99 13.70 -22.47
CA PHE C 203 35.64 13.18 -22.60
C PHE C 203 34.96 13.94 -23.73
N ASN C 204 34.60 13.23 -24.79
CA ASN C 204 33.91 13.82 -25.93
C ASN C 204 32.77 12.91 -26.35
N THR C 205 31.58 13.46 -26.48
CA THR C 205 30.42 12.70 -26.91
C THR C 205 30.43 12.54 -28.43
N LEU C 206 29.78 11.49 -28.90
CA LEU C 206 29.81 11.11 -30.31
C LEU C 206 28.43 11.28 -30.92
N LYS C 207 28.38 12.05 -32.00
CA LYS C 207 27.11 12.33 -32.67
C LYS C 207 26.72 11.15 -33.56
N PRO C 208 25.45 10.73 -33.54
CA PRO C 208 25.01 9.67 -34.48
C PRO C 208 24.91 10.21 -35.89
N ILE C 209 25.79 9.72 -36.77
CA ILE C 209 25.72 10.16 -38.16
C ILE C 209 24.75 9.32 -38.97
N PHE C 210 24.88 7.98 -39.02
CA PHE C 210 23.89 7.24 -39.82
C PHE C 210 23.82 5.76 -39.48
N LYS C 211 22.63 5.20 -39.71
CA LYS C 211 22.35 3.78 -39.57
C LYS C 211 22.01 3.20 -40.94
N LEU C 212 22.56 2.02 -41.21
CA LEU C 212 22.41 1.37 -42.50
C LEU C 212 21.54 0.14 -42.38
N PRO C 213 20.54 -0.02 -43.27
CA PRO C 213 19.66 -1.21 -43.26
C PRO C 213 20.20 -2.36 -44.10
N LEU C 214 21.24 -3.01 -43.58
CA LEU C 214 21.90 -4.11 -44.27
C LEU C 214 21.99 -5.30 -43.34
N GLY C 215 21.40 -6.42 -43.74
CA GLY C 215 21.17 -7.55 -42.86
C GLY C 215 22.19 -8.67 -42.90
N ILE C 216 23.42 -8.42 -42.46
CA ILE C 216 24.47 -9.43 -42.50
C ILE C 216 25.15 -9.53 -41.15
N ASN C 217 25.67 -10.72 -40.84
CA ASN C 217 26.65 -10.84 -39.76
C ASN C 217 27.91 -10.04 -40.07
N ILE C 218 28.52 -9.51 -39.00
CA ILE C 218 29.82 -8.85 -39.07
C ILE C 218 30.63 -9.45 -37.93
N THR C 219 31.55 -10.36 -38.27
CA THR C 219 32.45 -10.92 -37.29
C THR C 219 33.88 -10.43 -37.42
N ASN C 220 34.25 -9.85 -38.56
CA ASN C 220 35.58 -9.34 -38.78
C ASN C 220 35.50 -8.00 -39.49
N PHE C 221 36.53 -7.19 -39.31
CA PHE C 221 36.65 -5.96 -40.09
C PHE C 221 38.12 -5.68 -40.35
N ARG C 222 38.37 -4.79 -41.30
CA ARG C 222 39.72 -4.45 -41.68
C ARG C 222 39.75 -2.99 -42.13
N ALA C 223 40.70 -2.23 -41.58
CA ALA C 223 40.90 -0.86 -42.02
C ALA C 223 41.62 -0.85 -43.36
N ILE C 224 41.45 0.25 -44.09
CA ILE C 224 42.02 0.40 -45.42
C ILE C 224 42.97 1.58 -45.41
N LEU C 225 44.22 1.34 -45.78
CA LEU C 225 45.28 2.33 -45.70
C LEU C 225 45.73 2.76 -47.08
N THR C 226 46.37 3.92 -47.15
CA THR C 226 46.95 4.42 -48.38
C THR C 226 48.43 4.04 -48.44
N ALA C 227 48.83 3.41 -49.53
CA ALA C 227 50.22 2.99 -49.68
C ALA C 227 50.69 3.14 -51.12
N ALA C 239 53.14 7.60 -39.95
CA ALA C 239 52.75 8.99 -39.83
C ALA C 239 51.47 9.12 -39.00
N ALA C 240 50.61 8.12 -39.10
CA ALA C 240 49.34 8.10 -38.41
C ALA C 240 49.16 6.78 -37.68
N ALA C 241 48.29 6.80 -36.66
CA ALA C 241 48.05 5.61 -35.86
C ALA C 241 46.55 5.43 -35.65
N TYR C 242 46.15 4.19 -35.39
CA TYR C 242 44.75 3.93 -35.07
C TYR C 242 44.64 2.91 -33.94
N PHE C 243 43.64 3.13 -33.08
CA PHE C 243 43.42 2.36 -31.88
C PHE C 243 42.03 1.75 -31.91
N VAL C 244 41.92 0.51 -31.46
CA VAL C 244 40.67 -0.24 -31.46
C VAL C 244 40.34 -0.65 -30.03
N GLY C 245 39.07 -0.49 -29.67
CA GLY C 245 38.58 -0.94 -28.38
C GLY C 245 37.25 -1.64 -28.52
N TYR C 246 37.02 -2.62 -27.66
CA TYR C 246 35.82 -3.44 -27.73
C TYR C 246 34.76 -2.95 -26.74
N LEU C 247 33.50 -3.12 -27.12
CA LEU C 247 32.39 -2.72 -26.28
C LEU C 247 31.90 -3.89 -25.44
N LYS C 248 31.57 -3.60 -24.19
CA LYS C 248 31.07 -4.60 -23.24
C LYS C 248 29.76 -4.11 -22.64
N PRO C 249 28.88 -5.03 -22.23
CA PRO C 249 27.64 -4.61 -21.57
C PRO C 249 27.90 -4.12 -20.15
N THR C 250 27.86 -2.82 -19.95
CA THR C 250 28.14 -2.21 -18.66
C THR C 250 27.03 -1.23 -18.31
N THR C 251 27.08 -0.75 -17.06
CA THR C 251 26.11 0.18 -16.53
C THR C 251 26.74 1.57 -16.47
N PHE C 252 26.11 2.52 -17.16
CA PHE C 252 26.54 3.91 -17.15
C PHE C 252 25.43 4.80 -16.61
N MET C 253 25.81 6.01 -16.21
CA MET C 253 24.85 7.05 -15.86
C MET C 253 25.27 8.33 -16.56
N LEU C 254 24.30 9.01 -17.19
CA LEU C 254 24.57 10.14 -18.06
C LEU C 254 23.79 11.37 -17.58
N LYS C 255 24.35 12.55 -17.84
CA LYS C 255 23.73 13.82 -17.50
C LYS C 255 23.45 14.63 -18.76
N TYR C 256 22.22 15.11 -18.90
CA TYR C 256 21.79 15.90 -20.05
C TYR C 256 21.52 17.33 -19.58
N ASP C 257 22.09 18.29 -20.30
CA ASP C 257 22.01 19.70 -19.94
C ASP C 257 20.74 20.33 -20.52
N GLU C 258 20.69 21.67 -20.49
CA GLU C 258 19.55 22.43 -20.97
C GLU C 258 19.60 22.71 -22.46
N ASN C 259 20.41 21.97 -23.22
CA ASN C 259 20.43 22.10 -24.67
C ASN C 259 20.27 20.75 -25.37
N GLY C 260 20.09 19.67 -24.64
CA GLY C 260 19.93 18.36 -25.24
C GLY C 260 21.21 17.62 -25.54
N THR C 261 22.32 17.98 -24.90
CA THR C 261 23.61 17.35 -25.14
C THR C 261 24.08 16.62 -23.90
N ILE C 262 25.02 15.71 -24.09
CA ILE C 262 25.63 14.97 -22.99
C ILE C 262 26.84 15.75 -22.50
N THR C 263 26.86 16.07 -21.21
CA THR C 263 27.94 16.85 -20.62
C THR C 263 28.77 16.08 -19.62
N ASP C 264 28.24 15.03 -19.01
CA ASP C 264 29.00 14.25 -18.05
C ASP C 264 28.43 12.83 -17.96
N ALA C 265 29.30 11.90 -17.60
CA ALA C 265 28.93 10.50 -17.51
C ALA C 265 29.81 9.81 -16.49
N VAL C 266 29.35 8.65 -16.02
CA VAL C 266 30.13 7.87 -15.06
C VAL C 266 29.83 6.39 -15.27
N ASP C 267 30.85 5.56 -15.02
CA ASP C 267 30.75 4.11 -15.14
C ASP C 267 30.62 3.51 -13.75
N CYS C 268 29.58 2.72 -13.54
CA CYS C 268 29.24 2.25 -12.20
C CYS C 268 30.06 1.05 -11.75
N SER C 269 30.91 0.50 -12.62
CA SER C 269 31.67 -0.69 -12.29
C SER C 269 33.15 -0.43 -12.10
N GLN C 270 33.57 0.83 -12.17
CA GLN C 270 35.00 1.12 -12.12
C GLN C 270 35.51 1.26 -10.69
N ASN C 271 34.93 2.16 -9.93
CA ASN C 271 35.40 2.51 -8.60
C ASN C 271 34.26 2.40 -7.59
N PRO C 272 34.58 2.14 -6.32
CA PRO C 272 33.55 2.23 -5.29
C PRO C 272 32.94 3.61 -5.15
N LEU C 273 33.71 4.66 -5.39
CA LEU C 273 33.16 6.01 -5.40
C LEU C 273 32.16 6.18 -6.54
N ALA C 274 32.48 5.66 -7.72
CA ALA C 274 31.55 5.74 -8.84
C ALA C 274 30.32 4.89 -8.60
N GLU C 275 30.48 3.73 -7.94
CA GLU C 275 29.33 2.93 -7.57
C GLU C 275 28.44 3.66 -6.57
N LEU C 276 29.05 4.41 -5.65
CA LEU C 276 28.27 5.24 -4.73
C LEU C 276 27.51 6.33 -5.48
N LYS C 277 28.17 6.95 -6.46
CA LYS C 277 27.50 7.98 -7.27
C LYS C 277 26.33 7.38 -8.04
N CYS C 278 26.49 6.17 -8.56
CA CYS C 278 25.41 5.52 -9.29
C CYS C 278 24.28 5.07 -8.36
N SER C 279 24.61 4.71 -7.12
CA SER C 279 23.56 4.30 -6.17
C SER C 279 22.77 5.50 -5.67
N VAL C 280 23.44 6.59 -5.32
CA VAL C 280 22.76 7.81 -4.91
C VAL C 280 22.07 8.49 -6.09
N LYS C 281 22.56 8.23 -7.31
CA LYS C 281 22.09 8.84 -8.56
C LYS C 281 22.27 10.35 -8.52
N SER C 282 23.50 10.77 -8.23
CA SER C 282 23.88 12.18 -8.24
C SER C 282 25.39 12.25 -8.37
N PHE C 283 25.87 13.42 -8.79
CA PHE C 283 27.31 13.65 -8.91
C PHE C 283 27.91 14.29 -7.67
N GLU C 284 27.11 14.95 -6.85
CA GLU C 284 27.55 15.54 -5.59
C GLU C 284 27.05 14.72 -4.42
N ILE C 285 27.96 14.31 -3.56
CA ILE C 285 27.64 13.54 -2.36
C ILE C 285 28.27 14.23 -1.16
N ASP C 286 27.68 14.01 0.01
CA ASP C 286 28.08 14.70 1.21
C ASP C 286 28.91 13.79 2.12
N LYS C 287 29.33 14.35 3.26
CA LYS C 287 30.15 13.63 4.21
C LYS C 287 29.33 12.57 4.92
N GLY C 288 29.88 11.36 5.02
CA GLY C 288 29.22 10.34 5.80
C GLY C 288 29.42 8.97 5.19
N ILE C 289 28.60 8.03 5.66
CA ILE C 289 28.66 6.64 5.24
C ILE C 289 27.33 6.26 4.59
N TYR C 290 27.41 5.61 3.43
CA TYR C 290 26.22 5.22 2.68
C TYR C 290 26.33 3.75 2.33
N GLN C 291 25.20 3.18 1.91
CA GLN C 291 25.14 1.80 1.45
C GLN C 291 24.83 1.76 -0.04
N THR C 292 25.53 0.90 -0.77
CA THR C 292 25.50 0.90 -2.22
C THR C 292 24.93 -0.42 -2.75
N SER C 293 24.63 -0.40 -4.04
CA SER C 293 24.09 -1.56 -4.75
C SER C 293 25.24 -2.38 -5.32
N ASN C 294 24.91 -3.41 -6.10
CA ASN C 294 25.92 -4.29 -6.69
C ASN C 294 26.03 -4.00 -8.18
N PHE C 295 26.91 -3.06 -8.52
CA PHE C 295 27.31 -2.82 -9.90
C PHE C 295 28.73 -3.30 -10.16
N ARG C 296 29.19 -4.28 -9.39
CA ARG C 296 30.59 -4.66 -9.40
C ARG C 296 30.90 -5.72 -10.46
N VAL C 297 30.22 -6.86 -10.39
CA VAL C 297 30.63 -8.03 -11.15
C VAL C 297 29.53 -8.40 -12.17
N VAL C 298 29.98 -8.78 -13.35
CA VAL C 298 29.12 -9.33 -14.40
C VAL C 298 29.59 -10.76 -14.66
N PRO C 299 28.67 -11.73 -14.75
CA PRO C 299 29.09 -13.12 -14.97
C PRO C 299 29.82 -13.32 -16.29
N SER C 300 30.85 -14.18 -16.24
CA SER C 300 31.65 -14.50 -17.41
C SER C 300 31.85 -16.03 -17.43
N GLY C 301 30.92 -16.73 -18.07
CA GLY C 301 31.00 -18.17 -18.16
C GLY C 301 29.64 -18.78 -18.48
N ASP C 302 29.65 -20.07 -18.77
CA ASP C 302 28.42 -20.79 -19.12
C ASP C 302 28.63 -22.27 -18.90
N VAL C 303 27.67 -22.94 -18.26
CA VAL C 303 27.72 -24.37 -17.99
C VAL C 303 26.41 -24.97 -18.49
N VAL C 304 26.50 -25.96 -19.36
CA VAL C 304 25.34 -26.69 -19.88
C VAL C 304 25.52 -28.16 -19.58
N ARG C 305 24.58 -28.75 -18.86
CA ARG C 305 24.61 -30.17 -18.55
C ARG C 305 23.28 -30.80 -18.95
N PHE C 306 23.35 -31.90 -19.68
CA PHE C 306 22.19 -32.58 -20.23
C PHE C 306 22.38 -34.08 -20.10
N PRO C 307 21.30 -34.86 -20.10
CA PRO C 307 21.44 -36.32 -20.05
C PRO C 307 22.13 -36.87 -21.30
N ASN C 308 22.75 -38.04 -21.12
CA ASN C 308 23.50 -38.69 -22.19
C ASN C 308 22.55 -39.55 -23.02
N ILE C 309 21.82 -38.88 -23.91
CA ILE C 309 20.85 -39.52 -24.80
C ILE C 309 21.29 -39.25 -26.23
N THR C 310 21.34 -40.31 -27.04
CA THR C 310 21.80 -40.21 -28.41
C THR C 310 20.77 -40.61 -29.45
N ASN C 311 19.69 -41.30 -29.07
CA ASN C 311 18.70 -41.74 -30.04
C ASN C 311 17.86 -40.58 -30.55
N LEU C 312 17.34 -40.74 -31.75
CA LEU C 312 16.40 -39.79 -32.34
C LEU C 312 14.99 -40.26 -32.11
N CYS C 313 14.08 -39.31 -31.88
CA CYS C 313 12.70 -39.66 -31.61
C CYS C 313 12.03 -40.22 -32.87
N PRO C 314 11.10 -41.16 -32.71
CA PRO C 314 10.48 -41.77 -33.89
C PRO C 314 9.54 -40.85 -34.62
N PHE C 315 10.10 -39.85 -35.32
CA PHE C 315 9.27 -38.96 -36.14
C PHE C 315 8.66 -39.71 -37.31
N GLY C 316 9.44 -40.57 -37.97
CA GLY C 316 8.91 -41.34 -39.07
C GLY C 316 7.89 -42.37 -38.65
N GLU C 317 8.03 -42.93 -37.45
CA GLU C 317 7.10 -43.95 -36.98
C GLU C 317 5.75 -43.34 -36.59
N VAL C 318 5.75 -42.12 -36.07
CA VAL C 318 4.51 -41.47 -35.65
C VAL C 318 3.86 -40.71 -36.79
N PHE C 319 4.61 -39.86 -37.47
CA PHE C 319 4.04 -39.00 -38.50
C PHE C 319 3.78 -39.75 -39.81
N ASN C 320 4.58 -40.78 -40.11
CA ASN C 320 4.42 -41.53 -41.36
C ASN C 320 4.08 -42.98 -41.02
N ALA C 321 2.80 -43.24 -40.79
CA ALA C 321 2.31 -44.58 -40.51
C ALA C 321 1.44 -45.04 -41.67
N THR C 322 1.09 -46.32 -41.68
CA THR C 322 0.26 -46.85 -42.75
C THR C 322 -1.17 -46.31 -42.66
N LYS C 323 -1.76 -46.38 -41.46
CA LYS C 323 -3.10 -45.86 -41.26
C LYS C 323 -3.26 -45.41 -39.82
N PHE C 324 -4.11 -44.41 -39.63
CA PHE C 324 -4.41 -43.75 -38.39
C PHE C 324 -5.80 -44.15 -37.90
N PRO C 325 -6.07 -44.07 -36.60
CA PRO C 325 -7.40 -44.41 -36.11
C PRO C 325 -8.42 -43.32 -36.39
N SER C 326 -9.68 -43.62 -36.12
CA SER C 326 -10.75 -42.64 -36.18
C SER C 326 -10.68 -41.72 -34.98
N VAL C 327 -11.42 -40.62 -35.04
CA VAL C 327 -11.35 -39.61 -33.99
C VAL C 327 -12.04 -40.10 -32.73
N TYR C 328 -13.10 -40.90 -32.85
CA TYR C 328 -13.79 -41.40 -31.67
C TYR C 328 -13.01 -42.49 -30.95
N ALA C 329 -12.05 -43.10 -31.61
CA ALA C 329 -11.21 -44.17 -31.05
C ALA C 329 -9.74 -43.79 -31.20
N TRP C 330 -9.41 -42.57 -30.78
CA TRP C 330 -8.07 -42.02 -30.95
C TRP C 330 -7.05 -42.82 -30.14
N GLU C 331 -5.80 -42.77 -30.57
CA GLU C 331 -4.78 -43.64 -29.98
C GLU C 331 -3.71 -42.84 -29.27
N ARG C 332 -3.27 -43.35 -28.11
CA ARG C 332 -2.29 -42.70 -27.27
C ARG C 332 -1.04 -43.56 -27.17
N LYS C 333 0.13 -42.94 -27.32
CA LYS C 333 1.41 -43.65 -27.30
C LYS C 333 2.41 -42.88 -26.46
N LYS C 334 3.09 -43.57 -25.55
CA LYS C 334 4.10 -42.93 -24.71
C LYS C 334 5.42 -42.82 -25.44
N ILE C 335 6.08 -41.67 -25.29
CA ILE C 335 7.34 -41.39 -25.95
C ILE C 335 8.39 -41.07 -24.90
N SER C 336 9.52 -41.77 -24.95
CA SER C 336 10.56 -41.60 -23.95
C SER C 336 11.91 -41.92 -24.55
N ASN C 337 12.95 -41.37 -23.90
CA ASN C 337 14.35 -41.74 -24.12
C ASN C 337 14.81 -41.43 -25.55
N CYS C 338 14.70 -40.15 -25.93
CA CYS C 338 15.15 -39.72 -27.25
C CYS C 338 15.39 -38.21 -27.24
N VAL C 339 15.85 -37.71 -28.39
CA VAL C 339 16.18 -36.30 -28.58
C VAL C 339 15.23 -35.75 -29.63
N ALA C 340 14.49 -34.69 -29.26
CA ALA C 340 13.47 -34.11 -30.13
C ALA C 340 14.11 -33.05 -31.00
N ASP C 341 14.70 -33.49 -32.11
CA ASP C 341 15.41 -32.58 -33.00
C ASP C 341 14.47 -31.84 -33.95
N TYR C 342 13.54 -32.58 -34.57
CA TYR C 342 12.51 -32.08 -35.51
C TYR C 342 13.07 -31.25 -36.67
N SER C 343 14.39 -31.27 -36.86
CA SER C 343 14.99 -30.61 -38.01
C SER C 343 15.03 -31.52 -39.23
N VAL C 344 14.83 -32.83 -39.04
CA VAL C 344 14.74 -33.76 -40.16
C VAL C 344 13.41 -33.68 -40.88
N LEU C 345 12.42 -33.02 -40.29
CA LEU C 345 11.10 -32.87 -40.88
C LEU C 345 11.02 -31.70 -41.84
N TYR C 346 12.11 -30.97 -42.04
CA TYR C 346 12.06 -29.75 -42.84
C TYR C 346 12.03 -30.01 -44.34
N ASN C 347 12.43 -31.21 -44.79
CA ASN C 347 12.36 -31.55 -46.19
C ASN C 347 11.33 -32.64 -46.50
N SER C 348 10.63 -33.15 -45.49
CA SER C 348 9.67 -34.22 -45.72
C SER C 348 8.24 -33.81 -45.41
N THR C 349 7.95 -33.32 -44.21
CA THR C 349 6.59 -33.10 -43.75
C THR C 349 6.33 -31.62 -43.53
N PHE C 350 5.21 -31.13 -44.04
CA PHE C 350 4.81 -29.74 -43.89
C PHE C 350 3.44 -29.68 -43.23
N PHE C 351 3.36 -28.95 -42.13
CA PHE C 351 2.15 -28.93 -41.31
C PHE C 351 1.33 -27.69 -41.63
N SER C 352 0.06 -27.90 -41.94
CA SER C 352 -0.86 -26.79 -42.07
C SER C 352 -1.07 -26.08 -40.74
N THR C 353 -1.15 -26.86 -39.65
CA THR C 353 -1.43 -26.33 -38.32
C THR C 353 -0.33 -26.77 -37.37
N PHE C 354 0.21 -25.82 -36.61
CA PHE C 354 1.15 -26.13 -35.55
C PHE C 354 1.06 -25.03 -34.50
N LYS C 355 0.52 -25.34 -33.33
CA LYS C 355 0.29 -24.34 -32.30
C LYS C 355 0.55 -24.94 -30.92
N CYS C 356 1.24 -24.19 -30.07
CA CYS C 356 1.72 -24.69 -28.80
C CYS C 356 1.16 -23.87 -27.65
N TYR C 357 0.70 -24.55 -26.61
CA TYR C 357 0.09 -23.95 -25.44
C TYR C 357 0.96 -24.25 -24.22
N GLY C 358 1.24 -23.21 -23.43
CA GLY C 358 2.01 -23.34 -22.22
C GLY C 358 3.49 -23.09 -22.37
N VAL C 359 4.02 -23.16 -23.59
CA VAL C 359 5.42 -22.87 -23.87
C VAL C 359 5.49 -22.04 -25.15
N CYS C 360 6.69 -21.55 -25.43
CA CYS C 360 6.96 -20.87 -26.69
C CYS C 360 7.57 -21.86 -27.67
N ALA C 361 7.26 -21.66 -28.95
CA ALA C 361 7.77 -22.55 -29.99
C ALA C 361 9.27 -22.39 -30.18
N THR C 362 9.81 -21.20 -29.93
CA THR C 362 11.24 -20.98 -30.10
C THR C 362 12.07 -21.46 -28.91
N LYS C 363 11.43 -21.84 -27.81
CA LYS C 363 12.10 -22.32 -26.62
C LYS C 363 12.18 -23.84 -26.55
N LEU C 364 11.79 -24.53 -27.61
CA LEU C 364 11.68 -25.99 -27.56
C LEU C 364 13.01 -26.69 -27.77
N ASN C 365 14.08 -25.97 -28.08
CA ASN C 365 15.36 -26.60 -28.36
C ASN C 365 16.27 -26.65 -27.13
N ASP C 366 16.16 -25.68 -26.23
CA ASP C 366 16.94 -25.65 -25.01
C ASP C 366 16.17 -26.20 -23.81
N LEU C 367 15.01 -26.80 -24.04
CA LEU C 367 14.14 -27.27 -22.97
C LEU C 367 14.16 -28.79 -22.94
N CYS C 368 13.84 -29.36 -21.79
CA CYS C 368 14.02 -30.78 -21.55
C CYS C 368 12.79 -31.32 -20.83
N PHE C 369 12.01 -32.17 -21.52
CA PHE C 369 10.68 -32.57 -21.08
C PHE C 369 10.72 -33.86 -20.26
N SER C 370 9.64 -34.09 -19.51
CA SER C 370 9.61 -35.15 -18.51
C SER C 370 8.81 -36.37 -18.95
N ASN C 371 7.55 -36.18 -19.36
CA ASN C 371 6.67 -37.30 -19.69
C ASN C 371 5.82 -36.90 -20.90
N VAL C 372 6.05 -37.54 -22.04
CA VAL C 372 5.45 -37.13 -23.30
C VAL C 372 4.50 -38.21 -23.80
N TYR C 373 3.28 -37.82 -24.14
CA TYR C 373 2.30 -38.69 -24.75
C TYR C 373 1.88 -38.10 -26.09
N ALA C 374 1.69 -38.96 -27.08
CA ALA C 374 1.28 -38.54 -28.41
C ALA C 374 -0.08 -39.16 -28.74
N ASP C 375 -1.04 -38.31 -29.10
CA ASP C 375 -2.40 -38.74 -29.40
C ASP C 375 -2.64 -38.53 -30.89
N SER C 376 -3.03 -39.59 -31.60
CA SER C 376 -3.16 -39.53 -33.04
C SER C 376 -4.58 -39.90 -33.45
N PHE C 377 -5.09 -39.15 -34.43
CA PHE C 377 -6.39 -39.43 -35.05
C PHE C 377 -6.50 -38.68 -36.38
N VAL C 378 -7.65 -38.79 -37.03
CA VAL C 378 -7.93 -38.19 -38.33
C VAL C 378 -9.28 -37.50 -38.28
N VAL C 379 -9.33 -36.23 -38.68
CA VAL C 379 -10.56 -35.47 -38.80
C VAL C 379 -10.65 -34.88 -40.20
N LYS C 380 -11.71 -34.14 -40.47
CA LYS C 380 -11.81 -33.45 -41.75
C LYS C 380 -11.24 -32.05 -41.61
N GLY C 381 -11.34 -31.25 -42.68
CA GLY C 381 -10.66 -29.97 -42.70
C GLY C 381 -11.23 -28.95 -41.74
N ASP C 382 -12.55 -28.91 -41.59
CA ASP C 382 -13.22 -27.89 -40.81
C ASP C 382 -13.28 -28.23 -39.32
N ASP C 383 -12.81 -29.41 -38.92
CA ASP C 383 -12.81 -29.78 -37.52
C ASP C 383 -11.49 -29.52 -36.82
N VAL C 384 -10.46 -29.12 -37.57
CA VAL C 384 -9.13 -28.92 -37.01
C VAL C 384 -9.15 -27.75 -36.04
N ARG C 385 -10.02 -26.78 -36.25
CA ARG C 385 -10.14 -25.67 -35.32
C ARG C 385 -10.81 -26.06 -34.00
N GLN C 386 -11.41 -27.25 -33.92
CA GLN C 386 -12.02 -27.71 -32.69
C GLN C 386 -11.03 -28.43 -31.78
N ILE C 387 -9.80 -28.66 -32.22
CA ILE C 387 -8.78 -29.30 -31.38
C ILE C 387 -8.04 -28.17 -30.70
N ALA C 388 -8.63 -27.66 -29.63
CA ALA C 388 -8.11 -26.53 -28.87
C ALA C 388 -8.85 -26.45 -27.54
N PRO C 389 -8.24 -25.91 -26.49
CA PRO C 389 -8.97 -25.72 -25.23
C PRO C 389 -10.07 -24.69 -25.36
N GLY C 390 -11.15 -24.91 -24.62
CA GLY C 390 -12.29 -24.02 -24.67
C GLY C 390 -13.04 -23.99 -25.98
N GLN C 391 -13.27 -25.13 -26.59
CA GLN C 391 -13.95 -25.23 -27.88
C GLN C 391 -15.20 -26.06 -27.74
N THR C 392 -16.15 -25.83 -28.64
CA THR C 392 -17.38 -26.62 -28.71
C THR C 392 -17.59 -27.06 -30.15
N GLY C 393 -18.47 -28.04 -30.31
CA GLY C 393 -18.69 -28.66 -31.60
C GLY C 393 -18.91 -30.15 -31.41
N VAL C 394 -19.06 -30.90 -32.49
CA VAL C 394 -19.29 -32.34 -32.34
C VAL C 394 -18.03 -33.05 -31.86
N ILE C 395 -16.86 -32.64 -32.38
CA ILE C 395 -15.61 -33.28 -31.99
C ILE C 395 -15.24 -32.92 -30.56
N ALA C 396 -15.41 -31.66 -30.18
CA ALA C 396 -15.03 -31.24 -28.84
C ALA C 396 -16.01 -31.75 -27.78
N ASP C 397 -17.21 -32.15 -28.16
CA ASP C 397 -18.18 -32.65 -27.19
C ASP C 397 -18.17 -34.16 -27.07
N TYR C 398 -18.21 -34.89 -28.18
CA TYR C 398 -18.46 -36.32 -28.12
C TYR C 398 -17.28 -37.19 -28.50
N ASN C 399 -16.19 -36.61 -29.01
CA ASN C 399 -15.08 -37.42 -29.51
C ASN C 399 -13.78 -37.17 -28.79
N TYR C 400 -13.34 -35.92 -28.69
CA TYR C 400 -12.02 -35.62 -28.13
C TYR C 400 -12.07 -34.27 -27.42
N LYS C 401 -11.66 -34.26 -26.16
CA LYS C 401 -11.73 -33.07 -25.32
C LYS C 401 -10.36 -32.77 -24.74
N LEU C 402 -9.98 -31.50 -24.75
CA LEU C 402 -8.72 -31.07 -24.17
C LEU C 402 -8.96 -30.36 -22.84
N PRO C 403 -8.04 -30.48 -21.89
CA PRO C 403 -8.18 -29.73 -20.64
C PRO C 403 -7.99 -28.24 -20.85
N ASP C 404 -8.59 -27.46 -19.96
CA ASP C 404 -8.43 -26.01 -20.01
C ASP C 404 -6.99 -25.60 -19.69
N ASP C 405 -6.37 -26.28 -18.74
CA ASP C 405 -4.97 -26.02 -18.37
C ASP C 405 -4.04 -26.99 -19.11
N PHE C 406 -3.96 -26.80 -20.42
CA PHE C 406 -3.26 -27.74 -21.28
C PHE C 406 -1.87 -27.22 -21.61
N MET C 407 -0.85 -28.03 -21.35
CA MET C 407 0.51 -27.77 -21.78
C MET C 407 0.87 -28.79 -22.84
N GLY C 408 1.27 -28.32 -24.02
CA GLY C 408 1.61 -29.21 -25.09
C GLY C 408 1.55 -28.49 -26.43
N CYS C 409 1.45 -29.28 -27.49
CA CYS C 409 1.35 -28.75 -28.84
C CYS C 409 0.36 -29.56 -29.65
N VAL C 410 -0.24 -28.91 -30.63
CA VAL C 410 -1.18 -29.53 -31.56
C VAL C 410 -0.62 -29.31 -32.97
N LEU C 411 -0.47 -30.39 -33.73
CA LEU C 411 0.02 -30.25 -35.08
C LEU C 411 -0.73 -31.17 -36.03
N ALA C 412 -1.22 -30.59 -37.12
CA ALA C 412 -2.09 -31.27 -38.06
C ALA C 412 -1.67 -30.96 -39.49
N TRP C 413 -1.79 -31.95 -40.37
CA TRP C 413 -1.40 -31.77 -41.76
C TRP C 413 -2.37 -32.49 -42.68
N ASN C 414 -2.40 -32.04 -43.93
CA ASN C 414 -3.37 -32.52 -44.90
C ASN C 414 -2.86 -33.76 -45.61
N THR C 415 -3.70 -34.79 -45.72
CA THR C 415 -3.38 -36.04 -46.39
C THR C 415 -4.54 -36.41 -47.31
N ARG C 416 -4.53 -35.87 -48.53
CA ARG C 416 -5.53 -36.24 -49.52
C ARG C 416 -5.03 -37.29 -50.50
N ASN C 417 -3.71 -37.41 -50.67
CA ASN C 417 -3.17 -38.38 -51.61
C ASN C 417 -3.32 -39.80 -51.10
N ILE C 418 -3.34 -39.99 -49.78
CA ILE C 418 -3.31 -41.32 -49.20
C ILE C 418 -4.61 -41.70 -48.51
N ASP C 419 -5.31 -40.75 -47.89
CA ASP C 419 -6.52 -41.06 -47.13
C ASP C 419 -7.80 -40.83 -47.91
N ALA C 420 -7.71 -40.44 -49.17
CA ALA C 420 -8.88 -40.17 -49.99
C ALA C 420 -8.82 -41.00 -51.27
N THR C 421 -9.96 -41.56 -51.67
CA THR C 421 -10.05 -42.35 -52.88
C THR C 421 -11.07 -41.72 -53.82
N SER C 422 -11.03 -42.17 -55.08
CA SER C 422 -11.93 -41.65 -56.09
C SER C 422 -13.37 -42.10 -55.86
N THR C 423 -13.56 -43.30 -55.34
CA THR C 423 -14.91 -43.83 -55.14
C THR C 423 -15.47 -43.47 -53.77
N GLY C 424 -14.62 -43.06 -52.83
CA GLY C 424 -15.08 -42.74 -51.49
C GLY C 424 -14.41 -43.58 -50.43
N ASN C 425 -13.93 -42.93 -49.37
CA ASN C 425 -13.23 -43.60 -48.28
C ASN C 425 -14.12 -43.52 -47.04
N TYR C 426 -15.01 -44.50 -46.92
CA TYR C 426 -15.96 -44.55 -45.81
C TYR C 426 -15.43 -45.47 -44.70
N ASN C 427 -14.22 -45.16 -44.24
CA ASN C 427 -13.58 -45.93 -43.18
C ASN C 427 -13.47 -45.19 -41.87
N TYR C 428 -13.43 -43.86 -41.88
CA TYR C 428 -13.30 -43.07 -40.67
C TYR C 428 -14.66 -42.59 -40.22
N LYS C 429 -14.98 -42.81 -38.95
CA LYS C 429 -16.26 -42.46 -38.37
C LYS C 429 -16.07 -41.49 -37.22
N TYR C 430 -17.18 -40.89 -36.80
CA TYR C 430 -17.22 -40.03 -35.64
C TYR C 430 -18.58 -40.16 -34.97
N ARG C 431 -18.62 -39.91 -33.67
CA ARG C 431 -19.85 -40.03 -32.91
C ARG C 431 -20.56 -38.68 -32.85
N TYR C 432 -21.86 -38.69 -33.15
CA TYR C 432 -22.64 -37.46 -33.16
C TYR C 432 -23.85 -37.49 -32.23
N LEU C 433 -24.04 -38.56 -31.47
CA LEU C 433 -25.13 -38.65 -30.51
C LEU C 433 -24.60 -39.27 -29.23
N ARG C 434 -24.84 -38.60 -28.10
CA ARG C 434 -24.34 -39.09 -26.82
C ARG C 434 -25.10 -38.38 -25.70
N HIS C 435 -25.39 -39.11 -24.63
CA HIS C 435 -26.02 -38.55 -23.44
C HIS C 435 -24.95 -37.85 -22.61
N GLY C 436 -24.76 -36.55 -22.86
CA GLY C 436 -23.82 -35.76 -22.09
C GLY C 436 -22.50 -35.55 -22.81
N LYS C 437 -21.69 -34.70 -22.21
CA LYS C 437 -20.39 -34.35 -22.77
C LYS C 437 -19.34 -35.34 -22.27
N LEU C 438 -18.07 -35.05 -22.54
CA LEU C 438 -16.96 -35.90 -22.15
C LEU C 438 -16.03 -35.14 -21.20
N ARG C 439 -15.46 -35.86 -20.26
CA ARG C 439 -14.35 -35.33 -19.48
C ARG C 439 -13.09 -35.26 -20.34
N PRO C 440 -12.13 -34.42 -19.99
CA PRO C 440 -10.88 -34.33 -20.77
C PRO C 440 -10.13 -35.66 -20.82
N PHE C 441 -9.54 -35.92 -21.99
CA PHE C 441 -8.66 -37.06 -22.23
C PHE C 441 -9.34 -38.40 -21.97
N GLU C 442 -10.62 -38.49 -22.32
CA GLU C 442 -11.38 -39.73 -22.18
C GLU C 442 -12.02 -40.08 -23.51
N ARG C 443 -12.29 -41.37 -23.69
CA ARG C 443 -12.85 -41.87 -24.94
C ARG C 443 -14.00 -42.82 -24.65
N ASP C 444 -14.84 -42.99 -25.66
CA ASP C 444 -16.03 -43.84 -25.55
C ASP C 444 -16.19 -44.57 -26.90
N ILE C 445 -15.77 -45.82 -26.96
CA ILE C 445 -15.77 -46.57 -28.20
C ILE C 445 -16.93 -47.56 -28.27
N SER C 446 -17.95 -47.38 -27.43
CA SER C 446 -19.13 -48.25 -27.48
C SER C 446 -19.98 -47.91 -28.69
N ASN C 447 -20.75 -48.89 -29.15
CA ASN C 447 -21.60 -48.77 -30.33
C ASN C 447 -22.98 -49.34 -30.06
N VAL C 448 -23.57 -48.96 -28.92
CA VAL C 448 -24.94 -49.32 -28.60
C VAL C 448 -25.88 -48.41 -29.38
N PRO C 449 -27.08 -48.86 -29.74
CA PRO C 449 -28.04 -47.95 -30.38
C PRO C 449 -28.53 -46.88 -29.42
N PHE C 450 -28.87 -45.73 -29.98
CA PHE C 450 -29.19 -44.54 -29.21
C PHE C 450 -30.66 -44.19 -29.37
N SER C 451 -31.28 -43.73 -28.28
CA SER C 451 -32.65 -43.29 -28.29
C SER C 451 -32.81 -42.15 -27.31
N PRO C 452 -33.51 -41.07 -27.69
CA PRO C 452 -33.60 -39.89 -26.81
C PRO C 452 -34.37 -40.12 -25.52
N ASP C 453 -35.19 -41.19 -25.43
CA ASP C 453 -35.95 -41.42 -24.22
C ASP C 453 -35.06 -41.82 -23.05
N GLY C 454 -33.97 -42.52 -23.32
CA GLY C 454 -33.08 -42.98 -22.29
C GLY C 454 -33.23 -44.44 -21.95
N LYS C 455 -33.72 -45.24 -22.88
CA LYS C 455 -33.97 -46.66 -22.65
C LYS C 455 -33.46 -47.44 -23.86
N PRO C 456 -33.04 -48.70 -23.66
CA PRO C 456 -32.56 -49.50 -24.79
C PRO C 456 -33.67 -49.80 -25.78
N CYS C 457 -33.28 -49.96 -27.05
CA CYS C 457 -34.25 -50.18 -28.12
C CYS C 457 -33.60 -50.88 -29.32
N THR C 458 -34.40 -51.64 -30.06
CA THR C 458 -33.93 -52.33 -31.24
C THR C 458 -34.02 -51.39 -32.44
N PRO C 459 -32.91 -51.16 -33.14
CA PRO C 459 -32.84 -50.04 -34.10
C PRO C 459 -33.57 -50.24 -35.43
N PRO C 460 -34.36 -51.31 -35.62
CA PRO C 460 -35.49 -51.15 -36.56
C PRO C 460 -36.70 -50.39 -36.02
N ALA C 461 -36.58 -49.69 -34.90
CA ALA C 461 -37.69 -48.90 -34.38
C ALA C 461 -37.70 -47.53 -35.05
N LEU C 462 -38.51 -46.60 -34.52
CA LEU C 462 -38.73 -45.31 -35.16
C LEU C 462 -37.87 -44.20 -34.56
N ASN C 463 -37.62 -44.25 -33.26
CA ASN C 463 -36.83 -43.22 -32.58
C ASN C 463 -35.49 -43.77 -32.10
N CYS C 464 -34.91 -44.68 -32.88
CA CYS C 464 -33.64 -45.29 -32.56
C CYS C 464 -32.65 -45.01 -33.68
N TYR C 465 -31.45 -44.59 -33.32
CA TYR C 465 -30.44 -44.18 -34.28
C TYR C 465 -29.12 -44.84 -33.94
N TRP C 466 -28.35 -45.12 -34.98
CA TRP C 466 -26.97 -45.52 -34.79
C TRP C 466 -26.11 -44.30 -34.52
N PRO C 467 -25.33 -44.29 -33.44
CA PRO C 467 -24.66 -43.05 -33.01
C PRO C 467 -23.43 -42.65 -33.81
N LEU C 468 -23.01 -43.42 -34.78
CA LEU C 468 -21.79 -43.13 -35.53
C LEU C 468 -22.10 -42.74 -36.96
N ASN C 469 -21.36 -41.78 -37.49
CA ASN C 469 -21.49 -41.32 -38.87
C ASN C 469 -20.15 -41.46 -39.57
N ASP C 470 -20.20 -41.77 -40.86
CA ASP C 470 -18.99 -42.00 -41.64
C ASP C 470 -18.58 -40.73 -42.36
N TYR C 471 -17.30 -40.39 -42.27
CA TYR C 471 -16.72 -39.35 -43.09
C TYR C 471 -16.68 -39.81 -44.54
N GLY C 472 -17.25 -39.01 -45.44
CA GLY C 472 -17.16 -39.34 -46.84
C GLY C 472 -16.05 -38.58 -47.53
N PHE C 473 -14.91 -39.23 -47.74
CA PHE C 473 -13.72 -38.56 -48.24
C PHE C 473 -13.53 -38.88 -49.72
N TYR C 474 -13.49 -37.85 -50.54
CA TYR C 474 -13.26 -37.97 -51.98
C TYR C 474 -12.05 -37.12 -52.36
N THR C 475 -11.62 -37.27 -53.60
CA THR C 475 -10.57 -36.42 -54.15
C THR C 475 -11.12 -35.28 -54.99
N THR C 476 -12.44 -35.07 -54.99
CA THR C 476 -13.08 -34.06 -55.83
C THR C 476 -14.01 -33.17 -55.02
N THR C 477 -13.61 -32.82 -53.80
CA THR C 477 -14.40 -31.96 -52.93
C THR C 477 -13.59 -30.72 -52.56
N GLY C 478 -14.15 -29.89 -51.67
CA GLY C 478 -13.49 -28.68 -51.25
C GLY C 478 -12.40 -28.94 -50.24
N ILE C 479 -11.84 -27.85 -49.70
CA ILE C 479 -10.77 -27.97 -48.74
C ILE C 479 -11.30 -28.31 -47.35
N GLY C 480 -12.56 -27.99 -47.07
CA GLY C 480 -13.17 -28.33 -45.80
C GLY C 480 -13.70 -29.73 -45.71
N TYR C 481 -13.57 -30.51 -46.77
CA TYR C 481 -13.97 -31.91 -46.79
C TYR C 481 -12.82 -32.79 -47.25
N GLN C 482 -11.62 -32.50 -46.76
CA GLN C 482 -10.45 -33.28 -47.08
C GLN C 482 -9.85 -33.85 -45.80
N PRO C 483 -9.23 -35.02 -45.86
CA PRO C 483 -8.72 -35.64 -44.63
C PRO C 483 -7.53 -34.89 -44.07
N TYR C 484 -7.49 -34.79 -42.75
CA TYR C 484 -6.40 -34.19 -42.03
C TYR C 484 -5.98 -35.13 -40.90
N ARG C 485 -4.68 -35.32 -40.75
CA ARG C 485 -4.14 -36.14 -39.68
C ARG C 485 -3.65 -35.21 -38.56
N VAL C 486 -4.06 -35.52 -37.33
CA VAL C 486 -3.79 -34.67 -36.18
C VAL C 486 -3.01 -35.48 -35.15
N VAL C 487 -1.93 -34.87 -34.63
CA VAL C 487 -1.16 -35.39 -33.52
C VAL C 487 -1.11 -34.34 -32.44
N VAL C 488 -1.48 -34.72 -31.22
CA VAL C 488 -1.45 -33.85 -30.05
C VAL C 488 -0.37 -34.37 -29.12
N LEU C 489 0.64 -33.54 -28.86
CA LEU C 489 1.71 -33.89 -27.94
C LEU C 489 1.45 -33.25 -26.59
N SER C 490 1.40 -34.07 -25.55
CA SER C 490 1.14 -33.62 -24.19
C SER C 490 2.35 -33.93 -23.33
N PHE C 491 2.88 -32.90 -22.67
CA PHE C 491 4.04 -33.10 -21.81
C PHE C 491 3.93 -32.23 -20.56
N GLU C 492 4.67 -32.64 -19.54
CA GLU C 492 4.79 -31.90 -18.29
C GLU C 492 6.25 -31.53 -18.07
N LEU C 493 6.48 -30.41 -17.40
CA LEU C 493 7.80 -29.85 -17.26
C LEU C 493 8.26 -29.83 -15.81
N LEU C 494 9.52 -30.24 -15.62
CA LEU C 494 10.31 -29.98 -14.41
C LEU C 494 9.72 -30.66 -13.18
N ASN C 495 9.44 -31.95 -13.31
CA ASN C 495 9.02 -32.76 -12.16
C ASN C 495 10.03 -33.87 -11.85
N ALA C 496 10.29 -34.72 -12.81
CA ALA C 496 11.01 -35.98 -12.68
C ALA C 496 12.34 -35.89 -13.41
N PRO C 497 13.15 -36.96 -13.37
CA PRO C 497 14.23 -37.07 -14.37
C PRO C 497 13.66 -36.95 -15.77
N ALA C 498 14.34 -36.17 -16.60
CA ALA C 498 13.88 -35.89 -17.95
C ALA C 498 14.45 -36.93 -18.91
N THR C 499 13.56 -37.60 -19.63
CA THR C 499 13.96 -38.70 -20.49
C THR C 499 14.00 -38.37 -21.98
N VAL C 500 13.10 -37.53 -22.46
CA VAL C 500 13.15 -37.01 -23.83
C VAL C 500 13.58 -35.55 -23.74
N CYS C 501 14.52 -35.15 -24.59
CA CYS C 501 15.17 -33.89 -24.31
C CYS C 501 15.55 -33.21 -25.62
N GLY C 502 16.42 -32.20 -25.54
CA GLY C 502 16.71 -31.36 -26.68
C GLY C 502 18.12 -31.52 -27.23
N PRO C 503 18.33 -31.02 -28.45
CA PRO C 503 19.63 -31.20 -29.11
C PRO C 503 20.68 -30.12 -28.81
N LYS C 504 21.06 -30.00 -27.54
CA LYS C 504 22.08 -29.04 -27.15
C LYS C 504 23.34 -29.75 -26.70
N LEU C 505 24.48 -29.09 -26.90
CA LEU C 505 25.77 -29.65 -26.55
C LEU C 505 26.07 -29.38 -25.09
N SER C 506 26.67 -30.37 -24.43
CA SER C 506 27.06 -30.26 -23.04
C SER C 506 28.39 -29.51 -22.93
N THR C 507 28.71 -29.06 -21.72
CA THR C 507 29.91 -28.26 -21.47
C THR C 507 30.52 -28.74 -20.15
N ASP C 508 31.84 -28.59 -20.02
CA ASP C 508 32.56 -28.99 -18.83
C ASP C 508 32.17 -28.10 -17.65
N LEU C 509 32.27 -28.66 -16.44
CA LEU C 509 31.91 -27.92 -15.24
C LEU C 509 32.95 -26.84 -14.92
N ILE C 510 32.47 -25.72 -14.40
CA ILE C 510 33.30 -24.64 -13.88
C ILE C 510 32.92 -24.45 -12.43
N LYS C 511 33.93 -24.45 -11.55
CA LYS C 511 33.70 -24.40 -10.12
C LYS C 511 34.15 -23.06 -9.55
N ASN C 512 33.39 -22.56 -8.57
CA ASN C 512 33.71 -21.37 -7.78
C ASN C 512 33.83 -20.12 -8.65
N GLN C 513 32.78 -19.83 -9.41
CA GLN C 513 32.74 -18.66 -10.27
C GLN C 513 31.29 -18.37 -10.64
N CYS C 514 30.92 -17.10 -10.68
CA CYS C 514 29.55 -16.73 -11.03
C CYS C 514 29.31 -16.93 -12.52
N VAL C 515 28.73 -18.08 -12.88
CA VAL C 515 28.50 -18.45 -14.26
C VAL C 515 27.03 -18.81 -14.44
N ASN C 516 26.59 -18.77 -15.69
CA ASN C 516 25.21 -19.09 -16.04
C ASN C 516 25.09 -20.58 -16.29
N PHE C 517 24.42 -21.29 -15.40
CA PHE C 517 24.29 -22.73 -15.53
C PHE C 517 23.01 -23.09 -16.29
N ASN C 518 22.92 -24.35 -16.70
CA ASN C 518 21.77 -24.88 -17.41
C ASN C 518 21.70 -26.38 -17.15
N PHE C 519 20.85 -26.78 -16.22
CA PHE C 519 20.71 -28.18 -15.82
C PHE C 519 19.31 -28.63 -16.19
N ASN C 520 19.21 -29.39 -17.29
CA ASN C 520 17.94 -29.92 -17.81
C ASN C 520 16.92 -28.81 -18.07
N GLY C 521 17.40 -27.68 -18.60
CA GLY C 521 16.54 -26.55 -18.87
C GLY C 521 16.31 -25.61 -17.71
N LEU C 522 16.98 -25.81 -16.58
CA LEU C 522 16.83 -24.93 -15.42
C LEU C 522 17.95 -23.91 -15.45
N THR C 523 17.71 -22.79 -16.14
CA THR C 523 18.69 -21.74 -16.26
C THR C 523 18.78 -20.92 -14.97
N GLY C 524 19.95 -20.34 -14.73
CA GLY C 524 20.16 -19.53 -13.55
C GLY C 524 21.51 -18.86 -13.59
N THR C 525 21.93 -18.35 -12.42
CA THR C 525 23.20 -17.66 -12.30
C THR C 525 23.65 -17.71 -10.85
N GLY C 526 24.85 -18.24 -10.61
CA GLY C 526 25.36 -18.35 -9.26
C GLY C 526 26.74 -18.97 -9.29
N VAL C 527 27.24 -19.31 -8.10
CA VAL C 527 28.52 -20.00 -7.98
C VAL C 527 28.26 -21.44 -7.56
N LEU C 528 29.08 -22.34 -8.08
CA LEU C 528 28.93 -23.78 -7.91
C LEU C 528 29.94 -24.30 -6.90
N THR C 529 29.47 -25.05 -5.92
CA THR C 529 30.30 -25.63 -4.89
C THR C 529 29.97 -27.10 -4.73
N PRO C 530 30.91 -27.93 -4.27
CA PRO C 530 30.57 -29.32 -3.94
C PRO C 530 29.63 -29.39 -2.74
N SER C 531 28.92 -30.51 -2.63
CA SER C 531 27.85 -30.64 -1.66
C SER C 531 28.03 -31.87 -0.78
N SER C 532 27.39 -31.83 0.38
CA SER C 532 27.30 -32.98 1.28
C SER C 532 25.86 -33.37 1.58
N LYS C 533 24.90 -32.81 0.86
CA LYS C 533 23.49 -33.11 1.05
C LYS C 533 23.13 -34.42 0.36
N ARG C 534 22.19 -35.17 0.93
CA ARG C 534 21.78 -36.45 0.34
C ARG C 534 20.36 -36.27 -0.19
N PHE C 535 20.08 -36.83 -1.35
CA PHE C 535 18.79 -36.69 -2.01
C PHE C 535 17.96 -37.95 -1.91
N GLN C 536 16.66 -37.85 -2.12
CA GLN C 536 15.83 -39.03 -2.37
C GLN C 536 16.23 -39.55 -3.74
N PRO C 537 16.05 -40.84 -4.01
CA PRO C 537 16.32 -41.34 -5.35
C PRO C 537 15.37 -40.72 -6.36
N PHE C 538 15.84 -40.62 -7.61
CA PHE C 538 15.13 -40.04 -8.76
C PHE C 538 14.51 -38.66 -8.48
N GLN C 539 15.20 -37.85 -7.67
CA GLN C 539 14.78 -36.47 -7.46
C GLN C 539 15.88 -35.55 -7.96
N GLN C 540 15.50 -34.58 -8.80
CA GLN C 540 16.47 -33.82 -9.57
C GLN C 540 17.07 -32.67 -8.77
N PHE C 541 16.24 -31.76 -8.27
CA PHE C 541 16.74 -30.56 -7.62
C PHE C 541 15.83 -30.17 -6.46
N GLY C 542 16.37 -29.39 -5.54
CA GLY C 542 15.65 -28.99 -4.36
C GLY C 542 15.68 -27.49 -4.17
N ARG C 543 14.67 -26.99 -3.45
CA ARG C 543 14.45 -25.58 -3.24
C ARG C 543 14.37 -25.28 -1.75
N ASP C 544 14.19 -24.01 -1.42
CA ASP C 544 14.13 -23.53 -0.05
C ASP C 544 12.73 -22.98 0.26
N VAL C 545 12.58 -22.37 1.44
CA VAL C 545 11.31 -21.76 1.83
C VAL C 545 10.99 -20.55 0.97
N SER C 546 12.02 -19.90 0.41
CA SER C 546 11.82 -18.75 -0.47
C SER C 546 11.64 -19.16 -1.92
N ASP C 547 11.39 -20.44 -2.18
CA ASP C 547 11.27 -21.00 -3.53
C ASP C 547 12.50 -20.70 -4.39
N PHE C 548 13.67 -20.82 -3.79
CA PHE C 548 14.94 -20.64 -4.47
C PHE C 548 15.68 -21.96 -4.45
N THR C 549 15.97 -22.49 -5.63
CA THR C 549 16.66 -23.76 -5.73
C THR C 549 18.09 -23.62 -5.23
N ASP C 550 18.55 -24.60 -4.46
CA ASP C 550 19.89 -24.53 -3.88
C ASP C 550 20.78 -25.71 -4.22
N SER C 551 20.21 -26.89 -4.45
CA SER C 551 21.00 -28.08 -4.76
C SER C 551 20.47 -28.72 -6.02
N VAL C 552 21.37 -29.13 -6.91
CA VAL C 552 21.01 -29.67 -8.21
C VAL C 552 21.87 -30.90 -8.49
N ARG C 553 21.24 -31.93 -9.07
CA ARG C 553 21.92 -33.18 -9.38
C ARG C 553 22.38 -33.16 -10.83
N ASP C 554 23.65 -33.52 -11.04
CA ASP C 554 24.18 -33.61 -12.39
C ASP C 554 23.50 -34.75 -13.14
N PRO C 555 22.94 -34.51 -14.33
CA PRO C 555 22.31 -35.60 -15.09
C PRO C 555 23.29 -36.62 -15.64
N LYS C 556 24.59 -36.34 -15.65
CA LYS C 556 25.57 -37.32 -16.11
C LYS C 556 26.16 -38.12 -14.96
N THR C 557 26.83 -37.44 -14.03
CA THR C 557 27.61 -38.11 -12.99
C THR C 557 26.80 -38.41 -11.73
N SER C 558 25.56 -37.92 -11.65
CA SER C 558 24.65 -38.14 -10.52
C SER C 558 25.21 -37.61 -9.20
N GLU C 559 26.12 -36.65 -9.26
CA GLU C 559 26.62 -36.00 -8.06
C GLU C 559 25.65 -34.89 -7.66
N ILE C 560 25.96 -34.21 -6.55
CA ILE C 560 25.14 -33.13 -6.04
C ILE C 560 25.98 -31.87 -6.01
N LEU C 561 25.44 -30.77 -6.54
CA LEU C 561 26.13 -29.50 -6.60
C LEU C 561 25.29 -28.45 -5.89
N ASP C 562 25.95 -27.59 -5.10
CA ASP C 562 25.26 -26.49 -4.44
C ASP C 562 25.48 -25.21 -5.23
N ILE C 563 24.37 -24.56 -5.57
CA ILE C 563 24.38 -23.25 -6.20
C ILE C 563 24.14 -22.21 -5.11
N SER C 564 24.96 -21.17 -5.09
CA SER C 564 24.67 -20.10 -4.15
C SER C 564 24.82 -18.76 -4.86
N PRO C 565 24.15 -17.71 -4.35
CA PRO C 565 24.29 -16.39 -4.98
C PRO C 565 25.73 -15.91 -4.99
N CYS C 566 26.09 -15.27 -6.10
CA CYS C 566 27.42 -14.70 -6.24
C CYS C 566 27.48 -13.26 -5.75
N SER C 567 26.50 -12.84 -4.95
CA SER C 567 26.50 -11.54 -4.31
C SER C 567 26.35 -11.74 -2.81
N PHE C 568 27.34 -11.30 -2.04
CA PHE C 568 27.30 -11.41 -0.59
C PHE C 568 26.50 -10.23 -0.02
N GLY C 569 26.63 -9.99 1.28
CA GLY C 569 25.85 -8.95 1.93
C GLY C 569 26.26 -7.53 1.61
N GLY C 570 26.16 -6.64 2.58
CA GLY C 570 26.24 -5.22 2.34
C GLY C 570 27.65 -4.69 2.21
N VAL C 571 27.78 -3.61 1.44
CA VAL C 571 29.01 -2.86 1.28
C VAL C 571 28.70 -1.41 1.60
N SER C 572 29.47 -0.81 2.50
CA SER C 572 29.28 0.58 2.87
C SER C 572 30.48 1.41 2.43
N VAL C 573 30.20 2.61 1.94
CA VAL C 573 31.24 3.53 1.47
C VAL C 573 31.25 4.74 2.39
N ILE C 574 32.43 5.07 2.90
CA ILE C 574 32.65 6.19 3.81
C ILE C 574 33.39 7.27 3.03
N THR C 575 32.80 8.45 2.92
CA THR C 575 33.38 9.51 2.13
C THR C 575 33.44 10.82 2.90
N PRO C 576 34.55 11.57 2.77
CA PRO C 576 34.59 12.93 3.32
C PRO C 576 33.63 13.87 2.61
N GLY C 577 33.30 13.57 1.36
CA GLY C 577 32.47 14.44 0.56
C GLY C 577 33.21 14.84 -0.70
N THR C 578 32.51 14.90 -1.84
CA THR C 578 33.17 15.27 -3.09
C THR C 578 33.10 16.78 -3.25
N ASN C 579 33.64 17.48 -2.25
CA ASN C 579 33.85 18.91 -2.31
C ASN C 579 35.21 19.17 -1.69
N ALA C 580 35.82 18.12 -1.15
CA ALA C 580 37.12 18.21 -0.52
C ALA C 580 38.15 17.25 -1.09
N SER C 581 37.76 16.03 -1.42
CA SER C 581 38.68 15.06 -2.02
C SER C 581 37.87 13.93 -2.65
N SER C 582 38.57 12.92 -3.15
CA SER C 582 37.93 11.85 -3.92
C SER C 582 38.30 10.45 -3.47
N GLU C 583 38.99 10.29 -2.33
CA GLU C 583 39.23 8.94 -1.86
C GLU C 583 38.14 8.54 -0.85
N VAL C 584 37.95 7.23 -0.72
CA VAL C 584 36.89 6.69 0.12
C VAL C 584 37.46 5.54 0.94
N ALA C 585 36.72 5.16 1.98
CA ALA C 585 36.97 3.93 2.71
C ALA C 585 35.81 2.97 2.47
N VAL C 586 36.09 1.68 2.51
CA VAL C 586 35.10 0.66 2.19
C VAL C 586 34.98 -0.29 3.38
N LEU C 587 33.75 -0.53 3.83
CA LEU C 587 33.46 -1.43 4.93
C LEU C 587 32.63 -2.59 4.41
N TYR C 588 33.16 -3.80 4.59
CA TYR C 588 32.42 -5.03 4.33
C TYR C 588 31.98 -5.58 5.68
N GLN C 589 30.70 -5.44 5.99
CA GLN C 589 30.20 -5.85 7.29
C GLN C 589 29.85 -7.32 7.29
N ASP C 590 29.99 -7.95 8.46
CA ASP C 590 29.71 -9.35 8.70
C ASP C 590 30.56 -10.26 7.79
N VAL C 591 31.77 -9.82 7.46
CA VAL C 591 32.70 -10.59 6.66
C VAL C 591 34.04 -10.59 7.37
N ASN C 592 34.61 -11.78 7.58
CA ASN C 592 35.91 -11.92 8.19
C ASN C 592 36.96 -11.52 7.15
N CYS C 593 37.86 -10.62 7.54
CA CYS C 593 38.72 -9.99 6.55
C CYS C 593 39.90 -10.86 6.15
N THR C 594 40.08 -12.03 6.78
CA THR C 594 41.07 -12.98 6.30
C THR C 594 40.71 -13.50 4.92
N ASP C 595 39.41 -13.70 4.66
CA ASP C 595 38.92 -14.29 3.43
C ASP C 595 37.99 -13.36 2.66
N VAL C 596 38.34 -12.08 2.63
CA VAL C 596 37.50 -11.09 1.93
C VAL C 596 37.53 -11.30 0.41
N SER C 597 38.69 -11.66 -0.15
CA SER C 597 38.83 -11.77 -1.61
C SER C 597 37.99 -12.90 -2.17
N THR C 598 37.73 -13.94 -1.37
CA THR C 598 36.81 -14.98 -1.79
C THR C 598 35.38 -14.45 -1.87
N ALA C 599 34.99 -13.59 -0.92
CA ALA C 599 33.63 -13.12 -0.88
C ALA C 599 33.33 -12.10 -1.97
N ILE C 600 34.34 -11.39 -2.46
CA ILE C 600 34.14 -10.36 -3.46
C ILE C 600 34.49 -10.83 -4.87
N HIS C 601 35.27 -11.92 -4.99
CA HIS C 601 35.86 -12.38 -6.25
C HIS C 601 36.65 -11.25 -6.93
N ALA C 602 37.67 -10.77 -6.22
CA ALA C 602 38.47 -9.65 -6.71
C ALA C 602 39.37 -10.03 -7.87
N ASP C 603 39.50 -11.32 -8.19
CA ASP C 603 40.29 -11.73 -9.34
C ASP C 603 39.63 -11.30 -10.64
N GLN C 604 38.30 -11.19 -10.65
CA GLN C 604 37.54 -10.87 -11.84
C GLN C 604 37.03 -9.45 -11.85
N LEU C 605 37.57 -8.58 -11.00
CA LEU C 605 37.18 -7.18 -10.97
C LEU C 605 38.25 -6.32 -11.65
N THR C 606 38.00 -5.03 -11.66
CA THR C 606 38.96 -4.08 -12.19
C THR C 606 40.17 -3.99 -11.25
N PRO C 607 41.33 -3.60 -11.76
CA PRO C 607 42.48 -3.36 -10.86
C PRO C 607 42.24 -2.24 -9.88
N ALA C 608 41.34 -1.30 -10.19
CA ALA C 608 40.97 -0.28 -9.21
C ALA C 608 40.17 -0.86 -8.05
N TRP C 609 39.50 -2.00 -8.26
CA TRP C 609 38.80 -2.66 -7.17
C TRP C 609 39.70 -3.60 -6.38
N ARG C 610 40.88 -3.96 -6.92
CA ARG C 610 41.76 -4.86 -6.18
C ARG C 610 42.55 -4.15 -5.10
N ILE C 611 42.79 -2.84 -5.25
CA ILE C 611 43.53 -2.09 -4.24
C ILE C 611 42.68 -1.82 -3.00
N TYR C 612 41.37 -2.06 -3.07
CA TYR C 612 40.50 -2.00 -1.91
C TYR C 612 40.19 -3.37 -1.35
N SER C 613 40.89 -4.41 -1.80
CA SER C 613 40.67 -5.76 -1.32
C SER C 613 41.70 -6.21 -0.30
N THR C 614 42.92 -5.74 -0.41
CA THR C 614 43.97 -6.07 0.55
C THR C 614 45.02 -4.97 0.53
N GLY C 615 45.84 -4.95 1.57
CA GLY C 615 46.90 -3.96 1.67
C GLY C 615 47.35 -3.81 3.11
N ASN C 616 48.03 -2.70 3.36
CA ASN C 616 48.49 -2.37 4.71
C ASN C 616 47.46 -1.59 5.51
N ASN C 617 46.34 -1.21 4.89
CA ASN C 617 45.28 -0.44 5.55
C ASN C 617 44.10 -1.33 5.89
N VAL C 618 44.35 -2.56 6.32
CA VAL C 618 43.29 -3.49 6.68
C VAL C 618 43.04 -3.40 8.17
N PHE C 619 41.78 -3.13 8.55
CA PHE C 619 41.38 -3.09 9.95
C PHE C 619 40.19 -4.00 10.13
N GLN C 620 40.09 -4.62 11.30
CA GLN C 620 39.01 -5.56 11.61
C GLN C 620 38.25 -5.06 12.82
N THR C 621 37.00 -4.64 12.61
CA THR C 621 36.12 -4.20 13.68
C THR C 621 35.00 -5.22 13.85
N GLN C 622 34.24 -5.04 14.94
CA GLN C 622 33.13 -5.95 15.24
C GLN C 622 32.05 -5.89 14.16
N ALA C 623 31.94 -4.76 13.47
CA ALA C 623 31.05 -4.69 12.31
C ALA C 623 31.58 -5.52 11.15
N GLY C 624 32.88 -5.50 10.88
CA GLY C 624 33.41 -6.23 9.75
C GLY C 624 34.84 -5.89 9.42
N CYS C 625 35.15 -5.73 8.13
CA CYS C 625 36.49 -5.39 7.68
C CYS C 625 36.47 -4.03 6.99
N LEU C 626 37.38 -3.15 7.41
CA LEU C 626 37.46 -1.80 6.90
C LEU C 626 38.79 -1.61 6.16
N ILE C 627 38.70 -1.16 4.92
CA ILE C 627 39.88 -0.99 4.07
C ILE C 627 39.86 0.41 3.49
N GLY C 628 40.97 1.13 3.64
CA GLY C 628 41.09 2.47 3.11
C GLY C 628 41.30 3.53 4.17
N ALA C 629 41.45 3.10 5.42
CA ALA C 629 41.62 4.04 6.54
C ALA C 629 42.74 3.54 7.43
N GLU C 630 43.37 4.48 8.13
CA GLU C 630 44.52 4.20 8.98
C GLU C 630 44.09 4.19 10.45
N HIS C 631 44.45 3.12 11.15
CA HIS C 631 44.10 3.00 12.57
C HIS C 631 45.00 3.88 13.42
N VAL C 632 44.39 4.59 14.36
CA VAL C 632 45.12 5.44 15.30
C VAL C 632 44.74 5.03 16.71
N ASP C 633 45.60 5.36 17.67
CA ASP C 633 45.38 4.95 19.05
C ASP C 633 44.74 6.03 19.91
N THR C 634 44.80 7.29 19.51
CA THR C 634 44.12 8.35 20.25
C THR C 634 42.62 8.29 19.97
N SER C 635 41.85 8.89 20.87
CA SER C 635 40.39 8.89 20.78
C SER C 635 39.89 10.33 20.69
N TYR C 636 38.94 10.56 19.79
CA TYR C 636 38.35 11.88 19.57
C TYR C 636 36.84 11.77 19.62
N GLU C 637 36.17 12.90 19.42
CA GLU C 637 34.72 12.92 19.32
C GLU C 637 34.29 12.31 17.99
N CYS C 638 33.12 11.68 17.99
CA CYS C 638 32.67 10.97 16.80
C CYS C 638 32.24 11.93 15.70
N ASP C 639 32.70 11.67 14.48
CA ASP C 639 32.34 12.47 13.32
C ASP C 639 31.47 11.69 12.35
N ILE C 640 31.95 10.54 11.86
CA ILE C 640 31.16 9.66 11.01
C ILE C 640 31.04 8.32 11.71
N PRO C 641 29.86 7.94 12.18
CA PRO C 641 29.73 6.72 12.99
C PRO C 641 29.74 5.47 12.13
N ILE C 642 30.83 4.71 12.20
CA ILE C 642 30.89 3.43 11.51
C ILE C 642 30.06 2.38 12.27
N GLY C 643 30.30 2.25 13.55
CA GLY C 643 29.54 1.32 14.36
C GLY C 643 30.46 0.51 15.26
N ALA C 644 29.82 -0.16 16.24
CA ALA C 644 30.51 -1.01 17.23
C ALA C 644 31.59 -0.24 17.99
N GLY C 645 31.32 1.03 18.28
CA GLY C 645 32.28 1.86 18.97
C GLY C 645 33.34 2.49 18.09
N ILE C 646 33.31 2.25 16.78
CA ILE C 646 34.32 2.77 15.87
C ILE C 646 33.72 3.92 15.09
N CYS C 647 34.45 5.05 15.06
CA CYS C 647 34.08 6.21 14.28
C CYS C 647 35.20 6.51 13.29
N ALA C 648 34.89 7.32 12.29
CA ALA C 648 35.85 7.70 11.26
C ALA C 648 35.78 9.19 11.00
N SER C 649 36.91 9.76 10.59
CA SER C 649 36.99 11.19 10.30
C SER C 649 38.09 11.43 9.27
N TYR C 650 38.27 12.69 8.91
CA TYR C 650 39.18 13.11 7.84
C TYR C 650 40.21 14.06 8.46
N HIS C 651 41.36 13.53 8.87
CA HIS C 651 42.33 14.27 9.64
C HIS C 651 43.60 14.53 8.83
N THR C 652 44.61 15.06 9.50
CA THR C 652 45.88 15.36 8.87
C THR C 652 46.97 14.41 9.35
N GLN C 661 47.98 17.74 2.96
CA GLN C 661 47.88 16.29 2.99
C GLN C 661 46.96 15.81 4.11
N LYS C 662 45.80 15.28 3.72
CA LYS C 662 44.81 14.78 4.66
C LYS C 662 44.47 13.34 4.30
N SER C 663 44.06 12.57 5.30
CA SER C 663 43.71 11.18 5.09
C SER C 663 42.58 10.79 6.02
N ILE C 664 41.89 9.72 5.67
CA ILE C 664 40.78 9.18 6.45
C ILE C 664 41.34 8.31 7.56
N VAL C 665 40.92 8.59 8.80
CA VAL C 665 41.36 7.84 9.97
C VAL C 665 40.14 7.22 10.64
N ALA C 666 40.38 6.11 11.31
CA ALA C 666 39.37 5.40 12.08
C ALA C 666 39.86 5.22 13.50
N TYR C 667 38.99 5.46 14.46
CA TYR C 667 39.39 5.44 15.87
C TYR C 667 38.23 4.95 16.72
N THR C 668 38.51 4.78 18.01
CA THR C 668 37.48 4.48 19.00
C THR C 668 36.95 5.78 19.57
N MET C 669 35.63 5.90 19.63
CA MET C 669 35.02 7.13 20.09
C MET C 669 35.29 7.36 21.57
N SER C 670 35.35 8.64 21.95
CA SER C 670 35.63 9.03 23.32
C SER C 670 34.33 9.28 24.06
N LEU C 671 34.19 8.66 25.23
CA LEU C 671 32.95 8.78 25.98
C LEU C 671 32.82 10.14 26.64
N GLY C 672 33.91 10.66 27.18
CA GLY C 672 33.86 11.97 27.82
C GLY C 672 35.15 12.24 28.56
N ALA C 673 35.21 13.43 29.16
CA ALA C 673 36.37 13.83 29.93
C ALA C 673 36.47 13.00 31.20
N ASP C 674 37.70 12.74 31.62
CA ASP C 674 37.96 11.90 32.78
C ASP C 674 38.17 12.77 34.01
N SER C 675 37.44 12.46 35.09
CA SER C 675 37.51 13.24 36.31
C SER C 675 37.34 12.32 37.49
N SER C 676 37.83 12.77 38.65
CA SER C 676 37.71 12.00 39.88
C SER C 676 37.50 12.97 41.05
N ILE C 677 36.53 12.63 41.91
CA ILE C 677 36.29 13.37 43.14
C ILE C 677 36.45 12.40 44.31
N ALA C 678 37.13 12.86 45.35
CA ALA C 678 37.41 12.01 46.49
C ALA C 678 36.20 11.97 47.43
N TYR C 679 35.92 10.79 47.95
CA TYR C 679 34.86 10.61 48.94
C TYR C 679 35.48 10.62 50.33
N SER C 680 35.04 11.55 51.16
CA SER C 680 35.38 11.57 52.58
C SER C 680 34.11 11.77 53.39
N ASN C 681 34.08 11.17 54.57
CA ASN C 681 32.86 11.14 55.36
C ASN C 681 32.76 12.31 56.33
N ASN C 682 33.68 13.26 56.28
CA ASN C 682 33.57 14.42 57.16
C ASN C 682 33.95 15.73 56.47
N THR C 683 33.69 15.87 55.16
CA THR C 683 33.97 17.13 54.50
C THR C 683 32.89 17.39 53.46
N ILE C 684 32.70 18.67 53.14
CA ILE C 684 31.67 19.11 52.22
C ILE C 684 32.25 20.20 51.31
N ALA C 685 31.61 20.39 50.16
CA ALA C 685 31.99 21.43 49.22
C ALA C 685 30.83 22.38 49.04
N ILE C 686 31.08 23.67 49.22
CA ILE C 686 30.00 24.66 49.19
C ILE C 686 30.37 25.76 48.19
N PRO C 687 29.47 26.14 47.29
CA PRO C 687 29.77 27.23 46.37
C PRO C 687 29.85 28.57 47.08
N THR C 688 30.70 29.45 46.54
CA THR C 688 30.86 30.79 47.08
C THR C 688 30.47 31.89 46.11
N ASN C 689 30.34 31.59 44.83
CA ASN C 689 29.94 32.56 43.81
C ASN C 689 28.90 31.90 42.92
N PHE C 690 28.41 32.66 41.93
CA PHE C 690 27.43 32.13 41.00
C PHE C 690 27.52 32.86 39.68
N SER C 691 26.71 32.42 38.73
CA SER C 691 26.68 32.99 37.39
C SER C 691 25.27 32.87 36.83
N ILE C 692 24.96 33.75 35.89
CA ILE C 692 23.67 33.75 35.20
C ILE C 692 23.92 33.31 33.77
N SER C 693 23.24 32.25 33.34
CA SER C 693 23.45 31.71 32.00
C SER C 693 22.12 31.65 31.26
N ILE C 694 22.12 32.10 30.01
CA ILE C 694 20.95 32.05 29.15
C ILE C 694 21.21 31.04 28.06
N THR C 695 20.34 30.03 27.96
CA THR C 695 20.48 28.99 26.95
C THR C 695 19.22 28.90 26.10
N THR C 696 19.40 28.50 24.85
CA THR C 696 18.33 28.49 23.87
C THR C 696 17.90 27.07 23.53
N GLU C 697 16.62 26.92 23.20
CA GLU C 697 16.05 25.61 22.86
C GLU C 697 15.05 25.81 21.72
N VAL C 698 15.26 25.10 20.62
CA VAL C 698 14.46 25.27 19.41
C VAL C 698 13.53 24.08 19.26
N MET C 699 12.24 24.36 19.06
CA MET C 699 11.25 23.28 18.94
C MET C 699 10.33 23.52 17.75
N PRO C 700 10.15 22.55 16.87
CA PRO C 700 9.17 22.67 15.79
C PRO C 700 7.75 22.62 16.31
N VAL C 701 6.85 23.27 15.58
CA VAL C 701 5.45 23.40 15.96
C VAL C 701 4.52 22.88 14.88
N SER C 702 4.71 23.34 13.64
CA SER C 702 3.83 22.97 12.55
C SER C 702 4.65 22.67 11.30
N MET C 703 3.99 22.12 10.29
CA MET C 703 4.59 21.92 8.98
C MET C 703 3.63 22.44 7.91
N ALA C 704 4.01 22.27 6.65
CA ALA C 704 3.23 22.82 5.55
C ALA C 704 1.94 22.03 5.34
N LYS C 705 0.88 22.74 5.00
CA LYS C 705 -0.41 22.14 4.68
C LYS C 705 -0.52 21.98 3.17
N THR C 706 -0.82 20.77 2.73
CA THR C 706 -0.84 20.47 1.31
C THR C 706 -2.15 19.78 0.96
N SER C 707 -2.55 19.95 -0.31
CA SER C 707 -3.74 19.31 -0.84
C SER C 707 -3.43 18.80 -2.24
N VAL C 708 -4.08 17.71 -2.61
CA VAL C 708 -3.83 17.03 -3.88
C VAL C 708 -5.16 16.86 -4.61
N ASP C 709 -5.19 17.28 -5.87
CA ASP C 709 -6.33 17.02 -6.75
C ASP C 709 -6.10 15.68 -7.43
N CYS C 710 -6.91 14.68 -7.05
CA CYS C 710 -6.68 13.31 -7.49
C CYS C 710 -6.92 13.14 -8.99
N ASN C 711 -8.00 13.73 -9.48
CA ASN C 711 -8.40 13.56 -10.88
C ASN C 711 -7.42 14.20 -11.84
N MET C 712 -6.76 15.30 -11.46
CA MET C 712 -5.82 15.94 -12.36
C MET C 712 -4.40 15.44 -12.15
N TYR C 713 -4.11 14.83 -11.01
CA TYR C 713 -2.85 14.11 -10.88
C TYR C 713 -2.84 12.81 -11.69
N ILE C 714 -3.93 12.04 -11.64
CA ILE C 714 -3.90 10.72 -12.28
C ILE C 714 -4.19 10.83 -13.77
N CYS C 715 -5.30 11.48 -14.13
CA CYS C 715 -5.73 11.59 -15.52
C CYS C 715 -5.77 13.07 -15.90
N GLY C 716 -4.65 13.59 -16.38
CA GLY C 716 -4.60 15.00 -16.69
C GLY C 716 -5.29 15.37 -17.99
N ASP C 717 -6.46 15.99 -17.89
CA ASP C 717 -7.25 16.48 -19.04
C ASP C 717 -7.59 15.37 -20.02
N SER C 718 -7.94 14.18 -19.52
CA SER C 718 -8.33 13.05 -20.36
C SER C 718 -9.71 12.59 -19.94
N THR C 719 -10.64 12.57 -20.88
CA THR C 719 -12.00 12.15 -20.61
C THR C 719 -12.12 10.63 -20.45
N GLU C 720 -11.43 9.88 -21.29
CA GLU C 720 -11.46 8.42 -21.20
C GLU C 720 -10.86 7.94 -19.89
N CYS C 721 -9.74 8.52 -19.49
CA CYS C 721 -9.15 8.15 -18.21
C CYS C 721 -10.04 8.56 -17.04
N ALA C 722 -10.79 9.65 -17.20
CA ALA C 722 -11.76 10.03 -16.18
C ALA C 722 -12.83 8.97 -16.03
N ASN C 723 -13.36 8.46 -17.16
CA ASN C 723 -14.35 7.38 -17.11
C ASN C 723 -13.79 6.13 -16.46
N LEU C 724 -12.56 5.75 -16.81
CA LEU C 724 -11.98 4.58 -16.15
C LEU C 724 -11.66 4.84 -14.69
N LEU C 725 -11.50 6.09 -14.28
CA LEU C 725 -11.18 6.38 -12.87
C LEU C 725 -12.42 6.28 -11.99
N LEU C 726 -13.61 6.57 -12.52
CA LEU C 726 -14.81 6.41 -11.69
C LEU C 726 -15.07 4.96 -11.29
N GLN C 727 -14.51 3.99 -12.01
CA GLN C 727 -14.69 2.59 -11.64
C GLN C 727 -13.98 2.28 -10.33
N TYR C 728 -12.89 2.98 -10.04
CA TYR C 728 -12.23 2.90 -8.75
C TYR C 728 -12.96 3.85 -7.80
N GLY C 729 -14.01 3.36 -7.16
CA GLY C 729 -14.91 4.23 -6.43
C GLY C 729 -14.40 4.54 -5.03
N SER C 730 -14.51 5.82 -4.64
CA SER C 730 -14.29 6.29 -3.27
C SER C 730 -12.87 6.02 -2.77
N PHE C 731 -11.90 6.16 -3.66
CA PHE C 731 -10.49 6.13 -3.27
C PHE C 731 -9.85 7.50 -3.26
N CYS C 732 -10.23 8.36 -4.20
CA CYS C 732 -9.71 9.72 -4.21
C CYS C 732 -10.36 10.58 -3.13
N THR C 733 -11.56 10.23 -2.69
CA THR C 733 -12.19 10.95 -1.60
C THR C 733 -11.69 10.53 -0.24
N GLN C 734 -10.86 9.49 -0.17
CA GLN C 734 -10.30 9.03 1.09
C GLN C 734 -8.96 9.66 1.41
N LEU C 735 -8.30 10.25 0.42
CA LEU C 735 -7.03 10.94 0.65
C LEU C 735 -7.25 12.41 1.00
N ASN C 736 -8.26 13.02 0.41
CA ASN C 736 -8.56 14.42 0.72
C ASN C 736 -9.01 14.58 2.17
N ARG C 737 -9.73 13.60 2.71
CA ARG C 737 -10.13 13.64 4.10
C ARG C 737 -8.92 13.60 5.03
N ALA C 738 -7.95 12.74 4.72
CA ALA C 738 -6.73 12.66 5.52
C ALA C 738 -5.92 13.95 5.46
N LEU C 739 -5.79 14.52 4.26
CA LEU C 739 -5.00 15.75 4.13
C LEU C 739 -5.70 16.94 4.80
N SER C 740 -7.03 16.97 4.74
CA SER C 740 -7.77 18.02 5.45
C SER C 740 -7.60 17.88 6.96
N GLY C 741 -7.60 16.64 7.47
CA GLY C 741 -7.31 16.43 8.88
C GLY C 741 -5.93 16.91 9.28
N ILE C 742 -4.93 16.65 8.42
CA ILE C 742 -3.58 17.11 8.71
C ILE C 742 -3.51 18.64 8.76
N ALA C 743 -4.16 19.31 7.81
CA ALA C 743 -4.12 20.77 7.77
C ALA C 743 -4.81 21.40 8.99
N ALA C 744 -5.97 20.85 9.37
CA ALA C 744 -6.64 21.34 10.56
C ALA C 744 -5.80 21.10 11.82
N GLU C 745 -5.09 19.97 11.86
CA GLU C 745 -4.21 19.70 12.99
C GLU C 745 -3.06 20.69 13.06
N GLN C 746 -2.52 21.10 11.91
CA GLN C 746 -1.45 22.10 11.92
C GLN C 746 -1.91 23.44 12.46
N ASP C 747 -3.11 23.86 12.05
CA ASP C 747 -3.64 25.12 12.57
C ASP C 747 -3.90 25.03 14.07
N ARG C 748 -4.41 23.89 14.54
CA ARG C 748 -4.64 23.69 15.96
C ARG C 748 -3.33 23.72 16.74
N ASN C 749 -2.27 23.11 16.20
CA ASN C 749 -0.97 23.10 16.85
C ASN C 749 -0.47 24.52 17.07
N THR C 750 -0.44 25.32 16.00
CA THR C 750 0.07 26.68 16.13
C THR C 750 -0.76 27.52 17.09
N ARG C 751 -2.09 27.42 16.99
CA ARG C 751 -2.97 28.23 17.82
C ARG C 751 -2.84 27.86 19.29
N GLU C 752 -2.88 26.57 19.59
CA GLU C 752 -2.98 26.13 20.97
C GLU C 752 -1.60 26.01 21.60
N VAL C 753 -0.54 26.27 20.84
CA VAL C 753 0.75 26.59 21.46
C VAL C 753 0.86 28.08 21.78
N PHE C 754 0.58 28.94 20.79
CA PHE C 754 0.91 30.36 20.98
C PHE C 754 -0.17 31.18 21.68
N ALA C 755 -1.45 30.84 21.53
CA ALA C 755 -2.53 31.61 22.15
C ALA C 755 -2.80 31.07 23.54
N GLN C 756 -2.14 31.65 24.53
CA GLN C 756 -2.29 31.23 25.91
C GLN C 756 -2.64 32.34 26.87
N VAL C 757 -2.72 33.59 26.40
CA VAL C 757 -3.13 34.73 27.21
C VAL C 757 -4.47 35.23 26.69
N LYS C 758 -5.35 35.63 27.60
CA LYS C 758 -6.67 36.07 27.21
C LYS C 758 -6.77 37.58 27.01
N GLN C 759 -5.73 38.35 27.30
CA GLN C 759 -5.67 39.73 26.83
C GLN C 759 -4.26 40.02 26.30
N MET C 760 -4.19 41.01 25.42
CA MET C 760 -2.96 41.41 24.79
C MET C 760 -2.39 42.64 25.50
N TYR C 761 -1.11 42.56 25.87
CA TYR C 761 -0.46 43.58 26.68
C TYR C 761 0.38 44.47 25.80
N LYS C 762 0.24 45.78 25.95
CA LYS C 762 1.05 46.72 25.19
C LYS C 762 2.47 46.73 25.71
N THR C 763 3.43 46.82 24.79
CA THR C 763 4.83 46.87 25.19
C THR C 763 5.11 48.22 25.86
N PRO C 764 5.84 48.22 26.98
CA PRO C 764 6.09 49.47 27.68
C PRO C 764 7.03 50.38 26.90
N THR C 765 6.93 51.67 27.18
CA THR C 765 7.77 52.66 26.51
C THR C 765 9.21 52.61 27.01
N LEU C 766 9.45 52.05 28.18
CA LEU C 766 10.78 51.96 28.77
C LEU C 766 11.22 50.51 28.83
N LYS C 767 12.37 50.22 28.24
CA LYS C 767 12.89 48.86 28.17
C LYS C 767 13.97 48.58 29.20
N TYR C 768 13.98 49.33 30.30
CA TYR C 768 15.01 49.22 31.32
C TYR C 768 14.33 49.10 32.68
N PHE C 769 14.30 47.88 33.21
CA PHE C 769 13.62 47.58 34.48
C PHE C 769 14.67 47.24 35.54
N GLY C 770 15.16 48.28 36.20
CA GLY C 770 16.11 48.09 37.29
C GLY C 770 17.45 47.54 36.86
N GLY C 771 17.99 48.00 35.74
CA GLY C 771 19.27 47.56 35.25
C GLY C 771 19.21 46.42 34.26
N PHE C 772 18.06 45.79 34.09
CA PHE C 772 17.89 44.70 33.15
C PHE C 772 17.42 45.26 31.81
N ASN C 773 18.19 45.00 30.76
CA ASN C 773 17.93 45.57 29.44
C ASN C 773 17.08 44.58 28.64
N PHE C 774 15.84 44.95 28.37
CA PHE C 774 14.89 44.11 27.66
C PHE C 774 14.70 44.53 26.20
N SER C 775 15.58 45.37 25.67
CA SER C 775 15.35 45.98 24.37
C SER C 775 15.55 44.98 23.23
N GLN C 776 16.35 43.95 23.44
CA GLN C 776 16.65 43.02 22.35
C GLN C 776 15.57 41.99 22.11
N ILE C 777 14.63 41.81 23.05
CA ILE C 777 13.59 40.80 22.94
C ILE C 777 12.21 41.42 22.88
N LEU C 778 12.11 42.72 22.64
CA LEU C 778 10.86 43.44 22.52
C LEU C 778 10.87 44.23 21.23
N PRO C 779 9.69 44.50 20.64
CA PRO C 779 9.66 45.24 19.38
C PRO C 779 10.15 46.67 19.52
N ASP C 780 10.79 47.16 18.46
CA ASP C 780 11.38 48.50 18.42
C ASP C 780 10.40 49.46 17.77
N PRO C 781 9.95 50.51 18.48
CA PRO C 781 8.96 51.44 17.92
C PRO C 781 9.43 52.21 16.70
N LEU C 782 10.70 52.65 16.68
CA LEU C 782 11.19 53.50 15.61
C LEU C 782 11.39 52.72 14.32
N LYS C 783 11.89 51.49 14.41
CA LYS C 783 12.05 50.64 13.24
C LYS C 783 10.67 50.13 12.84
N PRO C 784 10.29 50.23 11.56
CA PRO C 784 8.91 49.89 11.19
C PRO C 784 8.61 48.40 11.07
N THR C 785 9.52 47.53 11.53
CA THR C 785 9.22 46.12 11.60
C THR C 785 8.50 45.80 12.91
N LYS C 786 7.60 44.82 12.85
CA LYS C 786 6.80 44.44 14.01
C LYS C 786 7.38 43.23 14.74
N ARG C 787 8.71 43.09 14.73
CA ARG C 787 9.38 41.97 15.35
C ARG C 787 10.55 42.48 16.17
N SER C 788 11.01 41.66 17.11
CA SER C 788 12.18 42.01 17.89
C SER C 788 13.44 41.79 17.06
N PHE C 789 14.59 42.14 17.64
CA PHE C 789 15.85 42.01 16.92
C PHE C 789 16.25 40.53 16.82
N ILE C 790 16.12 39.79 17.91
CA ILE C 790 16.46 38.36 17.91
C ILE C 790 15.52 37.59 17.00
N GLU C 791 14.25 37.98 16.93
CA GLU C 791 13.34 37.36 16.00
C GLU C 791 13.71 37.66 14.55
N ASP C 792 14.24 38.85 14.29
CA ASP C 792 14.72 39.18 12.95
C ASP C 792 15.93 38.34 12.58
N LEU C 793 16.83 38.08 13.53
CA LEU C 793 17.92 37.15 13.26
C LEU C 793 17.41 35.74 13.04
N LEU C 794 16.39 35.32 13.80
CA LEU C 794 15.88 33.96 13.67
C LEU C 794 15.18 33.74 12.33
N PHE C 795 14.51 34.77 11.80
CA PHE C 795 13.78 34.59 10.56
C PHE C 795 14.67 34.59 9.33
N ASN C 796 15.96 34.86 9.47
CA ASN C 796 16.88 34.87 8.33
C ASN C 796 17.73 33.62 8.22
N LYS C 797 17.79 32.80 9.27
CA LYS C 797 18.64 31.63 9.28
C LYS C 797 17.95 30.37 8.77
N VAL C 798 16.68 30.48 8.37
CA VAL C 798 15.94 29.37 7.78
C VAL C 798 15.45 29.85 6.42
N THR C 799 15.87 29.15 5.37
CA THR C 799 15.52 29.51 4.00
C THR C 799 14.31 28.67 3.59
N LEU C 800 13.15 29.32 3.47
CA LEU C 800 11.92 28.63 3.14
C LEU C 800 11.87 28.18 1.68
N ALA C 801 12.61 28.83 0.79
CA ALA C 801 12.66 28.42 -0.60
C ALA C 801 14.09 28.41 -1.12
N ASP C 820 10.86 25.91 -12.16
CA ASP C 820 10.25 24.81 -12.91
C ASP C 820 9.87 23.66 -11.99
N LEU C 821 10.09 23.86 -10.68
CA LEU C 821 9.71 22.87 -9.68
C LEU C 821 8.34 23.13 -9.09
N ILE C 822 8.05 24.36 -8.66
CA ILE C 822 6.74 24.71 -8.14
C ILE C 822 5.68 24.71 -9.24
N CYS C 823 6.05 25.12 -10.45
CA CYS C 823 5.10 25.16 -11.56
C CYS C 823 4.63 23.77 -11.95
N ALA C 824 5.54 22.78 -11.94
CA ALA C 824 5.15 21.41 -12.25
C ALA C 824 4.26 20.82 -11.16
N GLN C 825 4.48 21.20 -9.91
CA GLN C 825 3.58 20.81 -8.84
C GLN C 825 2.21 21.43 -9.03
N LYS C 826 2.17 22.72 -9.40
CA LYS C 826 0.91 23.43 -9.60
C LYS C 826 0.12 22.86 -10.77
N PHE C 827 0.82 22.43 -11.83
CA PHE C 827 0.14 21.90 -13.01
C PHE C 827 -0.40 20.49 -12.80
N ASN C 828 0.05 19.78 -11.77
CA ASN C 828 -0.35 18.40 -11.54
C ASN C 828 -1.25 18.24 -10.32
N GLY C 829 -1.80 19.32 -9.79
CA GLY C 829 -2.77 19.24 -8.72
C GLY C 829 -2.24 19.26 -7.32
N LEU C 830 -0.97 19.61 -7.13
CA LEU C 830 -0.36 19.67 -5.80
C LEU C 830 -0.30 21.13 -5.37
N THR C 831 -0.99 21.45 -4.27
CA THR C 831 -1.12 22.83 -3.84
C THR C 831 -0.73 22.91 -2.37
N VAL C 832 -0.07 24.00 -1.99
CA VAL C 832 0.28 24.27 -0.59
C VAL C 832 -0.54 25.47 -0.12
N LEU C 833 -1.29 25.28 0.94
CA LEU C 833 -2.18 26.28 1.49
C LEU C 833 -1.46 27.13 2.54
N PRO C 834 -1.81 28.42 2.64
CA PRO C 834 -1.13 29.29 3.60
C PRO C 834 -1.59 29.03 5.01
N PRO C 835 -0.76 29.32 6.01
CA PRO C 835 -1.19 29.18 7.40
C PRO C 835 -2.24 30.21 7.79
N LEU C 836 -3.05 29.85 8.79
CA LEU C 836 -4.11 30.74 9.23
C LEU C 836 -3.56 31.95 9.97
N LEU C 837 -2.56 31.75 10.82
CA LEU C 837 -1.95 32.83 11.59
C LEU C 837 -0.71 33.30 10.86
N THR C 838 -0.66 34.59 10.53
CA THR C 838 0.49 35.16 9.88
C THR C 838 1.62 35.37 10.88
N ASP C 839 2.79 35.76 10.37
CA ASP C 839 3.95 35.93 11.23
C ASP C 839 3.83 37.14 12.14
N ASP C 840 3.13 38.18 11.70
CA ASP C 840 2.93 39.35 12.54
C ASP C 840 2.04 39.05 13.73
N MET C 841 1.05 38.16 13.56
CA MET C 841 0.19 37.77 14.67
C MET C 841 0.95 36.98 15.72
N ILE C 842 1.83 36.08 15.28
CA ILE C 842 2.66 35.32 16.20
C ILE C 842 3.66 36.24 16.92
N ALA C 843 4.19 37.23 16.19
CA ALA C 843 5.06 38.21 16.81
C ALA C 843 4.31 39.03 17.86
N ALA C 844 3.04 39.35 17.60
CA ALA C 844 2.22 40.05 18.58
C ALA C 844 2.00 39.20 19.82
N TYR C 845 1.76 37.90 19.64
CA TYR C 845 1.58 37.01 20.79
C TYR C 845 2.84 36.93 21.64
N THR C 846 4.00 36.78 21.01
CA THR C 846 5.23 36.66 21.79
C THR C 846 5.59 37.98 22.47
N ALA C 847 5.32 39.11 21.82
CA ALA C 847 5.54 40.39 22.46
C ALA C 847 4.63 40.58 23.67
N ALA C 848 3.38 40.13 23.56
CA ALA C 848 2.46 40.21 24.70
C ALA C 848 2.95 39.35 25.85
N LEU C 849 3.46 38.14 25.55
CA LEU C 849 3.96 37.26 26.60
C LEU C 849 5.17 37.86 27.30
N VAL C 850 6.11 38.43 26.54
CA VAL C 850 7.30 39.02 27.15
C VAL C 850 6.94 40.26 27.96
N SER C 851 6.02 41.09 27.46
CA SER C 851 5.60 42.26 28.22
C SER C 851 4.89 41.88 29.51
N GLY C 852 4.04 40.86 29.46
CA GLY C 852 3.37 40.40 30.66
C GLY C 852 4.33 39.80 31.67
N THR C 853 5.37 39.12 31.19
CA THR C 853 6.37 38.59 32.11
C THR C 853 7.19 39.69 32.74
N ALA C 854 7.49 40.74 31.98
CA ALA C 854 8.33 41.82 32.52
C ALA C 854 7.55 42.71 33.47
N THR C 855 6.24 42.87 33.27
CA THR C 855 5.49 43.85 34.05
C THR C 855 4.64 43.22 35.15
N ALA C 856 4.26 41.95 35.01
CA ALA C 856 3.36 41.34 35.97
C ALA C 856 3.99 40.17 36.70
N GLY C 857 4.69 39.30 35.98
CA GLY C 857 5.40 38.21 36.61
C GLY C 857 4.78 36.84 36.39
N TRP C 858 4.49 36.15 37.50
CA TRP C 858 4.01 34.78 37.45
C TRP C 858 2.50 34.70 37.63
N THR C 859 1.83 35.84 37.79
CA THR C 859 0.45 35.86 38.24
C THR C 859 -0.55 35.86 37.09
N PHE C 860 -0.15 36.32 35.91
CA PHE C 860 -1.11 36.46 34.81
C PHE C 860 -1.42 35.12 34.15
N GLY C 861 -0.59 34.10 34.38
CA GLY C 861 -0.91 32.77 33.89
C GLY C 861 -2.10 32.17 34.63
N ALA C 862 -2.16 32.38 35.95
CA ALA C 862 -3.20 31.80 36.80
C ALA C 862 -4.42 32.70 36.94
N GLY C 863 -4.45 33.85 36.27
CA GLY C 863 -5.60 34.73 36.34
C GLY C 863 -5.36 36.09 35.74
N ALA C 864 -5.83 37.14 36.42
CA ALA C 864 -5.55 38.50 35.99
C ALA C 864 -4.13 38.89 36.39
N ALA C 865 -3.58 39.86 35.66
CA ALA C 865 -2.20 40.28 35.91
C ALA C 865 -2.12 41.14 37.17
N LEU C 866 -1.10 40.86 37.98
CA LEU C 866 -0.83 41.62 39.20
C LEU C 866 0.53 42.28 39.05
N GLN C 867 0.58 43.60 39.20
CA GLN C 867 1.82 44.33 38.97
C GLN C 867 2.81 44.13 40.12
N ILE C 868 4.09 44.07 39.77
CA ILE C 868 5.16 43.95 40.74
C ILE C 868 6.42 44.54 40.12
N PRO C 869 7.30 45.17 40.89
CA PRO C 869 8.60 45.58 40.33
C PRO C 869 9.45 44.37 39.97
N PHE C 870 10.38 44.60 39.04
CA PHE C 870 11.15 43.47 38.51
C PHE C 870 12.14 42.94 39.53
N ALA C 871 12.71 43.81 40.36
CA ALA C 871 13.66 43.38 41.37
C ALA C 871 13.01 42.46 42.40
N MET C 872 11.77 42.77 42.79
CA MET C 872 11.07 41.93 43.75
C MET C 872 10.69 40.59 43.12
N GLN C 873 10.40 40.60 41.82
CA GLN C 873 10.15 39.35 41.11
C GLN C 873 11.38 38.46 41.09
N MET C 874 12.55 39.06 40.84
CA MET C 874 13.79 38.28 40.90
C MET C 874 14.09 37.82 42.32
N ALA C 875 13.70 38.58 43.33
CA ALA C 875 13.87 38.13 44.71
C ALA C 875 13.04 36.90 45.01
N TYR C 876 11.78 36.88 44.55
CA TYR C 876 10.96 35.68 44.72
C TYR C 876 11.53 34.51 43.94
N ARG C 877 12.06 34.77 42.74
CA ARG C 877 12.60 33.68 41.95
C ARG C 877 13.90 33.14 42.55
N PHE C 878 14.65 33.95 43.30
CA PHE C 878 15.76 33.39 44.05
C PHE C 878 15.28 32.62 45.29
N ASN C 879 14.20 33.06 45.93
CA ASN C 879 13.62 32.25 47.01
C ASN C 879 13.19 30.87 46.51
N GLY C 880 12.68 30.81 45.27
CA GLY C 880 12.19 29.55 44.74
C GLY C 880 13.25 28.49 44.52
N ILE C 881 14.51 28.85 44.46
CA ILE C 881 15.59 27.89 44.24
C ILE C 881 16.42 27.67 45.49
N GLY C 882 16.02 28.22 46.63
CA GLY C 882 16.70 27.98 47.87
C GLY C 882 17.75 28.98 48.28
N VAL C 883 17.71 30.19 47.73
CA VAL C 883 18.63 31.26 48.07
C VAL C 883 17.82 32.43 48.63
N THR C 884 18.30 33.02 49.72
CA THR C 884 17.50 34.03 50.41
C THR C 884 17.42 35.33 49.60
N GLN C 885 16.50 36.20 50.02
CA GLN C 885 16.22 37.43 49.28
C GLN C 885 17.39 38.40 49.29
N ASN C 886 18.19 38.40 50.35
CA ASN C 886 19.24 39.40 50.49
C ASN C 886 20.35 39.22 49.47
N VAL C 887 20.55 37.99 48.99
CA VAL C 887 21.64 37.72 48.06
C VAL C 887 21.43 38.46 46.75
N LEU C 888 20.17 38.61 46.33
CA LEU C 888 19.89 39.42 45.15
C LEU C 888 20.16 40.90 45.41
N TYR C 889 19.69 41.42 46.53
CA TYR C 889 19.78 42.86 46.77
C TYR C 889 21.19 43.33 47.09
N GLU C 890 22.05 42.46 47.63
CA GLU C 890 23.42 42.86 47.92
C GLU C 890 24.20 43.15 46.64
N ASN C 891 24.02 42.34 45.60
CA ASN C 891 24.79 42.44 44.37
C ASN C 891 23.88 42.41 43.17
N GLN C 892 22.87 43.27 43.18
CA GLN C 892 21.90 43.35 42.09
C GLN C 892 22.56 43.77 40.77
N LYS C 893 23.49 44.73 40.82
CA LYS C 893 24.08 45.25 39.60
C LYS C 893 25.00 44.24 38.91
N GLN C 894 25.66 43.38 39.70
CA GLN C 894 26.44 42.30 39.09
C GLN C 894 25.54 41.33 38.32
N ILE C 895 24.38 41.01 38.89
CA ILE C 895 23.44 40.12 38.22
C ILE C 895 22.89 40.78 36.97
N ALA C 896 22.61 42.08 37.03
CA ALA C 896 22.13 42.80 35.85
C ALA C 896 23.18 42.81 34.74
N ASN C 897 24.45 43.01 35.11
CA ASN C 897 25.51 42.99 34.11
C ASN C 897 25.67 41.62 33.48
N GLN C 898 25.55 40.55 34.29
CA GLN C 898 25.64 39.20 33.75
C GLN C 898 24.47 38.89 32.82
N PHE C 899 23.27 39.38 33.16
CA PHE C 899 22.12 39.20 32.29
C PHE C 899 22.32 39.88 30.94
N ASN C 900 22.78 41.13 30.96
CA ASN C 900 23.02 41.86 29.72
C ASN C 900 24.12 41.21 28.89
N LYS C 901 25.18 40.75 29.56
CA LYS C 901 26.27 40.06 28.88
C LYS C 901 25.80 38.77 28.21
N ALA C 902 24.96 38.00 28.89
CA ALA C 902 24.47 36.76 28.30
C ALA C 902 23.54 37.01 27.13
N ILE C 903 22.72 38.06 27.20
CA ILE C 903 21.89 38.43 26.06
C ILE C 903 22.75 38.83 24.86
N SER C 904 23.82 39.59 25.10
CA SER C 904 24.74 39.95 24.03
C SER C 904 25.43 38.74 23.43
N GLN C 905 25.82 37.76 24.26
CA GLN C 905 26.43 36.55 23.74
C GLN C 905 25.46 35.74 22.88
N ILE C 906 24.19 35.66 23.30
CA ILE C 906 23.18 34.97 22.50
C ILE C 906 23.01 35.65 21.15
N GLN C 907 22.95 36.98 21.15
CA GLN C 907 22.88 37.75 19.93
C GLN C 907 24.07 37.50 19.00
N GLU C 908 25.28 37.49 19.57
CA GLU C 908 26.49 37.28 18.80
C GLU C 908 26.52 35.88 18.20
N SER C 909 26.09 34.88 18.97
CA SER C 909 26.08 33.50 18.48
C SER C 909 25.04 33.32 17.38
N LEU C 910 23.89 33.99 17.49
CA LEU C 910 22.88 33.85 16.45
C LEU C 910 23.28 34.59 15.18
N THR C 911 24.07 35.66 15.33
CA THR C 911 24.47 36.48 14.18
C THR C 911 25.35 35.69 13.21
N THR C 912 26.36 35.00 13.73
CA THR C 912 27.28 34.24 12.88
C THR C 912 26.59 33.03 12.28
N THR C 913 27.14 32.53 11.18
CA THR C 913 26.55 31.40 10.49
C THR C 913 26.80 30.11 11.27
N SER C 914 25.72 29.40 11.56
CA SER C 914 25.79 28.16 12.34
C SER C 914 24.62 27.27 11.93
N THR C 915 24.48 26.15 12.63
CA THR C 915 23.42 25.19 12.38
C THR C 915 22.62 24.94 13.66
N ALA C 916 22.46 26.01 14.45
CA ALA C 916 21.70 25.92 15.69
C ALA C 916 20.21 25.73 15.42
N LEU C 917 19.72 26.20 14.28
CA LEU C 917 18.32 26.02 13.88
C LEU C 917 18.15 24.89 12.89
N GLY C 918 18.95 23.84 13.02
CA GLY C 918 18.92 22.75 12.06
C GLY C 918 17.67 21.90 12.12
N LYS C 919 17.01 21.86 13.27
CA LYS C 919 15.79 21.09 13.41
C LYS C 919 14.63 21.71 12.64
N LEU C 920 14.70 23.00 12.34
CA LEU C 920 13.63 23.66 11.61
C LEU C 920 13.83 23.60 10.11
N GLN C 921 15.06 23.48 9.63
CA GLN C 921 15.31 23.35 8.21
C GLN C 921 14.98 21.93 7.72
N ASP C 922 15.10 20.95 8.60
CA ASP C 922 14.87 19.56 8.23
C ASP C 922 13.40 19.27 7.99
N VAL C 923 12.49 20.02 8.60
CA VAL C 923 11.07 19.90 8.29
C VAL C 923 10.79 20.39 6.88
N VAL C 924 11.34 21.56 6.54
CA VAL C 924 11.14 22.15 5.22
C VAL C 924 11.73 21.27 4.13
N ASN C 925 12.93 20.74 4.35
CA ASN C 925 13.59 19.90 3.35
C ASN C 925 12.82 18.61 3.08
N GLN C 926 12.30 17.97 4.13
CA GLN C 926 11.61 16.70 3.95
C GLN C 926 10.30 16.87 3.18
N ASN C 927 9.55 17.93 3.46
CA ASN C 927 8.32 18.15 2.71
C ASN C 927 8.60 18.44 1.24
N ALA C 928 9.64 19.22 0.97
CA ALA C 928 10.02 19.52 -0.42
C ALA C 928 10.45 18.25 -1.16
N GLN C 929 11.22 17.38 -0.50
CA GLN C 929 11.64 16.14 -1.15
C GLN C 929 10.45 15.23 -1.45
N ALA C 930 9.48 15.16 -0.53
CA ALA C 930 8.31 14.31 -0.77
C ALA C 930 7.50 14.81 -1.96
N LEU C 931 7.30 16.13 -2.05
CA LEU C 931 6.50 16.65 -3.15
C LEU C 931 7.22 16.53 -4.49
N ASN C 932 8.55 16.72 -4.49
CA ASN C 932 9.32 16.51 -5.71
C ASN C 932 9.32 15.04 -6.13
N THR C 933 9.30 14.12 -5.16
CA THR C 933 9.24 12.70 -5.50
C THR C 933 7.90 12.35 -6.15
N LEU C 934 6.80 12.93 -5.65
CA LEU C 934 5.52 12.73 -6.35
C LEU C 934 5.56 13.26 -7.78
N VAL C 935 6.16 14.43 -7.99
CA VAL C 935 6.23 14.97 -9.35
C VAL C 935 7.09 14.06 -10.24
N LYS C 936 8.21 13.58 -9.71
CA LYS C 936 9.13 12.77 -10.50
C LYS C 936 8.56 11.39 -10.83
N GLN C 937 7.71 10.84 -9.97
CA GLN C 937 7.20 9.49 -10.19
C GLN C 937 6.18 9.39 -11.33
N LEU C 938 5.79 10.49 -11.95
CA LEU C 938 4.81 10.44 -13.03
C LEU C 938 5.40 9.94 -14.34
N SER C 939 6.71 9.78 -14.43
CA SER C 939 7.36 9.35 -15.66
C SER C 939 7.57 7.85 -15.74
N SER C 940 7.13 7.10 -14.74
CA SER C 940 7.21 5.65 -14.79
C SER C 940 6.07 5.08 -15.62
N ASN C 941 6.36 4.05 -16.41
CA ASN C 941 5.31 3.43 -17.19
C ASN C 941 4.65 2.25 -16.49
N PHE C 942 5.22 1.79 -15.37
CA PHE C 942 4.63 0.75 -14.51
C PHE C 942 4.36 -0.55 -15.25
N GLY C 943 5.20 -0.87 -16.24
CA GLY C 943 5.03 -2.07 -17.02
C GLY C 943 4.17 -1.91 -18.25
N ALA C 944 3.57 -0.75 -18.47
CA ALA C 944 2.79 -0.51 -19.68
C ALA C 944 3.72 -0.16 -20.84
N ILE C 945 3.13 0.12 -22.00
CA ILE C 945 3.95 0.37 -23.19
C ILE C 945 4.58 1.75 -23.13
N SER C 946 3.96 2.70 -22.44
CA SER C 946 4.49 4.05 -22.34
C SER C 946 3.92 4.70 -21.10
N SER C 947 4.60 5.75 -20.64
CA SER C 947 4.13 6.53 -19.50
C SER C 947 3.24 7.70 -19.91
N VAL C 948 3.14 7.98 -21.20
CA VAL C 948 2.28 9.06 -21.69
C VAL C 948 0.91 8.48 -21.96
N LEU C 949 -0.10 9.06 -21.32
CA LEU C 949 -1.45 8.55 -21.41
C LEU C 949 -2.09 8.82 -22.77
N ASN C 950 -1.61 9.82 -23.50
CA ASN C 950 -2.17 10.18 -24.79
C ASN C 950 -1.54 9.43 -25.95
N ASP C 951 -0.48 8.67 -25.71
CA ASP C 951 0.09 7.83 -26.76
C ASP C 951 -0.47 6.43 -26.75
N ILE C 952 -1.03 5.99 -25.62
CA ILE C 952 -1.70 4.69 -25.57
C ILE C 952 -3.06 4.79 -26.23
N LEU C 953 -3.67 5.97 -26.19
CA LEU C 953 -4.97 6.17 -26.79
C LEU C 953 -4.90 6.57 -28.25
N SER C 954 -3.71 6.77 -28.81
CA SER C 954 -3.56 7.15 -30.20
C SER C 954 -3.26 5.98 -31.11
N ARG C 955 -2.88 4.83 -30.57
CA ARG C 955 -2.52 3.70 -31.41
C ARG C 955 -2.99 2.37 -30.84
N LEU C 956 -4.10 2.37 -30.12
CA LEU C 956 -4.63 1.12 -29.57
C LEU C 956 -6.15 1.20 -29.58
N CYS C 957 -6.78 0.03 -29.54
CA CYS C 957 -8.23 -0.10 -29.50
C CYS C 957 -8.69 -0.23 -28.05
N LYS C 958 -9.98 0.03 -27.82
CA LYS C 958 -10.58 0.19 -26.50
C LYS C 958 -10.27 -0.94 -25.53
N VAL C 959 -10.49 -2.18 -25.97
CA VAL C 959 -10.24 -3.36 -25.12
C VAL C 959 -8.77 -3.45 -24.76
N GLU C 960 -7.89 -3.21 -25.73
CA GLU C 960 -6.47 -3.27 -25.50
C GLU C 960 -5.89 -1.99 -24.92
N ALA C 961 -6.65 -0.89 -24.93
CA ALA C 961 -6.15 0.35 -24.34
C ALA C 961 -6.52 0.45 -22.87
N GLU C 962 -7.68 -0.07 -22.48
CA GLU C 962 -8.09 -0.05 -21.09
C GLU C 962 -7.15 -0.89 -20.22
N VAL C 963 -6.67 -2.02 -20.76
CA VAL C 963 -5.74 -2.88 -20.05
C VAL C 963 -4.44 -2.13 -19.76
N GLN C 964 -3.97 -1.34 -20.71
CA GLN C 964 -2.74 -0.58 -20.50
C GLN C 964 -2.96 0.61 -19.59
N ILE C 965 -4.14 1.24 -19.66
CA ILE C 965 -4.41 2.42 -18.84
C ILE C 965 -4.58 2.04 -17.37
N ASP C 966 -5.17 0.87 -17.11
CA ASP C 966 -5.42 0.45 -15.74
C ASP C 966 -4.14 0.23 -14.95
N ARG C 967 -3.07 -0.20 -15.61
CA ARG C 967 -1.78 -0.33 -14.92
C ARG C 967 -1.26 1.02 -14.45
N LEU C 968 -1.36 2.04 -15.30
CA LEU C 968 -0.95 3.39 -14.91
C LEU C 968 -1.81 3.92 -13.79
N ILE C 969 -3.12 3.66 -13.85
CA ILE C 969 -4.03 4.13 -12.81
C ILE C 969 -3.69 3.50 -11.46
N THR C 970 -3.43 2.19 -11.46
CA THR C 970 -3.06 1.51 -10.22
C THR C 970 -1.72 2.00 -9.68
N GLY C 971 -0.74 2.21 -10.56
CA GLY C 971 0.56 2.68 -10.10
C GLY C 971 0.50 4.07 -9.50
N ARG C 972 -0.23 4.98 -10.14
CA ARG C 972 -0.33 6.32 -9.60
C ARG C 972 -1.17 6.37 -8.33
N LEU C 973 -2.20 5.53 -8.23
CA LEU C 973 -2.99 5.45 -7.00
C LEU C 973 -2.14 4.99 -5.83
N GLN C 974 -1.31 3.96 -6.04
CA GLN C 974 -0.52 3.47 -4.93
C GLN C 974 0.65 4.39 -4.60
N SER C 975 1.16 5.14 -5.58
CA SER C 975 2.15 6.18 -5.28
C SER C 975 1.56 7.27 -4.40
N LEU C 976 0.34 7.72 -4.72
CA LEU C 976 -0.29 8.78 -3.96
C LEU C 976 -0.68 8.30 -2.55
N GLN C 977 -1.02 7.01 -2.44
CA GLN C 977 -1.28 6.40 -1.12
C GLN C 977 -0.01 6.36 -0.27
N THR C 978 1.13 6.04 -0.87
CA THR C 978 2.40 6.08 -0.14
C THR C 978 2.68 7.47 0.40
N TYR C 979 2.44 8.49 -0.43
CA TYR C 979 2.65 9.87 0.00
C TYR C 979 1.77 10.23 1.20
N VAL C 980 0.48 9.88 1.14
CA VAL C 980 -0.39 10.30 2.23
C VAL C 980 -0.08 9.54 3.52
N THR C 981 0.37 8.28 3.43
CA THR C 981 0.74 7.55 4.64
C THR C 981 1.97 8.15 5.31
N GLN C 982 2.98 8.51 4.51
CA GLN C 982 4.17 9.15 5.07
C GLN C 982 3.82 10.48 5.71
N GLN C 983 2.91 11.24 5.09
CA GLN C 983 2.49 12.52 5.65
C GLN C 983 1.79 12.34 6.99
N LEU C 984 0.96 11.29 7.12
CA LEU C 984 0.28 11.04 8.38
C LEU C 984 1.26 10.73 9.51
N ILE C 985 2.28 9.91 9.23
CA ILE C 985 3.26 9.59 10.27
C ILE C 985 4.06 10.82 10.68
N ARG C 986 4.51 11.62 9.69
CA ARG C 986 5.25 12.84 10.01
C ARG C 986 4.40 13.84 10.78
N ALA C 987 3.10 13.91 10.48
CA ALA C 987 2.20 14.79 11.21
C ALA C 987 2.05 14.37 12.66
N ALA C 988 2.03 13.06 12.92
CA ALA C 988 1.98 12.59 14.30
C ALA C 988 3.22 13.00 15.08
N GLU C 989 4.40 12.89 14.46
CA GLU C 989 5.62 13.32 15.14
C GLU C 989 5.62 14.82 15.43
N ILE C 990 5.15 15.62 14.46
CA ILE C 990 5.08 17.07 14.65
C ILE C 990 4.10 17.42 15.77
N ARG C 991 3.00 16.67 15.87
CA ARG C 991 2.03 16.92 16.93
C ARG C 991 2.61 16.63 18.31
N ALA C 992 3.41 15.57 18.44
CA ALA C 992 4.06 15.30 19.71
C ALA C 992 5.02 16.41 20.10
N SER C 993 5.80 16.91 19.13
CA SER C 993 6.70 18.02 19.42
C SER C 993 5.95 19.27 19.83
N ALA C 994 4.82 19.56 19.18
CA ALA C 994 4.02 20.74 19.52
C ALA C 994 3.38 20.62 20.89
N ASN C 995 2.98 19.41 21.29
CA ASN C 995 2.46 19.22 22.64
C ASN C 995 3.53 19.49 23.70
N LEU C 996 4.76 19.04 23.45
CA LEU C 996 5.84 19.34 24.38
C LEU C 996 6.13 20.84 24.42
N ALA C 997 6.05 21.52 23.28
CA ALA C 997 6.28 22.96 23.26
C ALA C 997 5.20 23.71 24.03
N ALA C 998 3.94 23.27 23.91
CA ALA C 998 2.86 23.90 24.64
C ALA C 998 3.01 23.72 26.14
N THR C 999 3.37 22.51 26.60
CA THR C 999 3.53 22.33 28.04
C THR C 999 4.77 23.06 28.56
N LYS C 1000 5.80 23.22 27.73
CA LYS C 1000 6.98 23.98 28.15
C LYS C 1000 6.66 25.46 28.27
N MET C 1001 5.88 25.99 27.34
CA MET C 1001 5.43 27.38 27.44
C MET C 1001 4.56 27.60 28.67
N SER C 1002 3.69 26.64 28.96
CA SER C 1002 2.81 26.76 30.13
C SER C 1002 3.60 26.71 31.44
N GLU C 1003 4.56 25.81 31.55
CA GLU C 1003 5.21 25.56 32.83
C GLU C 1003 6.49 26.34 33.05
N CYS C 1004 7.06 26.98 32.02
CA CYS C 1004 8.31 27.71 32.20
C CYS C 1004 8.25 29.18 31.86
N VAL C 1005 7.24 29.65 31.13
CA VAL C 1005 7.08 31.05 30.85
C VAL C 1005 6.05 31.69 31.77
N LEU C 1006 4.96 30.99 32.05
CA LEU C 1006 3.94 31.48 32.97
C LEU C 1006 4.22 31.11 34.42
N GLY C 1007 5.35 30.48 34.71
CA GLY C 1007 5.66 30.13 36.07
C GLY C 1007 7.11 29.75 36.21
N GLN C 1008 7.42 29.13 37.35
CA GLN C 1008 8.75 28.62 37.64
C GLN C 1008 8.65 27.12 37.90
N SER C 1009 9.55 26.34 37.33
CA SER C 1009 9.48 24.89 37.40
C SER C 1009 10.61 24.35 38.25
N LYS C 1010 10.31 23.34 39.06
CA LYS C 1010 11.30 22.66 39.88
C LYS C 1010 11.72 21.31 39.31
N ARG C 1011 11.24 20.97 38.12
CA ARG C 1011 11.68 19.75 37.46
C ARG C 1011 13.09 19.92 36.93
N VAL C 1012 13.91 18.89 37.10
CA VAL C 1012 15.34 18.97 36.79
C VAL C 1012 15.53 18.85 35.29
N ASP C 1013 16.27 19.79 34.71
CA ASP C 1013 16.64 19.86 33.29
C ASP C 1013 15.43 19.91 32.37
N PHE C 1014 14.27 20.33 32.86
CA PHE C 1014 13.13 20.51 31.99
C PHE C 1014 13.24 21.79 31.18
N CYS C 1015 13.89 22.80 31.73
CA CYS C 1015 13.99 24.10 31.10
C CYS C 1015 15.42 24.65 31.23
N GLY C 1016 16.40 23.83 30.86
CA GLY C 1016 17.78 24.28 30.79
C GLY C 1016 18.65 23.58 31.82
N LYS C 1017 19.92 23.97 31.81
CA LYS C 1017 20.93 23.41 32.70
C LYS C 1017 21.17 24.39 33.84
N GLY C 1018 20.82 23.99 35.05
CA GLY C 1018 20.94 24.83 36.21
C GLY C 1018 19.60 24.93 36.91
N TYR C 1019 19.51 25.84 37.86
CA TYR C 1019 18.26 26.11 38.54
C TYR C 1019 17.49 27.16 37.77
N HIS C 1020 16.27 26.82 37.37
CA HIS C 1020 15.48 27.68 36.51
C HIS C 1020 15.03 28.93 37.25
N LEU C 1021 15.17 30.09 36.60
CA LEU C 1021 14.62 31.33 37.14
C LEU C 1021 13.44 31.83 36.33
N MET C 1022 13.62 32.08 35.03
CA MET C 1022 12.54 32.56 34.19
C MET C 1022 12.93 32.33 32.74
N SER C 1023 11.99 32.56 31.84
CA SER C 1023 12.15 32.12 30.46
C SER C 1023 11.36 33.03 29.53
N PHE C 1024 11.82 33.11 28.27
CA PHE C 1024 11.24 34.01 27.27
C PHE C 1024 10.97 33.26 25.98
N PRO C 1025 9.81 33.45 25.35
CA PRO C 1025 9.57 32.84 24.04
C PRO C 1025 9.87 33.76 22.86
N GLN C 1026 10.35 33.18 21.75
CA GLN C 1026 10.55 33.91 20.50
C GLN C 1026 10.03 33.07 19.35
N ALA C 1027 9.51 33.74 18.33
CA ALA C 1027 8.94 33.05 17.18
C ALA C 1027 10.02 32.72 16.16
N ALA C 1028 9.84 31.61 15.47
CA ALA C 1028 10.76 31.15 14.44
C ALA C 1028 9.92 30.55 13.33
N PRO C 1029 10.47 30.46 12.10
CA PRO C 1029 9.71 29.85 11.01
C PRO C 1029 9.27 28.42 11.29
N HIS C 1030 7.95 28.24 11.41
CA HIS C 1030 7.32 26.97 11.81
C HIS C 1030 7.82 26.47 13.15
N GLY C 1031 8.08 27.37 14.10
CA GLY C 1031 8.56 26.87 15.38
C GLY C 1031 8.71 27.95 16.42
N VAL C 1032 9.19 27.53 17.59
CA VAL C 1032 9.38 28.42 18.73
C VAL C 1032 10.79 28.23 19.27
N VAL C 1033 11.32 29.27 19.90
CA VAL C 1033 12.65 29.27 20.50
C VAL C 1033 12.51 29.79 21.93
N PHE C 1034 12.95 29.00 22.89
CA PHE C 1034 12.88 29.38 24.30
C PHE C 1034 14.25 29.81 24.77
N LEU C 1035 14.31 30.95 25.46
CA LEU C 1035 15.51 31.40 26.14
C LEU C 1035 15.29 31.24 27.63
N HIS C 1036 16.02 30.31 28.24
CA HIS C 1036 15.92 30.07 29.67
C HIS C 1036 17.09 30.74 30.38
N VAL C 1037 16.82 31.48 31.46
CA VAL C 1037 17.88 31.99 32.31
C VAL C 1037 18.02 31.04 33.48
N THR C 1038 19.25 30.81 33.93
CA THR C 1038 19.51 29.83 34.96
C THR C 1038 20.61 30.35 35.87
N TYR C 1039 20.54 29.89 37.12
CA TYR C 1039 21.50 30.19 38.17
C TYR C 1039 22.49 29.03 38.23
N VAL C 1040 23.77 29.31 38.05
CA VAL C 1040 24.80 28.29 38.03
C VAL C 1040 25.75 28.53 39.20
N PRO C 1041 25.85 27.62 40.17
CA PRO C 1041 26.81 27.81 41.26
C PRO C 1041 28.24 27.65 40.79
N SER C 1042 29.16 28.35 41.46
CA SER C 1042 30.55 28.38 41.04
C SER C 1042 31.47 28.63 42.23
N GLN C 1043 32.77 28.41 42.03
CA GLN C 1043 33.83 28.66 43.00
C GLN C 1043 33.61 27.92 44.31
N GLU C 1044 33.61 26.60 44.25
CA GLU C 1044 33.41 25.73 45.39
C GLU C 1044 34.58 25.81 46.37
N ARG C 1045 34.27 25.56 47.64
CA ARG C 1045 35.27 25.55 48.71
C ARG C 1045 35.07 24.33 49.59
N ASN C 1046 36.17 23.89 50.21
CA ASN C 1046 36.17 22.74 51.10
C ASN C 1046 35.90 23.18 52.53
N PHE C 1047 35.08 22.41 53.23
CA PHE C 1047 34.80 22.66 54.64
C PHE C 1047 34.70 21.34 55.37
N THR C 1048 34.92 21.40 56.69
CA THR C 1048 34.71 20.26 57.57
C THR C 1048 33.35 20.40 58.23
N THR C 1049 32.55 19.34 58.18
CA THR C 1049 31.16 19.41 58.60
C THR C 1049 30.86 18.34 59.63
N ALA C 1050 29.74 18.51 60.32
CA ALA C 1050 29.24 17.58 61.31
C ALA C 1050 27.74 17.46 61.18
N PRO C 1051 27.17 16.30 61.52
CA PRO C 1051 25.70 16.17 61.44
C PRO C 1051 24.97 16.96 62.50
N ALA C 1052 25.50 17.05 63.71
CA ALA C 1052 24.83 17.75 64.80
C ALA C 1052 25.87 18.17 65.83
N ILE C 1053 25.44 19.05 66.74
CA ILE C 1053 26.23 19.43 67.90
C ILE C 1053 25.35 19.27 69.13
N CYS C 1054 25.99 19.07 70.28
CA CYS C 1054 25.25 19.06 71.54
C CYS C 1054 25.96 19.93 72.56
N HIS C 1055 25.16 20.70 73.31
CA HIS C 1055 25.68 21.70 74.24
C HIS C 1055 25.79 21.16 75.66
N GLU C 1056 24.66 20.73 76.23
CA GLU C 1056 24.61 20.27 77.62
C GLU C 1056 23.85 18.94 77.68
N GLY C 1057 24.22 18.01 76.82
CA GLY C 1057 23.54 16.74 76.76
C GLY C 1057 22.27 16.76 75.93
N LYS C 1058 22.07 17.79 75.14
CA LYS C 1058 20.93 17.90 74.24
C LYS C 1058 21.44 18.15 72.83
N ALA C 1059 21.08 17.28 71.90
CA ALA C 1059 21.57 17.40 70.52
C ALA C 1059 20.81 18.50 69.78
N TYR C 1060 21.55 19.30 69.02
CA TYR C 1060 20.98 20.38 68.23
C TYR C 1060 21.16 20.07 66.75
N PHE C 1061 20.06 20.08 66.01
CA PHE C 1061 20.10 19.88 64.57
C PHE C 1061 19.77 21.19 63.86
N PRO C 1062 20.37 21.46 62.70
CA PRO C 1062 20.03 22.67 61.96
C PRO C 1062 18.64 22.58 61.34
N ARG C 1063 18.03 23.74 61.16
CA ARG C 1063 16.71 23.78 60.53
C ARG C 1063 16.83 23.74 59.01
N GLU C 1064 17.33 24.82 58.40
CA GLU C 1064 17.79 24.80 57.02
C GLU C 1064 19.27 25.11 57.02
N GLY C 1065 20.06 24.24 56.39
CA GLY C 1065 21.47 24.48 56.21
C GLY C 1065 22.31 23.34 56.75
N VAL C 1066 23.61 23.58 56.79
CA VAL C 1066 24.59 22.63 57.30
C VAL C 1066 25.55 23.37 58.24
N PHE C 1067 26.12 22.62 59.18
CA PHE C 1067 27.18 23.13 60.03
C PHE C 1067 28.51 23.03 59.29
N VAL C 1068 29.30 24.11 59.32
CA VAL C 1068 30.59 24.12 58.66
C VAL C 1068 31.65 24.69 59.58
N PHE C 1069 32.90 24.38 59.27
CA PHE C 1069 34.07 24.81 60.03
C PHE C 1069 34.96 25.63 59.11
N ASN C 1070 34.98 26.95 59.31
CA ASN C 1070 35.84 27.80 58.50
C ASN C 1070 37.31 27.62 58.84
N GLY C 1071 37.61 27.09 60.02
CA GLY C 1071 38.97 26.93 60.48
C GLY C 1071 39.12 27.41 61.91
N THR C 1072 38.21 28.27 62.35
CA THR C 1072 38.24 28.80 63.72
C THR C 1072 37.05 28.32 64.54
N SER C 1073 35.83 28.56 64.06
CA SER C 1073 34.62 28.21 64.79
C SER C 1073 33.63 27.54 63.85
N TRP C 1074 32.45 27.24 64.37
CA TRP C 1074 31.43 26.52 63.61
C TRP C 1074 30.26 27.44 63.29
N PHE C 1075 29.90 27.48 62.02
CA PHE C 1075 28.82 28.32 61.53
C PHE C 1075 27.76 27.44 60.88
N ILE C 1076 26.66 28.06 60.48
CA ILE C 1076 25.59 27.37 59.74
C ILE C 1076 25.36 28.11 58.44
N THR C 1077 25.34 27.37 57.33
CA THR C 1077 25.19 27.97 56.01
C THR C 1077 24.06 27.30 55.24
N GLN C 1078 23.54 28.01 54.26
CA GLN C 1078 22.70 27.39 53.25
C GLN C 1078 23.56 26.59 52.29
N ARG C 1079 22.92 25.65 51.58
CA ARG C 1079 23.68 24.74 50.74
C ARG C 1079 24.20 25.43 49.48
N ASN C 1080 23.37 26.22 48.82
CA ASN C 1080 23.71 26.72 47.50
C ASN C 1080 24.70 27.88 47.54
N PHE C 1081 24.64 28.71 48.57
CA PHE C 1081 25.51 29.88 48.66
C PHE C 1081 26.22 29.86 50.01
N PHE C 1082 27.39 30.50 50.06
CA PHE C 1082 28.18 30.54 51.29
C PHE C 1082 27.92 31.87 52.00
N SER C 1083 27.12 31.82 53.06
CA SER C 1083 26.87 32.96 53.92
C SER C 1083 26.81 32.47 55.36
N PRO C 1084 27.93 32.51 56.08
CA PRO C 1084 27.97 31.92 57.42
C PRO C 1084 27.21 32.74 58.44
N GLN C 1085 26.53 32.04 59.34
CA GLN C 1085 25.75 32.64 60.41
C GLN C 1085 26.16 32.00 61.74
N ILE C 1086 25.95 32.74 62.81
CA ILE C 1086 26.27 32.25 64.15
C ILE C 1086 25.24 31.24 64.58
N ILE C 1087 25.70 30.15 65.21
CA ILE C 1087 24.80 29.13 65.73
C ILE C 1087 23.96 29.73 66.84
N THR C 1088 22.64 29.65 66.70
CA THR C 1088 21.73 30.33 67.62
C THR C 1088 20.60 29.35 67.90
N THR C 1089 19.74 29.67 68.87
CA THR C 1089 18.66 28.76 69.23
C THR C 1089 17.52 28.78 68.22
N ASP C 1090 17.37 29.87 67.46
CA ASP C 1090 16.21 29.96 66.57
C ASP C 1090 16.38 29.11 65.32
N ASN C 1091 17.60 28.99 64.80
CA ASN C 1091 17.82 28.24 63.57
C ASN C 1091 18.24 26.80 63.82
N THR C 1092 18.14 26.32 65.05
CA THR C 1092 18.38 24.93 65.39
C THR C 1092 17.20 24.42 66.19
N PHE C 1093 17.03 23.10 66.21
CA PHE C 1093 16.02 22.48 67.05
C PHE C 1093 16.60 21.28 67.80
N VAL C 1094 16.00 20.98 68.94
CA VAL C 1094 16.54 20.02 69.91
C VAL C 1094 15.83 18.69 69.75
N SER C 1095 16.59 17.59 69.84
CA SER C 1095 16.00 16.26 69.81
C SER C 1095 16.90 15.29 70.58
N GLY C 1096 16.52 14.98 71.80
CA GLY C 1096 17.13 13.91 72.56
C GLY C 1096 18.53 14.24 73.06
N ASN C 1097 19.20 13.20 73.54
CA ASN C 1097 20.54 13.28 74.08
C ASN C 1097 21.56 12.96 72.99
N CYS C 1098 22.81 13.39 73.22
CA CYS C 1098 23.86 13.20 72.22
C CYS C 1098 24.67 11.94 72.58
N ASP C 1099 24.00 10.81 72.50
CA ASP C 1099 24.67 9.52 72.65
C ASP C 1099 24.25 8.51 71.61
N VAL C 1100 23.43 8.88 70.63
CA VAL C 1100 22.97 7.96 69.61
C VAL C 1100 23.38 8.43 68.21
N VAL C 1101 23.58 9.74 68.03
CA VAL C 1101 24.00 10.26 66.74
C VAL C 1101 25.47 9.94 66.51
N ILE C 1102 25.77 9.45 65.31
CA ILE C 1102 27.11 9.00 64.95
C ILE C 1102 27.84 10.19 64.33
N GLY C 1103 28.87 10.67 65.01
CA GLY C 1103 29.69 11.75 64.51
C GLY C 1103 29.33 13.13 65.04
N ILE C 1104 28.77 13.20 66.24
CA ILE C 1104 28.36 14.46 66.81
C ILE C 1104 29.55 15.08 67.54
N ILE C 1105 29.68 16.41 67.43
CA ILE C 1105 30.77 17.15 68.03
C ILE C 1105 30.20 18.05 69.12
N ASN C 1106 31.07 18.54 70.00
CA ASN C 1106 30.64 19.37 71.11
C ASN C 1106 30.96 20.84 70.85
N ASN C 1107 30.07 21.72 71.27
CA ASN C 1107 30.17 23.15 70.96
C ASN C 1107 29.23 23.93 71.87
N THR C 1108 29.12 25.23 71.61
CA THR C 1108 28.27 26.13 72.36
C THR C 1108 27.22 26.74 71.45
N VAL C 1109 26.03 26.98 72.00
CA VAL C 1109 24.91 27.54 71.26
C VAL C 1109 24.54 28.88 71.86
N TYR C 1110 24.57 29.93 71.04
CA TYR C 1110 24.16 31.25 71.47
C TYR C 1110 22.64 31.27 71.65
N ASP C 1111 22.17 31.95 72.69
CA ASP C 1111 20.76 32.20 72.90
C ASP C 1111 20.50 33.70 72.90
N PRO C 1112 19.41 34.17 72.26
CA PRO C 1112 19.17 35.62 72.13
C PRO C 1112 18.85 36.34 73.43
N LEU C 1113 18.84 35.60 74.54
CA LEU C 1113 18.58 36.10 75.89
C LEU C 1113 19.87 36.71 76.45
N GLN C 1114 19.99 36.76 77.79
CA GLN C 1114 20.99 37.45 78.60
C GLN C 1114 21.11 38.94 78.24
N PRO C 1115 20.13 39.76 78.68
CA PRO C 1115 20.17 41.20 78.46
C PRO C 1115 21.10 41.90 79.44
#